data_9P01
#
_entry.id   9P01
#
_cell.length_a   1.00
_cell.length_b   1.00
_cell.length_c   1.00
_cell.angle_alpha   90.00
_cell.angle_beta   90.00
_cell.angle_gamma   90.00
#
_symmetry.space_group_name_H-M   'P 1'
#
loop_
_entity.id
_entity.type
_entity.pdbx_description
1 polymer 'vesicle-fusing ATPase'
2 non-polymer 'PHOSPHOTHIOPHOSPHORIC ACID-ADENYLATE ESTER'
3 non-polymer 'MAGNESIUM ION'
#
_entity_poly.entity_id   1
_entity_poly.type   'polypeptide(L)'
_entity_poly.pdbx_seq_one_letter_code
;MGSSHHHHHHSSGLVPRGSHMASMTGGQQMGRGSEFMCALNANPSNDPSSGEKVKFHRLIVDEPVKDDNSVVYLSQAKMD
SMNLFRGDTVLVKGKKRKETVCVAIVDESCPDDKIRLNRCIRSNLRVKPGDIISIKSLPDILYGKRIHVLPIDDTIVGLT
GNLYEAFLKPYFLAAYRPVHKGDIFIVRGGMRAVEFKVIETDPSPYCIVSPDTTIHTEGDPVKREDEEEKLNEIGYDDIG
GCRKQLAQIKEMVELPLRHPQLFKAIGVKPPRGILLYGPPGTGKTLVARAVANESGSFFFLINGPEIMSKLAGESESNLR
KAFEEAEKNAPAIIFIDELDAIAPKREKTHGEVERRIVSQLLTLMDGLKQRSHVIVMAATNRPNSVDPALRRFGRFDREI
EIGIPDSIGRLEILRIHTRNIRLAEDVELEKIANEAHGHVGADLASLCSEAALQQIRNKMNLIDLEDDTIDAEVLNSLAV
TMDDFRWALGKSNPSALRETTVEVPNVTWDDIGGLENVKRELQELVQYPVEHPDKFLKFGMTPSKGVLFYGPPGCGKTLL
AKAIANECQANFISIKGPELLTMWFGESEANVRDIFDKARQAAPCVLFFDELDSIAKARGGSVGDAGGAADRVINQLLTE
MDGMSAKKNVFIIGATNRPDIIDGAILRPGRLDQLIYIPLPDEASRVNILKANLRKSPIARDVDINFLAKATQGFSGADL
TEICQRACKQAIRESIEAEIRAESEKKNKPNAMEDDFDPVPEITRRHFEEAMRFARRSVTENDVRKYEMFAQTLQQSRGI
GNNFRFPGSDGSGIPTSTGGQGGGGSVYGSQNDAEDLYN
;
_entity_poly.pdbx_strand_id   A,B,F,E,D,C
#
# COMPACT_ATOMS: atom_id res chain seq x y z
N ASN A 232 10.36 51.59 19.91
CA ASN A 232 9.56 50.41 19.60
C ASN A 232 10.14 49.65 18.42
N GLU A 233 10.91 50.36 17.58
CA GLU A 233 11.51 49.73 16.42
C GLU A 233 12.44 48.60 16.83
N ILE A 234 12.35 47.48 16.13
CA ILE A 234 13.09 46.28 16.50
C ILE A 234 14.53 46.42 16.03
N GLY A 235 15.46 45.96 16.88
CA GLY A 235 16.87 45.94 16.54
C GLY A 235 17.54 44.68 17.02
N TYR A 236 18.87 44.61 16.87
CA TYR A 236 19.60 43.42 17.30
C TYR A 236 19.46 43.21 18.81
N ASP A 237 19.31 44.29 19.57
CA ASP A 237 19.16 44.17 21.02
C ASP A 237 17.87 43.46 21.41
N ASP A 238 16.89 43.39 20.51
CA ASP A 238 15.62 42.74 20.79
C ASP A 238 15.62 41.27 20.42
N ILE A 239 16.74 40.73 19.97
CA ILE A 239 16.86 39.33 19.60
C ILE A 239 17.82 38.67 20.58
N GLY A 240 17.44 37.51 21.10
CA GLY A 240 18.26 36.78 22.04
C GLY A 240 18.32 35.31 21.71
N GLY A 241 19.43 34.68 22.07
CA GLY A 241 19.61 33.26 21.86
C GLY A 241 20.24 32.87 20.54
N CYS A 242 20.51 33.83 19.66
CA CYS A 242 21.13 33.55 18.37
C CYS A 242 22.26 34.55 18.12
N ARG A 243 23.12 34.71 19.14
CA ARG A 243 24.28 35.58 19.01
C ARG A 243 25.17 35.15 17.85
N LYS A 244 25.42 33.84 17.73
CA LYS A 244 26.27 33.36 16.65
C LYS A 244 25.65 33.66 15.29
N GLN A 245 24.35 33.41 15.14
CA GLN A 245 23.72 33.58 13.85
C GLN A 245 23.70 35.05 13.44
N LEU A 246 23.43 35.95 14.38
CA LEU A 246 23.39 37.37 14.05
C LEU A 246 24.74 37.86 13.56
N ALA A 247 25.82 37.47 14.26
CA ALA A 247 27.16 37.84 13.81
C ALA A 247 27.45 37.25 12.44
N GLN A 248 26.96 36.04 12.20
CA GLN A 248 27.11 35.42 10.89
C GLN A 248 26.38 36.20 9.81
N ILE A 249 25.20 36.74 10.11
CA ILE A 249 24.46 37.54 9.15
C ILE A 249 25.16 38.88 8.93
N LYS A 250 25.63 39.50 10.00
CA LYS A 250 26.30 40.79 9.89
C LYS A 250 27.50 40.70 8.95
N GLU A 251 28.25 39.60 9.06
CA GLU A 251 29.43 39.42 8.22
C GLU A 251 29.08 39.35 6.74
N MET A 252 27.81 39.07 6.41
CA MET A 252 27.39 38.93 5.02
C MET A 252 26.53 40.06 4.51
N VAL A 253 26.02 40.93 5.39
CA VAL A 253 25.13 42.00 4.99
C VAL A 253 25.73 43.37 5.27
N GLU A 254 26.44 43.52 6.39
CA GLU A 254 27.00 44.81 6.78
C GLU A 254 28.49 44.92 6.49
N LEU A 255 29.26 43.87 6.76
CA LEU A 255 30.71 43.97 6.63
C LEU A 255 31.15 44.30 5.21
N PRO A 256 30.59 43.70 4.16
CA PRO A 256 31.00 44.09 2.81
C PRO A 256 30.83 45.58 2.54
N LEU A 257 29.76 46.19 3.05
CA LEU A 257 29.51 47.59 2.78
C LEU A 257 30.43 48.49 3.61
N ARG A 258 30.67 48.13 4.87
CA ARG A 258 31.54 48.94 5.72
C ARG A 258 32.97 48.94 5.20
N HIS A 259 33.46 47.78 4.79
CA HIS A 259 34.84 47.62 4.32
C HIS A 259 34.84 46.87 2.99
N PRO A 260 34.41 47.53 1.91
CA PRO A 260 34.45 46.86 0.60
C PRO A 260 35.85 46.46 0.17
N GLN A 261 36.87 47.18 0.62
CA GLN A 261 38.23 46.92 0.17
C GLN A 261 38.80 45.63 0.74
N LEU A 262 38.24 45.11 1.83
CA LEU A 262 38.70 43.83 2.36
C LEU A 262 38.46 42.70 1.36
N PHE A 263 37.29 42.69 0.72
CA PHE A 263 36.94 41.59 -0.16
C PHE A 263 37.66 41.72 -1.50
N LYS A 264 37.82 42.94 -2.00
CA LYS A 264 38.60 43.14 -3.22
C LYS A 264 40.06 42.73 -3.01
N ALA A 265 40.61 43.05 -1.84
CA ALA A 265 42.02 42.74 -1.58
C ALA A 265 42.28 41.25 -1.65
N ILE A 266 41.33 40.44 -1.18
CA ILE A 266 41.53 39.00 -1.09
C ILE A 266 40.82 38.23 -2.19
N GLY A 267 39.88 38.84 -2.91
CA GLY A 267 39.19 38.17 -3.99
C GLY A 267 38.13 37.21 -3.53
N VAL A 268 37.10 37.71 -2.85
CA VAL A 268 36.01 36.90 -2.32
C VAL A 268 34.78 37.11 -3.17
N LYS A 269 33.99 36.05 -3.33
CA LYS A 269 32.65 36.19 -3.89
C LYS A 269 31.66 36.29 -2.74
N PRO A 270 31.35 37.49 -2.26
CA PRO A 270 30.45 37.61 -1.11
C PRO A 270 29.10 36.97 -1.40
N PRO A 271 28.49 36.28 -0.43
CA PRO A 271 27.20 35.65 -0.68
C PRO A 271 26.12 36.68 -0.98
N ARG A 272 25.19 36.29 -1.85
CA ARG A 272 24.03 37.13 -2.18
C ARG A 272 22.71 36.41 -1.95
N GLY A 273 22.75 35.16 -1.47
CA GLY A 273 21.53 34.45 -1.11
C GLY A 273 21.64 33.80 0.25
N ILE A 274 20.78 34.20 1.17
CA ILE A 274 20.80 33.71 2.55
C ILE A 274 19.41 33.18 2.88
N LEU A 275 19.35 31.95 3.37
CA LEU A 275 18.10 31.33 3.78
C LEU A 275 18.16 31.06 5.28
N LEU A 276 17.24 31.67 6.02
CA LEU A 276 17.08 31.38 7.44
C LEU A 276 16.00 30.31 7.60
N TYR A 277 16.30 29.27 8.36
CA TYR A 277 15.34 28.22 8.61
C TYR A 277 15.37 27.82 10.08
N GLY A 278 14.23 27.29 10.54
CA GLY A 278 14.09 26.86 11.91
C GLY A 278 12.63 26.62 12.24
N PRO A 279 12.37 25.98 13.38
CA PRO A 279 10.98 25.72 13.76
C PRO A 279 10.22 27.01 13.95
N PRO A 280 8.89 26.96 13.97
CA PRO A 280 8.11 28.18 14.14
C PRO A 280 8.43 28.90 15.44
N GLY A 281 8.41 30.23 15.40
CA GLY A 281 8.54 31.05 16.57
C GLY A 281 9.94 31.33 17.04
N THR A 282 10.96 30.96 16.26
CA THR A 282 12.34 31.08 16.70
C THR A 282 12.92 32.47 16.51
N GLY A 283 12.21 33.36 15.82
CA GLY A 283 12.66 34.74 15.68
C GLY A 283 13.43 35.02 14.42
N LYS A 284 12.98 34.47 13.29
CA LYS A 284 13.65 34.73 12.03
C LYS A 284 12.93 35.80 11.21
N THR A 285 11.66 36.07 11.51
CA THR A 285 11.07 37.33 11.05
C THR A 285 11.56 38.49 11.89
N LEU A 286 11.81 38.26 13.17
CA LEU A 286 12.38 39.28 14.04
C LEU A 286 13.77 39.69 13.54
N VAL A 287 14.57 38.71 13.12
CA VAL A 287 15.89 39.01 12.57
C VAL A 287 15.74 39.85 11.31
N ALA A 288 14.74 39.54 10.48
CA ALA A 288 14.50 40.32 9.27
C ALA A 288 14.19 41.77 9.61
N ARG A 289 13.34 42.00 10.61
CA ARG A 289 13.03 43.36 11.01
C ARG A 289 14.28 44.06 11.57
N ALA A 290 15.13 43.32 12.27
CA ALA A 290 16.35 43.90 12.79
C ALA A 290 17.28 44.33 11.66
N VAL A 291 17.47 43.47 10.67
CA VAL A 291 18.34 43.82 9.54
C VAL A 291 17.73 44.97 8.75
N ALA A 292 16.40 45.03 8.68
CA ALA A 292 15.74 46.12 7.98
C ALA A 292 16.05 47.46 8.65
N ASN A 293 16.08 47.48 9.97
CA ASN A 293 16.27 48.71 10.73
C ASN A 293 17.71 48.97 11.14
N GLU A 294 18.65 48.10 10.74
CA GLU A 294 20.02 48.22 11.22
C GLU A 294 21.04 48.17 10.10
N SER A 295 20.69 47.53 8.98
CA SER A 295 21.65 47.34 7.90
C SER A 295 22.09 48.67 7.31
N GLY A 296 21.16 49.61 7.16
CA GLY A 296 21.43 50.84 6.45
C GLY A 296 21.30 50.75 4.96
N SER A 297 20.99 49.58 4.43
CA SER A 297 20.75 49.39 3.01
C SER A 297 19.25 49.34 2.74
N PHE A 298 18.88 49.64 1.50
CA PHE A 298 17.48 49.59 1.10
C PHE A 298 16.92 48.20 1.36
N PHE A 299 15.81 48.14 2.09
CA PHE A 299 15.18 46.88 2.47
C PHE A 299 13.82 46.78 1.82
N PHE A 300 13.59 45.69 1.09
CA PHE A 300 12.29 45.39 0.51
C PHE A 300 11.81 44.07 1.08
N LEU A 301 10.59 44.04 1.58
CA LEU A 301 10.02 42.88 2.24
C LEU A 301 8.95 42.26 1.34
N ILE A 302 9.14 40.98 1.01
CA ILE A 302 8.13 40.21 0.28
C ILE A 302 7.56 39.18 1.24
N ASN A 303 6.24 39.20 1.39
CA ASN A 303 5.54 38.22 2.21
C ASN A 303 4.96 37.14 1.31
N GLY A 304 5.19 35.88 1.67
CA GLY A 304 4.73 34.77 0.86
C GLY A 304 3.24 34.81 0.64
N PRO A 305 2.47 34.75 1.74
CA PRO A 305 1.01 34.81 1.59
C PRO A 305 0.52 36.06 0.88
N GLU A 306 1.17 37.20 1.09
CA GLU A 306 0.74 38.43 0.42
C GLU A 306 0.84 38.29 -1.09
N ILE A 307 1.94 37.72 -1.58
CA ILE A 307 2.10 37.51 -3.01
C ILE A 307 1.05 36.52 -3.51
N MET A 308 0.84 35.44 -2.75
CA MET A 308 -0.06 34.38 -3.19
C MET A 308 -1.52 34.76 -2.99
N SER A 309 -1.81 35.80 -2.21
CA SER A 309 -3.18 36.27 -2.07
C SER A 309 -3.65 37.07 -3.27
N LYS A 310 -2.72 37.56 -4.09
CA LYS A 310 -3.07 38.36 -5.25
C LYS A 310 -3.46 37.45 -6.42
N LEU A 311 -4.05 38.05 -7.44
CA LEU A 311 -4.42 37.31 -8.64
C LEU A 311 -3.16 36.83 -9.36
N ALA A 312 -3.37 36.06 -10.43
CA ALA A 312 -2.24 35.46 -11.14
C ALA A 312 -1.28 36.52 -11.66
N GLY A 313 -1.82 37.52 -12.37
CA GLY A 313 -0.95 38.55 -12.93
C GLY A 313 -0.31 39.43 -11.88
N GLU A 314 -1.06 39.78 -10.83
CA GLU A 314 -0.57 40.72 -9.84
C GLU A 314 0.48 40.11 -8.92
N SER A 315 0.54 38.79 -8.80
CA SER A 315 1.61 38.16 -8.02
C SER A 315 2.92 38.18 -8.79
N GLU A 316 2.87 37.98 -10.11
CA GLU A 316 4.07 38.05 -10.92
C GLU A 316 4.67 39.45 -10.91
N SER A 317 3.81 40.46 -11.06
CA SER A 317 4.30 41.84 -11.12
C SER A 317 4.94 42.26 -9.81
N ASN A 318 4.34 41.89 -8.69
CA ASN A 318 4.88 42.28 -7.40
C ASN A 318 6.27 41.70 -7.19
N LEU A 319 6.47 40.43 -7.57
CA LEU A 319 7.80 39.84 -7.49
C LEU A 319 8.78 40.58 -8.40
N ARG A 320 8.37 40.84 -9.64
CA ARG A 320 9.26 41.53 -10.57
C ARG A 320 9.56 42.95 -10.09
N LYS A 321 8.54 43.65 -9.60
CA LYS A 321 8.78 45.00 -9.09
C LYS A 321 9.67 44.97 -7.85
N ALA A 322 9.60 43.89 -7.09
CA ALA A 322 10.43 43.78 -5.89
C ALA A 322 11.90 43.81 -6.25
N PHE A 323 12.31 42.98 -7.21
CA PHE A 323 13.72 42.91 -7.58
C PHE A 323 14.15 44.16 -8.34
N GLU A 324 13.29 44.68 -9.22
CA GLU A 324 13.65 45.85 -10.00
C GLU A 324 13.94 47.05 -9.10
N GLU A 325 13.10 47.26 -8.08
CA GLU A 325 13.35 48.35 -7.14
C GLU A 325 14.66 48.14 -6.39
N ALA A 326 14.96 46.89 -6.02
CA ALA A 326 16.18 46.61 -5.28
C ALA A 326 17.41 46.96 -6.10
N GLU A 327 17.44 46.57 -7.37
CA GLU A 327 18.58 46.90 -8.22
C GLU A 327 18.70 48.40 -8.43
N LYS A 328 17.58 49.11 -8.39
CA LYS A 328 17.58 50.55 -8.58
C LYS A 328 18.12 51.30 -7.37
N ASN A 329 18.15 50.67 -6.20
CA ASN A 329 18.57 51.31 -4.96
C ASN A 329 19.65 50.50 -4.27
N ALA A 330 20.59 49.97 -5.04
CA ALA A 330 21.66 49.18 -4.45
C ALA A 330 22.55 50.08 -3.60
N PRO A 331 23.08 49.58 -2.47
CA PRO A 331 22.95 48.23 -1.91
C PRO A 331 21.55 47.97 -1.36
N ALA A 332 21.03 46.75 -1.49
CA ALA A 332 19.68 46.45 -1.08
C ALA A 332 19.59 45.03 -0.56
N ILE A 333 18.58 44.78 0.26
CA ILE A 333 18.25 43.45 0.75
C ILE A 333 16.80 43.17 0.40
N ILE A 334 16.56 42.04 -0.27
CA ILE A 334 15.21 41.56 -0.53
C ILE A 334 14.97 40.41 0.43
N PHE A 335 13.98 40.54 1.30
CA PHE A 335 13.62 39.50 2.25
C PHE A 335 12.30 38.88 1.84
N ILE A 336 12.31 37.57 1.62
CA ILE A 336 11.13 36.81 1.22
C ILE A 336 10.70 35.99 2.43
N ASP A 337 9.75 36.50 3.19
CA ASP A 337 9.24 35.78 4.35
C ASP A 337 8.27 34.70 3.88
N GLU A 338 8.32 33.55 4.53
CA GLU A 338 7.52 32.39 4.16
C GLU A 338 7.80 32.00 2.71
N LEU A 339 9.05 31.64 2.45
CA LEU A 339 9.47 31.24 1.11
C LEU A 339 8.73 29.99 0.66
N ASP A 340 8.43 29.08 1.58
CA ASP A 340 7.74 27.85 1.21
C ASP A 340 6.37 28.14 0.61
N ALA A 341 5.75 29.27 0.97
CA ALA A 341 4.46 29.62 0.38
C ALA A 341 4.60 30.01 -1.07
N ILE A 342 5.72 30.63 -1.44
CA ILE A 342 5.92 31.08 -2.82
C ILE A 342 6.51 29.95 -3.66
N ALA A 343 7.43 29.18 -3.09
CA ALA A 343 8.25 28.24 -3.84
C ALA A 343 8.15 26.83 -3.27
N PRO A 344 7.00 26.19 -3.38
CA PRO A 344 6.91 24.77 -3.06
C PRO A 344 7.50 23.93 -4.19
N LYS A 345 7.72 22.66 -3.89
CA LYS A 345 8.30 21.75 -4.86
C LYS A 345 7.42 21.69 -6.11
N ARG A 346 8.01 22.04 -7.26
CA ARG A 346 7.25 22.12 -8.49
C ARG A 346 6.64 20.76 -8.85
N GLU A 347 7.41 19.69 -8.66
CA GLU A 347 6.89 18.36 -8.94
C GLU A 347 5.62 18.09 -8.16
N LYS A 348 5.56 18.53 -6.91
CA LYS A 348 4.43 18.29 -6.03
C LYS A 348 3.41 19.41 -6.04
N THR A 349 3.64 20.47 -6.81
CA THR A 349 2.69 21.57 -6.90
C THR A 349 1.64 21.26 -7.96
N HIS A 350 0.38 21.52 -7.63
CA HIS A 350 -0.73 21.15 -8.51
C HIS A 350 -1.07 22.25 -9.50
N GLY A 351 -1.35 23.45 -8.99
CA GLY A 351 -1.79 24.52 -9.86
C GLY A 351 -0.71 24.97 -10.83
N GLU A 352 -1.15 25.45 -11.99
CA GLU A 352 -0.21 25.95 -13.00
C GLU A 352 0.32 27.33 -12.64
N VAL A 353 -0.54 28.18 -12.06
CA VAL A 353 -0.11 29.52 -11.67
C VAL A 353 0.98 29.44 -10.61
N GLU A 354 0.80 28.54 -9.63
CA GLU A 354 1.80 28.41 -8.57
C GLU A 354 3.16 28.04 -9.15
N ARG A 355 3.18 27.09 -10.08
CA ARG A 355 4.45 26.68 -10.69
C ARG A 355 5.07 27.81 -11.50
N ARG A 356 4.25 28.71 -12.03
CA ARG A 356 4.79 29.83 -12.78
C ARG A 356 5.49 30.83 -11.86
N ILE A 357 5.00 30.97 -10.63
CA ILE A 357 5.64 31.88 -9.67
C ILE A 357 7.00 31.34 -9.26
N VAL A 358 7.10 30.03 -9.05
CA VAL A 358 8.38 29.44 -8.69
C VAL A 358 9.40 29.66 -9.80
N SER A 359 8.97 29.46 -11.05
CA SER A 359 9.86 29.66 -12.18
C SER A 359 10.33 31.11 -12.27
N GLN A 360 9.42 32.06 -12.03
CA GLN A 360 9.79 33.46 -12.10
C GLN A 360 10.84 33.80 -11.04
N LEU A 361 10.67 33.26 -9.83
CA LEU A 361 11.63 33.54 -8.77
C LEU A 361 13.01 33.03 -9.13
N LEU A 362 13.08 31.83 -9.73
CA LEU A 362 14.37 31.31 -10.16
C LEU A 362 15.00 32.22 -11.22
N THR A 363 14.20 32.70 -12.16
CA THR A 363 14.71 33.59 -13.19
C THR A 363 15.24 34.88 -12.59
N LEU A 364 14.49 35.46 -11.65
CA LEU A 364 14.93 36.70 -11.00
C LEU A 364 16.18 36.45 -10.18
N MET A 365 16.24 35.34 -9.45
CA MET A 365 17.42 35.02 -8.67
C MET A 365 18.65 34.87 -9.57
N ASP A 366 18.48 34.20 -10.71
CA ASP A 366 19.58 34.05 -11.64
C ASP A 366 19.90 35.36 -12.36
N GLY A 367 18.96 36.28 -12.42
CA GLY A 367 19.16 37.54 -13.11
C GLY A 367 19.90 38.60 -12.31
N LEU A 368 20.33 38.28 -11.09
CA LEU A 368 21.05 39.23 -10.26
C LEU A 368 22.52 39.19 -10.63
N LYS A 369 23.02 40.29 -11.21
CA LYS A 369 24.41 40.36 -11.63
C LYS A 369 25.33 40.50 -10.42
N GLN A 370 26.58 40.07 -10.60
CA GLN A 370 27.55 40.19 -9.52
C GLN A 370 27.78 41.65 -9.14
N ARG A 371 27.81 42.55 -10.13
CA ARG A 371 27.98 43.96 -9.83
C ARG A 371 26.86 44.47 -8.93
N SER A 372 25.63 44.11 -9.23
CA SER A 372 24.50 44.55 -8.44
C SER A 372 24.66 44.07 -7.00
N HIS A 373 24.68 45.03 -6.07
CA HIS A 373 24.84 44.73 -4.65
C HIS A 373 23.48 44.47 -4.03
N VAL A 374 22.91 43.32 -4.39
CA VAL A 374 21.59 42.91 -3.93
C VAL A 374 21.73 41.58 -3.22
N ILE A 375 21.43 41.55 -1.92
CA ILE A 375 21.41 40.33 -1.13
C ILE A 375 19.96 39.91 -0.98
N VAL A 376 19.67 38.66 -1.33
CA VAL A 376 18.31 38.13 -1.21
C VAL A 376 18.27 37.23 0.02
N MET A 377 17.45 37.60 1.00
CA MET A 377 17.24 36.82 2.21
C MET A 377 15.88 36.15 2.16
N ALA A 378 15.79 34.98 2.75
CA ALA A 378 14.52 34.25 2.83
C ALA A 378 14.43 33.56 4.17
N ALA A 379 13.20 33.36 4.63
CA ALA A 379 12.93 32.65 5.87
C ALA A 379 11.85 31.61 5.64
N THR A 380 12.08 30.41 6.15
CA THR A 380 11.11 29.32 6.02
C THR A 380 11.23 28.40 7.22
N ASN A 381 10.08 27.97 7.76
CA ASN A 381 10.07 26.93 8.78
C ASN A 381 9.90 25.55 8.19
N ARG A 382 9.86 25.43 6.87
CA ARG A 382 9.78 24.15 6.16
C ARG A 382 10.81 24.14 5.06
N PRO A 383 12.10 24.11 5.41
CA PRO A 383 13.14 24.19 4.37
C PRO A 383 13.06 23.06 3.35
N ASN A 384 12.66 21.86 3.79
CA ASN A 384 12.54 20.73 2.86
C ASN A 384 11.33 20.85 1.95
N SER A 385 10.43 21.79 2.21
CA SER A 385 9.30 22.03 1.32
C SER A 385 9.62 23.02 0.21
N VAL A 386 10.78 23.66 0.25
CA VAL A 386 11.17 24.61 -0.78
C VAL A 386 11.64 23.86 -2.01
N ASP A 387 11.50 24.49 -3.17
CA ASP A 387 11.96 23.90 -4.41
C ASP A 387 13.46 23.66 -4.35
N PRO A 388 13.96 22.45 -4.61
CA PRO A 388 15.41 22.23 -4.51
C PRO A 388 16.22 23.12 -5.44
N ALA A 389 15.64 23.56 -6.55
CA ALA A 389 16.38 24.42 -7.46
C ALA A 389 16.82 25.71 -6.80
N LEU A 390 16.04 26.21 -5.84
CA LEU A 390 16.37 27.46 -5.18
C LEU A 390 17.52 27.31 -4.21
N ARG A 391 17.71 26.12 -3.65
CA ARG A 391 18.80 25.86 -2.71
C ARG A 391 20.06 25.40 -3.43
N ARG A 392 20.52 26.21 -4.37
CA ARG A 392 21.66 25.86 -5.22
C ARG A 392 22.65 27.01 -5.26
N PHE A 393 23.82 26.73 -5.80
CA PHE A 393 24.87 27.74 -5.94
C PHE A 393 24.35 28.91 -6.76
N GLY A 394 24.68 30.13 -6.32
CA GLY A 394 24.16 31.34 -6.93
C GLY A 394 22.79 31.74 -6.44
N ARG A 395 21.90 30.79 -6.21
CA ARG A 395 20.62 31.02 -5.55
C ARG A 395 20.83 30.90 -4.05
N PHE A 396 19.80 30.76 -3.23
CA PHE A 396 19.99 30.61 -1.78
C PHE A 396 20.99 29.47 -1.57
N ASP A 397 22.20 29.84 -1.16
CA ASP A 397 23.30 28.89 -1.03
C ASP A 397 23.93 28.93 0.35
N ARG A 398 23.62 29.94 1.17
CA ARG A 398 24.04 29.99 2.55
C ARG A 398 22.79 29.87 3.42
N GLU A 399 22.77 28.83 4.26
CA GLU A 399 21.63 28.56 5.13
C GLU A 399 22.04 28.75 6.58
N ILE A 400 21.28 29.55 7.31
CA ILE A 400 21.52 29.81 8.73
C ILE A 400 20.31 29.29 9.50
N GLU A 401 20.58 28.52 10.55
CA GLU A 401 19.51 27.89 11.34
C GLU A 401 19.24 28.77 12.55
N ILE A 402 18.07 29.43 12.55
CA ILE A 402 17.59 30.12 13.75
C ILE A 402 16.76 29.08 14.51
N GLY A 403 17.45 28.28 15.31
CA GLY A 403 16.87 27.10 15.92
C GLY A 403 16.42 27.33 17.36
N ILE A 404 16.12 26.21 18.02
CA ILE A 404 15.60 26.22 19.39
C ILE A 404 16.66 26.78 20.32
N PRO A 405 16.35 27.81 21.11
CA PRO A 405 17.34 28.32 22.05
C PRO A 405 17.61 27.36 23.20
N ASP A 406 18.81 27.44 23.74
CA ASP A 406 19.18 26.65 24.91
C ASP A 406 18.87 27.42 26.19
N SER A 407 19.33 26.90 27.32
CA SER A 407 18.99 27.51 28.61
C SER A 407 19.51 28.93 28.69
N ILE A 408 20.75 29.16 28.25
CA ILE A 408 21.30 30.51 28.27
C ILE A 408 20.51 31.43 27.34
N GLY A 409 20.19 30.93 26.15
CA GLY A 409 19.41 31.73 25.22
C GLY A 409 18.01 32.04 25.72
N ARG A 410 17.38 31.07 26.37
CA ARG A 410 16.05 31.30 26.92
C ARG A 410 16.06 32.44 27.93
N LEU A 411 17.11 32.52 28.75
CA LEU A 411 17.22 33.61 29.70
C LEU A 411 17.36 34.95 28.99
N GLU A 412 18.10 34.98 27.88
CA GLU A 412 18.25 36.21 27.12
C GLU A 412 16.90 36.69 26.60
N ILE A 413 16.10 35.76 26.08
CA ILE A 413 14.78 36.14 25.57
C ILE A 413 13.88 36.62 26.69
N LEU A 414 13.90 35.93 27.84
CA LEU A 414 13.05 36.32 28.95
C LEU A 414 13.39 37.72 29.44
N ARG A 415 14.69 38.03 29.52
CA ARG A 415 15.10 39.38 29.91
C ARG A 415 14.60 40.42 28.92
N ILE A 416 14.62 40.08 27.63
CA ILE A 416 14.15 41.02 26.61
C ILE A 416 12.66 41.28 26.77
N HIS A 417 11.89 40.24 27.10
CA HIS A 417 10.44 40.36 27.14
C HIS A 417 9.92 40.79 28.50
N THR A 418 10.76 40.86 29.53
CA THR A 418 10.37 41.35 30.83
C THR A 418 10.90 42.75 31.11
N ARG A 419 11.41 43.44 30.09
CA ARG A 419 11.93 44.79 30.31
C ARG A 419 10.82 45.77 30.66
N ASN A 420 9.63 45.57 30.08
CA ASN A 420 8.49 46.44 30.33
C ASN A 420 7.44 45.79 31.22
N ILE A 421 7.80 44.74 31.96
CA ILE A 421 6.91 44.06 32.88
C ILE A 421 7.48 44.20 34.28
N ARG A 422 6.65 44.65 35.22
CA ARG A 422 7.06 44.79 36.60
C ARG A 422 7.23 43.40 37.22
N LEU A 423 8.39 43.15 37.82
CA LEU A 423 8.70 41.86 38.41
C LEU A 423 8.96 42.03 39.90
N ALA A 424 8.44 41.10 40.69
CA ALA A 424 8.70 41.11 42.12
C ALA A 424 10.16 40.76 42.38
N GLU A 425 10.63 41.08 43.59
CA GLU A 425 12.03 40.84 43.92
C GLU A 425 12.36 39.35 43.97
N ASP A 426 11.37 38.48 44.05
CA ASP A 426 11.60 37.04 44.12
C ASP A 426 11.65 36.38 42.74
N VAL A 427 11.55 37.15 41.68
CA VAL A 427 11.58 36.59 40.33
C VAL A 427 13.02 36.30 39.95
N GLU A 428 13.33 35.02 39.73
CA GLU A 428 14.66 34.57 39.32
C GLU A 428 14.50 33.95 37.94
N LEU A 429 14.67 34.77 36.90
CA LEU A 429 14.41 34.31 35.54
C LEU A 429 15.34 33.18 35.14
N GLU A 430 16.48 33.04 35.83
CA GLU A 430 17.38 31.93 35.52
C GLU A 430 16.69 30.59 35.74
N LYS A 431 15.94 30.45 36.83
CA LYS A 431 15.23 29.21 37.09
C LYS A 431 14.15 28.95 36.07
N ILE A 432 13.41 29.98 35.68
CA ILE A 432 12.37 29.82 34.66
C ILE A 432 13.00 29.39 33.35
N ALA A 433 14.11 30.01 32.97
CA ALA A 433 14.77 29.64 31.72
C ALA A 433 15.21 28.18 31.75
N ASN A 434 15.75 27.72 32.88
CA ASN A 434 16.21 26.35 32.96
C ASN A 434 15.06 25.36 32.87
N GLU A 435 13.88 25.73 33.36
CA GLU A 435 12.74 24.83 33.37
C GLU A 435 11.89 24.93 32.11
N ALA A 436 12.15 25.88 31.23
CA ALA A 436 11.33 26.10 30.03
C ALA A 436 11.85 25.28 28.85
N HIS A 437 11.89 23.96 29.02
CA HIS A 437 12.34 23.10 27.94
C HIS A 437 11.34 23.12 26.79
N GLY A 438 11.86 23.12 25.57
CA GLY A 438 11.01 23.13 24.40
C GLY A 438 10.39 24.47 24.07
N HIS A 439 10.78 25.53 24.76
CA HIS A 439 10.19 26.85 24.55
C HIS A 439 11.03 27.64 23.56
N VAL A 440 10.42 28.04 22.46
CA VAL A 440 11.03 28.98 21.52
C VAL A 440 10.70 30.39 22.00
N GLY A 441 11.39 31.39 21.45
CA GLY A 441 11.16 32.75 21.89
C GLY A 441 9.71 33.17 21.80
N ALA A 442 8.98 32.65 20.82
CA ALA A 442 7.55 32.94 20.74
C ALA A 442 6.80 32.36 21.93
N ASP A 443 7.19 31.17 22.38
CA ASP A 443 6.59 30.59 23.56
C ASP A 443 6.98 31.36 24.82
N LEU A 444 8.23 31.81 24.90
CA LEU A 444 8.64 32.59 26.06
C LEU A 444 7.95 33.93 26.11
N ALA A 445 7.64 34.52 24.97
CA ALA A 445 6.84 35.75 24.95
C ALA A 445 5.45 35.50 25.52
N SER A 446 4.83 34.37 25.14
CA SER A 446 3.53 34.02 25.70
C SER A 446 3.63 33.77 27.19
N LEU A 447 4.71 33.11 27.63
CA LEU A 447 4.87 32.81 29.05
C LEU A 447 4.90 34.08 29.88
N CYS A 448 5.64 35.09 29.41
CA CYS A 448 5.68 36.36 30.13
C CYS A 448 4.31 37.03 30.12
N SER A 449 3.61 36.98 28.99
CA SER A 449 2.28 37.56 28.92
C SER A 449 1.31 36.86 29.86
N GLU A 450 1.30 35.53 29.84
CA GLU A 450 0.38 34.78 30.68
C GLU A 450 0.64 35.02 32.16
N ALA A 451 1.91 35.08 32.56
CA ALA A 451 2.24 35.34 33.95
C ALA A 451 1.67 36.68 34.41
N ALA A 452 1.69 37.68 33.54
CA ALA A 452 1.10 38.97 33.88
C ALA A 452 -0.41 38.84 34.08
N LEU A 453 -1.08 38.08 33.22
CA LEU A 453 -2.51 37.88 33.36
C LEU A 453 -2.85 37.17 34.67
N GLN A 454 -2.06 36.15 35.03
CA GLN A 454 -2.29 35.46 36.29
C GLN A 454 -2.13 36.42 37.47
N GLN A 455 -1.17 37.35 37.38
CA GLN A 455 -1.02 38.35 38.41
C GLN A 455 -2.28 39.23 38.50
N ILE A 456 -2.83 39.61 37.35
CA ILE A 456 -4.07 40.39 37.34
C ILE A 456 -5.21 39.57 37.92
N ARG A 457 -5.28 38.28 37.57
CA ARG A 457 -6.36 37.44 38.08
C ARG A 457 -6.39 37.41 39.59
N ASN A 458 -5.22 37.25 40.22
CA ASN A 458 -5.16 37.17 41.67
C ASN A 458 -5.69 38.45 42.31
N LYS A 459 -5.33 39.60 41.75
CA LYS A 459 -5.79 40.87 42.29
C LYS A 459 -7.28 41.09 42.01
N MET A 460 -7.72 40.80 40.78
CA MET A 460 -9.12 41.00 40.43
C MET A 460 -10.03 40.11 41.26
N ASN A 461 -9.63 38.86 41.49
CA ASN A 461 -10.45 37.95 42.27
C ASN A 461 -10.69 38.49 43.67
N LEU A 462 -9.63 38.98 44.31
CA LEU A 462 -9.78 39.59 45.63
C LEU A 462 -10.66 40.84 45.55
N ILE A 463 -10.42 41.67 44.53
CA ILE A 463 -11.22 42.87 44.32
C ILE A 463 -12.36 42.57 43.35
N ILE A 470 -10.30 51.07 39.38
CA ILE A 470 -9.61 50.24 40.36
C ILE A 470 -8.72 51.10 41.24
N ASP A 471 -8.65 50.76 42.52
CA ASP A 471 -7.86 51.53 43.46
C ASP A 471 -6.41 51.60 43.02
N ALA A 472 -5.81 52.79 43.10
CA ALA A 472 -4.44 52.97 42.67
C ALA A 472 -3.47 52.14 43.49
N GLU A 473 -3.82 51.79 44.72
CA GLU A 473 -2.96 50.92 45.51
C GLU A 473 -2.83 49.55 44.86
N VAL A 474 -3.93 49.02 44.34
CA VAL A 474 -3.88 47.72 43.66
C VAL A 474 -3.04 47.83 42.39
N LEU A 475 -3.25 48.90 41.61
CA LEU A 475 -2.50 49.04 40.36
C LEU A 475 -1.01 49.14 40.62
N ASN A 476 -0.62 49.78 41.71
CA ASN A 476 0.79 49.92 42.05
C ASN A 476 1.36 48.68 42.75
N SER A 477 0.51 47.74 43.14
CA SER A 477 0.95 46.50 43.76
C SER A 477 1.06 45.35 42.76
N LEU A 478 0.91 45.63 41.47
CA LEU A 478 0.95 44.61 40.43
C LEU A 478 2.40 44.36 40.05
N ALA A 479 2.90 43.17 40.39
CA ALA A 479 4.27 42.78 40.06
C ALA A 479 4.29 41.27 39.92
N VAL A 480 4.62 40.80 38.71
CA VAL A 480 4.62 39.37 38.43
C VAL A 480 5.56 38.68 39.40
N THR A 481 5.05 37.71 40.14
CA THR A 481 5.82 36.96 41.12
C THR A 481 6.25 35.63 40.52
N MET A 482 7.21 34.99 41.20
CA MET A 482 7.71 33.70 40.73
C MET A 482 6.59 32.67 40.67
N ASP A 483 5.59 32.78 41.54
CA ASP A 483 4.47 31.86 41.48
C ASP A 483 3.71 32.00 40.16
N ASP A 484 3.51 33.23 39.70
CA ASP A 484 2.83 33.44 38.43
C ASP A 484 3.61 32.83 37.28
N PHE A 485 4.94 33.02 37.28
CA PHE A 485 5.76 32.44 36.22
C PHE A 485 5.69 30.93 36.26
N ARG A 486 5.73 30.34 37.45
CA ARG A 486 5.64 28.89 37.57
C ARG A 486 4.25 28.39 37.17
N TRP A 487 3.20 29.15 37.50
CA TRP A 487 1.87 28.80 37.02
C TRP A 487 1.81 28.87 35.51
N ALA A 488 2.35 29.93 34.92
CA ALA A 488 2.33 30.08 33.48
C ALA A 488 3.13 28.96 32.81
N LEU A 489 4.28 28.62 33.39
CA LEU A 489 5.11 27.56 32.82
C LEU A 489 4.39 26.21 32.88
N GLY A 490 3.61 25.98 33.93
CA GLY A 490 2.89 24.73 34.03
C GLY A 490 1.82 24.59 32.96
N LYS A 491 1.04 25.65 32.74
CA LYS A 491 -0.02 25.61 31.74
C LYS A 491 0.51 25.69 30.32
N SER A 492 1.74 26.17 30.14
CA SER A 492 2.28 26.35 28.80
C SER A 492 2.42 25.00 28.10
N ASN A 493 2.15 25.00 26.79
CA ASN A 493 2.30 23.82 25.94
C ASN A 493 3.20 24.19 24.77
N PRO A 494 4.52 24.19 24.99
CA PRO A 494 5.43 24.68 23.96
C PRO A 494 5.34 23.87 22.69
N SER A 495 5.59 24.54 21.56
CA SER A 495 5.44 23.92 20.25
C SER A 495 6.66 23.11 19.83
N ALA A 496 7.80 23.28 20.52
CA ALA A 496 9.04 22.63 20.13
C ALA A 496 9.43 21.49 21.08
N LEU A 497 8.46 20.92 21.79
CA LEU A 497 8.77 19.80 22.67
C LEU A 497 9.30 18.60 21.89
N ARG A 498 8.67 18.32 20.75
CA ARG A 498 9.01 17.12 19.99
C ARG A 498 10.19 17.33 19.04
N GLU A 499 10.70 18.55 18.94
CA GLU A 499 11.87 18.80 18.10
C GLU A 499 13.12 18.21 18.74
N THR A 500 14.02 17.71 17.90
CA THR A 500 15.28 17.17 18.39
C THR A 500 16.13 18.28 18.97
N THR A 501 16.75 18.01 20.12
CA THR A 501 17.59 18.96 20.82
C THR A 501 19.05 18.71 20.49
N VAL A 502 19.80 19.79 20.30
CA VAL A 502 21.19 19.71 19.90
C VAL A 502 22.06 20.52 20.87
N GLU A 503 21.65 20.59 22.13
CA GLU A 503 22.32 21.39 23.13
C GLU A 503 23.29 20.55 23.94
N VAL A 504 24.20 21.23 24.63
CA VAL A 504 25.18 20.56 25.49
C VAL A 504 24.47 20.08 26.76
N PRO A 505 24.60 18.81 27.14
CA PRO A 505 23.87 18.31 28.30
C PRO A 505 24.39 18.87 29.61
N ASN A 506 23.55 18.80 30.63
CA ASN A 506 23.90 19.24 31.98
C ASN A 506 24.48 18.13 32.85
N VAL A 507 24.54 16.90 32.33
CA VAL A 507 25.09 15.80 33.11
C VAL A 507 26.61 15.89 33.12
N THR A 508 27.19 15.81 34.32
CA THR A 508 28.64 15.84 34.50
C THR A 508 29.11 14.49 35.04
N TRP A 509 30.43 14.34 35.15
CA TRP A 509 30.98 13.13 35.76
C TRP A 509 30.49 12.96 37.18
N ASP A 510 30.29 14.07 37.90
CA ASP A 510 29.84 13.99 39.29
C ASP A 510 28.49 13.32 39.40
N ASP A 511 27.72 13.27 38.31
CA ASP A 511 26.46 12.57 38.30
C ASP A 511 26.62 11.06 38.13
N ILE A 512 27.84 10.58 37.87
CA ILE A 512 28.11 9.16 37.67
C ILE A 512 29.11 8.64 38.69
N GLY A 513 30.33 9.15 38.66
CA GLY A 513 31.32 8.84 39.68
C GLY A 513 31.95 7.46 39.57
N GLY A 514 31.12 6.41 39.54
CA GLY A 514 31.63 5.07 39.72
C GLY A 514 32.56 4.61 38.62
N LEU A 515 32.20 4.85 37.37
CA LEU A 515 32.85 4.21 36.22
C LEU A 515 34.12 4.97 35.85
N GLU A 516 35.15 4.80 36.69
CA GLU A 516 36.39 5.56 36.53
C GLU A 516 37.09 5.20 35.23
N ASN A 517 37.26 3.90 34.96
CA ASN A 517 38.01 3.49 33.79
C ASN A 517 37.31 3.91 32.49
N VAL A 518 35.98 3.79 32.45
CA VAL A 518 35.24 4.18 31.26
C VAL A 518 35.36 5.68 31.02
N LYS A 519 35.39 6.46 32.09
CA LYS A 519 35.59 7.91 31.95
C LYS A 519 36.89 8.20 31.22
N ARG A 520 37.97 7.55 31.61
CA ARG A 520 39.26 7.76 30.96
C ARG A 520 39.20 7.31 29.50
N GLU A 521 38.58 6.16 29.25
CA GLU A 521 38.49 5.67 27.87
C GLU A 521 37.67 6.61 27.00
N LEU A 522 36.55 7.11 27.50
CA LEU A 522 35.72 8.00 26.71
C LEU A 522 36.44 9.31 26.41
N GLN A 523 37.25 9.78 27.35
CA GLN A 523 38.02 11.00 27.12
C GLN A 523 38.98 10.83 25.96
N GLU A 524 39.69 9.69 25.93
CA GLU A 524 40.62 9.45 24.84
C GLU A 524 39.91 9.32 23.51
N LEU A 525 38.74 8.66 23.49
CA LEU A 525 38.04 8.42 22.24
C LEU A 525 37.39 9.69 21.70
N VAL A 526 36.90 10.56 22.56
CA VAL A 526 36.12 11.73 22.17
C VAL A 526 36.92 13.02 22.37
N GLN A 527 37.54 13.18 23.53
CA GLN A 527 38.20 14.44 23.86
C GLN A 527 39.48 14.63 23.05
N TYR A 528 40.32 13.59 22.99
CA TYR A 528 41.64 13.74 22.38
C TYR A 528 41.57 14.13 20.91
N PRO A 529 40.73 13.52 20.08
CA PRO A 529 40.69 13.94 18.67
C PRO A 529 40.35 15.41 18.49
N VAL A 530 39.59 15.99 19.41
CA VAL A 530 39.21 17.39 19.29
C VAL A 530 40.29 18.29 19.89
N GLU A 531 40.76 17.97 21.09
CA GLU A 531 41.70 18.84 21.78
C GLU A 531 43.10 18.74 21.20
N HIS A 532 43.53 17.55 20.79
CA HIS A 532 44.89 17.31 20.30
C HIS A 532 44.85 16.63 18.94
N PRO A 533 44.33 17.31 17.92
CA PRO A 533 44.30 16.70 16.58
C PRO A 533 45.68 16.56 15.97
N ASP A 534 46.64 17.39 16.37
CA ASP A 534 47.97 17.32 15.77
C ASP A 534 48.65 15.99 16.10
N LYS A 535 48.49 15.51 17.32
CA LYS A 535 49.17 14.28 17.74
C LYS A 535 48.71 13.09 16.90
N PHE A 536 47.42 13.03 16.60
CA PHE A 536 46.93 11.95 15.74
C PHE A 536 47.54 12.03 14.36
N LEU A 537 47.69 13.25 13.82
CA LEU A 537 48.37 13.41 12.55
C LEU A 537 49.84 13.04 12.65
N LYS A 538 50.47 13.29 13.80
CA LYS A 538 51.87 12.93 13.97
C LYS A 538 52.07 11.42 13.89
N PHE A 539 51.22 10.65 14.57
CA PHE A 539 51.38 9.20 14.59
C PHE A 539 50.69 8.52 13.43
N GLY A 540 49.98 9.27 12.58
CA GLY A 540 49.58 8.78 11.28
C GLY A 540 48.40 7.84 11.25
N MET A 541 47.68 7.69 12.36
CA MET A 541 46.51 6.81 12.41
C MET A 541 45.27 7.61 12.80
N THR A 542 44.21 7.47 12.01
CA THR A 542 42.99 8.24 12.23
C THR A 542 42.16 7.62 13.35
N PRO A 543 41.64 8.41 14.28
CA PRO A 543 40.84 7.83 15.36
C PRO A 543 39.53 7.25 14.86
N SER A 544 39.06 6.23 15.56
CA SER A 544 37.75 5.65 15.31
C SER A 544 36.72 6.40 16.14
N LYS A 545 35.64 6.83 15.50
CA LYS A 545 34.64 7.69 16.13
C LYS A 545 33.30 6.98 16.27
N GLY A 546 33.35 5.71 16.69
CA GLY A 546 32.15 4.94 16.98
C GLY A 546 32.32 4.10 18.21
N VAL A 547 31.36 4.18 19.13
CA VAL A 547 31.41 3.46 20.40
C VAL A 547 30.10 2.73 20.60
N LEU A 548 30.14 1.62 21.33
CA LEU A 548 28.96 0.86 21.70
C LEU A 548 29.01 0.53 23.18
N PHE A 549 28.09 1.09 23.94
CA PHE A 549 27.88 0.70 25.33
C PHE A 549 26.92 -0.49 25.37
N TYR A 550 27.29 -1.51 26.13
CA TYR A 550 26.42 -2.66 26.32
C TYR A 550 26.63 -3.21 27.72
N GLY A 551 25.54 -3.67 28.32
CA GLY A 551 25.58 -4.18 29.66
C GLY A 551 24.20 -4.28 30.27
N PRO A 552 24.13 -4.67 31.54
CA PRO A 552 22.83 -4.85 32.18
C PRO A 552 22.08 -3.53 32.25
N PRO A 553 20.75 -3.58 32.30
CA PRO A 553 19.97 -2.34 32.37
C PRO A 553 20.28 -1.55 33.64
N GLY A 554 20.20 -0.23 33.53
CA GLY A 554 20.36 0.64 34.66
C GLY A 554 21.77 0.74 35.21
N CYS A 555 22.77 0.92 34.35
CA CYS A 555 24.16 1.02 34.78
C CYS A 555 24.87 2.27 34.27
N GLY A 556 24.14 3.24 33.72
CA GLY A 556 24.72 4.52 33.38
C GLY A 556 25.13 4.72 31.94
N LYS A 557 24.66 3.88 31.01
CA LYS A 557 25.02 4.06 29.61
C LYS A 557 24.51 5.39 29.08
N THR A 558 23.28 5.75 29.41
CA THR A 558 22.74 7.05 29.00
C THR A 558 23.52 8.19 29.66
N LEU A 559 23.84 8.05 30.95
CA LEU A 559 24.57 9.10 31.65
C LEU A 559 25.96 9.29 31.05
N LEU A 560 26.62 8.19 30.70
CA LEU A 560 27.98 8.30 30.16
C LEU A 560 28.00 9.11 28.87
N ALA A 561 27.03 8.85 27.98
CA ALA A 561 26.98 9.59 26.73
C ALA A 561 26.75 11.08 26.97
N LYS A 562 25.92 11.41 27.96
CA LYS A 562 25.67 12.82 28.26
C LYS A 562 26.85 13.46 28.98
N ALA A 563 27.51 12.71 29.85
CA ALA A 563 28.63 13.27 30.60
C ALA A 563 29.81 13.58 29.69
N ILE A 564 30.10 12.68 28.74
CA ILE A 564 31.26 12.87 27.88
C ILE A 564 31.05 14.09 26.98
N ALA A 565 29.86 14.24 26.42
CA ALA A 565 29.57 15.43 25.63
C ALA A 565 29.69 16.69 26.48
N ASN A 566 29.35 16.60 27.76
CA ASN A 566 29.46 17.75 28.64
C ASN A 566 30.92 18.11 28.90
N GLU A 567 31.77 17.12 29.12
CA GLU A 567 33.18 17.40 29.37
C GLU A 567 33.83 18.08 28.17
N CYS A 568 33.56 17.56 26.97
CA CYS A 568 34.11 18.16 25.76
C CYS A 568 33.38 19.45 25.36
N GLN A 569 32.33 19.82 26.08
CA GLN A 569 31.49 20.94 25.68
C GLN A 569 31.02 20.77 24.25
N ALA A 570 30.61 19.55 23.94
CA ALA A 570 30.17 19.17 22.60
C ALA A 570 28.66 18.98 22.59
N ASN A 571 28.02 19.39 21.50
CA ASN A 571 26.60 19.20 21.36
C ASN A 571 26.25 17.72 21.52
N PHE A 572 24.98 17.46 21.81
CA PHE A 572 24.51 16.11 22.08
C PHE A 572 23.15 15.92 21.45
N ILE A 573 23.03 14.93 20.57
CA ILE A 573 21.77 14.55 19.96
C ILE A 573 21.46 13.13 20.41
N SER A 574 20.32 12.97 21.07
CA SER A 574 19.85 11.67 21.53
C SER A 574 18.67 11.23 20.67
N ILE A 575 18.76 10.01 20.16
CA ILE A 575 17.71 9.43 19.33
C ILE A 575 17.44 8.03 19.89
N LYS A 576 16.44 7.93 20.75
CA LYS A 576 16.08 6.65 21.34
C LYS A 576 15.49 5.73 20.28
N GLY A 577 15.71 4.42 20.47
CA GLY A 577 15.27 3.44 19.48
C GLY A 577 13.80 3.50 19.14
N PRO A 578 12.91 3.65 20.12
CA PRO A 578 11.49 3.80 19.78
C PRO A 578 11.21 4.97 18.85
N GLU A 579 11.95 6.07 18.98
CA GLU A 579 11.76 7.21 18.08
C GLU A 579 12.08 6.83 16.64
N LEU A 580 13.15 6.07 16.44
CA LEU A 580 13.54 5.69 15.08
C LEU A 580 12.44 4.89 14.39
N LEU A 581 11.84 3.94 15.12
CA LEU A 581 10.82 3.09 14.52
C LEU A 581 9.55 3.88 14.22
N THR A 582 9.22 4.85 15.08
CA THR A 582 8.03 5.66 14.85
C THR A 582 8.16 6.56 13.62
N MET A 583 9.39 6.79 13.16
CA MET A 583 9.61 7.64 11.99
C MET A 583 9.42 6.86 10.70
N ALA A 590 13.98 8.98 5.25
CA ALA A 590 14.57 10.28 4.93
C ALA A 590 14.74 11.12 6.18
N ASN A 591 14.19 10.65 7.30
CA ASN A 591 14.32 11.35 8.57
C ASN A 591 15.54 10.91 9.36
N VAL A 592 16.02 9.69 9.15
CA VAL A 592 17.31 9.29 9.74
C VAL A 592 18.43 10.10 9.13
N ARG A 593 18.33 10.42 7.84
CA ARG A 593 19.33 11.26 7.19
C ARG A 593 19.39 12.63 7.83
N ASP A 594 18.24 13.18 8.24
CA ASP A 594 18.19 14.49 8.86
C ASP A 594 18.97 14.50 10.18
N ILE A 595 18.87 13.43 10.95
CA ILE A 595 19.58 13.35 12.23
C ILE A 595 21.07 13.49 12.01
N PHE A 596 21.60 12.77 11.02
CA PHE A 596 23.02 12.87 10.73
C PHE A 596 23.38 14.22 10.14
N ASP A 597 22.43 14.87 9.46
CA ASP A 597 22.66 16.23 8.98
C ASP A 597 22.78 17.19 10.16
N LYS A 598 21.90 17.06 11.15
CA LYS A 598 22.00 17.91 12.33
C LYS A 598 23.32 17.70 13.05
N ALA A 599 23.75 16.44 13.16
CA ALA A 599 25.01 16.16 13.85
C ALA A 599 26.18 16.80 13.13
N ARG A 600 26.15 16.83 11.79
CA ARG A 600 27.23 17.46 11.04
C ARG A 600 27.28 18.96 11.31
N GLN A 601 26.11 19.62 11.39
CA GLN A 601 26.10 21.05 11.64
C GLN A 601 26.71 21.38 12.99
N ALA A 602 26.37 20.62 14.02
CA ALA A 602 27.05 20.74 15.31
C ALA A 602 28.46 20.17 15.17
N ALA A 603 29.45 21.04 15.22
CA ALA A 603 30.78 20.66 14.77
C ALA A 603 31.37 19.57 15.67
N PRO A 604 31.67 19.81 16.96
CA PRO A 604 31.80 18.67 17.89
C PRO A 604 30.44 18.25 18.40
N CYS A 605 30.02 17.05 18.02
CA CYS A 605 28.73 16.52 18.41
C CYS A 605 28.84 15.06 18.76
N VAL A 606 28.16 14.65 19.83
CA VAL A 606 28.05 13.26 20.24
C VAL A 606 26.67 12.80 19.81
N LEU A 607 26.61 11.96 18.79
CA LEU A 607 25.35 11.43 18.28
C LEU A 607 25.07 10.10 18.99
N PHE A 608 24.06 10.10 19.85
CA PHE A 608 23.78 8.98 20.73
C PHE A 608 22.52 8.26 20.26
N PHE A 609 22.63 6.95 20.07
CA PHE A 609 21.51 6.10 19.70
C PHE A 609 21.21 5.19 20.89
N ASP A 610 20.30 5.63 21.75
CA ASP A 610 19.96 4.92 22.96
C ASP A 610 18.88 3.88 22.70
N GLU A 611 18.85 2.86 23.56
CA GLU A 611 17.82 1.82 23.50
C GLU A 611 17.82 1.14 22.14
N LEU A 612 19.00 0.76 21.66
CA LEU A 612 19.09 0.02 20.40
C LEU A 612 18.41 -1.34 20.49
N ASP A 613 18.18 -1.84 21.71
CA ASP A 613 17.53 -3.14 21.86
C ASP A 613 16.13 -3.14 21.27
N SER A 614 15.48 -1.97 21.22
CA SER A 614 14.14 -1.90 20.66
C SER A 614 14.16 -2.27 19.18
N ILE A 615 15.15 -1.77 18.43
CA ILE A 615 15.26 -2.10 17.02
C ILE A 615 15.48 -3.59 16.85
N ALA A 616 16.38 -4.17 17.66
CA ALA A 616 16.66 -5.60 17.57
C ALA A 616 15.43 -6.42 17.93
N LYS A 617 14.72 -6.01 18.98
CA LYS A 617 13.52 -6.72 19.38
C LYS A 617 12.40 -6.61 18.35
N ALA A 618 12.48 -5.63 17.46
CA ALA A 618 11.51 -5.47 16.38
C ALA A 618 11.92 -6.20 15.11
N ALA A 629 10.23 -2.19 9.18
CA ALA A 629 10.65 -0.90 9.71
C ALA A 629 12.01 -1.01 10.37
N ALA A 630 12.18 -2.05 11.18
CA ALA A 630 13.45 -2.25 11.88
C ALA A 630 14.59 -2.48 10.88
N ASP A 631 14.35 -3.29 9.85
CA ASP A 631 15.36 -3.53 8.84
C ASP A 631 15.70 -2.23 8.09
N ARG A 632 14.68 -1.45 7.76
CA ARG A 632 14.92 -0.17 7.10
C ARG A 632 15.70 0.77 8.00
N VAL A 633 15.35 0.79 9.29
CA VAL A 633 16.02 1.71 10.22
C VAL A 633 17.48 1.35 10.38
N ILE A 634 17.76 0.06 10.59
CA ILE A 634 19.14 -0.36 10.86
C ILE A 634 20.00 -0.16 9.61
N ASN A 635 19.48 -0.54 8.44
CA ASN A 635 20.24 -0.36 7.21
C ASN A 635 20.50 1.11 6.92
N GLN A 636 19.52 1.97 7.22
CA GLN A 636 19.73 3.40 7.06
C GLN A 636 20.82 3.91 7.99
N LEU A 637 20.83 3.41 9.24
CA LEU A 637 21.88 3.81 10.17
C LEU A 637 23.24 3.42 9.65
N LEU A 638 23.38 2.20 9.14
CA LEU A 638 24.67 1.73 8.65
C LEU A 638 25.15 2.57 7.48
N THR A 639 24.25 2.92 6.56
CA THR A 639 24.63 3.75 5.43
C THR A 639 25.09 5.13 5.88
N GLU A 640 24.37 5.73 6.82
CA GLU A 640 24.75 7.06 7.29
C GLU A 640 26.07 7.03 8.05
N MET A 641 26.27 6.00 8.87
CA MET A 641 27.54 5.87 9.58
C MET A 641 28.71 5.76 8.59
N ASP A 642 28.51 5.05 7.50
CA ASP A 642 29.56 4.94 6.48
C ASP A 642 29.79 6.28 5.79
N GLY A 643 28.74 7.08 5.63
CA GLY A 643 28.89 8.40 5.03
C GLY A 643 29.49 9.45 5.94
N MET A 644 29.70 9.12 7.21
CA MET A 644 30.27 10.04 8.18
C MET A 644 31.77 9.75 8.29
N SER A 645 32.58 10.65 7.78
CA SER A 645 34.02 10.47 7.81
C SER A 645 34.56 10.62 9.22
N ALA A 646 35.65 9.90 9.51
CA ALA A 646 36.29 10.00 10.81
C ALA A 646 36.99 11.34 11.01
N LYS A 647 37.28 12.06 9.94
CA LYS A 647 37.94 13.35 10.04
C LYS A 647 37.01 14.45 10.55
N LYS A 648 35.70 14.22 10.56
CA LYS A 648 34.74 15.17 11.09
C LYS A 648 34.45 14.81 12.55
N ASN A 649 34.35 15.82 13.40
CA ASN A 649 34.21 15.62 14.84
C ASN A 649 32.76 15.33 15.23
N VAL A 650 32.24 14.24 14.67
CA VAL A 650 30.93 13.71 15.02
C VAL A 650 31.16 12.31 15.56
N PHE A 651 30.88 12.11 16.84
CA PHE A 651 31.10 10.83 17.51
C PHE A 651 29.78 10.13 17.69
N ILE A 652 29.71 8.88 17.24
CA ILE A 652 28.49 8.08 17.29
C ILE A 652 28.62 7.09 18.45
N ILE A 653 27.63 7.08 19.33
CA ILE A 653 27.59 6.19 20.47
C ILE A 653 26.27 5.42 20.42
N GLY A 654 26.36 4.11 20.61
CA GLY A 654 25.17 3.28 20.75
C GLY A 654 25.09 2.65 22.12
N ALA A 655 23.88 2.37 22.58
CA ALA A 655 23.66 1.72 23.87
C ALA A 655 22.63 0.62 23.70
N THR A 656 22.91 -0.56 24.26
CA THR A 656 22.01 -1.69 24.16
C THR A 656 22.04 -2.49 25.46
N ASN A 657 20.87 -2.87 25.95
CA ASN A 657 20.75 -3.81 27.06
C ASN A 657 20.68 -5.24 26.59
N ARG A 658 20.73 -5.49 25.28
CA ARG A 658 20.56 -6.82 24.69
C ARG A 658 21.68 -7.06 23.69
N PRO A 659 22.91 -7.28 24.17
CA PRO A 659 24.01 -7.61 23.25
C PRO A 659 23.82 -8.94 22.55
N ASP A 660 22.85 -9.75 22.97
CA ASP A 660 22.64 -11.06 22.36
C ASP A 660 21.93 -10.97 21.01
N ILE A 661 21.22 -9.89 20.73
CA ILE A 661 20.43 -9.75 19.51
C ILE A 661 20.84 -8.53 18.69
N ILE A 662 22.05 -8.03 18.90
CA ILE A 662 22.53 -6.86 18.18
C ILE A 662 23.18 -7.32 16.87
N ASP A 663 22.75 -6.72 15.77
CA ASP A 663 23.31 -7.06 14.46
C ASP A 663 24.81 -6.79 14.44
N GLY A 664 25.56 -7.70 13.84
CA GLY A 664 27.00 -7.56 13.77
C GLY A 664 27.46 -6.52 12.77
N ALA A 665 26.59 -6.12 11.85
CA ALA A 665 26.96 -5.09 10.88
C ALA A 665 27.26 -3.77 11.57
N ILE A 666 26.67 -3.52 12.74
CA ILE A 666 26.89 -2.27 13.44
C ILE A 666 28.24 -2.26 14.14
N LEU A 667 28.87 -3.42 14.34
CA LEU A 667 30.17 -3.52 14.97
C LEU A 667 31.32 -3.56 13.97
N ARG A 668 31.03 -3.45 12.68
CA ARG A 668 32.08 -3.50 11.68
C ARG A 668 33.04 -2.33 11.87
N PRO A 669 34.34 -2.53 11.66
CA PRO A 669 35.27 -1.39 11.71
C PRO A 669 34.84 -0.25 10.80
N GLY A 670 35.00 0.98 11.27
CA GLY A 670 34.38 2.13 10.65
C GLY A 670 33.01 2.44 11.19
N ARG A 671 32.47 1.58 12.05
CA ARG A 671 31.18 1.72 12.71
C ARG A 671 31.40 1.59 14.20
N LEU A 672 30.36 1.30 14.97
CA LEU A 672 30.48 1.22 16.42
C LEU A 672 31.36 0.02 16.78
N ASP A 673 32.67 0.20 16.51
CA ASP A 673 33.66 -0.84 16.71
C ASP A 673 34.39 -0.74 18.04
N GLN A 674 34.23 0.35 18.77
CA GLN A 674 34.78 0.48 20.12
C GLN A 674 33.73 -0.05 21.09
N LEU A 675 33.96 -1.24 21.63
CA LEU A 675 33.00 -1.93 22.46
C LEU A 675 33.39 -1.73 23.93
N ILE A 676 32.52 -1.05 24.68
CA ILE A 676 32.75 -0.78 26.09
C ILE A 676 31.63 -1.46 26.87
N TYR A 677 32.02 -2.31 27.82
CA TYR A 677 31.07 -3.05 28.65
C TYR A 677 30.86 -2.30 29.96
N ILE A 678 29.61 -2.02 30.28
CA ILE A 678 29.25 -1.31 31.50
C ILE A 678 28.68 -2.31 32.49
N PRO A 679 29.46 -2.84 33.42
CA PRO A 679 28.97 -3.89 34.31
C PRO A 679 28.15 -3.33 35.46
N LEU A 680 27.66 -4.24 36.29
CA LEU A 680 27.01 -3.81 37.52
C LEU A 680 28.05 -3.17 38.44
N PRO A 681 27.66 -2.15 39.21
CA PRO A 681 28.65 -1.50 40.08
C PRO A 681 29.14 -2.46 41.17
N ASP A 682 30.41 -2.30 41.53
CA ASP A 682 30.95 -3.00 42.69
C ASP A 682 30.61 -2.22 43.96
N GLU A 683 31.02 -2.73 45.12
CA GLU A 683 30.65 -2.10 46.37
C GLU A 683 31.16 -0.67 46.45
N ALA A 684 32.41 -0.45 46.02
CA ALA A 684 32.95 0.90 46.03
C ALA A 684 32.17 1.81 45.09
N SER A 685 31.82 1.29 43.91
CA SER A 685 31.03 2.07 42.97
C SER A 685 29.66 2.41 43.53
N ARG A 686 29.02 1.45 44.20
CA ARG A 686 27.69 1.69 44.74
C ARG A 686 27.70 2.82 45.76
N VAL A 687 28.79 2.95 46.51
CA VAL A 687 28.90 4.05 47.46
C VAL A 687 28.86 5.39 46.73
N ASN A 688 29.59 5.49 45.61
CA ASN A 688 29.62 6.74 44.86
C ASN A 688 28.28 7.03 44.20
N ILE A 689 27.58 5.98 43.75
CA ILE A 689 26.27 6.18 43.14
C ILE A 689 25.30 6.76 44.14
N LEU A 690 25.30 6.24 45.37
CA LEU A 690 24.40 6.75 46.40
C LEU A 690 24.76 8.19 46.77
N LYS A 691 26.05 8.49 46.87
CA LYS A 691 26.47 9.86 47.12
C LYS A 691 26.02 10.78 46.00
N ALA A 692 26.16 10.33 44.75
CA ALA A 692 25.73 11.14 43.62
C ALA A 692 24.23 11.36 43.64
N ASN A 693 23.47 10.33 44.00
CA ASN A 693 22.01 10.45 43.97
C ASN A 693 21.49 11.31 45.11
N LEU A 694 22.21 11.38 46.22
CA LEU A 694 21.73 12.07 47.42
C LEU A 694 22.33 13.45 47.59
N ARG A 695 22.98 14.00 46.54
CA ARG A 695 23.57 15.33 46.66
C ARG A 695 22.51 16.38 46.96
N LYS A 696 21.39 16.34 46.23
CA LYS A 696 20.37 17.37 46.38
C LYS A 696 19.48 17.11 47.60
N SER A 697 19.55 15.90 48.16
CA SER A 697 18.62 15.58 49.25
C SER A 697 19.28 15.81 50.60
N PRO A 698 18.58 16.38 51.58
CA PRO A 698 19.13 16.51 52.94
C PRO A 698 19.08 15.18 53.68
N ILE A 699 20.26 14.65 53.99
CA ILE A 699 20.39 13.34 54.60
C ILE A 699 20.88 13.51 56.03
N ALA A 700 20.28 12.74 56.94
CA ALA A 700 20.67 12.81 58.34
C ALA A 700 22.06 12.21 58.54
N ARG A 701 22.70 12.63 59.63
CA ARG A 701 24.05 12.16 59.94
C ARG A 701 24.09 10.68 60.31
N ASP A 702 22.94 10.07 60.59
CA ASP A 702 22.89 8.67 60.97
C ASP A 702 22.83 7.73 59.77
N VAL A 703 22.79 8.26 58.55
CA VAL A 703 22.74 7.44 57.35
C VAL A 703 24.16 7.11 56.93
N ASP A 704 24.47 5.82 56.88
CA ASP A 704 25.79 5.33 56.48
C ASP A 704 25.66 4.75 55.07
N ILE A 705 26.17 5.49 54.08
CA ILE A 705 26.11 5.01 52.71
C ILE A 705 26.94 3.75 52.54
N ASN A 706 27.99 3.58 53.34
CA ASN A 706 28.78 2.36 53.27
C ASN A 706 27.94 1.15 53.62
N PHE A 707 27.09 1.27 54.64
CA PHE A 707 26.20 0.18 54.99
C PHE A 707 25.21 -0.12 53.86
N LEU A 708 24.65 0.92 53.25
CA LEU A 708 23.71 0.71 52.15
C LEU A 708 24.40 0.03 50.98
N ALA A 709 25.63 0.42 50.68
CA ALA A 709 26.34 -0.15 49.54
C ALA A 709 26.54 -1.65 49.72
N LYS A 710 26.94 -2.08 50.92
CA LYS A 710 27.18 -3.50 51.14
C LYS A 710 25.91 -4.30 51.28
N ALA A 711 24.77 -3.65 51.52
CA ALA A 711 23.49 -4.33 51.53
C ALA A 711 22.88 -4.46 50.14
N THR A 712 23.22 -3.56 49.23
CA THR A 712 22.69 -3.57 47.87
C THR A 712 23.64 -4.29 46.92
N GLN A 713 23.92 -5.55 47.23
CA GLN A 713 24.79 -6.35 46.38
C GLN A 713 24.06 -6.72 45.09
N GLY A 714 24.72 -6.50 43.96
CA GLY A 714 24.12 -6.80 42.68
C GLY A 714 23.12 -5.78 42.21
N PHE A 715 22.94 -4.68 42.94
CA PHE A 715 21.97 -3.67 42.55
C PHE A 715 22.52 -2.78 41.45
N SER A 716 21.73 -2.59 40.40
CA SER A 716 22.12 -1.66 39.36
C SER A 716 21.99 -0.23 39.86
N GLY A 717 22.59 0.70 39.11
CA GLY A 717 22.50 2.10 39.47
C GLY A 717 21.08 2.62 39.53
N ALA A 718 20.21 2.17 38.63
CA ALA A 718 18.82 2.58 38.68
C ALA A 718 18.15 2.07 39.96
N ASP A 719 18.47 0.85 40.38
CA ASP A 719 17.90 0.31 41.60
C ASP A 719 18.28 1.15 42.81
N LEU A 720 19.52 1.60 42.86
CA LEU A 720 19.95 2.46 43.97
C LEU A 720 19.17 3.76 43.97
N THR A 721 18.89 4.31 42.79
CA THR A 721 18.05 5.50 42.71
C THR A 721 16.65 5.22 43.25
N GLU A 722 16.12 4.03 42.98
CA GLU A 722 14.79 3.67 43.48
C GLU A 722 14.78 3.61 45.00
N ILE A 723 15.85 3.13 45.60
CA ILE A 723 15.94 3.12 47.06
C ILE A 723 15.86 4.55 47.60
N CYS A 724 16.58 5.47 46.97
CA CYS A 724 16.55 6.86 47.38
C CYS A 724 15.16 7.46 47.18
N GLN A 725 14.51 7.14 46.06
CA GLN A 725 13.16 7.62 45.81
C GLN A 725 12.20 7.13 46.89
N ARG A 726 12.30 5.85 47.25
CA ARG A 726 11.45 5.21 48.27
C ARG A 726 11.85 5.73 49.63
N ALA A 727 13.10 6.10 49.87
CA ALA A 727 13.51 6.72 51.12
C ALA A 727 12.91 8.11 51.26
N CYS A 728 12.88 8.88 50.17
CA CYS A 728 12.26 10.20 50.21
C CYS A 728 10.75 10.10 50.43
N LYS A 729 10.10 9.15 49.78
CA LYS A 729 8.66 9.01 49.93
C LYS A 729 8.28 8.71 51.38
N GLN A 730 9.10 7.94 52.08
CA GLN A 730 8.86 7.71 53.51
C GLN A 730 8.99 9.01 54.29
N ALA A 731 9.99 9.84 53.95
CA ALA A 731 10.16 11.12 54.63
C ALA A 731 8.98 12.03 54.37
N ILE A 732 8.50 12.08 53.12
CA ILE A 732 7.36 12.92 52.80
C ILE A 732 6.11 12.42 53.53
N ARG A 733 5.95 11.09 53.62
CA ARG A 733 4.80 10.53 54.31
C ARG A 733 4.78 10.96 55.77
N GLU A 734 5.91 10.85 56.46
CA GLU A 734 5.97 11.25 57.86
C GLU A 734 5.83 12.76 58.00
N SER A 735 6.34 13.52 57.03
CA SER A 735 6.19 14.96 57.07
C SER A 735 4.73 15.36 56.99
N ILE A 736 3.97 14.69 56.12
CA ILE A 736 2.54 14.98 56.01
C ILE A 736 1.80 14.54 57.25
N GLU A 737 2.15 13.37 57.78
CA GLU A 737 1.50 12.90 59.01
C GLU A 737 1.81 13.83 60.18
N ALA A 738 3.06 14.29 60.28
CA ALA A 738 3.42 15.22 61.34
C ALA A 738 2.64 16.53 61.21
N GLU A 739 2.47 17.02 59.98
CA GLU A 739 1.74 18.26 59.79
C GLU A 739 0.28 18.12 60.22
N ILE A 740 -0.33 16.97 59.94
CA ILE A 740 -1.72 16.76 60.34
C ILE A 740 -1.86 16.82 61.85
N ARG A 741 -0.94 16.17 62.57
CA ARG A 741 -1.01 16.17 64.03
C ARG A 741 -0.90 17.59 64.58
N ALA A 742 0.01 18.39 64.03
CA ALA A 742 0.17 19.76 64.51
C ALA A 742 -1.11 20.58 64.27
N GLU A 743 -1.69 20.44 63.08
CA GLU A 743 -2.91 21.20 62.77
C GLU A 743 -4.08 20.72 63.62
N SER A 744 -4.18 19.41 63.86
CA SER A 744 -5.29 18.83 64.60
C SER A 744 -5.10 18.89 66.10
N GLU A 745 -3.98 19.39 66.60
CA GLU A 745 -3.74 19.49 68.02
C GLU A 745 -2.90 20.72 68.35
N ASP A 758 10.16 20.89 59.96
CA ASP A 758 10.56 20.93 61.36
C ASP A 758 10.50 19.53 62.00
N PRO A 759 9.32 18.90 62.00
CA PRO A 759 9.24 17.58 62.65
C PRO A 759 10.17 16.55 62.05
N VAL A 760 10.35 16.57 60.72
CA VAL A 760 11.23 15.64 60.03
C VAL A 760 12.03 16.43 59.01
N PRO A 761 13.25 16.88 59.35
CA PRO A 761 13.98 17.78 58.43
C PRO A 761 14.82 17.05 57.39
N GLU A 762 15.20 15.81 57.67
CA GLU A 762 16.12 15.06 56.82
C GLU A 762 15.62 13.64 56.64
N ILE A 763 16.29 12.91 55.75
CA ILE A 763 15.97 11.51 55.48
C ILE A 763 16.82 10.64 56.40
N THR A 764 16.22 10.17 57.49
CA THR A 764 16.94 9.42 58.49
C THR A 764 17.18 7.99 58.03
N ARG A 765 17.96 7.25 58.83
CA ARG A 765 18.26 5.86 58.52
C ARG A 765 17.00 5.01 58.51
N ARG A 766 16.05 5.28 59.42
CA ARG A 766 14.84 4.48 59.49
C ARG A 766 14.10 4.48 58.15
N HIS A 767 14.13 5.60 57.44
CA HIS A 767 13.50 5.65 56.12
C HIS A 767 14.18 4.70 55.15
N PHE A 768 15.52 4.65 55.17
CA PHE A 768 16.24 3.76 54.28
C PHE A 768 15.99 2.30 54.65
N GLU A 769 15.77 2.02 55.93
CA GLU A 769 15.44 0.66 56.33
C GLU A 769 14.12 0.22 55.72
N GLU A 770 13.11 1.11 55.73
CA GLU A 770 11.84 0.78 55.10
C GLU A 770 11.97 0.70 53.59
N ALA A 771 12.80 1.57 53.00
CA ALA A 771 12.99 1.55 51.56
C ALA A 771 13.60 0.24 51.09
N MET A 772 14.55 -0.29 51.85
CA MET A 772 15.26 -1.50 51.45
C MET A 772 14.57 -2.78 51.88
N ARG A 773 13.40 -2.69 52.52
CA ARG A 773 12.72 -3.89 52.97
C ARG A 773 12.29 -4.77 51.80
N PHE A 774 11.68 -4.17 50.78
CA PHE A 774 11.20 -4.89 49.62
C PHE A 774 12.08 -4.71 48.39
N ALA A 775 13.25 -4.10 48.54
CA ALA A 775 14.14 -3.88 47.40
C ALA A 775 14.72 -5.20 46.92
N ARG A 776 14.72 -5.40 45.60
CA ARG A 776 15.35 -6.56 44.99
C ARG A 776 16.13 -6.12 43.76
N ARG A 777 17.21 -6.83 43.48
CA ARG A 777 18.04 -6.51 42.33
C ARG A 777 17.28 -6.74 41.04
N SER A 778 17.46 -5.84 40.07
CA SER A 778 16.79 -5.97 38.78
C SER A 778 17.53 -6.86 37.80
N VAL A 779 18.79 -7.18 38.07
CA VAL A 779 19.60 -8.04 37.21
C VAL A 779 19.99 -9.26 38.02
N THR A 780 19.56 -10.43 37.56
CA THR A 780 19.84 -11.66 38.30
C THR A 780 21.28 -12.10 38.04
N GLU A 781 21.80 -12.92 38.96
CA GLU A 781 23.15 -13.45 38.79
C GLU A 781 23.26 -14.27 37.52
N ASN A 782 22.22 -15.03 37.18
CA ASN A 782 22.21 -15.75 35.93
C ASN A 782 22.31 -14.80 34.74
N ASP A 783 21.59 -13.68 34.80
CA ASP A 783 21.70 -12.67 33.76
C ASP A 783 23.10 -12.06 33.73
N VAL A 784 23.68 -11.83 34.91
CA VAL A 784 25.04 -11.28 34.97
C VAL A 784 26.02 -12.25 34.30
N ARG A 785 25.81 -13.55 34.47
CA ARG A 785 26.66 -14.52 33.80
C ARG A 785 26.55 -14.38 32.29
N LYS A 786 25.33 -14.17 31.79
CA LYS A 786 25.15 -14.03 30.35
C LYS A 786 25.81 -12.76 29.83
N TYR A 787 25.71 -11.66 30.57
CA TYR A 787 26.33 -10.42 30.15
C TYR A 787 27.85 -10.55 30.11
N GLU A 788 28.42 -11.20 31.12
CA GLU A 788 29.87 -11.41 31.13
C GLU A 788 30.30 -12.30 29.97
N MET A 789 29.42 -13.18 29.50
CA MET A 789 29.75 -14.00 28.33
C MET A 789 29.84 -13.14 27.08
N PHE A 790 28.94 -12.16 26.93
CA PHE A 790 28.96 -11.30 25.75
C PHE A 790 30.02 -10.21 25.85
N ALA A 791 30.59 -10.01 27.03
CA ALA A 791 31.76 -9.15 27.13
C ALA A 791 32.97 -9.76 26.45
N GLN A 792 32.89 -11.03 26.08
CA GLN A 792 33.98 -11.74 25.43
C GLN A 792 33.65 -12.17 24.00
N THR A 793 32.40 -12.04 23.55
CA THR A 793 31.98 -12.62 22.28
C THR A 793 31.30 -11.65 21.32
N LEU A 794 31.06 -10.40 21.69
CA LEU A 794 30.50 -9.46 20.73
C LEU A 794 31.47 -9.21 19.58
N GLN A 795 32.75 -9.03 19.89
CA GLN A 795 33.74 -8.84 18.84
C GLN A 795 33.71 -10.00 17.87
N GLN A 796 33.34 -11.19 18.34
CA GLN A 796 33.32 -12.39 17.52
C GLN A 796 31.94 -12.72 16.96
N SER A 797 30.93 -11.90 17.25
CA SER A 797 29.58 -12.11 16.71
C SER A 797 29.36 -11.38 15.41
N ARG A 798 30.23 -11.61 14.43
CA ARG A 798 30.16 -10.90 13.15
C ARG A 798 30.37 -11.82 11.96
N GLY A 799 30.64 -13.10 12.16
CA GLY A 799 30.74 -14.06 11.08
C GLY A 799 29.67 -15.13 11.19
N ILE A 800 30.04 -16.39 10.92
CA ILE A 800 29.06 -17.47 10.96
C ILE A 800 28.53 -17.65 12.39
N GLY A 801 29.44 -17.71 13.36
CA GLY A 801 29.02 -17.89 14.74
C GLY A 801 28.27 -19.19 14.92
N ASN A 802 27.19 -19.13 15.70
CA ASN A 802 26.35 -20.29 15.97
C ASN A 802 25.17 -20.38 15.02
N ASN A 803 25.22 -19.67 13.89
CA ASN A 803 24.17 -19.73 12.89
C ASN A 803 24.21 -21.01 12.07
N PHE A 804 25.35 -21.67 11.99
CA PHE A 804 25.48 -22.93 11.28
C PHE A 804 25.82 -24.07 12.23
N ASN B 232 -35.26 36.91 23.90
CA ASN B 232 -34.93 35.81 23.00
C ASN B 232 -33.45 35.85 22.61
N GLU B 233 -32.85 37.03 22.70
CA GLU B 233 -31.44 37.18 22.38
C GLU B 233 -30.59 36.29 23.28
N ILE B 234 -29.60 35.63 22.68
CA ILE B 234 -28.77 34.69 23.41
C ILE B 234 -27.76 35.45 24.27
N GLY B 235 -27.60 35.02 25.50
CA GLY B 235 -26.62 35.59 26.41
C GLY B 235 -25.86 34.51 27.15
N TYR B 236 -25.02 34.91 28.11
CA TYR B 236 -24.25 33.94 28.86
C TYR B 236 -25.15 33.01 29.67
N ASP B 237 -26.36 33.44 30.00
CA ASP B 237 -27.28 32.60 30.75
C ASP B 237 -27.76 31.41 29.93
N ASP B 238 -27.68 31.50 28.61
CA ASP B 238 -28.14 30.42 27.74
C ASP B 238 -27.07 29.38 27.45
N ILE B 239 -25.88 29.54 28.03
CA ILE B 239 -24.78 28.59 27.87
C ILE B 239 -24.58 27.87 29.19
N GLY B 240 -24.46 26.54 29.12
CA GLY B 240 -24.25 25.71 30.29
C GLY B 240 -23.10 24.76 30.07
N GLY B 241 -22.45 24.39 31.16
CA GLY B 241 -21.33 23.45 31.10
C GLY B 241 -19.97 24.09 31.01
N CYS B 242 -19.83 25.06 30.12
CA CYS B 242 -18.54 25.74 29.91
C CYS B 242 -18.48 27.06 30.68
N ARG B 243 -18.27 26.94 31.99
CA ARG B 243 -18.11 28.11 32.84
C ARG B 243 -16.69 28.64 32.78
N LYS B 244 -15.70 27.75 32.86
CA LYS B 244 -14.31 28.17 32.82
C LYS B 244 -13.98 28.82 31.48
N GLN B 245 -14.49 28.23 30.39
CA GLN B 245 -14.22 28.79 29.06
C GLN B 245 -14.84 30.17 28.92
N LEU B 246 -16.05 30.35 29.44
CA LEU B 246 -16.68 31.66 29.40
C LEU B 246 -15.89 32.67 30.22
N ALA B 247 -15.38 32.25 31.37
CA ALA B 247 -14.54 33.14 32.17
C ALA B 247 -13.28 33.56 31.39
N GLN B 248 -12.66 32.59 30.71
CA GLN B 248 -11.48 32.90 29.90
C GLN B 248 -11.81 33.89 28.81
N ILE B 249 -12.94 33.68 28.12
CA ILE B 249 -13.32 34.56 27.02
C ILE B 249 -13.60 35.96 27.55
N LYS B 250 -14.27 36.06 28.70
CA LYS B 250 -14.50 37.37 29.30
C LYS B 250 -13.19 38.05 29.64
N GLU B 251 -12.24 37.29 30.20
CA GLU B 251 -10.95 37.87 30.55
C GLU B 251 -10.21 38.36 29.32
N MET B 252 -10.33 37.65 28.21
CA MET B 252 -9.59 38.01 27.00
C MET B 252 -10.31 39.02 26.13
N VAL B 253 -11.59 39.28 26.37
CA VAL B 253 -12.39 40.17 25.52
C VAL B 253 -12.90 41.37 26.31
N GLU B 254 -13.73 41.13 27.33
CA GLU B 254 -14.39 42.22 28.03
C GLU B 254 -13.44 42.94 28.99
N LEU B 255 -12.65 42.19 29.75
CA LEU B 255 -11.88 42.78 30.85
C LEU B 255 -10.90 43.84 30.38
N PRO B 256 -10.17 43.68 29.28
CA PRO B 256 -9.27 44.76 28.83
C PRO B 256 -9.99 46.08 28.61
N LEU B 257 -11.22 46.04 28.10
CA LEU B 257 -11.94 47.27 27.81
C LEU B 257 -12.44 47.95 29.08
N ARG B 258 -12.85 47.15 30.07
CA ARG B 258 -13.32 47.72 31.33
C ARG B 258 -12.18 48.40 32.08
N HIS B 259 -11.00 47.78 32.09
CA HIS B 259 -9.85 48.28 32.82
C HIS B 259 -8.61 48.24 31.93
N PRO B 260 -8.53 49.10 30.91
CA PRO B 260 -7.30 49.17 30.12
C PRO B 260 -6.07 49.53 30.93
N GLN B 261 -6.24 50.41 31.92
CA GLN B 261 -5.11 50.78 32.77
C GLN B 261 -4.55 49.57 33.50
N LEU B 262 -5.38 48.56 33.77
CA LEU B 262 -4.91 47.38 34.46
C LEU B 262 -3.85 46.65 33.63
N PHE B 263 -4.07 46.55 32.32
CA PHE B 263 -3.07 45.94 31.45
C PHE B 263 -1.91 46.89 31.21
N LYS B 264 -2.17 48.19 31.11
CA LYS B 264 -1.09 49.13 30.87
C LYS B 264 -0.08 49.12 32.02
N ALA B 265 -0.57 49.01 33.26
CA ALA B 265 0.32 49.07 34.41
C ALA B 265 1.32 47.92 34.42
N ILE B 266 0.85 46.70 34.10
CA ILE B 266 1.71 45.52 34.18
C ILE B 266 2.46 45.26 32.88
N GLY B 267 2.18 46.01 31.83
CA GLY B 267 2.91 45.85 30.58
C GLY B 267 2.67 44.56 29.83
N VAL B 268 1.42 44.11 29.78
CA VAL B 268 1.02 42.93 29.01
C VAL B 268 -0.02 43.36 28.00
N LYS B 269 0.21 43.01 26.74
CA LYS B 269 -0.72 43.35 25.66
C LYS B 269 -1.71 42.21 25.49
N PRO B 270 -3.02 42.47 25.59
CA PRO B 270 -3.99 41.36 25.53
C PRO B 270 -3.91 40.62 24.21
N PRO B 271 -4.40 39.38 24.17
CA PRO B 271 -4.34 38.61 22.92
C PRO B 271 -5.33 39.10 21.89
N ARG B 272 -5.08 38.73 20.64
CA ARG B 272 -5.90 39.15 19.51
C ARG B 272 -6.44 38.00 18.69
N GLY B 273 -6.08 36.76 19.00
CA GLY B 273 -6.58 35.61 18.26
C GLY B 273 -7.05 34.50 19.17
N ILE B 274 -8.33 34.14 19.08
CA ILE B 274 -8.93 33.10 19.89
C ILE B 274 -9.57 32.08 18.96
N LEU B 275 -9.26 30.81 19.17
CA LEU B 275 -9.84 29.71 18.42
C LEU B 275 -10.63 28.82 19.36
N LEU B 276 -11.94 28.78 19.19
CA LEU B 276 -12.78 27.85 19.93
C LEU B 276 -12.88 26.55 19.14
N TYR B 277 -12.56 25.43 19.78
CA TYR B 277 -12.61 24.14 19.13
C TYR B 277 -13.28 23.13 20.04
N GLY B 278 -13.86 22.10 19.42
CA GLY B 278 -14.55 21.07 20.15
C GLY B 278 -15.42 20.26 19.21
N PRO B 279 -15.94 19.13 19.68
CA PRO B 279 -16.78 18.30 18.83
C PRO B 279 -18.05 19.02 18.45
N PRO B 280 -18.75 18.57 17.40
CA PRO B 280 -19.95 19.28 16.96
C PRO B 280 -21.00 19.37 18.06
N GLY B 281 -21.69 20.51 18.11
CA GLY B 281 -22.83 20.68 18.97
C GLY B 281 -22.52 21.12 20.39
N THR B 282 -21.28 21.47 20.70
CA THR B 282 -20.89 21.78 22.06
C THR B 282 -21.21 23.22 22.47
N GLY B 283 -21.62 24.06 21.52
CA GLY B 283 -22.12 25.37 21.87
C GLY B 283 -21.12 26.49 21.63
N LYS B 284 -20.31 26.39 20.58
CA LYS B 284 -19.33 27.43 20.29
C LYS B 284 -19.93 28.54 19.44
N THR B 285 -20.82 28.21 18.50
CA THR B 285 -21.60 29.25 17.84
C THR B 285 -22.49 29.98 18.85
N LEU B 286 -23.01 29.23 19.83
CA LEU B 286 -23.77 29.86 20.90
C LEU B 286 -22.91 30.83 21.70
N VAL B 287 -21.65 30.44 21.96
CA VAL B 287 -20.74 31.34 22.66
C VAL B 287 -20.48 32.59 21.83
N ALA B 288 -20.33 32.41 20.52
CA ALA B 288 -20.13 33.57 19.65
C ALA B 288 -21.32 34.51 19.71
N ARG B 289 -22.54 33.96 19.66
CA ARG B 289 -23.73 34.81 19.76
C ARG B 289 -23.78 35.52 21.10
N ALA B 290 -23.43 34.81 22.18
CA ALA B 290 -23.43 35.42 23.50
C ALA B 290 -22.45 36.58 23.58
N VAL B 291 -21.24 36.39 23.05
CA VAL B 291 -20.26 37.47 23.07
C VAL B 291 -20.72 38.63 22.20
N ALA B 292 -21.37 38.33 21.07
CA ALA B 292 -21.89 39.38 20.21
C ALA B 292 -22.92 40.22 20.93
N ASN B 293 -23.80 39.57 21.70
CA ASN B 293 -24.89 40.28 22.36
C ASN B 293 -24.49 40.83 23.74
N GLU B 294 -23.32 40.48 24.25
CA GLU B 294 -22.92 40.85 25.60
C GLU B 294 -21.64 41.67 25.68
N SER B 295 -20.76 41.57 24.70
CA SER B 295 -19.45 42.20 24.81
C SER B 295 -19.56 43.71 24.88
N GLY B 296 -20.46 44.29 24.09
CA GLY B 296 -20.54 45.73 23.98
C GLY B 296 -19.60 46.33 22.97
N SER B 297 -18.88 45.50 22.20
CA SER B 297 -18.00 45.96 21.15
C SER B 297 -18.57 45.54 19.80
N PHE B 298 -18.18 46.27 18.76
CA PHE B 298 -18.66 45.97 17.42
C PHE B 298 -18.34 44.52 17.06
N PHE B 299 -19.37 43.79 16.69
CA PHE B 299 -19.25 42.36 16.36
C PHE B 299 -19.54 42.18 14.88
N PHE B 300 -18.61 41.52 14.18
CA PHE B 300 -18.81 41.15 12.79
C PHE B 300 -18.71 39.63 12.69
N LEU B 301 -19.68 39.01 12.02
CA LEU B 301 -19.74 37.57 11.89
C LEU B 301 -19.39 37.16 10.47
N ILE B 302 -18.44 36.23 10.34
CA ILE B 302 -18.08 35.66 9.05
C ILE B 302 -18.40 34.17 9.12
N ASN B 303 -19.27 33.71 8.22
CA ASN B 303 -19.60 32.30 8.10
C ASN B 303 -18.80 31.70 6.97
N GLY B 304 -18.04 30.65 7.26
CA GLY B 304 -17.17 30.06 6.28
C GLY B 304 -17.92 29.57 5.06
N PRO B 305 -19.00 28.83 5.27
CA PRO B 305 -19.84 28.43 4.14
C PRO B 305 -20.38 29.61 3.35
N GLU B 306 -20.74 30.71 4.02
CA GLU B 306 -21.24 31.88 3.32
C GLU B 306 -20.16 32.49 2.43
N ILE B 307 -18.94 32.59 2.95
CA ILE B 307 -17.83 33.13 2.16
C ILE B 307 -17.55 32.23 0.97
N MET B 308 -17.50 30.91 1.21
CA MET B 308 -17.13 29.98 0.16
C MET B 308 -18.25 29.75 -0.85
N SER B 309 -19.48 30.16 -0.53
CA SER B 309 -20.57 30.06 -1.49
C SER B 309 -20.49 31.15 -2.55
N LYS B 310 -19.75 32.22 -2.29
CA LYS B 310 -19.64 33.32 -3.23
C LYS B 310 -18.50 33.06 -4.21
N LEU B 311 -18.53 33.79 -5.33
CA LEU B 311 -17.45 33.71 -6.29
C LEU B 311 -16.14 34.18 -5.66
N ALA B 312 -15.03 33.92 -6.35
CA ALA B 312 -13.72 34.14 -5.76
C ALA B 312 -13.54 35.61 -5.35
N GLY B 313 -13.76 36.53 -6.29
CA GLY B 313 -13.60 37.93 -5.96
C GLY B 313 -14.56 38.39 -4.89
N GLU B 314 -15.79 37.88 -4.92
CA GLU B 314 -16.77 38.25 -3.91
C GLU B 314 -16.34 37.79 -2.52
N SER B 315 -15.82 36.56 -2.42
CA SER B 315 -15.34 36.07 -1.13
C SER B 315 -14.17 36.88 -0.63
N GLU B 316 -13.20 37.18 -1.51
CA GLU B 316 -12.06 37.98 -1.11
C GLU B 316 -12.51 39.35 -0.62
N SER B 317 -13.43 39.98 -1.35
CA SER B 317 -13.91 41.30 -0.97
C SER B 317 -14.66 41.23 0.36
N ASN B 318 -15.42 40.16 0.59
CA ASN B 318 -16.14 40.05 1.85
C ASN B 318 -15.19 39.93 3.03
N LEU B 319 -14.14 39.13 2.90
CA LEU B 319 -13.15 39.04 3.97
C LEU B 319 -12.48 40.39 4.21
N ARG B 320 -12.05 41.05 3.14
CA ARG B 320 -11.37 42.32 3.28
C ARG B 320 -12.27 43.36 3.92
N LYS B 321 -13.54 43.40 3.51
CA LYS B 321 -14.48 44.34 4.09
C LYS B 321 -14.74 44.03 5.56
N ALA B 322 -14.82 42.75 5.90
CA ALA B 322 -14.97 42.38 7.31
C ALA B 322 -13.86 42.99 8.14
N PHE B 323 -12.62 42.75 7.73
CA PHE B 323 -11.50 43.28 8.52
C PHE B 323 -11.46 44.80 8.50
N GLU B 324 -11.79 45.42 7.37
CA GLU B 324 -11.76 46.87 7.28
C GLU B 324 -12.80 47.50 8.20
N GLU B 325 -14.03 46.99 8.18
CA GLU B 325 -15.07 47.51 9.07
C GLU B 325 -14.71 47.28 10.52
N ALA B 326 -14.12 46.12 10.84
CA ALA B 326 -13.71 45.86 12.22
C ALA B 326 -12.68 46.88 12.67
N GLU B 327 -11.70 47.19 11.81
CA GLU B 327 -10.70 48.18 12.17
C GLU B 327 -11.31 49.57 12.27
N LYS B 328 -12.34 49.84 11.48
CA LYS B 328 -12.94 51.17 11.47
C LYS B 328 -13.74 51.45 12.74
N ASN B 329 -14.29 50.41 13.36
CA ASN B 329 -15.19 50.55 14.51
C ASN B 329 -14.58 49.90 15.75
N ALA B 330 -13.28 50.04 15.94
CA ALA B 330 -12.65 49.46 17.11
C ALA B 330 -13.18 50.12 18.38
N PRO B 331 -13.34 49.38 19.49
CA PRO B 331 -13.03 47.95 19.70
C PRO B 331 -13.98 47.04 18.93
N ALA B 332 -13.48 45.94 18.37
CA ALA B 332 -14.27 45.10 17.50
C ALA B 332 -13.87 43.64 17.70
N ILE B 333 -14.81 42.74 17.39
CA ILE B 333 -14.57 41.31 17.39
C ILE B 333 -15.00 40.77 16.04
N ILE B 334 -14.10 40.07 15.36
CA ILE B 334 -14.40 39.36 14.13
C ILE B 334 -14.50 37.89 14.48
N PHE B 335 -15.67 37.28 14.28
CA PHE B 335 -15.85 35.86 14.51
C PHE B 335 -15.96 35.15 13.16
N ILE B 336 -15.10 34.15 12.96
CA ILE B 336 -15.11 33.34 11.76
C ILE B 336 -15.63 31.95 12.10
N ASP B 337 -16.94 31.77 11.93
CA ASP B 337 -17.56 30.48 12.22
C ASP B 337 -17.19 29.49 11.12
N GLU B 338 -16.83 28.27 11.52
CA GLU B 338 -16.36 27.24 10.59
C GLU B 338 -15.13 27.71 9.83
N LEU B 339 -14.06 27.99 10.59
CA LEU B 339 -12.81 28.43 9.98
C LEU B 339 -12.21 27.36 9.10
N ASP B 340 -12.47 26.09 9.40
CA ASP B 340 -11.92 25.01 8.58
C ASP B 340 -12.48 25.04 7.17
N ALA B 341 -13.69 25.60 6.99
CA ALA B 341 -14.24 25.74 5.64
C ALA B 341 -13.49 26.79 4.84
N ILE B 342 -13.02 27.84 5.52
CA ILE B 342 -12.28 28.90 4.83
C ILE B 342 -10.81 28.51 4.66
N ALA B 343 -10.22 27.91 5.69
CA ALA B 343 -8.78 27.71 5.77
C ALA B 343 -8.43 26.25 5.99
N PRO B 344 -8.58 25.42 4.97
CA PRO B 344 -8.04 24.06 5.03
C PRO B 344 -6.53 24.07 4.79
N LYS B 345 -5.91 22.93 5.06
CA LYS B 345 -4.48 22.80 4.84
C LYS B 345 -4.14 23.04 3.37
N ARG B 346 -3.27 24.02 3.12
CA ARG B 346 -2.97 24.41 1.75
C ARG B 346 -2.34 23.27 0.97
N GLU B 347 -1.45 22.51 1.62
CA GLU B 347 -0.82 21.37 0.96
C GLU B 347 -1.88 20.38 0.47
N LYS B 348 -2.95 20.21 1.24
CA LYS B 348 -4.00 19.26 0.91
C LYS B 348 -5.18 19.90 0.19
N THR B 349 -5.09 21.18 -0.15
CA THR B 349 -6.16 21.86 -0.86
C THR B 349 -5.89 21.81 -2.36
N HIS B 350 -6.93 21.47 -3.12
CA HIS B 350 -6.79 21.23 -4.56
C HIS B 350 -6.99 22.50 -5.38
N GLY B 351 -8.04 23.26 -5.10
CA GLY B 351 -8.32 24.44 -5.89
C GLY B 351 -7.37 25.58 -5.57
N GLU B 352 -7.25 26.51 -6.53
CA GLU B 352 -6.39 27.67 -6.35
C GLU B 352 -7.11 28.80 -5.62
N VAL B 353 -8.41 28.95 -5.83
CA VAL B 353 -9.17 30.00 -5.14
C VAL B 353 -9.17 29.75 -3.64
N GLU B 354 -9.28 28.49 -3.23
CA GLU B 354 -9.21 28.17 -1.80
C GLU B 354 -7.88 28.63 -1.21
N ARG B 355 -6.78 28.30 -1.89
CA ARG B 355 -5.47 28.70 -1.40
C ARG B 355 -5.34 30.21 -1.34
N ARG B 356 -5.91 30.90 -2.34
CA ARG B 356 -5.87 32.36 -2.33
C ARG B 356 -6.63 32.91 -1.13
N ILE B 357 -7.78 32.31 -0.80
CA ILE B 357 -8.56 32.77 0.34
C ILE B 357 -7.78 32.55 1.63
N VAL B 358 -7.13 31.40 1.76
CA VAL B 358 -6.34 31.12 2.96
C VAL B 358 -5.20 32.14 3.09
N SER B 359 -4.52 32.42 1.98
CA SER B 359 -3.42 33.38 2.01
C SER B 359 -3.93 34.76 2.37
N GLN B 360 -5.09 35.15 1.84
CA GLN B 360 -5.66 36.45 2.18
C GLN B 360 -5.99 36.53 3.65
N LEU B 361 -6.53 35.44 4.22
CA LEU B 361 -6.83 35.43 5.64
C LEU B 361 -5.56 35.59 6.46
N LEU B 362 -4.49 34.89 6.08
CA LEU B 362 -3.22 35.05 6.79
C LEU B 362 -2.72 36.50 6.70
N THR B 363 -2.79 37.09 5.52
CA THR B 363 -2.33 38.46 5.34
C THR B 363 -3.13 39.41 6.21
N LEU B 364 -4.45 39.24 6.25
CA LEU B 364 -5.29 40.11 7.05
C LEU B 364 -5.00 39.93 8.54
N MET B 365 -4.78 38.70 8.97
CA MET B 365 -4.44 38.45 10.37
C MET B 365 -3.13 39.15 10.73
N ASP B 366 -2.14 39.07 9.85
CA ASP B 366 -0.87 39.72 10.11
C ASP B 366 -0.95 41.24 9.99
N GLY B 367 -1.99 41.75 9.32
CA GLY B 367 -2.14 43.18 9.15
C GLY B 367 -2.78 43.90 10.32
N LEU B 368 -3.21 43.17 11.34
CA LEU B 368 -3.84 43.78 12.50
C LEU B 368 -2.76 44.36 13.41
N LYS B 369 -2.77 45.67 13.56
CA LYS B 369 -1.77 46.35 14.37
C LYS B 369 -2.07 46.18 15.85
N GLN B 370 -1.01 46.31 16.67
CA GLN B 370 -1.19 46.21 18.12
C GLN B 370 -2.12 47.31 18.63
N ARG B 371 -1.98 48.52 18.07
CA ARG B 371 -2.84 49.62 18.51
C ARG B 371 -4.31 49.30 18.26
N SER B 372 -4.61 48.73 17.09
CA SER B 372 -6.00 48.38 16.78
C SER B 372 -6.54 47.40 17.79
N HIS B 373 -7.73 47.69 18.30
CA HIS B 373 -8.37 46.84 19.30
C HIS B 373 -9.37 45.89 18.62
N VAL B 374 -8.83 44.99 17.82
CA VAL B 374 -9.60 44.01 17.08
C VAL B 374 -9.21 42.63 17.58
N ILE B 375 -10.17 41.89 18.10
CA ILE B 375 -9.97 40.52 18.54
C ILE B 375 -10.63 39.62 17.50
N VAL B 376 -9.85 38.75 16.88
CA VAL B 376 -10.37 37.82 15.90
C VAL B 376 -10.66 36.49 16.59
N MET B 377 -11.91 36.05 16.51
CA MET B 377 -12.34 34.77 17.06
C MET B 377 -12.68 33.82 15.91
N ALA B 378 -12.44 32.54 16.15
CA ALA B 378 -12.76 31.51 15.16
C ALA B 378 -13.27 30.27 15.88
N ALA B 379 -14.10 29.50 15.18
CA ALA B 379 -14.69 28.28 15.72
C ALA B 379 -14.58 27.17 14.70
N THR B 380 -14.13 26.00 15.14
CA THR B 380 -14.02 24.83 14.28
C THR B 380 -14.28 23.57 15.09
N ASN B 381 -14.91 22.59 14.46
CA ASN B 381 -14.97 21.24 15.01
C ASN B 381 -13.91 20.33 14.41
N ARG B 382 -13.04 20.85 13.54
CA ARG B 382 -11.92 20.10 12.96
C ARG B 382 -10.66 20.96 13.07
N PRO B 383 -10.16 21.17 14.29
CA PRO B 383 -8.98 22.04 14.44
C PRO B 383 -7.77 21.55 13.67
N ASN B 384 -7.58 20.24 13.57
CA ASN B 384 -6.42 19.70 12.85
C ASN B 384 -6.54 19.90 11.34
N SER B 385 -7.74 20.20 10.84
CA SER B 385 -7.92 20.47 9.43
C SER B 385 -7.61 21.92 9.07
N VAL B 386 -7.42 22.78 10.06
CA VAL B 386 -7.08 24.18 9.80
C VAL B 386 -5.62 24.27 9.38
N ASP B 387 -5.31 25.27 8.57
CA ASP B 387 -3.96 25.51 8.12
C ASP B 387 -3.06 25.77 9.33
N PRO B 388 -1.94 25.05 9.48
CA PRO B 388 -1.09 25.28 10.66
C PRO B 388 -0.60 26.70 10.78
N ALA B 389 -0.43 27.40 9.66
CA ALA B 389 0.03 28.79 9.72
C ALA B 389 -0.93 29.68 10.49
N LEU B 390 -2.21 29.33 10.54
CA LEU B 390 -3.19 30.16 11.24
C LEU B 390 -3.16 29.94 12.75
N ARG B 391 -2.52 28.88 13.22
CA ARG B 391 -2.41 28.59 14.65
C ARG B 391 -1.06 29.00 15.21
N ARG B 392 -0.48 30.09 14.72
CA ARG B 392 0.83 30.56 15.13
C ARG B 392 0.72 31.78 16.03
N PHE B 393 1.86 32.21 16.56
CA PHE B 393 1.95 33.41 17.36
C PHE B 393 1.57 34.63 16.51
N GLY B 394 0.80 35.54 17.09
CA GLY B 394 0.25 36.65 16.35
C GLY B 394 -0.97 36.29 15.53
N ARG B 395 -1.36 35.03 15.53
CA ARG B 395 -2.53 34.52 14.84
C ARG B 395 -3.38 33.77 15.87
N PHE B 396 -4.25 32.84 15.48
CA PHE B 396 -5.10 32.17 16.46
C PHE B 396 -4.18 31.36 17.37
N ASP B 397 -3.52 32.08 18.28
CA ASP B 397 -2.51 31.52 19.16
C ASP B 397 -3.06 31.09 20.51
N ARG B 398 -4.32 31.43 20.81
CA ARG B 398 -4.98 30.99 22.03
C ARG B 398 -6.15 30.13 21.64
N GLU B 399 -6.15 28.87 22.11
CA GLU B 399 -7.20 27.91 21.80
C GLU B 399 -7.97 27.57 23.06
N ILE B 400 -9.30 27.62 22.98
CA ILE B 400 -10.18 27.28 24.07
C ILE B 400 -11.08 26.13 23.61
N GLU B 401 -11.11 25.06 24.40
CA GLU B 401 -11.87 23.86 24.04
C GLU B 401 -13.27 23.95 24.65
N ILE B 402 -14.28 24.07 23.78
CA ILE B 402 -15.67 23.93 24.20
C ILE B 402 -16.03 22.47 23.97
N GLY B 403 -15.80 21.64 24.98
CA GLY B 403 -15.84 20.20 24.83
C GLY B 403 -17.12 19.59 25.35
N ILE B 404 -17.07 18.26 25.51
CA ILE B 404 -18.22 17.46 25.94
C ILE B 404 -18.56 17.82 27.37
N PRO B 405 -19.79 18.22 27.68
CA PRO B 405 -20.13 18.53 29.06
C PRO B 405 -20.19 17.28 29.94
N ASP B 406 -19.91 17.48 31.22
CA ASP B 406 -20.05 16.42 32.20
C ASP B 406 -21.46 16.44 32.78
N SER B 407 -21.69 15.62 33.82
CA SER B 407 -23.03 15.48 34.38
C SER B 407 -23.56 16.81 34.88
N ILE B 408 -22.72 17.59 35.55
CA ILE B 408 -23.16 18.91 36.04
C ILE B 408 -23.47 19.82 34.86
N GLY B 409 -22.60 19.84 33.86
CA GLY B 409 -22.87 20.64 32.68
C GLY B 409 -24.09 20.18 31.92
N ARG B 410 -24.30 18.86 31.85
CA ARG B 410 -25.49 18.34 31.21
C ARG B 410 -26.75 18.78 31.96
N LEU B 411 -26.69 18.79 33.29
CA LEU B 411 -27.83 19.28 34.06
C LEU B 411 -28.07 20.75 33.79
N GLU B 412 -27.00 21.54 33.71
CA GLU B 412 -27.16 22.96 33.41
C GLU B 412 -27.83 23.16 32.05
N ILE B 413 -27.39 22.41 31.05
CA ILE B 413 -27.96 22.55 29.71
C ILE B 413 -29.42 22.13 29.72
N LEU B 414 -29.74 21.03 30.40
CA LEU B 414 -31.12 20.57 30.45
C LEU B 414 -32.00 21.60 31.15
N ARG B 415 -31.51 22.21 32.22
CA ARG B 415 -32.27 23.26 32.89
C ARG B 415 -32.48 24.45 31.95
N ILE B 416 -31.45 24.81 31.18
CA ILE B 416 -31.59 25.92 30.25
C ILE B 416 -32.67 25.62 29.22
N HIS B 417 -32.69 24.38 28.71
CA HIS B 417 -33.60 24.03 27.63
C HIS B 417 -34.98 23.59 28.12
N THR B 418 -35.18 23.50 29.43
CA THR B 418 -36.48 23.19 30.00
C THR B 418 -37.15 24.41 30.63
N ARG B 419 -36.62 25.60 30.40
CA ARG B 419 -37.23 26.80 30.96
C ARG B 419 -38.62 27.03 30.39
N ASN B 420 -38.82 26.77 29.11
CA ASN B 420 -40.08 27.02 28.44
C ASN B 420 -40.87 25.74 28.16
N ILE B 421 -40.49 24.62 28.76
CA ILE B 421 -41.18 23.35 28.60
C ILE B 421 -41.85 23.00 29.92
N ARG B 422 -43.14 22.72 29.89
CA ARG B 422 -43.86 22.32 31.09
C ARG B 422 -43.40 20.94 31.52
N LEU B 423 -43.04 20.81 32.81
CA LEU B 423 -42.51 19.57 33.36
C LEU B 423 -43.42 19.06 34.46
N ALA B 424 -43.64 17.75 34.49
CA ALA B 424 -44.38 17.15 35.58
C ALA B 424 -43.56 17.19 36.86
N GLU B 425 -44.26 17.08 37.99
CA GLU B 425 -43.59 17.16 39.29
C GLU B 425 -42.62 16.02 39.52
N ASP B 426 -42.73 14.93 38.78
CA ASP B 426 -41.86 13.78 38.96
C ASP B 426 -40.61 13.84 38.10
N VAL B 427 -40.41 14.93 37.36
CA VAL B 427 -39.23 15.06 36.50
C VAL B 427 -38.03 15.42 37.36
N GLU B 428 -37.02 14.57 37.36
CA GLU B 428 -35.76 14.81 38.04
C GLU B 428 -34.68 14.92 36.99
N LEU B 429 -34.35 16.14 36.58
CA LEU B 429 -33.39 16.34 35.51
C LEU B 429 -32.00 15.84 35.90
N GLU B 430 -31.73 15.71 37.20
CA GLU B 430 -30.43 15.21 37.63
C GLU B 430 -30.20 13.79 37.12
N LYS B 431 -31.22 12.94 37.21
CA LYS B 431 -31.08 11.57 36.74
C LYS B 431 -30.88 11.52 35.23
N ILE B 432 -31.61 12.35 34.49
CA ILE B 432 -31.44 12.40 33.05
C ILE B 432 -30.02 12.83 32.70
N ALA B 433 -29.51 13.87 33.38
CA ALA B 433 -28.16 14.34 33.13
C ALA B 433 -27.14 13.25 33.44
N ASN B 434 -27.33 12.52 34.53
CA ASN B 434 -26.42 11.44 34.87
C ASN B 434 -26.46 10.32 33.84
N GLU B 435 -27.64 10.04 33.28
CA GLU B 435 -27.80 8.94 32.34
C GLU B 435 -27.45 9.33 30.90
N ALA B 436 -27.26 10.61 30.61
CA ALA B 436 -27.07 11.06 29.23
C ALA B 436 -25.58 11.15 28.89
N HIS B 437 -24.93 10.01 28.89
CA HIS B 437 -23.51 9.96 28.54
C HIS B 437 -23.32 10.26 27.06
N GLY B 438 -22.27 11.01 26.75
CA GLY B 438 -21.97 11.33 25.37
C GLY B 438 -22.90 12.34 24.75
N HIS B 439 -23.63 13.11 25.54
CA HIS B 439 -24.60 14.07 25.05
C HIS B 439 -23.98 15.46 25.10
N VAL B 440 -23.80 16.07 23.93
CA VAL B 440 -23.44 17.47 23.83
C VAL B 440 -24.72 18.29 23.96
N GLY B 441 -24.59 19.61 24.11
CA GLY B 441 -25.77 20.44 24.32
C GLY B 441 -26.82 20.27 23.24
N ALA B 442 -26.39 20.11 21.99
CA ALA B 442 -27.36 19.92 20.91
C ALA B 442 -28.16 18.65 21.11
N ASP B 443 -27.50 17.56 21.51
CA ASP B 443 -28.21 16.33 21.77
C ASP B 443 -29.19 16.48 22.92
N LEU B 444 -28.86 17.29 23.93
CA LEU B 444 -29.78 17.49 25.04
C LEU B 444 -30.98 18.33 24.62
N ALA B 445 -30.76 19.34 23.78
CA ALA B 445 -31.90 20.08 23.24
C ALA B 445 -32.81 19.17 22.44
N SER B 446 -32.23 18.31 21.60
CA SER B 446 -33.02 17.35 20.85
C SER B 446 -33.74 16.40 21.79
N LEU B 447 -33.10 16.02 22.89
CA LEU B 447 -33.72 15.13 23.87
C LEU B 447 -34.95 15.78 24.48
N CYS B 448 -34.85 17.04 24.86
CA CYS B 448 -36.01 17.75 25.42
C CYS B 448 -37.13 17.85 24.39
N SER B 449 -36.78 18.21 23.16
CA SER B 449 -37.79 18.31 22.11
C SER B 449 -38.49 16.96 21.89
N GLU B 450 -37.72 15.88 21.86
CA GLU B 450 -38.29 14.57 21.62
C GLU B 450 -39.15 14.11 22.79
N ALA B 451 -38.75 14.44 24.02
CA ALA B 451 -39.59 14.11 25.18
C ALA B 451 -40.92 14.83 25.08
N ALA B 452 -40.91 16.10 24.69
CA ALA B 452 -42.15 16.84 24.56
C ALA B 452 -43.02 16.26 23.43
N LEU B 453 -42.38 15.89 22.31
CA LEU B 453 -43.12 15.21 21.25
C LEU B 453 -43.73 13.91 21.74
N GLN B 454 -43.01 13.17 22.58
CA GLN B 454 -43.55 11.93 23.12
C GLN B 454 -44.76 12.19 24.00
N GLN B 455 -44.72 13.26 24.79
CA GLN B 455 -45.87 13.63 25.61
C GLN B 455 -47.07 13.95 24.73
N ILE B 456 -46.86 14.76 23.69
CA ILE B 456 -47.95 15.09 22.77
C ILE B 456 -48.49 13.83 22.11
N ARG B 457 -47.60 12.93 21.72
CA ARG B 457 -47.99 11.71 21.04
C ARG B 457 -48.83 10.83 21.95
N ASN B 458 -48.41 10.66 23.20
CA ASN B 458 -49.18 9.87 24.15
C ASN B 458 -50.56 10.47 24.37
N LYS B 459 -50.63 11.80 24.52
CA LYS B 459 -51.92 12.44 24.75
C LYS B 459 -52.83 12.29 23.53
N MET B 460 -52.28 12.42 22.32
CA MET B 460 -53.10 12.36 21.12
C MET B 460 -53.57 10.95 20.82
N ASN B 461 -52.72 9.95 21.08
CA ASN B 461 -53.11 8.57 20.79
C ASN B 461 -54.42 8.22 21.49
N LEU B 462 -54.59 8.71 22.72
CA LEU B 462 -55.87 8.53 23.40
C LEU B 462 -56.98 9.29 22.69
N ILE B 463 -56.70 10.52 22.26
CA ILE B 463 -57.67 11.33 21.53
C ILE B 463 -57.51 11.08 20.04
N ILE B 470 -58.62 20.81 19.77
CA ILE B 470 -58.39 19.90 20.87
C ILE B 470 -58.94 20.50 22.15
N ASP B 471 -59.48 19.65 23.02
CA ASP B 471 -60.07 20.13 24.26
C ASP B 471 -59.03 20.85 25.11
N ALA B 472 -59.46 21.96 25.72
CA ALA B 472 -58.53 22.76 26.53
C ALA B 472 -57.99 21.96 27.71
N GLU B 473 -58.75 21.00 28.22
CA GLU B 473 -58.25 20.18 29.32
C GLU B 473 -57.04 19.37 28.89
N VAL B 474 -57.08 18.82 27.67
CA VAL B 474 -55.93 18.08 27.16
C VAL B 474 -54.73 19.00 26.99
N LEU B 475 -54.96 20.21 26.46
CA LEU B 475 -53.87 21.15 26.27
C LEU B 475 -53.23 21.52 27.60
N ASN B 476 -54.04 21.73 28.63
CA ASN B 476 -53.52 22.09 29.95
C ASN B 476 -53.00 20.90 30.73
N SER B 477 -53.26 19.68 30.27
CA SER B 477 -52.72 18.47 30.88
C SER B 477 -51.40 18.05 30.26
N LEU B 478 -50.87 18.81 29.31
CA LEU B 478 -49.62 18.47 28.63
C LEU B 478 -48.46 18.90 29.52
N ALA B 479 -47.84 17.93 30.18
CA ALA B 479 -46.65 18.16 30.99
C ALA B 479 -45.70 16.98 30.78
N VAL B 480 -44.45 17.29 30.43
CA VAL B 480 -43.49 16.23 30.14
C VAL B 480 -43.20 15.47 31.42
N THR B 481 -43.34 14.15 31.37
CA THR B 481 -43.12 13.28 32.51
C THR B 481 -41.77 12.57 32.39
N MET B 482 -41.31 12.03 33.52
CA MET B 482 -40.03 11.34 33.52
C MET B 482 -40.04 10.16 32.56
N ASP B 483 -41.21 9.55 32.33
CA ASP B 483 -41.30 8.47 31.37
C ASP B 483 -40.97 8.96 29.96
N ASP B 484 -41.46 10.15 29.60
CA ASP B 484 -41.15 10.71 28.29
C ASP B 484 -39.65 10.98 28.15
N PHE B 485 -39.04 11.52 29.20
CA PHE B 485 -37.61 11.79 29.14
C PHE B 485 -36.81 10.50 29.00
N ARG B 486 -37.21 9.45 29.73
CA ARG B 486 -36.49 8.19 29.64
C ARG B 486 -36.69 7.54 28.27
N TRP B 487 -37.89 7.65 27.71
CA TRP B 487 -38.12 7.16 26.35
C TRP B 487 -37.23 7.88 25.35
N ALA B 488 -37.18 9.21 25.45
CA ALA B 488 -36.35 9.99 24.54
C ALA B 488 -34.88 9.62 24.70
N LEU B 489 -34.44 9.44 25.94
CA LEU B 489 -33.05 9.07 26.18
C LEU B 489 -32.73 7.71 25.60
N GLY B 490 -33.66 6.76 25.72
CA GLY B 490 -33.46 5.45 25.12
C GLY B 490 -33.39 5.51 23.62
N LYS B 491 -34.22 6.34 23.00
CA LYS B 491 -34.23 6.46 21.54
C LYS B 491 -33.16 7.39 21.01
N SER B 492 -32.49 8.15 21.86
CA SER B 492 -31.48 9.10 21.39
C SER B 492 -30.19 8.39 21.02
N ASN B 493 -29.54 8.88 19.97
CA ASN B 493 -28.26 8.35 19.48
C ASN B 493 -27.26 9.49 19.47
N PRO B 494 -26.63 9.78 20.60
CA PRO B 494 -25.73 10.94 20.67
C PRO B 494 -24.55 10.81 19.73
N SER B 495 -24.06 11.95 19.27
CA SER B 495 -22.98 11.98 18.29
C SER B 495 -21.60 11.88 18.92
N ALA B 496 -21.50 12.02 20.24
CA ALA B 496 -20.21 12.04 20.93
C ALA B 496 -19.94 10.78 21.73
N LEU B 497 -20.58 9.67 21.38
CA LEU B 497 -20.35 8.43 22.11
C LEU B 497 -18.90 7.98 21.98
N ARG B 498 -18.33 8.09 20.78
CA ARG B 498 -17.00 7.60 20.52
C ARG B 498 -15.91 8.60 20.83
N GLU B 499 -16.28 9.81 21.26
CA GLU B 499 -15.27 10.78 21.69
C GLU B 499 -14.69 10.38 23.03
N THR B 500 -13.39 10.59 23.19
CA THR B 500 -12.73 10.29 24.45
C THR B 500 -13.27 11.21 25.55
N THR B 501 -13.51 10.63 26.72
CA THR B 501 -14.01 11.39 27.87
C THR B 501 -12.85 11.77 28.78
N VAL B 502 -12.92 12.99 29.33
CA VAL B 502 -11.86 13.53 30.16
C VAL B 502 -12.44 13.99 31.49
N GLU B 503 -13.50 13.35 31.95
CA GLU B 503 -14.20 13.76 33.16
C GLU B 503 -13.66 13.01 34.38
N VAL B 504 -13.98 13.56 35.55
CA VAL B 504 -13.62 12.90 36.81
C VAL B 504 -14.53 11.68 37.00
N PRO B 505 -13.98 10.50 37.29
CA PRO B 505 -14.83 9.31 37.39
C PRO B 505 -15.68 9.32 38.65
N ASN B 506 -16.72 8.49 38.63
CA ASN B 506 -17.64 8.35 39.74
C ASN B 506 -17.28 7.20 40.68
N VAL B 507 -16.19 6.49 40.41
CA VAL B 507 -15.79 5.37 41.25
C VAL B 507 -15.03 5.89 42.46
N THR B 508 -15.44 5.47 43.64
CA THR B 508 -14.78 5.83 44.90
C THR B 508 -14.14 4.59 45.51
N TRP B 509 -13.42 4.81 46.61
CA TRP B 509 -12.82 3.68 47.33
C TRP B 509 -13.90 2.72 47.82
N ASP B 510 -15.10 3.24 48.12
CA ASP B 510 -16.17 2.39 48.63
C ASP B 510 -16.60 1.37 47.59
N ASP B 511 -16.32 1.63 46.31
CA ASP B 511 -16.63 0.67 45.26
C ASP B 511 -15.58 -0.44 45.14
N ILE B 512 -14.49 -0.35 45.88
CA ILE B 512 -13.40 -1.32 45.81
C ILE B 512 -13.30 -2.12 47.11
N GLY B 513 -13.03 -1.46 48.22
CA GLY B 513 -12.92 -2.13 49.51
C GLY B 513 -11.54 -2.66 49.83
N GLY B 514 -11.33 -3.97 49.66
CA GLY B 514 -10.16 -4.63 50.21
C GLY B 514 -8.90 -4.56 49.39
N LEU B 515 -8.38 -3.35 49.17
CA LEU B 515 -7.06 -3.18 48.55
C LEU B 515 -6.31 -2.07 49.29
N GLU B 516 -6.36 -2.10 50.62
CA GLU B 516 -5.97 -0.93 51.42
C GLU B 516 -4.53 -0.53 51.15
N ASN B 517 -3.61 -1.49 51.12
CA ASN B 517 -2.21 -1.16 50.90
C ASN B 517 -2.02 -0.50 49.53
N VAL B 518 -2.67 -1.03 48.50
CA VAL B 518 -2.59 -0.42 47.18
C VAL B 518 -3.21 0.97 47.19
N LYS B 519 -4.29 1.15 47.96
CA LYS B 519 -4.89 2.46 48.07
C LYS B 519 -3.91 3.48 48.64
N ARG B 520 -3.22 3.09 49.72
CA ARG B 520 -2.23 3.98 50.32
C ARG B 520 -1.09 4.26 49.36
N GLU B 521 -0.61 3.24 48.65
CA GLU B 521 0.48 3.43 47.71
C GLU B 521 0.08 4.38 46.59
N LEU B 522 -1.12 4.20 46.05
CA LEU B 522 -1.59 5.07 44.97
C LEU B 522 -1.79 6.50 45.49
N GLN B 523 -2.24 6.63 46.73
CA GLN B 523 -2.32 7.96 47.33
C GLN B 523 -0.95 8.62 47.34
N GLU B 524 0.05 7.92 47.87
CA GLU B 524 1.40 8.48 47.90
C GLU B 524 1.87 8.85 46.51
N LEU B 525 1.56 8.02 45.52
CA LEU B 525 2.09 8.24 44.17
C LEU B 525 1.41 9.41 43.47
N VAL B 526 0.09 9.55 43.63
CA VAL B 526 -0.67 10.51 42.82
C VAL B 526 -1.02 11.75 43.62
N GLN B 527 -1.61 11.55 44.81
CA GLN B 527 -2.14 12.68 45.57
C GLN B 527 -1.03 13.56 46.12
N TYR B 528 0.00 12.94 46.72
CA TYR B 528 1.04 13.73 47.38
C TYR B 528 1.74 14.69 46.43
N PRO B 529 2.16 14.29 45.24
CA PRO B 529 2.79 15.28 44.33
C PRO B 529 1.91 16.47 44.05
N VAL B 530 0.59 16.27 43.97
CA VAL B 530 -0.31 17.38 43.68
C VAL B 530 -0.55 18.21 44.94
N GLU B 531 -0.82 17.55 46.06
CA GLU B 531 -1.17 18.27 47.28
C GLU B 531 0.04 18.90 47.96
N HIS B 532 1.18 18.21 47.93
CA HIS B 532 2.38 18.64 48.66
C HIS B 532 3.59 18.68 47.73
N PRO B 533 3.55 19.51 46.69
CA PRO B 533 4.75 19.69 45.87
C PRO B 533 5.92 20.27 46.65
N ASP B 534 5.63 21.08 47.68
CA ASP B 534 6.68 21.73 48.43
C ASP B 534 7.60 20.70 49.09
N LYS B 535 7.02 19.62 49.63
CA LYS B 535 7.84 18.61 50.30
C LYS B 535 8.76 17.90 49.31
N PHE B 536 8.24 17.58 48.12
CA PHE B 536 9.08 16.95 47.11
C PHE B 536 10.21 17.88 46.69
N LEU B 537 9.91 19.16 46.49
CA LEU B 537 10.97 20.11 46.17
C LEU B 537 11.96 20.24 47.33
N LYS B 538 11.48 20.06 48.57
CA LYS B 538 12.35 20.17 49.73
C LYS B 538 13.33 19.02 49.81
N PHE B 539 12.85 17.78 49.64
CA PHE B 539 13.73 16.63 49.75
C PHE B 539 14.56 16.39 48.49
N GLY B 540 14.28 17.12 47.41
CA GLY B 540 15.19 17.21 46.29
C GLY B 540 15.08 16.10 45.25
N MET B 541 14.13 15.18 45.40
CA MET B 541 13.98 14.08 44.46
C MET B 541 12.60 14.14 43.80
N THR B 542 12.59 14.11 42.46
CA THR B 542 11.35 14.25 41.71
C THR B 542 10.55 12.95 41.75
N PRO B 543 9.22 13.03 41.74
CA PRO B 543 8.42 11.80 41.84
C PRO B 543 8.23 11.14 40.48
N SER B 544 8.10 9.81 40.51
CA SER B 544 7.82 9.06 39.29
C SER B 544 6.33 9.11 38.99
N LYS B 545 5.99 9.38 37.73
CA LYS B 545 4.61 9.57 37.30
C LYS B 545 4.07 8.39 36.51
N GLY B 546 4.66 7.21 36.69
CA GLY B 546 4.22 6.03 35.95
C GLY B 546 3.99 4.83 36.84
N VAL B 547 2.86 4.15 36.64
CA VAL B 547 2.49 2.98 37.42
C VAL B 547 2.04 1.89 36.47
N LEU B 548 2.23 0.64 36.89
CA LEU B 548 1.77 -0.53 36.13
C LEU B 548 1.04 -1.47 37.07
N PHE B 549 -0.26 -1.64 36.85
CA PHE B 549 -1.02 -2.68 37.53
C PHE B 549 -0.89 -3.98 36.75
N TYR B 550 -0.62 -5.07 37.47
CA TYR B 550 -0.61 -6.39 36.85
C TYR B 550 -1.05 -7.40 37.88
N GLY B 551 -1.69 -8.46 37.40
CA GLY B 551 -2.22 -9.48 38.27
C GLY B 551 -3.30 -10.30 37.59
N PRO B 552 -3.90 -11.23 38.34
CA PRO B 552 -4.89 -12.10 37.75
C PRO B 552 -6.09 -11.31 37.24
N PRO B 553 -6.76 -11.81 36.21
CA PRO B 553 -7.90 -11.05 35.64
C PRO B 553 -9.03 -10.87 36.63
N GLY B 554 -9.74 -9.76 36.49
CA GLY B 554 -10.92 -9.50 37.30
C GLY B 554 -10.64 -9.22 38.76
N CYS B 555 -9.58 -8.47 39.07
CA CYS B 555 -9.23 -8.17 40.45
C CYS B 555 -9.27 -6.69 40.80
N GLY B 556 -9.64 -5.82 39.86
CA GLY B 556 -9.91 -4.44 40.19
C GLY B 556 -8.86 -3.45 39.73
N LYS B 557 -8.20 -3.73 38.61
CA LYS B 557 -7.18 -2.80 38.12
C LYS B 557 -7.80 -1.55 37.49
N THR B 558 -8.91 -1.70 36.77
CA THR B 558 -9.61 -0.53 36.25
C THR B 558 -10.23 0.29 37.38
N LEU B 559 -10.83 -0.39 38.36
CA LEU B 559 -11.44 0.30 39.48
C LEU B 559 -10.43 1.10 40.26
N LEU B 560 -9.21 0.57 40.42
CA LEU B 560 -8.19 1.29 41.17
C LEU B 560 -7.84 2.60 40.49
N ALA B 561 -7.63 2.57 39.18
CA ALA B 561 -7.31 3.79 38.45
C ALA B 561 -8.44 4.80 38.55
N LYS B 562 -9.67 4.33 38.35
CA LYS B 562 -10.81 5.25 38.43
C LYS B 562 -10.94 5.85 39.82
N ALA B 563 -10.75 5.03 40.86
CA ALA B 563 -10.91 5.52 42.22
C ALA B 563 -9.82 6.50 42.59
N ILE B 564 -8.58 6.26 42.17
CA ILE B 564 -7.50 7.18 42.48
C ILE B 564 -7.70 8.49 41.74
N ALA B 565 -8.18 8.42 40.50
CA ALA B 565 -8.53 9.66 39.80
C ALA B 565 -9.63 10.42 40.54
N ASN B 566 -10.61 9.68 41.07
CA ASN B 566 -11.71 10.33 41.78
C ASN B 566 -11.25 11.00 43.06
N GLU B 567 -10.41 10.32 43.84
CA GLU B 567 -10.01 10.86 45.14
C GLU B 567 -9.28 12.19 44.99
N CYS B 568 -8.34 12.25 44.04
CA CYS B 568 -7.60 13.48 43.80
C CYS B 568 -8.43 14.51 43.06
N GLN B 569 -9.66 14.18 42.67
CA GLN B 569 -10.48 15.07 41.85
C GLN B 569 -9.74 15.43 40.57
N ALA B 570 -9.02 14.45 40.02
CA ALA B 570 -8.25 14.62 38.81
C ALA B 570 -9.00 14.03 37.63
N ASN B 571 -8.81 14.64 36.46
CA ASN B 571 -9.43 14.13 35.25
C ASN B 571 -8.90 12.74 34.93
N PHE B 572 -9.73 11.95 34.26
CA PHE B 572 -9.42 10.56 33.96
C PHE B 572 -9.66 10.32 32.47
N ILE B 573 -8.63 9.83 31.79
CA ILE B 573 -8.73 9.42 30.39
C ILE B 573 -8.40 7.93 30.34
N SER B 574 -9.33 7.15 29.80
CA SER B 574 -9.16 5.70 29.65
C SER B 574 -9.02 5.37 28.18
N ILE B 575 -7.94 4.67 27.83
CA ILE B 575 -7.71 4.17 26.48
C ILE B 575 -7.40 2.69 26.60
N LYS B 576 -8.22 1.87 25.98
CA LYS B 576 -8.01 0.43 26.02
C LYS B 576 -7.19 -0.02 24.81
N GLY B 577 -6.56 -1.19 24.95
CA GLY B 577 -5.68 -1.71 23.94
C GLY B 577 -6.35 -1.87 22.59
N PRO B 578 -7.54 -2.46 22.58
CA PRO B 578 -8.29 -2.55 21.32
C PRO B 578 -8.51 -1.19 20.67
N GLU B 579 -8.79 -0.15 21.46
CA GLU B 579 -8.93 1.18 20.88
C GLU B 579 -7.64 1.63 20.22
N LEU B 580 -6.50 1.41 20.89
CA LEU B 580 -5.23 1.81 20.31
C LEU B 580 -4.97 1.08 19.00
N LEU B 581 -5.22 -0.23 18.96
CA LEU B 581 -4.98 -0.98 17.74
C LEU B 581 -5.95 -0.58 16.64
N THR B 582 -7.15 -0.14 16.99
CA THR B 582 -8.11 0.29 15.98
C THR B 582 -7.76 1.64 15.37
N MET B 583 -6.83 2.38 15.96
CA MET B 583 -6.45 3.68 15.43
C MET B 583 -5.30 3.57 14.43
N ALA B 590 -0.86 9.11 14.75
CA ALA B 590 -1.05 10.53 15.07
C ALA B 590 -2.14 10.73 16.10
N ASN B 591 -2.72 9.62 16.59
CA ASN B 591 -3.78 9.69 17.58
C ASN B 591 -3.29 9.48 19.01
N VAL B 592 -2.17 8.79 19.20
CA VAL B 592 -1.59 8.70 20.54
C VAL B 592 -1.15 10.07 21.01
N ARG B 593 -0.52 10.83 20.11
CA ARG B 593 -0.16 12.21 20.44
C ARG B 593 -1.38 13.01 20.86
N ASP B 594 -2.53 12.76 20.23
CA ASP B 594 -3.75 13.45 20.60
C ASP B 594 -4.16 13.09 22.03
N ILE B 595 -4.05 11.81 22.38
CA ILE B 595 -4.41 11.38 23.73
C ILE B 595 -3.52 12.07 24.76
N PHE B 596 -2.21 12.10 24.50
CA PHE B 596 -1.30 12.71 25.45
C PHE B 596 -1.49 14.21 25.52
N ASP B 597 -1.84 14.85 24.40
CA ASP B 597 -2.16 16.27 24.43
C ASP B 597 -3.40 16.54 25.27
N LYS B 598 -4.43 15.71 25.12
CA LYS B 598 -5.61 15.83 25.98
C LYS B 598 -5.24 15.69 27.44
N ALA B 599 -4.37 14.72 27.74
CA ALA B 599 -3.92 14.54 29.12
C ALA B 599 -3.22 15.78 29.63
N ARG B 600 -2.37 16.39 28.80
CA ARG B 600 -1.67 17.61 29.19
C ARG B 600 -2.64 18.75 29.46
N GLN B 601 -3.66 18.90 28.62
CA GLN B 601 -4.62 19.97 28.81
C GLN B 601 -5.34 19.83 30.16
N ALA B 602 -5.75 18.62 30.50
CA ALA B 602 -6.29 18.35 31.83
C ALA B 602 -5.14 18.36 32.83
N ALA B 603 -5.10 19.39 33.68
CA ALA B 603 -3.88 19.69 34.41
C ALA B 603 -3.51 18.56 35.37
N PRO B 604 -4.29 18.26 36.43
CA PRO B 604 -4.13 16.94 37.08
C PRO B 604 -4.97 15.89 36.38
N CYS B 605 -4.30 14.95 35.72
CA CYS B 605 -4.96 13.92 34.94
C CYS B 605 -4.32 12.57 35.19
N VAL B 606 -5.15 11.54 35.28
CA VAL B 606 -4.70 10.16 35.34
C VAL B 606 -4.97 9.55 33.97
N LEU B 607 -3.91 9.36 33.19
CA LEU B 607 -4.01 8.77 31.86
C LEU B 607 -3.84 7.26 31.99
N PHE B 608 -4.92 6.53 31.77
CA PHE B 608 -4.96 5.09 32.02
C PHE B 608 -4.94 4.34 30.69
N PHE B 609 -4.06 3.35 30.58
CA PHE B 609 -3.95 2.49 29.41
C PHE B 609 -4.34 1.08 29.86
N ASP B 610 -5.62 0.76 29.70
CA ASP B 610 -6.16 -0.50 30.17
C ASP B 610 -6.02 -1.58 29.10
N GLU B 611 -6.12 -2.83 29.55
CA GLU B 611 -6.09 -3.98 28.65
C GLU B 611 -4.85 -3.94 27.76
N LEU B 612 -3.69 -3.64 28.38
CA LEU B 612 -2.45 -3.64 27.64
C LEU B 612 -2.12 -5.02 27.08
N ASP B 613 -2.72 -6.08 27.62
CA ASP B 613 -2.46 -7.41 27.11
C ASP B 613 -2.85 -7.54 25.65
N SER B 614 -3.79 -6.72 25.18
CA SER B 614 -4.20 -6.78 23.79
C SER B 614 -3.04 -6.43 22.86
N ILE B 615 -2.27 -5.41 23.19
CA ILE B 615 -1.13 -5.03 22.36
C ILE B 615 -0.10 -6.16 22.34
N ALA B 616 0.19 -6.74 23.51
CA ALA B 616 1.17 -7.81 23.58
C ALA B 616 0.74 -9.02 22.77
N LYS B 617 -0.54 -9.39 22.87
CA LYS B 617 -1.04 -10.53 22.11
C LYS B 617 -1.04 -10.25 20.61
N ALA B 618 -1.06 -8.98 20.23
CA ALA B 618 -0.94 -8.60 18.82
C ALA B 618 0.50 -8.53 18.36
N ALA B 629 0.99 -3.04 13.66
CA ALA B 629 0.17 -2.08 14.37
C ALA B 629 0.53 -2.05 15.85
N ALA B 630 0.73 -3.23 16.43
CA ALA B 630 1.08 -3.32 17.84
C ALA B 630 2.44 -2.67 18.09
N ASP B 631 3.41 -2.93 17.24
CA ASP B 631 4.74 -2.34 17.41
C ASP B 631 4.67 -0.83 17.28
N ARG B 632 3.93 -0.34 16.30
CA ARG B 632 3.77 1.11 16.14
C ARG B 632 3.12 1.71 17.38
N VAL B 633 2.06 1.07 17.89
CA VAL B 633 1.36 1.58 19.05
C VAL B 633 2.29 1.65 20.25
N ILE B 634 3.05 0.57 20.49
CA ILE B 634 3.88 0.53 21.69
C ILE B 634 5.02 1.53 21.58
N ASN B 635 5.62 1.65 20.39
CA ASN B 635 6.71 2.61 20.23
C ASN B 635 6.21 4.04 20.37
N GLN B 636 5.01 4.33 19.85
CA GLN B 636 4.43 5.65 20.04
C GLN B 636 4.16 5.91 21.51
N LEU B 637 3.66 4.90 22.24
CA LEU B 637 3.42 5.07 23.66
C LEU B 637 4.72 5.37 24.40
N LEU B 638 5.78 4.64 24.08
CA LEU B 638 7.06 4.89 24.73
C LEU B 638 7.57 6.29 24.43
N THR B 639 7.50 6.71 23.17
CA THR B 639 7.97 8.03 22.81
C THR B 639 7.18 9.12 23.53
N GLU B 640 5.86 8.94 23.62
CA GLU B 640 5.03 9.94 24.29
C GLU B 640 5.27 9.95 25.79
N MET B 641 5.49 8.78 26.39
CA MET B 641 5.84 8.73 27.81
C MET B 641 7.15 9.46 28.07
N ASP B 642 8.13 9.29 27.18
CA ASP B 642 9.40 9.98 27.34
C ASP B 642 9.29 11.48 27.11
N GLY B 643 8.24 11.93 26.42
CA GLY B 643 8.01 13.35 26.25
C GLY B 643 7.17 13.99 27.32
N MET B 644 6.66 13.20 28.27
CA MET B 644 5.84 13.71 29.37
C MET B 644 6.75 13.90 30.57
N SER B 645 7.05 15.16 30.89
CA SER B 645 7.92 15.47 32.02
C SER B 645 7.26 15.09 33.34
N ALA B 646 8.08 14.66 34.30
CA ALA B 646 7.57 14.35 35.62
C ALA B 646 7.13 15.58 36.39
N LYS B 647 7.51 16.78 35.94
CA LYS B 647 7.11 18.00 36.62
C LYS B 647 5.68 18.41 36.30
N LYS B 648 5.05 17.80 35.29
CA LYS B 648 3.66 18.04 34.98
C LYS B 648 2.80 16.98 35.63
N ASN B 649 1.61 17.39 36.10
CA ASN B 649 0.75 16.50 36.86
C ASN B 649 -0.10 15.62 35.96
N VAL B 650 0.55 14.84 35.11
CA VAL B 650 -0.11 13.82 34.29
C VAL B 650 0.46 12.48 34.72
N PHE B 651 -0.38 11.64 35.30
CA PHE B 651 0.03 10.32 35.78
C PHE B 651 -0.43 9.26 34.80
N ILE B 652 0.48 8.37 34.42
CA ILE B 652 0.22 7.32 33.45
C ILE B 652 0.15 5.99 34.19
N ILE B 653 -0.98 5.31 34.03
CA ILE B 653 -1.20 4.00 34.64
C ILE B 653 -1.48 3.00 33.54
N GLY B 654 -0.88 1.82 33.65
CA GLY B 654 -1.15 0.73 32.75
C GLY B 654 -1.62 -0.48 33.53
N ALA B 655 -2.46 -1.29 32.88
CA ALA B 655 -2.99 -2.51 33.47
C ALA B 655 -2.85 -3.64 32.48
N THR B 656 -2.38 -4.79 32.95
CA THR B 656 -2.20 -5.96 32.10
C THR B 656 -2.52 -7.21 32.92
N ASN B 657 -3.27 -8.13 32.32
CA ASN B 657 -3.48 -9.45 32.88
C ASN B 657 -2.43 -10.44 32.40
N ARG B 658 -1.46 -10.00 31.62
CA ARG B 658 -0.44 -10.87 31.02
C ARG B 658 0.94 -10.26 31.27
N PRO B 659 1.44 -10.33 32.50
CA PRO B 659 2.80 -9.86 32.76
C PRO B 659 3.87 -10.69 32.04
N ASP B 660 3.51 -11.86 31.52
CA ASP B 660 4.48 -12.71 30.85
C ASP B 660 4.87 -12.22 29.47
N ILE B 661 4.08 -11.34 28.86
CA ILE B 661 4.34 -10.87 27.51
C ILE B 661 4.35 -9.36 27.46
N ILE B 662 4.61 -8.72 28.59
CA ILE B 662 4.72 -7.27 28.64
C ILE B 662 6.12 -6.87 28.17
N ASP B 663 6.17 -5.97 27.19
CA ASP B 663 7.45 -5.47 26.72
C ASP B 663 8.19 -4.78 27.85
N GLY B 664 9.48 -5.09 27.99
CA GLY B 664 10.26 -4.53 29.08
C GLY B 664 10.54 -3.05 28.93
N ALA B 665 10.45 -2.52 27.72
CA ALA B 665 10.71 -1.10 27.51
C ALA B 665 9.72 -0.23 28.28
N ILE B 666 8.51 -0.73 28.50
CA ILE B 666 7.51 0.05 29.22
C ILE B 666 7.83 0.14 30.70
N LEU B 667 8.68 -0.75 31.21
CA LEU B 667 9.08 -0.74 32.61
C LEU B 667 10.35 0.06 32.87
N ARG B 668 10.90 0.68 31.84
CA ARG B 668 12.15 1.42 32.01
C ARG B 668 11.95 2.57 32.98
N PRO B 669 12.94 2.88 33.83
CA PRO B 669 12.81 4.04 34.71
C PRO B 669 12.47 5.32 33.95
N GLY B 670 11.55 6.11 34.50
CA GLY B 670 10.93 7.20 33.79
C GLY B 670 9.65 6.81 33.08
N ARG B 671 9.53 5.57 32.66
CA ARG B 671 8.29 5.01 32.12
C ARG B 671 7.52 4.34 33.27
N LEU B 672 6.58 3.44 33.00
CA LEU B 672 5.76 2.84 34.06
C LEU B 672 6.62 1.92 34.93
N ASP B 673 7.45 2.56 35.76
CA ASP B 673 8.42 1.85 36.59
C ASP B 673 7.90 1.51 37.98
N GLN B 674 6.74 2.03 38.38
CA GLN B 674 6.14 1.68 39.67
C GLN B 674 5.24 0.47 39.45
N LEU B 675 5.77 -0.71 39.73
CA LEU B 675 5.07 -1.96 39.49
C LEU B 675 4.25 -2.33 40.72
N ILE B 676 2.93 -2.33 40.59
CA ILE B 676 2.02 -2.70 41.67
C ILE B 676 1.30 -3.97 41.26
N TYR B 677 1.34 -4.97 42.14
CA TYR B 677 0.74 -6.27 41.87
C TYR B 677 -0.60 -6.37 42.58
N ILE B 678 -1.64 -6.72 41.82
CA ILE B 678 -3.00 -6.81 42.35
C ILE B 678 -3.37 -8.28 42.42
N PRO B 679 -3.29 -8.92 43.59
CA PRO B 679 -3.51 -10.36 43.68
C PRO B 679 -4.99 -10.70 43.77
N LEU B 680 -5.27 -11.99 43.89
CA LEU B 680 -6.63 -12.42 44.18
C LEU B 680 -6.98 -12.00 45.60
N PRO B 681 -8.23 -11.63 45.86
CA PRO B 681 -8.59 -11.17 47.21
C PRO B 681 -8.53 -12.32 48.22
N ASP B 682 -8.22 -11.96 49.47
CA ASP B 682 -8.31 -12.91 50.56
C ASP B 682 -9.73 -12.89 51.12
N GLU B 683 -9.94 -13.64 52.21
CA GLU B 683 -11.30 -13.81 52.73
C GLU B 683 -11.90 -12.47 53.15
N ALA B 684 -11.15 -11.66 53.89
CA ALA B 684 -11.66 -10.36 54.30
C ALA B 684 -11.89 -9.46 53.09
N SER B 685 -10.98 -9.50 52.12
CA SER B 685 -11.17 -8.73 50.90
C SER B 685 -12.42 -9.21 50.16
N ARG B 686 -12.68 -10.52 50.16
CA ARG B 686 -13.88 -11.02 49.51
C ARG B 686 -15.13 -10.53 50.22
N VAL B 687 -15.10 -10.50 51.56
CA VAL B 687 -16.23 -9.96 52.31
C VAL B 687 -16.48 -8.51 51.94
N ASN B 688 -15.40 -7.73 51.87
CA ASN B 688 -15.55 -6.31 51.52
C ASN B 688 -16.06 -6.16 50.09
N ILE B 689 -15.60 -7.00 49.17
CA ILE B 689 -16.08 -6.94 47.79
C ILE B 689 -17.57 -7.22 47.73
N LEU B 690 -18.02 -8.27 48.43
CA LEU B 690 -19.43 -8.60 48.44
C LEU B 690 -20.26 -7.48 49.05
N LYS B 691 -19.76 -6.88 50.13
CA LYS B 691 -20.47 -5.75 50.73
C LYS B 691 -20.58 -4.59 49.74
N ALA B 692 -19.50 -4.30 49.02
CA ALA B 692 -19.52 -3.21 48.07
C ALA B 692 -20.48 -3.49 46.93
N ASN B 693 -20.52 -4.73 46.44
CA ASN B 693 -21.36 -5.05 45.29
C ASN B 693 -22.84 -5.09 45.64
N LEU B 694 -23.19 -5.29 46.90
CA LEU B 694 -24.58 -5.44 47.31
C LEU B 694 -25.14 -4.19 47.98
N ARG B 695 -24.46 -3.05 47.85
CA ARG B 695 -24.96 -1.82 48.45
C ARG B 695 -26.30 -1.41 47.85
N LYS B 696 -26.41 -1.46 46.52
CA LYS B 696 -27.62 -1.00 45.86
C LYS B 696 -28.73 -2.04 45.90
N SER B 697 -28.42 -3.29 46.23
CA SER B 697 -29.43 -4.35 46.17
C SER B 697 -30.00 -4.62 47.56
N PRO B 698 -31.32 -4.73 47.70
CA PRO B 698 -31.88 -5.18 48.98
C PRO B 698 -31.52 -6.65 49.23
N ILE B 699 -31.09 -6.94 50.46
CA ILE B 699 -30.62 -8.26 50.83
C ILE B 699 -31.34 -8.68 52.11
N ALA B 700 -31.82 -9.91 52.13
CA ALA B 700 -32.49 -10.45 53.31
C ALA B 700 -31.49 -10.61 54.45
N ARG B 701 -32.00 -10.53 55.68
CA ARG B 701 -31.13 -10.64 56.85
C ARG B 701 -30.52 -12.02 57.00
N ASP B 702 -31.09 -13.04 56.35
CA ASP B 702 -30.53 -14.39 56.44
C ASP B 702 -29.26 -14.55 55.61
N VAL B 703 -28.94 -13.60 54.73
CA VAL B 703 -27.76 -13.70 53.89
C VAL B 703 -26.54 -13.36 54.74
N ASP B 704 -25.61 -14.30 54.84
CA ASP B 704 -24.37 -14.12 55.60
C ASP B 704 -23.23 -13.95 54.61
N ILE B 705 -22.69 -12.74 54.52
CA ILE B 705 -21.64 -12.47 53.56
C ILE B 705 -20.35 -13.19 53.94
N ASN B 706 -20.12 -13.41 55.24
CA ASN B 706 -18.94 -14.16 55.65
C ASN B 706 -18.98 -15.58 55.12
N PHE B 707 -20.15 -16.22 55.15
CA PHE B 707 -20.27 -17.56 54.59
C PHE B 707 -19.97 -17.57 53.11
N LEU B 708 -20.49 -16.58 52.36
CA LEU B 708 -20.21 -16.50 50.95
C LEU B 708 -18.72 -16.33 50.69
N ALA B 709 -18.06 -15.47 51.49
CA ALA B 709 -16.63 -15.27 51.33
C ALA B 709 -15.85 -16.55 51.59
N LYS B 710 -16.24 -17.29 52.63
CA LYS B 710 -15.59 -18.56 52.91
C LYS B 710 -15.80 -19.57 51.80
N ALA B 711 -16.99 -19.59 51.21
CA ALA B 711 -17.27 -20.53 50.13
C ALA B 711 -16.60 -20.14 48.82
N THR B 712 -16.36 -18.85 48.59
CA THR B 712 -15.77 -18.36 47.35
C THR B 712 -14.26 -18.24 47.46
N GLN B 713 -13.58 -19.31 47.84
CA GLN B 713 -12.13 -19.28 47.97
C GLN B 713 -11.50 -19.24 46.57
N GLY B 714 -10.57 -18.32 46.38
CA GLY B 714 -9.92 -18.17 45.09
C GLY B 714 -10.71 -17.41 44.06
N PHE B 715 -11.88 -16.88 44.42
CA PHE B 715 -12.72 -16.17 43.48
C PHE B 715 -12.20 -14.74 43.30
N SER B 716 -12.19 -14.28 42.06
CA SER B 716 -11.86 -12.90 41.77
C SER B 716 -13.08 -12.01 42.01
N GLY B 717 -12.85 -10.70 42.01
CA GLY B 717 -13.95 -9.77 42.18
C GLY B 717 -15.02 -9.92 41.11
N ALA B 718 -14.60 -10.19 39.88
CA ALA B 718 -15.56 -10.40 38.80
C ALA B 718 -16.43 -11.62 39.08
N ASP B 719 -15.85 -12.69 39.62
CA ASP B 719 -16.64 -13.88 39.95
C ASP B 719 -17.65 -13.57 41.03
N LEU B 720 -17.27 -12.78 42.04
CA LEU B 720 -18.21 -12.42 43.09
C LEU B 720 -19.34 -11.55 42.54
N THR B 721 -19.01 -10.61 41.66
CA THR B 721 -20.05 -9.83 40.99
C THR B 721 -20.97 -10.74 40.19
N GLU B 722 -20.41 -11.76 39.54
CA GLU B 722 -21.24 -12.71 38.80
C GLU B 722 -22.17 -13.47 39.73
N ILE B 723 -21.68 -13.86 40.90
CA ILE B 723 -22.53 -14.54 41.88
C ILE B 723 -23.69 -13.63 42.27
N CYS B 724 -23.39 -12.35 42.50
CA CYS B 724 -24.44 -11.40 42.85
C CYS B 724 -25.46 -11.26 41.71
N GLN B 725 -24.97 -11.19 40.48
CA GLN B 725 -25.88 -11.09 39.34
C GLN B 725 -26.77 -12.31 39.24
N ARG B 726 -26.22 -13.50 39.46
CA ARG B 726 -27.01 -14.72 39.40
C ARG B 726 -28.06 -14.74 40.51
N ALA B 727 -27.69 -14.30 41.71
CA ALA B 727 -28.66 -14.22 42.80
C ALA B 727 -29.79 -13.27 42.44
N CYS B 728 -29.45 -12.12 41.86
CA CYS B 728 -30.48 -11.17 41.46
C CYS B 728 -31.37 -11.75 40.37
N LYS B 729 -30.79 -12.51 39.44
CA LYS B 729 -31.59 -13.16 38.40
C LYS B 729 -32.56 -14.16 39.01
N GLN B 730 -32.10 -14.93 40.00
CA GLN B 730 -33.00 -15.85 40.69
C GLN B 730 -34.14 -15.10 41.37
N ALA B 731 -33.82 -13.99 42.02
CA ALA B 731 -34.85 -13.19 42.67
C ALA B 731 -35.85 -12.67 41.66
N ILE B 732 -35.38 -12.18 40.52
CA ILE B 732 -36.27 -11.66 39.48
C ILE B 732 -37.16 -12.77 38.94
N ARG B 733 -36.59 -13.95 38.73
CA ARG B 733 -37.37 -15.08 38.25
C ARG B 733 -38.48 -15.43 39.23
N GLU B 734 -38.15 -15.51 40.52
CA GLU B 734 -39.16 -15.82 41.52
C GLU B 734 -40.23 -14.74 41.57
N SER B 735 -39.82 -13.47 41.46
CA SER B 735 -40.79 -12.39 41.48
C SER B 735 -41.75 -12.48 40.30
N ILE B 736 -41.21 -12.80 39.12
CA ILE B 736 -42.06 -12.92 37.93
C ILE B 736 -43.02 -14.09 38.08
N GLU B 737 -42.54 -15.22 38.61
CA GLU B 737 -43.42 -16.36 38.80
C GLU B 737 -44.52 -16.05 39.79
N ALA B 738 -44.18 -15.36 40.88
CA ALA B 738 -45.19 -14.98 41.87
C ALA B 738 -46.20 -14.02 41.27
N GLU B 739 -45.74 -13.07 40.45
CA GLU B 739 -46.66 -12.15 39.80
C GLU B 739 -47.62 -12.89 38.87
N ILE B 740 -47.10 -13.87 38.12
CA ILE B 740 -47.94 -14.67 37.24
C ILE B 740 -48.97 -15.44 38.05
N ARG B 741 -48.53 -16.04 39.16
CA ARG B 741 -49.46 -16.78 40.01
C ARG B 741 -50.57 -15.88 40.54
N ALA B 742 -50.20 -14.67 40.99
CA ALA B 742 -51.20 -13.75 41.52
C ALA B 742 -52.18 -13.32 40.42
N GLU B 743 -51.67 -13.02 39.23
CA GLU B 743 -52.54 -12.58 38.15
C GLU B 743 -53.49 -13.70 37.70
N SER B 744 -52.99 -14.94 37.67
CA SER B 744 -53.78 -16.07 37.23
C SER B 744 -54.61 -16.70 38.34
N GLU B 745 -54.56 -16.15 39.55
CA GLU B 745 -55.35 -16.68 40.65
C GLU B 745 -55.76 -15.54 41.59
N ASP B 758 -44.38 -7.25 48.62
CA ASP B 758 -44.18 -8.12 47.48
C ASP B 758 -43.81 -9.54 47.95
N PRO B 759 -44.17 -10.55 47.16
CA PRO B 759 -43.82 -11.93 47.55
C PRO B 759 -42.32 -12.15 47.67
N VAL B 760 -41.52 -11.47 46.85
CA VAL B 760 -40.07 -11.58 46.90
C VAL B 760 -39.48 -10.19 47.02
N PRO B 761 -39.37 -9.63 48.23
CA PRO B 761 -38.91 -8.25 48.36
C PRO B 761 -37.40 -8.11 48.35
N GLU B 762 -36.69 -9.15 48.76
CA GLU B 762 -35.24 -9.10 48.92
C GLU B 762 -34.61 -10.36 48.34
N ILE B 763 -33.30 -10.32 48.19
CA ILE B 763 -32.53 -11.46 47.70
C ILE B 763 -32.17 -12.32 48.91
N THR B 764 -32.87 -13.44 49.05
CA THR B 764 -32.68 -14.34 50.18
C THR B 764 -31.43 -15.21 49.97
N ARG B 765 -31.06 -15.94 51.02
CA ARG B 765 -29.88 -16.79 50.96
C ARG B 765 -30.09 -18.01 50.08
N ARG B 766 -31.34 -18.41 49.84
CA ARG B 766 -31.58 -19.50 48.90
C ARG B 766 -31.17 -19.10 47.49
N HIS B 767 -31.40 -17.84 47.12
CA HIS B 767 -30.96 -17.36 45.82
C HIS B 767 -29.44 -17.44 45.69
N PHE B 768 -28.73 -17.07 46.75
CA PHE B 768 -27.27 -17.16 46.72
C PHE B 768 -26.81 -18.62 46.68
N GLU B 769 -27.54 -19.50 47.36
CA GLU B 769 -27.22 -20.92 47.27
C GLU B 769 -27.35 -21.42 45.84
N GLU B 770 -28.42 -21.01 45.15
CA GLU B 770 -28.60 -21.39 43.76
C GLU B 770 -27.50 -20.80 42.88
N ALA B 771 -27.13 -19.55 43.12
CA ALA B 771 -26.08 -18.91 42.33
C ALA B 771 -24.74 -19.61 42.51
N MET B 772 -24.41 -19.97 43.76
CA MET B 772 -23.14 -20.60 44.07
C MET B 772 -23.05 -22.03 43.54
N ARG B 773 -24.16 -22.62 43.10
CA ARG B 773 -24.14 -24.03 42.73
C ARG B 773 -23.18 -24.30 41.59
N PHE B 774 -23.24 -23.49 40.53
CA PHE B 774 -22.41 -23.66 39.35
C PHE B 774 -21.28 -22.65 39.27
N ALA B 775 -21.04 -21.88 40.34
CA ALA B 775 -19.99 -20.87 40.31
C ALA B 775 -18.63 -21.54 40.48
N ARG B 776 -17.71 -21.27 39.56
CA ARG B 776 -16.35 -21.75 39.63
C ARG B 776 -15.38 -20.58 39.48
N ARG B 777 -14.22 -20.72 40.10
CA ARG B 777 -13.23 -19.65 40.05
C ARG B 777 -12.69 -19.48 38.65
N SER B 778 -12.34 -18.24 38.30
CA SER B 778 -11.84 -17.92 36.97
C SER B 778 -10.33 -18.01 36.86
N VAL B 779 -9.61 -17.96 37.97
CA VAL B 779 -8.15 -18.03 37.98
C VAL B 779 -7.76 -19.31 38.68
N THR B 780 -7.14 -20.23 37.94
CA THR B 780 -6.72 -21.50 38.50
C THR B 780 -5.53 -21.31 39.43
N GLU B 781 -5.33 -22.29 40.31
CA GLU B 781 -4.22 -22.24 41.25
C GLU B 781 -2.88 -22.20 40.52
N ASN B 782 -2.77 -22.94 39.42
CA ASN B 782 -1.56 -22.86 38.61
C ASN B 782 -1.34 -21.45 38.07
N ASP B 783 -2.40 -20.81 37.59
CA ASP B 783 -2.30 -19.43 37.16
C ASP B 783 -1.92 -18.52 38.31
N VAL B 784 -2.43 -18.80 39.52
CA VAL B 784 -2.06 -18.01 40.68
C VAL B 784 -0.57 -18.14 40.95
N ARG B 785 -0.04 -19.37 40.82
CA ARG B 785 1.38 -19.58 41.01
C ARG B 785 2.19 -18.79 39.99
N LYS B 786 1.76 -18.82 38.73
CA LYS B 786 2.48 -18.08 37.69
C LYS B 786 2.46 -16.58 37.96
N TYR B 787 1.30 -16.06 38.37
CA TYR B 787 1.20 -14.63 38.68
C TYR B 787 2.07 -14.27 39.88
N GLU B 788 2.09 -15.13 40.90
CA GLU B 788 2.92 -14.87 42.06
C GLU B 788 4.40 -14.87 41.68
N MET B 789 4.79 -15.73 40.74
CA MET B 789 6.18 -15.72 40.30
C MET B 789 6.50 -14.46 39.53
N PHE B 790 5.61 -14.06 38.61
CA PHE B 790 5.85 -12.82 37.87
C PHE B 790 5.79 -11.60 38.77
N ALA B 791 5.21 -11.71 39.96
CA ALA B 791 5.29 -10.63 40.93
C ALA B 791 6.71 -10.43 41.42
N GLN B 792 7.62 -11.36 41.11
CA GLN B 792 9.02 -11.24 41.50
C GLN B 792 9.96 -10.99 40.33
N THR B 793 9.51 -11.17 39.08
CA THR B 793 10.40 -11.19 37.94
C THR B 793 10.08 -10.16 36.86
N LEU B 794 9.06 -9.32 37.03
CA LEU B 794 8.83 -8.24 36.07
C LEU B 794 9.93 -7.19 36.17
N GLN B 795 10.33 -6.83 37.39
CA GLN B 795 11.41 -5.88 37.55
C GLN B 795 12.68 -6.36 36.87
N GLN B 796 12.84 -7.68 36.74
CA GLN B 796 14.02 -8.27 36.13
C GLN B 796 13.81 -8.67 34.67
N SER B 797 12.63 -8.42 34.10
CA SER B 797 12.36 -8.76 32.71
C SER B 797 12.68 -7.62 31.76
N ARG B 798 13.91 -7.12 31.82
CA ARG B 798 14.32 -5.99 30.98
C ARG B 798 15.69 -6.17 30.35
N GLY B 799 16.46 -7.18 30.74
CA GLY B 799 17.73 -7.46 30.10
C GLY B 799 17.67 -8.69 29.22
N ILE B 800 18.71 -9.51 29.25
CA ILE B 800 18.73 -10.70 28.40
C ILE B 800 17.64 -11.67 28.84
N GLY B 801 17.55 -11.93 30.14
CA GLY B 801 16.53 -12.83 30.63
C GLY B 801 16.68 -14.22 30.03
N ASN B 802 15.54 -14.90 29.87
CA ASN B 802 15.52 -16.22 29.24
C ASN B 802 15.41 -16.16 27.73
N ASN B 803 16.28 -15.37 27.09
CA ASN B 803 16.34 -15.29 25.64
C ASN B 803 17.62 -15.85 25.05
N PHE B 804 18.65 -16.02 25.87
CA PHE B 804 19.90 -16.63 25.42
C PHE B 804 20.14 -17.95 26.13
N ASN C 232 35.79 37.98 -16.43
CA ASN C 232 35.75 38.06 -17.89
C ASN C 232 34.91 36.91 -18.46
N GLU C 233 34.89 36.81 -19.79
CA GLU C 233 34.11 35.77 -20.45
C GLU C 233 34.67 34.39 -20.10
N ILE C 234 33.77 33.42 -20.00
CA ILE C 234 34.15 32.06 -19.64
C ILE C 234 34.65 31.34 -20.88
N GLY C 235 35.73 30.58 -20.73
CA GLY C 235 36.26 29.76 -21.79
C GLY C 235 36.60 28.36 -21.27
N TYR C 236 37.17 27.56 -22.17
CA TYR C 236 37.54 26.20 -21.81
C TYR C 236 38.55 26.19 -20.66
N ASP C 237 39.39 27.21 -20.58
CA ASP C 237 40.39 27.29 -19.53
C ASP C 237 39.76 27.47 -18.15
N ASP C 238 38.49 27.88 -18.10
CA ASP C 238 37.80 28.08 -16.83
C ASP C 238 37.06 26.83 -16.36
N ILE C 239 37.15 25.73 -17.09
CA ILE C 239 36.49 24.48 -16.74
C ILE C 239 37.58 23.45 -16.46
N GLY C 240 37.50 22.80 -15.30
CA GLY C 240 38.46 21.80 -14.90
C GLY C 240 37.77 20.50 -14.49
N GLY C 241 38.46 19.39 -14.69
CA GLY C 241 37.97 18.10 -14.26
C GLY C 241 37.16 17.33 -15.28
N CYS C 242 36.90 17.91 -16.45
CA CYS C 242 36.13 17.24 -17.50
C CYS C 242 36.86 17.43 -18.83
N ARG C 243 38.16 17.15 -18.81
CA ARG C 243 38.97 17.24 -20.03
C ARG C 243 38.41 16.32 -21.13
N LYS C 244 38.05 15.09 -20.77
CA LYS C 244 37.55 14.15 -21.77
C LYS C 244 36.25 14.67 -22.38
N GLN C 245 35.34 15.19 -21.56
CA GLN C 245 34.05 15.61 -22.06
C GLN C 245 34.17 16.82 -22.98
N LEU C 246 35.05 17.76 -22.63
CA LEU C 246 35.24 18.94 -23.46
C LEU C 246 35.74 18.56 -24.85
N ALA C 247 36.71 17.64 -24.90
CA ALA C 247 37.17 17.15 -26.19
C ALA C 247 36.04 16.42 -26.92
N GLN C 248 35.24 15.67 -26.18
CA GLN C 248 34.09 15.00 -26.77
C GLN C 248 33.08 16.00 -27.33
N ILE C 249 32.86 17.11 -26.63
CA ILE C 249 31.96 18.15 -27.13
C ILE C 249 32.57 18.86 -28.33
N LYS C 250 33.85 19.20 -28.25
CA LYS C 250 34.50 19.92 -29.34
C LYS C 250 34.47 19.12 -30.63
N GLU C 251 34.51 17.79 -30.52
CA GLU C 251 34.47 16.96 -31.72
C GLU C 251 33.10 16.98 -32.37
N MET C 252 32.06 17.35 -31.62
CA MET C 252 30.69 17.35 -32.15
C MET C 252 30.20 18.74 -32.53
N VAL C 253 30.88 19.80 -32.08
CA VAL C 253 30.42 21.17 -32.30
C VAL C 253 31.40 21.94 -33.19
N GLU C 254 32.68 21.87 -32.90
CA GLU C 254 33.67 22.67 -33.60
C GLU C 254 34.32 21.91 -34.76
N LEU C 255 34.64 20.64 -34.57
CA LEU C 255 35.39 19.90 -35.59
C LEU C 255 34.67 19.86 -36.93
N PRO C 256 33.36 19.61 -37.00
CA PRO C 256 32.69 19.61 -38.30
C PRO C 256 32.86 20.91 -39.06
N LEU C 257 32.87 22.05 -38.37
CA LEU C 257 32.94 23.34 -39.04
C LEU C 257 34.36 23.62 -39.52
N ARG C 258 35.36 23.23 -38.73
CA ARG C 258 36.75 23.47 -39.13
C ARG C 258 37.13 22.63 -40.34
N HIS C 259 36.66 21.38 -40.40
CA HIS C 259 36.98 20.45 -41.49
C HIS C 259 35.71 19.78 -41.98
N PRO C 260 34.83 20.54 -42.64
CA PRO C 260 33.61 19.92 -43.18
C PRO C 260 33.90 18.81 -44.18
N GLN C 261 34.94 18.97 -45.00
CA GLN C 261 35.27 17.94 -45.98
C GLN C 261 35.67 16.62 -45.32
N LEU C 262 36.15 16.67 -44.08
CA LEU C 262 36.57 15.45 -43.40
C LEU C 262 35.39 14.51 -43.18
N PHE C 263 34.22 15.08 -42.83
CA PHE C 263 33.04 14.25 -42.61
C PHE C 263 32.43 13.79 -43.92
N LYS C 264 32.44 14.66 -44.94
CA LYS C 264 31.88 14.28 -46.23
C LYS C 264 32.67 13.13 -46.84
N ALA C 265 33.99 13.14 -46.68
CA ALA C 265 34.82 12.11 -47.29
C ALA C 265 34.45 10.72 -46.77
N ILE C 266 34.19 10.60 -45.47
CA ILE C 266 33.90 9.30 -44.87
C ILE C 266 32.42 9.00 -44.83
N GLY C 267 31.55 9.98 -45.09
CA GLY C 267 30.13 9.74 -45.18
C GLY C 267 29.43 9.57 -43.86
N VAL C 268 29.67 10.47 -42.91
CA VAL C 268 28.99 10.47 -41.63
C VAL C 268 28.48 11.88 -41.34
N LYS C 269 27.19 11.98 -41.04
CA LYS C 269 26.61 13.28 -40.69
C LYS C 269 26.80 13.53 -39.20
N PRO C 270 27.38 14.66 -38.79
CA PRO C 270 27.65 14.89 -37.37
C PRO C 270 26.37 14.82 -36.55
N PRO C 271 26.45 14.40 -35.29
CA PRO C 271 25.27 14.43 -34.43
C PRO C 271 24.85 15.85 -34.12
N ARG C 272 23.55 16.03 -33.90
CA ARG C 272 22.99 17.35 -33.65
C ARG C 272 22.05 17.39 -32.45
N GLY C 273 22.12 16.38 -31.58
CA GLY C 273 21.45 16.45 -30.29
C GLY C 273 22.36 15.99 -29.18
N ILE C 274 22.66 16.87 -28.23
CA ILE C 274 23.57 16.57 -27.13
C ILE C 274 22.87 16.93 -25.82
N LEU C 275 22.92 16.01 -24.86
CA LEU C 275 22.37 16.24 -23.53
C LEU C 275 23.49 16.09 -22.51
N LEU C 276 23.76 17.16 -21.77
CA LEU C 276 24.73 17.12 -20.67
C LEU C 276 23.98 16.86 -19.37
N TYR C 277 24.35 15.80 -18.68
CA TYR C 277 23.70 15.44 -17.43
C TYR C 277 24.74 15.18 -16.36
N GLY C 278 24.35 15.47 -15.11
CA GLY C 278 25.21 15.26 -13.98
C GLY C 278 24.61 15.88 -12.74
N PRO C 279 25.14 15.54 -11.57
CA PRO C 279 24.60 16.09 -10.32
C PRO C 279 24.74 17.59 -10.29
N PRO C 280 23.96 18.28 -9.45
CA PRO C 280 24.03 19.74 -9.42
C PRO C 280 25.43 20.25 -9.11
N GLY C 281 25.82 21.31 -9.81
CA GLY C 281 27.06 22.01 -9.53
C GLY C 281 28.27 21.52 -10.28
N THR C 282 28.12 20.59 -11.22
CA THR C 282 29.26 19.95 -11.86
C THR C 282 29.80 20.74 -13.05
N GLY C 283 29.17 21.84 -13.44
CA GLY C 283 29.76 22.72 -14.42
C GLY C 283 29.21 22.58 -15.82
N LYS C 284 27.96 22.14 -15.94
CA LYS C 284 27.39 21.95 -17.28
C LYS C 284 26.70 23.19 -17.80
N THR C 285 26.36 24.14 -16.93
CA THR C 285 26.04 25.49 -17.40
C THR C 285 27.31 26.25 -17.75
N LEU C 286 28.39 25.97 -17.02
CA LEU C 286 29.68 26.58 -17.32
C LEU C 286 30.17 26.13 -18.69
N VAL C 287 29.98 24.86 -19.03
CA VAL C 287 30.38 24.36 -20.35
C VAL C 287 29.62 25.09 -21.45
N ALA C 288 28.33 25.31 -21.23
CA ALA C 288 27.52 26.01 -22.23
C ALA C 288 28.05 27.41 -22.48
N ARG C 289 28.41 28.13 -21.42
CA ARG C 289 28.97 29.46 -21.59
C ARG C 289 30.27 29.40 -22.37
N ALA C 290 31.11 28.39 -22.08
CA ALA C 290 32.36 28.24 -22.80
C ALA C 290 32.11 27.97 -24.28
N VAL C 291 31.16 27.11 -24.59
CA VAL C 291 30.83 26.82 -25.99
C VAL C 291 30.27 28.07 -26.66
N ALA C 292 29.51 28.87 -25.91
CA ALA C 292 28.97 30.09 -26.47
C ALA C 292 30.08 31.06 -26.87
N ASN C 293 31.11 31.17 -26.03
CA ASN C 293 32.18 32.12 -26.25
C ASN C 293 33.37 31.54 -27.01
N GLU C 294 33.33 30.27 -27.40
CA GLU C 294 34.47 29.62 -28.02
C GLU C 294 34.15 28.89 -29.32
N SER C 295 32.88 28.61 -29.62
CA SER C 295 32.57 27.81 -30.80
C SER C 295 32.69 28.62 -32.08
N GLY C 296 32.45 29.93 -32.00
CA GLY C 296 32.44 30.75 -33.20
C GLY C 296 31.16 30.66 -34.00
N SER C 297 30.15 29.96 -33.50
CA SER C 297 28.86 29.82 -34.15
C SER C 297 27.79 30.53 -33.35
N PHE C 298 26.69 30.87 -34.03
CA PHE C 298 25.59 31.55 -33.35
C PHE C 298 25.09 30.70 -32.19
N PHE C 299 24.94 31.33 -31.04
CA PHE C 299 24.53 30.65 -29.81
C PHE C 299 23.23 31.29 -29.33
N PHE C 300 22.22 30.47 -29.12
CA PHE C 300 20.96 30.90 -28.53
C PHE C 300 20.73 30.09 -27.25
N LEU C 301 20.46 30.79 -26.15
CA LEU C 301 20.30 30.17 -24.85
C LEU C 301 18.83 30.18 -24.45
N ILE C 302 18.30 29.02 -24.09
CA ILE C 302 16.95 28.88 -23.58
C ILE C 302 17.04 28.42 -22.14
N ASN C 303 16.64 29.27 -21.21
CA ASN C 303 16.57 28.89 -19.81
C ASN C 303 15.20 28.28 -19.53
N GLY C 304 15.20 27.08 -18.96
CA GLY C 304 13.98 26.36 -18.71
C GLY C 304 13.00 27.16 -17.88
N PRO C 305 13.44 27.63 -16.71
CA PRO C 305 12.57 28.47 -15.88
C PRO C 305 12.08 29.72 -16.59
N GLU C 306 12.93 30.34 -17.42
CA GLU C 306 12.52 31.55 -18.12
C GLU C 306 11.33 31.28 -19.04
N ILE C 307 11.39 30.17 -19.78
CA ILE C 307 10.29 29.81 -20.66
C ILE C 307 9.02 29.54 -19.85
N MET C 308 9.16 28.82 -18.75
CA MET C 308 8.00 28.41 -17.97
C MET C 308 7.46 29.53 -17.10
N SER C 309 8.21 30.61 -16.90
CA SER C 309 7.70 31.76 -16.17
C SER C 309 6.74 32.58 -17.00
N LYS C 310 6.80 32.46 -18.32
CA LYS C 310 5.94 33.23 -19.21
C LYS C 310 4.55 32.60 -19.27
N LEU C 311 3.61 33.35 -19.84
CA LEU C 311 2.26 32.85 -20.01
C LEU C 311 2.25 31.71 -21.04
N ALA C 312 1.08 31.09 -21.19
CA ALA C 312 0.97 29.92 -22.06
C ALA C 312 1.35 30.25 -23.49
N GLY C 313 0.82 31.35 -24.02
CA GLY C 313 1.12 31.71 -25.40
C GLY C 313 2.56 32.13 -25.59
N GLU C 314 3.12 32.88 -24.64
CA GLU C 314 4.45 33.42 -24.79
C GLU C 314 5.55 32.37 -24.63
N SER C 315 5.32 31.33 -23.84
CA SER C 315 6.31 30.27 -23.73
C SER C 315 6.44 29.50 -25.04
N GLU C 316 5.32 29.25 -25.71
CA GLU C 316 5.37 28.58 -27.01
C GLU C 316 6.10 29.45 -28.03
N SER C 317 5.82 30.76 -28.01
CA SER C 317 6.43 31.66 -28.99
C SER C 317 7.94 31.70 -28.84
N ASN C 318 8.43 31.70 -27.61
CA ASN C 318 9.86 31.83 -27.37
C ASN C 318 10.63 30.61 -27.88
N LEU C 319 10.08 29.42 -27.69
CA LEU C 319 10.73 28.22 -28.25
C LEU C 319 10.76 28.29 -29.77
N ARG C 320 9.65 28.67 -30.38
CA ARG C 320 9.61 28.74 -31.84
C ARG C 320 10.58 29.77 -32.37
N LYS C 321 10.64 30.95 -31.73
CA LYS C 321 11.58 31.97 -32.16
C LYS C 321 13.02 31.52 -31.97
N ALA C 322 13.27 30.65 -31.00
CA ALA C 322 14.62 30.15 -30.79
C ALA C 322 15.12 29.36 -31.98
N PHE C 323 14.32 28.39 -32.43
CA PHE C 323 14.76 27.53 -33.53
C PHE C 323 14.76 28.29 -34.85
N GLU C 324 13.81 29.21 -35.03
CA GLU C 324 13.77 30.00 -36.26
C GLU C 324 15.02 30.86 -36.41
N GLU C 325 15.41 31.53 -35.33
CA GLU C 325 16.63 32.34 -35.38
C GLU C 325 17.86 31.48 -35.61
N ALA C 326 17.93 30.33 -34.96
CA ALA C 326 19.07 29.44 -35.14
C ALA C 326 19.18 28.96 -36.58
N GLU C 327 18.06 28.57 -37.17
CA GLU C 327 18.07 28.15 -38.57
C GLU C 327 18.46 29.32 -39.48
N LYS C 328 17.99 30.51 -39.15
CA LYS C 328 18.30 31.69 -39.96
C LYS C 328 19.78 32.03 -39.92
N ASN C 329 20.47 31.67 -38.83
CA ASN C 329 21.86 32.04 -38.62
C ASN C 329 22.75 30.82 -38.50
N ALA C 330 22.47 29.79 -39.29
CA ALA C 330 23.29 28.58 -39.24
C ALA C 330 24.71 28.91 -39.72
N PRO C 331 25.74 28.28 -39.15
CA PRO C 331 25.73 27.25 -38.10
C PRO C 331 25.33 27.82 -36.75
N ALA C 332 24.56 27.09 -35.96
CA ALA C 332 24.04 27.61 -34.70
C ALA C 332 24.00 26.51 -33.66
N ILE C 333 24.04 26.92 -32.39
CA ILE C 333 23.83 26.03 -31.27
C ILE C 333 22.68 26.58 -30.44
N ILE C 334 21.68 25.75 -30.20
CA ILE C 334 20.61 26.06 -29.28
C ILE C 334 20.88 25.30 -27.99
N PHE C 335 21.00 26.02 -26.88
CA PHE C 335 21.21 25.41 -25.57
C PHE C 335 19.96 25.57 -24.73
N ILE C 336 19.41 24.45 -24.27
CA ILE C 336 18.23 24.45 -23.41
C ILE C 336 18.73 24.07 -22.03
N ASP C 337 18.99 25.06 -21.20
CA ASP C 337 19.43 24.82 -19.84
C ASP C 337 18.23 24.49 -18.96
N GLU C 338 18.42 23.51 -18.07
CA GLU C 338 17.33 22.99 -17.25
C GLU C 338 16.22 22.43 -18.14
N LEU C 339 16.56 21.40 -18.91
CA LEU C 339 15.62 20.79 -19.83
C LEU C 339 14.44 20.17 -19.08
N ASP C 340 14.71 19.52 -17.95
CA ASP C 340 13.65 18.86 -17.20
C ASP C 340 12.59 19.86 -16.76
N ALA C 341 12.94 21.13 -16.63
CA ALA C 341 11.94 22.15 -16.31
C ALA C 341 10.97 22.35 -17.46
N ILE C 342 11.44 22.19 -18.69
CA ILE C 342 10.61 22.40 -19.87
C ILE C 342 9.90 21.11 -20.28
N ALA C 343 10.60 19.97 -20.19
CA ALA C 343 10.12 18.71 -20.76
C ALA C 343 10.11 17.60 -19.72
N PRO C 344 9.20 17.67 -18.75
CA PRO C 344 8.99 16.54 -17.85
C PRO C 344 8.18 15.44 -18.52
N LYS C 345 8.18 14.27 -17.89
CA LYS C 345 7.42 13.15 -18.42
C LYS C 345 5.95 13.50 -18.57
N ARG C 346 5.44 13.39 -19.79
CA ARG C 346 4.07 13.80 -20.07
C ARG C 346 3.07 12.96 -19.27
N GLU C 347 3.31 11.67 -19.16
CA GLU C 347 2.43 10.81 -18.39
C GLU C 347 2.29 11.32 -16.96
N LYS C 348 3.38 11.85 -16.39
CA LYS C 348 3.39 12.34 -15.02
C LYS C 348 3.20 13.85 -14.93
N THR C 349 2.91 14.52 -16.04
CA THR C 349 2.66 15.96 -16.05
C THR C 349 1.16 16.20 -15.89
N HIS C 350 0.82 17.14 -15.03
CA HIS C 350 -0.58 17.40 -14.68
C HIS C 350 -1.20 18.48 -15.55
N GLY C 351 -0.51 19.60 -15.72
CA GLY C 351 -1.08 20.70 -16.48
C GLY C 351 -1.14 20.40 -17.96
N GLU C 352 -2.15 20.97 -18.62
CA GLU C 352 -2.29 20.81 -20.06
C GLU C 352 -1.31 21.69 -20.82
N VAL C 353 -1.03 22.89 -20.31
CA VAL C 353 -0.10 23.79 -20.99
C VAL C 353 1.31 23.19 -20.98
N GLU C 354 1.70 22.55 -19.88
CA GLU C 354 3.02 21.95 -19.81
C GLU C 354 3.21 20.89 -20.88
N ARG C 355 2.21 20.02 -21.05
CA ARG C 355 2.32 18.97 -22.07
C ARG C 355 2.41 19.57 -23.46
N ARG C 356 1.82 20.75 -23.67
CA ARG C 356 1.90 21.40 -24.97
C ARG C 356 3.33 21.87 -25.26
N ILE C 357 4.05 22.31 -24.23
CA ILE C 357 5.42 22.75 -24.44
C ILE C 357 6.32 21.58 -24.79
N VAL C 358 6.11 20.44 -24.16
CA VAL C 358 6.89 19.24 -24.48
C VAL C 358 6.62 18.81 -25.92
N SER C 359 5.36 18.82 -26.32
CA SER C 359 5.00 18.43 -27.69
C SER C 359 5.61 19.39 -28.69
N GLN C 360 5.59 20.69 -28.40
CA GLN C 360 6.18 21.66 -29.31
C GLN C 360 7.68 21.44 -29.45
N LEU C 361 8.35 21.11 -28.35
CA LEU C 361 9.78 20.86 -28.40
C LEU C 361 10.09 19.65 -29.29
N LEU C 362 9.30 18.59 -29.15
CA LEU C 362 9.51 17.41 -29.99
C LEU C 362 9.28 17.74 -31.46
N THR C 363 8.24 18.51 -31.77
CA THR C 363 7.99 18.91 -33.14
C THR C 363 9.15 19.75 -33.68
N LEU C 364 9.63 20.69 -32.86
CA LEU C 364 10.75 21.53 -33.29
C LEU C 364 12.01 20.70 -33.49
N MET C 365 12.27 19.77 -32.59
CA MET C 365 13.45 18.90 -32.72
C MET C 365 13.36 18.07 -34.00
N ASP C 366 12.19 17.52 -34.27
CA ASP C 366 12.01 16.71 -35.47
C ASP C 366 12.02 17.53 -36.75
N GLY C 367 11.74 18.82 -36.66
CA GLY C 367 11.72 19.68 -37.82
C GLY C 367 13.07 20.18 -38.28
N LEU C 368 14.14 19.80 -37.59
CA LEU C 368 15.49 20.24 -37.96
C LEU C 368 16.00 19.36 -39.10
N LYS C 369 16.16 19.95 -40.28
CA LYS C 369 16.63 19.21 -41.44
C LYS C 369 18.12 18.92 -41.30
N GLN C 370 18.56 17.87 -42.02
CA GLN C 370 19.96 17.50 -41.98
C GLN C 370 20.85 18.61 -42.55
N ARG C 371 20.39 19.28 -43.60
CA ARG C 371 21.17 20.36 -44.18
C ARG C 371 21.42 21.46 -43.16
N SER C 372 20.39 21.82 -42.39
CA SER C 372 20.54 22.88 -41.40
C SER C 372 21.57 22.49 -40.36
N HIS C 373 22.61 23.32 -40.23
CA HIS C 373 23.68 23.07 -39.27
C HIS C 373 23.33 23.68 -37.93
N VAL C 374 22.36 23.05 -37.26
CA VAL C 374 21.90 23.47 -35.94
C VAL C 374 22.11 22.31 -34.98
N ILE C 375 22.92 22.54 -33.96
CA ILE C 375 23.17 21.57 -32.90
C ILE C 375 22.38 22.01 -31.67
N VAL C 376 21.44 21.19 -31.23
CA VAL C 376 20.66 21.48 -30.04
C VAL C 376 21.34 20.81 -28.85
N MET C 377 21.73 21.63 -27.87
CA MET C 377 22.35 21.16 -26.65
C MET C 377 21.38 21.38 -25.49
N ALA C 378 21.46 20.51 -24.49
CA ALA C 378 20.60 20.63 -23.33
C ALA C 378 21.37 20.18 -22.10
N ALA C 379 20.93 20.67 -20.94
CA ALA C 379 21.52 20.32 -19.66
C ALA C 379 20.41 19.96 -18.69
N THR C 380 20.72 19.04 -17.78
CA THR C 380 19.73 18.61 -16.79
C THR C 380 20.44 17.84 -15.69
N ASN C 381 20.13 18.15 -14.45
CA ASN C 381 20.59 17.35 -13.33
C ASN C 381 19.61 16.24 -12.96
N ARG C 382 18.53 16.10 -13.71
CA ARG C 382 17.55 15.02 -13.52
C ARG C 382 17.28 14.39 -14.89
N PRO C 383 18.24 13.67 -15.44
CA PRO C 383 18.03 13.08 -16.79
C PRO C 383 16.84 12.14 -16.85
N ASN C 384 16.57 11.39 -15.78
CA ASN C 384 15.46 10.45 -15.78
C ASN C 384 14.11 11.14 -15.64
N SER C 385 14.09 12.43 -15.34
CA SER C 385 12.85 13.20 -15.30
C SER C 385 12.47 13.78 -16.65
N VAL C 386 13.34 13.69 -17.65
CA VAL C 386 13.04 14.18 -18.99
C VAL C 386 12.12 13.20 -19.69
N ASP C 387 11.29 13.72 -20.60
CA ASP C 387 10.41 12.89 -21.37
C ASP C 387 11.22 11.88 -22.18
N PRO C 388 10.91 10.57 -22.11
CA PRO C 388 11.69 9.60 -22.87
C PRO C 388 11.69 9.85 -24.36
N ALA C 389 10.66 10.50 -24.89
CA ALA C 389 10.60 10.78 -26.32
C ALA C 389 11.75 11.66 -26.77
N LEU C 390 12.25 12.52 -25.88
CA LEU C 390 13.31 13.45 -26.25
C LEU C 390 14.69 12.82 -26.24
N ARG C 391 14.84 11.64 -25.64
CA ARG C 391 16.13 10.95 -25.58
C ARG C 391 16.25 9.88 -26.65
N ARG C 392 15.66 10.09 -27.83
CA ARG C 392 15.63 9.12 -28.89
C ARG C 392 16.55 9.52 -30.04
N PHE C 393 16.68 8.63 -31.01
CA PHE C 393 17.47 8.89 -32.20
C PHE C 393 16.94 10.11 -32.93
N GLY C 394 17.84 10.93 -33.45
CA GLY C 394 17.48 12.19 -34.07
C GLY C 394 17.22 13.32 -33.10
N ARG C 395 16.56 13.05 -31.98
CA ARG C 395 16.42 13.98 -30.87
C ARG C 395 17.68 13.86 -29.99
N PHE C 396 17.71 14.37 -28.78
CA PHE C 396 18.89 14.23 -27.93
C PHE C 396 19.25 12.76 -27.88
N ASP C 397 20.34 12.42 -28.57
CA ASP C 397 20.78 11.04 -28.70
C ASP C 397 22.21 10.82 -28.22
N ARG C 398 23.02 11.87 -28.15
CA ARG C 398 24.34 11.82 -27.52
C ARG C 398 24.23 12.40 -26.12
N GLU C 399 24.60 11.61 -25.12
CA GLU C 399 24.56 12.02 -23.73
C GLU C 399 25.97 12.05 -23.18
N ILE C 400 26.36 13.18 -22.61
CA ILE C 400 27.68 13.36 -22.02
C ILE C 400 27.49 13.66 -20.53
N GLU C 401 28.20 12.91 -19.69
CA GLU C 401 28.06 13.05 -18.24
C GLU C 401 29.14 14.00 -17.73
N ILE C 402 28.71 15.17 -17.28
CA ILE C 402 29.60 16.09 -16.55
C ILE C 402 29.41 15.74 -15.08
N GLY C 403 30.18 14.75 -14.61
CA GLY C 403 29.96 14.15 -13.32
C GLY C 403 30.89 14.69 -12.24
N ILE C 404 30.91 13.96 -11.12
CA ILE C 404 31.67 14.35 -9.94
C ILE C 404 33.15 14.31 -10.27
N PRO C 405 33.90 15.39 -10.06
CA PRO C 405 35.34 15.35 -10.33
C PRO C 405 36.07 14.43 -9.36
N ASP C 406 37.18 13.88 -9.84
CA ASP C 406 38.05 13.07 -9.00
C ASP C 406 39.11 13.97 -8.34
N SER C 407 40.06 13.36 -7.66
CA SER C 407 41.07 14.12 -6.94
C SER C 407 41.86 15.01 -7.88
N ILE C 408 42.27 14.47 -9.03
CA ILE C 408 43.00 15.27 -10.01
C ILE C 408 42.12 16.39 -10.54
N GLY C 409 40.86 16.08 -10.85
CA GLY C 409 39.95 17.11 -11.31
C GLY C 409 39.69 18.18 -10.27
N ARG C 410 39.54 17.78 -9.01
CA ARG C 410 39.30 18.76 -7.96
C ARG C 410 40.45 19.75 -7.84
N LEU C 411 41.68 19.28 -8.04
CA LEU C 411 42.82 20.19 -7.99
C LEU C 411 42.76 21.22 -9.11
N GLU C 412 42.34 20.81 -10.30
CA GLU C 412 42.21 21.74 -11.41
C GLU C 412 41.20 22.83 -11.08
N ILE C 413 40.05 22.45 -10.52
CA ILE C 413 39.03 23.43 -10.19
C ILE C 413 39.54 24.40 -9.12
N LEU C 414 40.23 23.88 -8.11
CA LEU C 414 40.78 24.73 -7.06
C LEU C 414 41.78 25.73 -7.65
N ARG C 415 42.62 25.26 -8.58
CA ARG C 415 43.57 26.16 -9.22
C ARG C 415 42.86 27.23 -10.02
N ILE C 416 41.72 26.89 -10.62
CA ILE C 416 40.97 27.86 -11.41
C ILE C 416 40.36 28.93 -10.51
N HIS C 417 39.86 28.54 -9.34
CA HIS C 417 39.18 29.45 -8.45
C HIS C 417 40.11 30.16 -7.46
N THR C 418 41.39 29.78 -7.44
CA THR C 418 42.38 30.48 -6.63
C THR C 418 43.29 31.37 -7.47
N ARG C 419 42.96 31.60 -8.74
CA ARG C 419 43.78 32.45 -9.58
C ARG C 419 43.75 33.89 -9.09
N ASN C 420 42.59 34.36 -8.63
CA ASN C 420 42.41 35.73 -8.17
C ASN C 420 42.38 35.84 -6.65
N ILE C 421 42.72 34.78 -5.93
CA ILE C 421 42.76 34.78 -4.47
C ILE C 421 44.21 34.66 -4.03
N ARG C 422 44.64 35.54 -3.12
CA ARG C 422 45.99 35.48 -2.61
C ARG C 422 46.15 34.27 -1.70
N LEU C 423 47.17 33.47 -1.95
CA LEU C 423 47.44 32.26 -1.18
C LEU C 423 48.77 32.40 -0.47
N ALA C 424 48.82 31.95 0.78
CA ALA C 424 50.07 31.92 1.51
C ALA C 424 51.00 30.86 0.93
N GLU C 425 52.29 31.00 1.22
CA GLU C 425 53.28 30.08 0.68
C GLU C 425 53.10 28.66 1.18
N ASP C 426 52.37 28.47 2.28
CA ASP C 426 52.17 27.14 2.85
C ASP C 426 50.94 26.44 2.30
N VAL C 427 50.24 27.03 1.34
CA VAL C 427 49.04 26.44 0.80
C VAL C 427 49.42 25.35 -0.20
N GLU C 428 48.91 24.15 0.02
CA GLU C 428 49.12 22.99 -0.85
C GLU C 428 47.73 22.53 -1.30
N LEU C 429 47.28 23.05 -2.44
CA LEU C 429 45.95 22.72 -2.92
C LEU C 429 45.81 21.24 -3.22
N GLU C 430 46.93 20.55 -3.46
CA GLU C 430 46.87 19.12 -3.71
C GLU C 430 46.30 18.38 -2.51
N LYS C 431 46.69 18.78 -1.30
CA LYS C 431 46.15 18.16 -0.10
C LYS C 431 44.66 18.46 0.06
N ILE C 432 44.26 19.70 -0.22
CA ILE C 432 42.84 20.06 -0.11
C ILE C 432 42.02 19.25 -1.09
N ALA C 433 42.51 19.10 -2.33
CA ALA C 433 41.78 18.34 -3.34
C ALA C 433 41.60 16.89 -2.90
N ASN C 434 42.64 16.28 -2.34
CA ASN C 434 42.55 14.90 -1.90
C ASN C 434 41.55 14.75 -0.77
N GLU C 435 41.49 15.73 0.13
CA GLU C 435 40.62 15.67 1.29
C GLU C 435 39.19 16.10 0.97
N ALA C 436 38.93 16.66 -0.21
CA ALA C 436 37.62 17.20 -0.54
C ALA C 436 36.77 16.18 -1.30
N HIS C 437 36.43 15.10 -0.61
CA HIS C 437 35.57 14.09 -1.19
C HIS C 437 34.13 14.59 -1.27
N GLY C 438 33.46 14.26 -2.37
CA GLY C 438 32.09 14.68 -2.54
C GLY C 438 31.91 16.12 -2.96
N HIS C 439 33.01 16.84 -3.24
CA HIS C 439 32.94 18.24 -3.61
C HIS C 439 32.88 18.35 -5.13
N VAL C 440 31.77 18.87 -5.63
CA VAL C 440 31.65 19.23 -7.04
C VAL C 440 32.24 20.63 -7.21
N GLY C 441 32.41 21.07 -8.45
CA GLY C 441 33.03 22.36 -8.70
C GLY C 441 32.35 23.49 -7.96
N ALA C 442 31.03 23.42 -7.82
CA ALA C 442 30.32 24.45 -7.08
C ALA C 442 30.74 24.48 -5.62
N ASP C 443 30.91 23.31 -5.00
CA ASP C 443 31.36 23.27 -3.62
C ASP C 443 32.78 23.82 -3.49
N LEU C 444 33.66 23.47 -4.41
CA LEU C 444 35.04 23.95 -4.33
C LEU C 444 35.10 25.46 -4.50
N ALA C 445 34.21 26.01 -5.34
CA ALA C 445 34.12 27.47 -5.46
C ALA C 445 33.69 28.09 -4.13
N SER C 446 32.73 27.47 -3.45
CA SER C 446 32.30 27.97 -2.16
C SER C 446 33.38 27.76 -1.10
N LEU C 447 34.12 26.66 -1.20
CA LEU C 447 35.19 26.40 -0.25
C LEU C 447 36.27 27.47 -0.33
N CYS C 448 36.63 27.88 -1.54
CA CYS C 448 37.62 28.94 -1.71
C CYS C 448 37.11 30.26 -1.15
N SER C 449 35.84 30.57 -1.40
CA SER C 449 35.27 31.81 -0.88
C SER C 449 35.23 31.80 0.64
N GLU C 450 34.78 30.68 1.23
CA GLU C 450 34.69 30.61 2.68
C GLU C 450 36.05 30.70 3.35
N ALA C 451 37.06 30.07 2.77
CA ALA C 451 38.40 30.15 3.33
C ALA C 451 38.89 31.60 3.35
N ALA C 452 38.60 32.34 2.28
CA ALA C 452 39.02 33.74 2.23
C ALA C 452 38.30 34.56 3.29
N LEU C 453 37.01 34.28 3.51
CA LEU C 453 36.29 34.97 4.59
C LEU C 453 36.89 34.64 5.94
N GLN C 454 37.29 33.38 6.14
CA GLN C 454 37.93 33.00 7.40
C GLN C 454 39.19 33.82 7.65
N GLN C 455 39.95 34.10 6.59
CA GLN C 455 41.12 34.95 6.73
C GLN C 455 40.72 36.36 7.16
N ILE C 456 39.63 36.88 6.59
CA ILE C 456 39.15 38.19 7.01
C ILE C 456 38.69 38.16 8.46
N ARG C 457 38.02 37.08 8.87
CA ARG C 457 37.57 36.96 10.25
C ARG C 457 38.74 37.05 11.22
N ASN C 458 39.82 36.31 10.94
CA ASN C 458 40.95 36.27 11.86
C ASN C 458 41.57 37.66 12.01
N LYS C 459 41.75 38.38 10.90
CA LYS C 459 42.37 39.70 10.97
C LYS C 459 41.41 40.72 11.56
N MET C 460 40.15 40.72 11.12
CA MET C 460 39.19 41.69 11.64
C MET C 460 38.91 41.47 13.12
N ASN C 461 38.90 40.21 13.57
CA ASN C 461 38.70 39.94 14.99
C ASN C 461 39.80 40.60 15.82
N LEU C 462 41.05 40.47 15.39
CA LEU C 462 42.14 41.15 16.07
C LEU C 462 41.97 42.66 16.01
N ILE C 463 41.61 43.19 14.84
CA ILE C 463 41.36 44.61 14.67
C ILE C 463 39.88 44.90 14.89
N ILE C 470 40.74 50.74 7.13
CA ILE C 470 41.57 49.72 7.74
C ILE C 470 43.02 49.92 7.30
N ASP C 471 43.95 49.65 8.21
CA ASP C 471 45.36 49.88 7.93
C ASP C 471 45.81 49.08 6.71
N ALA C 472 46.56 49.74 5.82
CA ALA C 472 47.02 49.08 4.61
C ALA C 472 47.94 47.90 4.91
N GLU C 473 48.59 47.88 6.07
CA GLU C 473 49.42 46.74 6.43
C GLU C 473 48.58 45.48 6.55
N VAL C 474 47.40 45.60 7.15
CA VAL C 474 46.50 44.45 7.24
C VAL C 474 46.01 44.04 5.86
N LEU C 475 45.63 45.01 5.03
CA LEU C 475 45.12 44.69 3.70
C LEU C 475 46.17 43.98 2.86
N ASN C 476 47.45 44.21 3.14
CA ASN C 476 48.53 43.56 2.40
C ASN C 476 48.99 42.27 3.04
N SER C 477 48.50 41.94 4.24
CA SER C 477 48.79 40.67 4.88
C SER C 477 47.66 39.66 4.69
N LEU C 478 46.65 40.00 3.89
CA LEU C 478 45.51 39.11 3.66
C LEU C 478 45.92 38.05 2.65
N ALA C 479 46.43 36.93 3.17
CA ALA C 479 46.78 35.78 2.36
C ALA C 479 46.13 34.55 2.98
N VAL C 480 45.39 33.80 2.17
CA VAL C 480 44.69 32.62 2.67
C VAL C 480 45.71 31.56 3.05
N THR C 481 45.60 31.04 4.26
CA THR C 481 46.52 30.05 4.79
C THR C 481 45.90 28.67 4.76
N MET C 482 46.75 27.66 4.86
CA MET C 482 46.28 26.28 4.88
C MET C 482 45.30 26.05 6.03
N ASP C 483 45.49 26.77 7.14
CA ASP C 483 44.54 26.65 8.25
C ASP C 483 43.15 27.11 7.83
N ASP C 484 43.08 28.20 7.06
CA ASP C 484 41.79 28.68 6.58
C ASP C 484 41.13 27.66 5.67
N PHE C 485 41.90 27.04 4.76
CA PHE C 485 41.35 26.05 3.86
C PHE C 485 40.86 24.83 4.62
N ARG C 486 41.62 24.38 5.62
CA ARG C 486 41.21 23.23 6.40
C ARG C 486 39.99 23.55 7.26
N TRP C 487 39.89 24.79 7.74
CA TRP C 487 38.70 25.21 8.45
C TRP C 487 37.49 25.20 7.53
N ALA C 488 37.63 25.76 6.33
CA ALA C 488 36.54 25.79 5.38
C ALA C 488 36.14 24.37 4.98
N LEU C 489 37.12 23.51 4.75
CA LEU C 489 36.82 22.14 4.38
C LEU C 489 36.11 21.40 5.50
N GLY C 490 36.43 21.72 6.76
CA GLY C 490 35.73 21.10 7.86
C GLY C 490 34.28 21.50 7.95
N LYS C 491 33.99 22.80 7.75
CA LYS C 491 32.62 23.30 7.82
C LYS C 491 31.82 23.01 6.57
N SER C 492 32.46 22.64 5.46
CA SER C 492 31.74 22.42 4.22
C SER C 492 30.87 21.18 4.30
N ASN C 493 29.69 21.25 3.70
CA ASN C 493 28.74 20.15 3.63
C ASN C 493 28.45 19.90 2.16
N PRO C 494 29.31 19.17 1.45
CA PRO C 494 29.12 19.01 0.01
C PRO C 494 27.82 18.30 -0.32
N SER C 495 27.28 18.64 -1.49
CA SER C 495 25.99 18.12 -1.91
C SER C 495 26.08 16.74 -2.55
N ALA C 496 27.29 16.27 -2.89
CA ALA C 496 27.47 15.02 -3.61
C ALA C 496 28.12 13.93 -2.76
N LEU C 497 27.98 14.01 -1.44
CA LEU C 497 28.52 12.95 -0.59
C LEU C 497 27.83 11.62 -0.88
N ARG C 498 26.50 11.66 -1.03
CA ARG C 498 25.72 10.44 -1.17
C ARG C 498 25.65 9.92 -2.60
N GLU C 499 26.23 10.64 -3.55
CA GLU C 499 26.28 10.15 -4.92
C GLU C 499 27.32 9.04 -5.04
N THR C 500 27.04 8.07 -5.90
CA THR C 500 27.98 6.98 -6.12
C THR C 500 29.22 7.49 -6.84
N THR C 501 30.39 6.99 -6.41
CA THR C 501 31.66 7.36 -6.98
C THR C 501 32.11 6.29 -7.99
N VAL C 502 32.71 6.74 -9.08
CA VAL C 502 33.16 5.84 -10.14
C VAL C 502 34.64 6.09 -10.43
N GLU C 503 35.38 6.53 -9.41
CA GLU C 503 36.79 6.87 -9.57
C GLU C 503 37.66 5.64 -9.34
N VAL C 504 38.92 5.75 -9.77
CA VAL C 504 39.91 4.70 -9.55
C VAL C 504 40.39 4.79 -8.11
N PRO C 505 40.34 3.71 -7.35
CA PRO C 505 40.66 3.80 -5.92
C PRO C 505 42.15 4.04 -5.67
N ASN C 506 42.45 4.49 -4.46
CA ASN C 506 43.82 4.75 -4.04
C ASN C 506 44.47 3.56 -3.36
N VAL C 507 43.75 2.46 -3.16
CA VAL C 507 44.31 1.30 -2.49
C VAL C 507 45.17 0.53 -3.47
N THR C 508 46.40 0.22 -3.06
CA THR C 508 47.34 -0.54 -3.87
C THR C 508 47.60 -1.89 -3.21
N TRP C 509 48.47 -2.69 -3.84
CA TRP C 509 48.86 -3.95 -3.23
C TRP C 509 49.63 -3.74 -1.94
N ASP C 510 50.43 -2.67 -1.88
CA ASP C 510 51.23 -2.41 -0.69
C ASP C 510 50.34 -2.19 0.53
N ASP C 511 49.08 -1.78 0.33
CA ASP C 511 48.15 -1.66 1.43
C ASP C 511 47.59 -3.00 1.88
N ILE C 512 47.89 -4.08 1.16
CA ILE C 512 47.41 -5.42 1.48
C ILE C 512 48.62 -6.29 1.75
N GLY C 513 48.55 -7.13 2.79
CA GLY C 513 49.63 -8.01 3.14
C GLY C 513 49.21 -9.47 3.14
N GLY C 514 50.08 -10.32 2.61
CA GLY C 514 49.93 -11.76 2.75
C GLY C 514 48.74 -12.37 2.04
N LEU C 515 48.49 -11.97 0.79
CA LEU C 515 47.50 -12.62 -0.06
C LEU C 515 48.06 -12.79 -1.46
N GLU C 516 49.32 -13.22 -1.56
CA GLU C 516 50.03 -13.18 -2.82
C GLU C 516 49.34 -14.03 -3.89
N ASN C 517 48.86 -15.21 -3.49
CA ASN C 517 48.20 -16.09 -4.46
C ASN C 517 46.94 -15.44 -5.01
N VAL C 518 46.18 -14.76 -4.15
CA VAL C 518 44.94 -14.13 -4.59
C VAL C 518 45.24 -13.01 -5.59
N LYS C 519 46.34 -12.30 -5.39
CA LYS C 519 46.69 -11.22 -6.32
C LYS C 519 46.86 -11.76 -7.73
N ARG C 520 47.57 -12.88 -7.87
CA ARG C 520 47.77 -13.47 -9.18
C ARG C 520 46.45 -13.88 -9.81
N GLU C 521 45.57 -14.49 -9.02
CA GLU C 521 44.27 -14.90 -9.55
C GLU C 521 43.47 -13.70 -10.04
N LEU C 522 43.45 -12.62 -9.25
CA LEU C 522 42.72 -11.43 -9.66
C LEU C 522 43.32 -10.81 -10.90
N GLN C 523 44.65 -10.81 -10.99
CA GLN C 523 45.32 -10.25 -12.17
C GLN C 523 44.91 -11.01 -13.43
N GLU C 524 44.89 -12.34 -13.36
CA GLU C 524 44.47 -13.13 -14.51
C GLU C 524 42.99 -12.92 -14.81
N LEU C 525 42.16 -12.79 -13.77
CA LEU C 525 40.73 -12.65 -13.99
C LEU C 525 40.37 -11.27 -14.51
N VAL C 526 41.03 -10.22 -14.01
CA VAL C 526 40.66 -8.85 -14.30
C VAL C 526 41.65 -8.19 -15.25
N GLN C 527 42.95 -8.40 -15.05
CA GLN C 527 43.95 -7.66 -15.83
C GLN C 527 44.12 -8.26 -17.22
N TYR C 528 44.26 -9.59 -17.30
CA TYR C 528 44.55 -10.22 -18.58
C TYR C 528 43.46 -9.96 -19.62
N PRO C 529 42.17 -10.10 -19.32
CA PRO C 529 41.16 -9.81 -20.35
C PRO C 529 41.25 -8.41 -20.92
N VAL C 530 41.71 -7.44 -20.13
CA VAL C 530 41.83 -6.08 -20.61
C VAL C 530 43.14 -5.89 -21.36
N GLU C 531 44.25 -6.33 -20.79
CA GLU C 531 45.55 -6.08 -21.38
C GLU C 531 45.82 -6.99 -22.58
N HIS C 532 45.35 -8.23 -22.54
CA HIS C 532 45.64 -9.21 -23.58
C HIS C 532 44.31 -9.82 -24.06
N PRO C 533 43.47 -9.03 -24.72
CA PRO C 533 42.24 -9.59 -25.27
C PRO C 533 42.47 -10.52 -26.45
N ASP C 534 43.58 -10.32 -27.19
CA ASP C 534 43.83 -11.15 -28.36
C ASP C 534 44.04 -12.61 -27.96
N LYS C 535 44.74 -12.85 -26.86
CA LYS C 535 45.06 -14.21 -26.47
C LYS C 535 43.81 -15.02 -26.14
N PHE C 536 42.83 -14.39 -25.49
CA PHE C 536 41.58 -15.07 -25.21
C PHE C 536 40.86 -15.43 -26.50
N LEU C 537 40.86 -14.52 -27.47
CA LEU C 537 40.30 -14.84 -28.77
C LEU C 537 41.11 -15.93 -29.47
N LYS C 538 42.42 -15.98 -29.23
CA LYS C 538 43.25 -17.00 -29.85
C LYS C 538 42.86 -18.39 -29.38
N PHE C 539 42.65 -18.56 -28.07
CA PHE C 539 42.28 -19.86 -27.53
C PHE C 539 40.78 -20.11 -27.55
N GLY C 540 39.98 -19.14 -27.99
CA GLY C 540 38.60 -19.39 -28.32
C GLY C 540 37.68 -19.69 -27.15
N MET C 541 38.00 -19.20 -25.96
CA MET C 541 37.13 -19.35 -24.80
C MET C 541 37.08 -18.03 -24.05
N THR C 542 35.87 -17.51 -23.83
CA THR C 542 35.67 -16.21 -23.22
C THR C 542 35.88 -16.29 -21.70
N PRO C 543 36.37 -15.22 -21.08
CA PRO C 543 36.62 -15.27 -19.65
C PRO C 543 35.36 -14.98 -18.84
N SER C 544 35.25 -15.65 -17.69
CA SER C 544 34.21 -15.32 -16.73
C SER C 544 34.59 -14.04 -16.00
N LYS C 545 33.64 -13.11 -15.90
CA LYS C 545 33.89 -11.80 -15.29
C LYS C 545 33.08 -11.59 -14.03
N GLY C 546 32.98 -12.63 -13.19
CA GLY C 546 32.31 -12.53 -11.91
C GLY C 546 33.09 -13.27 -10.84
N VAL C 547 33.25 -12.65 -9.66
CA VAL C 547 34.06 -13.19 -8.59
C VAL C 547 33.30 -13.04 -7.27
N LEU C 548 33.50 -13.99 -6.37
CA LEU C 548 32.94 -13.93 -5.02
C LEU C 548 34.05 -14.15 -4.01
N PHE C 549 34.32 -13.12 -3.21
CA PHE C 549 35.19 -13.25 -2.05
C PHE C 549 34.35 -13.70 -0.85
N TYR C 550 34.78 -14.77 -0.19
CA TYR C 550 34.11 -15.23 1.01
C TYR C 550 35.16 -15.72 2.00
N GLY C 551 34.96 -15.38 3.27
CA GLY C 551 35.89 -15.75 4.30
C GLY C 551 35.58 -15.07 5.62
N PRO C 552 36.42 -15.31 6.62
CA PRO C 552 36.18 -14.72 7.92
C PRO C 552 36.19 -13.21 7.86
N PRO C 553 35.45 -12.54 8.74
CA PRO C 553 35.40 -11.08 8.69
C PRO C 553 36.77 -10.45 8.94
N GLY C 554 36.97 -9.29 8.34
CA GLY C 554 38.19 -8.53 8.55
C GLY C 554 39.45 -9.17 7.99
N CYS C 555 39.38 -9.76 6.80
CA CYS C 555 40.53 -10.44 6.22
C CYS C 555 40.99 -9.82 4.90
N GLY C 556 40.32 -8.79 4.40
CA GLY C 556 40.83 -8.03 3.29
C GLY C 556 40.04 -8.14 2.00
N LYS C 557 38.77 -8.53 2.10
CA LYS C 557 37.95 -8.65 0.90
C LYS C 557 37.66 -7.30 0.27
N THR C 558 37.39 -6.28 1.10
CA THR C 558 37.16 -4.95 0.56
C THR C 558 38.43 -4.38 -0.05
N LEU C 559 39.57 -4.61 0.58
CA LEU C 559 40.83 -4.08 0.06
C LEU C 559 41.19 -4.72 -1.28
N LEU C 560 40.98 -6.03 -1.41
CA LEU C 560 41.32 -6.71 -2.64
C LEU C 560 40.55 -6.15 -3.82
N ALA C 561 39.26 -5.89 -3.65
CA ALA C 561 38.46 -5.35 -4.74
C ALA C 561 38.98 -3.98 -5.17
N LYS C 562 39.42 -3.17 -4.21
CA LYS C 562 39.93 -1.85 -4.55
C LYS C 562 41.32 -1.95 -5.18
N ALA C 563 42.16 -2.85 -4.66
CA ALA C 563 43.53 -2.94 -5.14
C ALA C 563 43.58 -3.39 -6.60
N ILE C 564 42.75 -4.37 -6.96
CA ILE C 564 42.75 -4.87 -8.33
C ILE C 564 42.31 -3.78 -9.29
N ALA C 565 41.30 -3.00 -8.90
CA ALA C 565 40.89 -1.88 -9.73
C ALA C 565 42.02 -0.87 -9.88
N ASN C 566 42.78 -0.64 -8.81
CA ASN C 566 43.91 0.28 -8.89
C ASN C 566 44.98 -0.25 -9.82
N GLU C 567 45.28 -1.54 -9.74
CA GLU C 567 46.34 -2.10 -10.58
C GLU C 567 46.00 -1.96 -12.05
N CYS C 568 44.77 -2.29 -12.43
CA CYS C 568 44.35 -2.20 -13.82
C CYS C 568 43.96 -0.78 -14.22
N GLN C 569 44.04 0.18 -13.30
CA GLN C 569 43.59 1.54 -13.56
C GLN C 569 42.15 1.57 -14.04
N ALA C 570 41.35 0.65 -13.51
CA ALA C 570 39.95 0.55 -13.86
C ALA C 570 39.11 1.30 -12.84
N ASN C 571 37.99 1.85 -13.29
CA ASN C 571 37.08 2.53 -12.39
C ASN C 571 36.50 1.53 -11.40
N PHE C 572 36.05 2.03 -10.26
CA PHE C 572 35.59 1.21 -9.16
C PHE C 572 34.27 1.78 -8.63
N ILE C 573 33.24 0.95 -8.60
CA ILE C 573 31.96 1.30 -8.01
C ILE C 573 31.70 0.33 -6.88
N SER C 574 31.50 0.87 -5.68
CA SER C 574 31.22 0.07 -4.49
C SER C 574 29.76 0.29 -4.10
N ILE C 575 29.03 -0.80 -3.91
CA ILE C 575 27.65 -0.76 -3.45
C ILE C 575 27.55 -1.77 -2.31
N LYS C 576 27.45 -1.26 -1.09
CA LYS C 576 27.33 -2.13 0.06
C LYS C 576 25.91 -2.66 0.20
N GLY C 577 25.77 -3.77 0.93
CA GLY C 577 24.50 -4.43 1.09
C GLY C 577 23.45 -3.54 1.70
N PRO C 578 23.78 -2.84 2.78
CA PRO C 578 22.82 -1.90 3.37
C PRO C 578 22.34 -0.84 2.42
N GLU C 579 23.19 -0.36 1.50
CA GLU C 579 22.74 0.62 0.52
C GLU C 579 21.66 0.02 -0.39
N LEU C 580 21.86 -1.21 -0.83
CA LEU C 580 20.90 -1.85 -1.73
C LEU C 580 19.53 -1.94 -1.08
N LEU C 581 19.49 -2.33 0.19
CA LEU C 581 18.22 -2.50 0.87
C LEU C 581 17.55 -1.16 1.14
N THR C 582 18.32 -0.08 1.24
CA THR C 582 17.76 1.25 1.45
C THR C 582 17.15 1.84 0.19
N MET C 583 17.39 1.23 -0.97
CA MET C 583 16.84 1.74 -2.23
C MET C 583 15.49 1.09 -2.53
N ALA C 590 14.35 0.13 -9.55
CA ALA C 590 14.87 0.77 -10.75
C ALA C 590 16.25 1.37 -10.50
N ASN C 591 16.67 1.40 -9.23
CA ASN C 591 17.97 1.96 -8.89
C ASN C 591 19.10 0.97 -9.17
N VAL C 592 18.88 -0.31 -8.86
CA VAL C 592 19.91 -1.32 -9.10
C VAL C 592 20.28 -1.33 -10.58
N ARG C 593 19.31 -1.04 -11.45
CA ARG C 593 19.59 -0.94 -12.87
C ARG C 593 20.55 0.21 -13.15
N ASP C 594 20.54 1.24 -12.30
CA ASP C 594 21.37 2.42 -12.55
C ASP C 594 22.84 2.15 -12.21
N ILE C 595 23.11 1.36 -11.18
CA ILE C 595 24.49 1.01 -10.86
C ILE C 595 25.13 0.27 -12.03
N PHE C 596 24.40 -0.67 -12.62
CA PHE C 596 24.94 -1.39 -13.77
C PHE C 596 25.09 -0.49 -14.99
N ASP C 597 24.23 0.53 -15.11
CA ASP C 597 24.40 1.50 -16.18
C ASP C 597 25.67 2.31 -15.98
N LYS C 598 25.94 2.73 -14.75
CA LYS C 598 27.20 3.44 -14.47
C LYS C 598 28.39 2.56 -14.75
N ALA C 599 28.29 1.27 -14.44
CA ALA C 599 29.39 0.35 -14.69
C ALA C 599 29.70 0.25 -16.18
N ARG C 600 28.66 0.19 -17.01
CA ARG C 600 28.88 0.12 -18.46
C ARG C 600 29.59 1.37 -18.98
N GLN C 601 29.21 2.54 -18.50
CA GLN C 601 29.84 3.77 -18.97
C GLN C 601 31.33 3.80 -18.62
N ALA C 602 31.67 3.42 -17.40
CA ALA C 602 33.07 3.27 -17.03
C ALA C 602 33.71 2.23 -17.94
N ALA C 603 34.83 2.60 -18.56
CA ALA C 603 35.30 1.81 -19.69
C ALA C 603 35.72 0.41 -19.24
N PRO C 604 36.84 0.22 -18.52
CA PRO C 604 36.91 -0.91 -17.61
C PRO C 604 36.44 -0.52 -16.21
N CYS C 605 35.64 -1.38 -15.60
CA CYS C 605 35.07 -1.10 -14.30
C CYS C 605 35.06 -2.36 -13.45
N VAL C 606 35.37 -2.19 -12.16
CA VAL C 606 35.18 -3.23 -11.17
C VAL C 606 33.96 -2.85 -10.33
N LEU C 607 32.85 -3.56 -10.55
CA LEU C 607 31.60 -3.30 -9.85
C LEU C 607 31.56 -4.22 -8.64
N PHE C 608 31.70 -3.64 -7.46
CA PHE C 608 31.88 -4.41 -6.22
C PHE C 608 30.63 -4.31 -5.38
N PHE C 609 30.09 -5.46 -5.00
CA PHE C 609 28.95 -5.55 -4.09
C PHE C 609 29.46 -6.09 -2.76
N ASP C 610 29.74 -5.19 -1.83
CA ASP C 610 30.30 -5.54 -0.54
C ASP C 610 29.20 -5.85 0.46
N GLU C 611 29.56 -6.59 1.50
CA GLU C 611 28.65 -6.90 2.60
C GLU C 611 27.37 -7.55 2.08
N LEU C 612 27.53 -8.52 1.17
CA LEU C 612 26.38 -9.26 0.68
C LEU C 612 25.67 -10.01 1.79
N ASP C 613 26.34 -10.26 2.91
CA ASP C 613 25.70 -10.95 4.02
C ASP C 613 24.50 -10.17 4.55
N SER C 614 24.49 -8.85 4.36
CA SER C 614 23.35 -8.06 4.79
C SER C 614 22.08 -8.48 4.07
N ILE C 615 22.17 -8.70 2.74
CA ILE C 615 21.00 -9.15 1.99
C ILE C 615 20.55 -10.51 2.47
N ALA C 616 21.51 -11.42 2.69
CA ALA C 616 21.17 -12.76 3.14
C ALA C 616 20.49 -12.73 4.51
N LYS C 617 21.02 -11.92 5.43
CA LYS C 617 20.43 -11.82 6.77
C LYS C 617 19.05 -11.19 6.74
N ALA C 618 18.71 -10.47 5.66
CA ALA C 618 17.39 -9.90 5.49
C ALA C 618 16.44 -10.83 4.74
N ALA C 629 12.25 -6.82 0.39
CA ALA C 629 13.29 -5.97 -0.16
C ALA C 629 14.50 -6.80 -0.57
N ALA C 630 14.89 -7.72 0.30
CA ALA C 630 16.04 -8.58 -0.01
C ALA C 630 15.75 -9.45 -1.22
N ASP C 631 14.54 -10.02 -1.29
CA ASP C 631 14.18 -10.87 -2.43
C ASP C 631 14.19 -10.06 -3.72
N ARG C 632 13.64 -8.84 -3.68
CA ARG C 632 13.65 -7.99 -4.86
C ARG C 632 15.07 -7.61 -5.26
N VAL C 633 15.91 -7.30 -4.27
CA VAL C 633 17.27 -6.85 -4.57
C VAL C 633 18.05 -7.98 -5.23
N ILE C 634 18.03 -9.17 -4.64
CA ILE C 634 18.85 -10.26 -5.16
C ILE C 634 18.39 -10.64 -6.56
N ASN C 635 17.08 -10.73 -6.77
CA ASN C 635 16.57 -11.08 -8.10
C ASN C 635 16.95 -10.03 -9.12
N GLN C 636 16.91 -8.75 -8.74
CA GLN C 636 17.33 -7.68 -9.63
C GLN C 636 18.81 -7.80 -9.97
N LEU C 637 19.63 -8.13 -8.97
CA LEU C 637 21.05 -8.32 -9.22
C LEU C 637 21.29 -9.47 -10.20
N LEU C 638 20.58 -10.58 -9.99
CA LEU C 638 20.75 -11.72 -10.90
C LEU C 638 20.32 -11.37 -12.31
N THR C 639 19.22 -10.62 -12.46
CA THR C 639 18.78 -10.22 -13.78
C THR C 639 19.79 -9.29 -14.45
N GLU C 640 20.39 -8.38 -13.69
CA GLU C 640 21.36 -7.46 -14.24
C GLU C 640 22.69 -8.14 -14.56
N MET C 641 23.12 -9.10 -13.74
CA MET C 641 24.31 -9.86 -14.07
C MET C 641 24.13 -10.65 -15.36
N ASP C 642 22.91 -11.14 -15.61
CA ASP C 642 22.66 -11.88 -16.84
C ASP C 642 22.65 -10.96 -18.05
N GLY C 643 22.25 -9.71 -17.87
CA GLY C 643 22.28 -8.74 -18.95
C GLY C 643 23.62 -8.13 -19.23
N MET C 644 24.63 -8.45 -18.40
CA MET C 644 25.98 -7.93 -18.55
C MET C 644 26.81 -9.00 -19.26
N SER C 645 27.19 -8.73 -20.50
CA SER C 645 27.94 -9.69 -21.29
C SER C 645 29.38 -9.80 -20.80
N ALA C 646 29.98 -10.96 -21.04
CA ALA C 646 31.38 -11.15 -20.69
C ALA C 646 32.32 -10.41 -21.62
N LYS C 647 31.81 -9.91 -22.75
CA LYS C 647 32.64 -9.21 -23.73
C LYS C 647 32.79 -7.73 -23.42
N LYS C 648 32.06 -7.21 -22.44
CA LYS C 648 32.22 -5.83 -21.99
C LYS C 648 33.04 -5.86 -20.70
N ASN C 649 34.03 -4.99 -20.61
CA ASN C 649 35.01 -5.06 -19.53
C ASN C 649 34.46 -4.52 -18.23
N VAL C 650 33.36 -5.09 -17.76
CA VAL C 650 32.82 -4.79 -16.44
C VAL C 650 32.93 -6.07 -15.62
N PHE C 651 33.68 -5.99 -14.51
CA PHE C 651 33.92 -7.13 -13.64
C PHE C 651 33.10 -6.96 -12.37
N ILE C 652 32.33 -7.98 -12.02
CA ILE C 652 31.48 -7.95 -10.84
C ILE C 652 32.13 -8.78 -9.76
N ILE C 653 32.36 -8.18 -8.60
CA ILE C 653 32.94 -8.84 -7.44
C ILE C 653 31.96 -8.74 -6.29
N GLY C 654 31.69 -9.86 -5.64
CA GLY C 654 30.90 -9.87 -4.44
C GLY C 654 31.73 -10.27 -3.23
N ALA C 655 31.33 -9.80 -2.05
CA ALA C 655 32.02 -10.14 -0.82
C ALA C 655 30.98 -10.51 0.23
N THR C 656 31.25 -11.58 0.97
CA THR C 656 30.33 -12.06 2.00
C THR C 656 31.13 -12.63 3.16
N ASN C 657 30.77 -12.25 4.37
CA ASN C 657 31.30 -12.87 5.57
C ASN C 657 30.51 -14.11 5.97
N ARG C 658 29.42 -14.41 5.27
CA ARG C 658 28.51 -15.49 5.64
C ARG C 658 28.26 -16.38 4.42
N PRO C 659 29.23 -17.23 4.07
CA PRO C 659 28.99 -18.17 2.96
C PRO C 659 27.93 -19.22 3.26
N ASP C 660 27.45 -19.29 4.50
CA ASP C 660 26.46 -20.29 4.86
C ASP C 660 25.04 -19.94 4.42
N ILE C 661 24.75 -18.64 4.22
CA ILE C 661 23.42 -18.19 3.87
C ILE C 661 23.39 -17.48 2.52
N ILE C 662 24.43 -17.66 1.70
CA ILE C 662 24.47 -17.03 0.39
C ILE C 662 23.58 -17.81 -0.56
N ASP C 663 22.69 -17.12 -1.26
CA ASP C 663 21.84 -17.76 -2.24
C ASP C 663 22.67 -18.40 -3.34
N GLY C 664 22.31 -19.62 -3.73
CA GLY C 664 23.08 -20.34 -4.72
C GLY C 664 22.90 -19.81 -6.13
N ALA C 665 21.86 -19.02 -6.38
CA ALA C 665 21.67 -18.46 -7.71
C ALA C 665 22.81 -17.53 -8.09
N ILE C 666 23.44 -16.88 -7.12
CA ILE C 666 24.49 -15.92 -7.42
C ILE C 666 25.77 -16.64 -7.85
N LEU C 667 25.88 -17.93 -7.56
CA LEU C 667 27.06 -18.71 -7.93
C LEU C 667 26.88 -19.46 -9.24
N ARG C 668 25.77 -19.25 -9.94
CA ARG C 668 25.54 -19.96 -11.19
C ARG C 668 26.59 -19.56 -12.21
N PRO C 669 27.04 -20.47 -13.08
CA PRO C 669 27.97 -20.08 -14.15
C PRO C 669 27.42 -18.94 -14.99
N GLY C 670 28.30 -18.01 -15.39
CA GLY C 670 27.89 -16.76 -15.96
C GLY C 670 27.71 -15.65 -14.94
N ARG C 671 27.26 -15.99 -13.74
CA ARG C 671 27.22 -15.10 -12.60
C ARG C 671 28.52 -15.25 -11.81
N LEU C 672 28.53 -14.82 -10.55
CA LEU C 672 29.75 -14.82 -9.74
C LEU C 672 30.19 -16.25 -9.44
N ASP C 673 30.76 -16.89 -10.47
CA ASP C 673 31.16 -18.29 -10.39
C ASP C 673 32.63 -18.49 -10.06
N GLN C 674 33.42 -17.43 -9.98
CA GLN C 674 34.80 -17.53 -9.51
C GLN C 674 34.80 -17.33 -7.99
N LEU C 675 35.08 -18.40 -7.26
CA LEU C 675 34.97 -18.42 -5.81
C LEU C 675 36.38 -18.39 -5.23
N ILE C 676 36.74 -17.29 -4.58
CA ILE C 676 38.05 -17.11 -3.96
C ILE C 676 37.83 -17.01 -2.45
N TYR C 677 38.48 -17.90 -1.71
CA TYR C 677 38.36 -17.92 -0.26
C TYR C 677 39.52 -17.15 0.36
N ILE C 678 39.19 -16.17 1.19
CA ILE C 678 40.19 -15.32 1.84
C ILE C 678 40.34 -15.78 3.28
N PRO C 679 41.35 -16.58 3.62
CA PRO C 679 41.46 -17.15 4.96
C PRO C 679 42.06 -16.15 5.94
N LEU C 680 42.16 -16.58 7.19
CA LEU C 680 42.88 -15.79 8.19
C LEU C 680 44.35 -15.75 7.83
N PRO C 681 45.05 -14.64 8.08
CA PRO C 681 46.47 -14.57 7.73
C PRO C 681 47.29 -15.56 8.55
N ASP C 682 48.34 -16.07 7.93
CA ASP C 682 49.32 -16.88 8.64
C ASP C 682 50.35 -15.96 9.29
N GLU C 683 51.33 -16.56 9.97
CA GLU C 683 52.33 -15.76 10.67
C GLU C 683 53.09 -14.86 9.69
N ALA C 684 53.48 -15.41 8.55
CA ALA C 684 54.16 -14.61 7.53
C ALA C 684 53.26 -13.50 7.02
N SER C 685 51.99 -13.81 6.79
CA SER C 685 51.04 -12.80 6.33
C SER C 685 50.83 -11.72 7.38
N ARG C 686 50.74 -12.12 8.65
CA ARG C 686 50.49 -11.15 9.71
C ARG C 686 51.61 -10.14 9.82
N VAL C 687 52.85 -10.59 9.56
CA VAL C 687 53.99 -9.67 9.55
C VAL C 687 53.79 -8.60 8.49
N ASN C 688 53.35 -9.01 7.29
CA ASN C 688 53.17 -8.06 6.21
C ASN C 688 52.00 -7.12 6.49
N ILE C 689 50.96 -7.62 7.15
CA ILE C 689 49.82 -6.76 7.50
C ILE C 689 50.28 -5.66 8.45
N LEU C 690 51.07 -6.03 9.46
CA LEU C 690 51.53 -5.04 10.43
C LEU C 690 52.44 -4.01 9.77
N LYS C 691 53.32 -4.46 8.88
CA LYS C 691 54.20 -3.53 8.17
C LYS C 691 53.38 -2.57 7.31
N ALA C 692 52.34 -3.09 6.65
CA ALA C 692 51.49 -2.24 5.83
C ALA C 692 50.77 -1.19 6.67
N ASN C 693 50.29 -1.59 7.85
CA ASN C 693 49.52 -0.69 8.70
C ASN C 693 50.40 0.34 9.40
N LEU C 694 51.69 0.08 9.55
CA LEU C 694 52.60 0.97 10.26
C LEU C 694 53.48 1.80 9.34
N ARG C 695 53.19 1.83 8.04
CA ARG C 695 54.01 2.61 7.11
C ARG C 695 53.99 4.09 7.47
N LYS C 696 52.81 4.63 7.76
CA LYS C 696 52.70 6.06 8.04
C LYS C 696 53.21 6.38 9.43
N SER C 697 52.96 5.51 10.40
CA SER C 697 53.28 5.82 11.79
C SER C 697 54.79 5.72 12.03
N PRO C 698 55.36 6.58 12.87
CA PRO C 698 56.76 6.42 13.28
C PRO C 698 56.89 5.37 14.38
N ILE C 699 57.71 4.36 14.14
CA ILE C 699 57.85 3.22 15.03
C ILE C 699 59.28 3.17 15.55
N ALA C 700 59.43 2.94 16.85
CA ALA C 700 60.75 2.84 17.45
C ALA C 700 61.45 1.57 17.01
N ARG C 701 62.78 1.59 17.09
CA ARG C 701 63.58 0.45 16.67
C ARG C 701 63.38 -0.77 17.54
N ASP C 702 62.83 -0.60 18.75
CA ASP C 702 62.63 -1.72 19.66
C ASP C 702 61.39 -2.53 19.35
N VAL C 703 60.56 -2.07 18.40
CA VAL C 703 59.34 -2.80 18.05
C VAL C 703 59.71 -3.90 17.06
N ASP C 704 59.49 -5.15 17.47
CA ASP C 704 59.74 -6.31 16.62
C ASP C 704 58.41 -6.79 16.06
N ILE C 705 58.18 -6.51 14.78
CA ILE C 705 56.93 -6.92 14.15
C ILE C 705 56.85 -8.44 14.09
N ASN C 706 57.99 -9.10 13.90
CA ASN C 706 58.00 -10.56 13.90
C ASN C 706 57.49 -11.12 15.22
N PHE C 707 57.79 -10.43 16.33
CA PHE C 707 57.27 -10.85 17.63
C PHE C 707 55.77 -10.63 17.72
N LEU C 708 55.28 -9.49 17.23
CA LEU C 708 53.84 -9.22 17.28
C LEU C 708 53.08 -10.25 16.46
N ALA C 709 53.59 -10.59 15.28
CA ALA C 709 52.90 -11.57 14.44
C ALA C 709 52.80 -12.91 15.15
N LYS C 710 53.87 -13.33 15.82
CA LYS C 710 53.85 -14.60 16.55
C LYS C 710 52.83 -14.58 17.68
N ALA C 711 52.70 -13.44 18.36
CA ALA C 711 51.75 -13.33 19.46
C ALA C 711 50.31 -13.21 19.00
N THR C 712 50.07 -12.68 17.80
CA THR C 712 48.72 -12.45 17.30
C THR C 712 48.26 -13.62 16.43
N GLN C 713 48.25 -14.81 17.03
CA GLN C 713 47.81 -16.00 16.32
C GLN C 713 46.30 -15.99 16.16
N GLY C 714 45.83 -16.26 14.95
CA GLY C 714 44.40 -16.25 14.68
C GLY C 714 43.79 -14.88 14.54
N PHE C 715 44.61 -13.83 14.54
CA PHE C 715 44.09 -12.47 14.46
C PHE C 715 43.83 -12.10 13.01
N SER C 716 42.68 -11.49 12.76
CA SER C 716 42.37 -10.99 11.43
C SER C 716 43.11 -9.69 11.17
N GLY C 717 43.11 -9.26 9.91
CA GLY C 717 43.74 -7.99 9.57
C GLY C 717 43.10 -6.82 10.28
N ALA C 718 41.79 -6.86 10.49
CA ALA C 718 41.12 -5.81 11.24
C ALA C 718 41.62 -5.79 12.69
N ASP C 719 41.83 -6.97 13.29
CA ASP C 719 42.34 -7.03 14.65
C ASP C 719 43.73 -6.42 14.73
N LEU C 720 44.59 -6.72 13.75
CA LEU C 720 45.95 -6.18 13.78
C LEU C 720 45.94 -4.66 13.61
N THR C 721 44.99 -4.14 12.83
CA THR C 721 44.83 -2.69 12.76
C THR C 721 44.40 -2.12 14.10
N GLU C 722 43.56 -2.85 14.83
CA GLU C 722 43.14 -2.38 16.15
C GLU C 722 44.32 -2.32 17.11
N ILE C 723 45.22 -3.30 17.05
CA ILE C 723 46.41 -3.25 17.89
C ILE C 723 47.22 -2.01 17.58
N CYS C 724 47.34 -1.68 16.29
CA CYS C 724 48.08 -0.48 15.91
C CYS C 724 47.36 0.78 16.38
N GLN C 725 46.03 0.80 16.29
CA GLN C 725 45.28 1.94 16.80
C GLN C 725 45.50 2.11 18.29
N ARG C 726 45.44 1.01 19.04
CA ARG C 726 45.61 1.08 20.48
C ARG C 726 47.02 1.55 20.85
N ALA C 727 48.02 1.08 20.11
CA ALA C 727 49.39 1.52 20.36
C ALA C 727 49.52 3.02 20.16
N CYS C 728 48.89 3.55 19.10
CA CYS C 728 48.92 4.99 18.88
C CYS C 728 48.26 5.74 20.03
N LYS C 729 47.11 5.23 20.49
CA LYS C 729 46.40 5.92 21.58
C LYS C 729 47.24 5.95 22.84
N GLN C 730 47.96 4.86 23.13
CA GLN C 730 48.89 4.89 24.25
C GLN C 730 49.97 5.93 24.04
N ALA C 731 50.51 6.02 22.82
CA ALA C 731 51.52 7.02 22.52
C ALA C 731 50.95 8.43 22.64
N ILE C 732 49.73 8.64 22.12
CA ILE C 732 49.11 9.96 22.22
C ILE C 732 48.84 10.29 23.68
N ARG C 733 48.37 9.31 24.46
CA ARG C 733 48.13 9.54 25.89
C ARG C 733 49.41 9.94 26.59
N GLU C 734 50.52 9.26 26.31
CA GLU C 734 51.78 9.60 26.94
C GLU C 734 52.26 10.97 26.50
N SER C 735 52.07 11.30 25.21
CA SER C 735 52.48 12.61 24.73
C SER C 735 51.73 13.72 25.44
N ILE C 736 50.43 13.55 25.64
CA ILE C 736 49.64 14.57 26.32
C ILE C 736 50.10 14.71 27.77
N GLU C 737 50.38 13.59 28.44
CA GLU C 737 50.85 13.66 29.82
C GLU C 737 52.17 14.39 29.92
N ALA C 738 53.10 14.12 28.99
CA ALA C 738 54.39 14.78 29.03
C ALA C 738 54.25 16.28 28.84
N GLU C 739 53.37 16.71 27.94
CA GLU C 739 53.16 18.14 27.74
C GLU C 739 52.61 18.80 29.00
N ILE C 740 51.70 18.13 29.69
CA ILE C 740 51.15 18.68 30.93
C ILE C 740 52.25 18.84 31.96
N ARG C 741 53.13 17.84 32.08
CA ARG C 741 54.25 17.94 33.02
C ARG C 741 55.16 19.09 32.63
N ALA C 742 55.47 19.24 31.34
CA ALA C 742 56.35 20.32 30.91
C ALA C 742 55.71 21.68 31.16
N GLU C 743 54.44 21.83 30.81
CA GLU C 743 53.77 23.11 31.00
C GLU C 743 53.65 23.46 32.48
N SER C 744 53.36 22.47 33.32
CA SER C 744 53.21 22.70 34.75
C SER C 744 54.53 22.68 35.51
N GLU C 745 55.64 22.41 34.84
CA GLU C 745 56.95 22.39 35.49
C GLU C 745 58.04 22.83 34.53
N ASP C 758 60.57 15.93 21.31
CA ASP C 758 59.34 15.29 21.77
C ASP C 758 59.66 14.18 22.78
N PRO C 759 59.06 14.24 23.97
CA PRO C 759 59.32 13.19 24.96
C PRO C 759 59.00 11.79 24.43
N VAL C 760 57.94 11.66 23.65
CA VAL C 760 57.57 10.39 23.03
C VAL C 760 57.44 10.62 21.53
N PRO C 761 58.53 10.42 20.77
CA PRO C 761 58.49 10.73 19.33
C PRO C 761 57.95 9.58 18.49
N GLU C 762 58.01 8.36 19.02
CA GLU C 762 57.67 7.17 18.25
C GLU C 762 56.81 6.25 19.11
N ILE C 763 56.30 5.20 18.47
CA ILE C 763 55.46 4.21 19.14
C ILE C 763 56.40 3.11 19.62
N THR C 764 56.69 3.12 20.92
CA THR C 764 57.66 2.20 21.48
C THR C 764 57.07 0.81 21.66
N ARG C 765 57.94 -0.15 21.98
CA ARG C 765 57.50 -1.51 22.24
C ARG C 765 56.62 -1.59 23.48
N ARG C 766 56.84 -0.69 24.45
CA ARG C 766 56.00 -0.69 25.64
C ARG C 766 54.55 -0.38 25.28
N HIS C 767 54.32 0.50 24.31
CA HIS C 767 52.96 0.82 23.89
C HIS C 767 52.26 -0.41 23.32
N PHE C 768 52.96 -1.19 22.51
CA PHE C 768 52.34 -2.36 21.90
C PHE C 768 52.00 -3.41 22.95
N GLU C 769 52.79 -3.48 24.03
CA GLU C 769 52.48 -4.42 25.10
C GLU C 769 51.13 -4.10 25.72
N GLU C 770 50.85 -2.81 25.94
CA GLU C 770 49.56 -2.41 26.48
C GLU C 770 48.44 -2.69 25.49
N ALA C 771 48.71 -2.48 24.20
CA ALA C 771 47.68 -2.69 23.18
C ALA C 771 47.23 -4.14 23.13
N MET C 772 48.17 -5.06 23.22
CA MET C 772 47.87 -6.49 23.10
C MET C 772 47.48 -7.13 24.42
N ARG C 773 47.45 -6.36 25.52
CA ARG C 773 47.09 -6.93 26.81
C ARG C 773 45.66 -7.46 26.79
N PHE C 774 44.74 -6.70 26.21
CA PHE C 774 43.34 -7.07 26.14
C PHE C 774 42.89 -7.47 24.73
N ALA C 775 43.81 -7.54 23.78
CA ALA C 775 43.45 -7.92 22.42
C ALA C 775 43.06 -9.38 22.36
N ARG C 776 42.01 -9.68 21.60
CA ARG C 776 41.55 -11.04 21.39
C ARG C 776 41.14 -11.20 19.94
N ARG C 777 41.27 -12.42 19.43
CA ARG C 777 40.93 -12.71 18.05
C ARG C 777 39.43 -12.56 17.84
N SER C 778 39.04 -11.93 16.73
CA SER C 778 37.63 -11.74 16.43
C SER C 778 37.00 -12.95 15.75
N VAL C 779 37.79 -13.90 15.31
CA VAL C 779 37.29 -15.12 14.67
C VAL C 779 37.79 -16.29 15.50
N THR C 780 36.87 -17.04 16.09
CA THR C 780 37.25 -18.16 16.95
C THR C 780 37.67 -19.36 16.11
N GLU C 781 38.43 -20.25 16.73
CA GLU C 781 38.86 -21.47 16.03
C GLU C 781 37.68 -22.31 15.58
N ASN C 782 36.59 -22.30 16.35
CA ASN C 782 35.38 -23.01 15.93
C ASN C 782 34.81 -22.40 14.66
N ASP C 783 34.80 -21.06 14.58
CA ASP C 783 34.33 -20.40 13.36
C ASP C 783 35.26 -20.70 12.19
N VAL C 784 36.56 -20.71 12.44
CA VAL C 784 37.52 -21.00 11.37
C VAL C 784 37.23 -22.37 10.77
N ARG C 785 36.90 -23.34 11.61
CA ARG C 785 36.55 -24.67 11.10
C ARG C 785 35.36 -24.59 10.16
N LYS C 786 34.37 -23.77 10.51
CA LYS C 786 33.18 -23.65 9.67
C LYS C 786 33.52 -23.00 8.33
N TYR C 787 34.37 -21.97 8.36
CA TYR C 787 34.77 -21.32 7.11
C TYR C 787 35.55 -22.26 6.22
N GLU C 788 36.46 -23.03 6.80
CA GLU C 788 37.23 -24.00 6.00
C GLU C 788 36.32 -25.04 5.38
N MET C 789 35.17 -25.32 6.00
CA MET C 789 34.24 -26.27 5.42
C MET C 789 33.58 -25.68 4.17
N PHE C 790 33.12 -24.43 4.26
CA PHE C 790 32.46 -23.79 3.12
C PHE C 790 33.44 -23.48 2.00
N ALA C 791 34.74 -23.51 2.27
CA ALA C 791 35.72 -23.45 1.19
C ALA C 791 35.65 -24.69 0.32
N GLN C 792 34.96 -25.73 0.77
CA GLN C 792 34.80 -26.96 0.02
C GLN C 792 33.38 -27.21 -0.45
N THR C 793 32.40 -26.41 0.00
CA THR C 793 31.00 -26.72 -0.24
C THR C 793 30.15 -25.57 -0.79
N LEU C 794 30.75 -24.43 -1.15
CA LEU C 794 29.97 -23.40 -1.82
C LEU C 794 29.65 -23.80 -3.25
N GLN C 795 30.63 -24.36 -3.96
CA GLN C 795 30.37 -24.84 -5.31
C GLN C 795 29.22 -25.84 -5.33
N GLN C 796 29.06 -26.58 -4.23
CA GLN C 796 28.05 -27.62 -4.15
C GLN C 796 26.75 -27.16 -3.50
N SER C 797 26.68 -25.91 -3.07
CA SER C 797 25.46 -25.36 -2.48
C SER C 797 24.57 -24.70 -3.51
N ARG C 798 24.20 -25.43 -4.56
CA ARG C 798 23.37 -24.88 -5.62
C ARG C 798 22.32 -25.85 -6.11
N GLY C 799 22.32 -27.09 -5.63
CA GLY C 799 21.25 -28.03 -5.90
C GLY C 799 20.40 -28.29 -4.67
N ILE C 800 20.00 -29.54 -4.46
CA ILE C 800 19.16 -29.87 -3.30
C ILE C 800 19.91 -29.63 -2.01
N GLY C 801 21.14 -30.15 -1.91
CA GLY C 801 21.91 -29.96 -0.70
C GLY C 801 21.21 -30.56 0.50
N ASN C 802 21.39 -29.92 1.66
CA ASN C 802 20.73 -30.34 2.89
C ASN C 802 19.37 -29.67 3.05
N ASN C 803 18.52 -29.75 2.04
CA ASN C 803 17.15 -29.23 2.10
C ASN C 803 16.10 -30.32 2.08
N PHE C 804 16.47 -31.52 1.63
CA PHE C 804 15.58 -32.66 1.68
C PHE C 804 16.08 -33.69 2.69
N ASN D 232 18.45 10.68 -50.54
CA ASN D 232 17.33 10.64 -51.47
C ASN D 232 16.07 10.14 -50.76
N GLU D 233 15.00 9.95 -51.53
CA GLU D 233 13.74 9.51 -50.97
C GLU D 233 13.86 8.08 -50.43
N ILE D 234 13.19 7.83 -49.31
CA ILE D 234 13.23 6.53 -48.66
C ILE D 234 12.30 5.57 -49.39
N GLY D 235 12.75 4.32 -49.54
CA GLY D 235 11.95 3.29 -50.15
C GLY D 235 12.12 1.96 -49.45
N TYR D 236 11.51 0.90 -49.99
CA TYR D 236 11.61 -0.40 -49.36
C TYR D 236 13.05 -0.89 -49.28
N ASP D 237 13.91 -0.42 -50.19
CA ASP D 237 15.31 -0.84 -50.17
C ASP D 237 16.06 -0.29 -48.96
N ASP D 238 15.55 0.79 -48.36
CA ASP D 238 16.18 1.39 -47.20
C ASP D 238 15.74 0.75 -45.89
N ILE D 239 14.86 -0.23 -45.94
CA ILE D 239 14.38 -0.94 -44.76
C ILE D 239 14.94 -2.35 -44.79
N GLY D 240 15.52 -2.78 -43.68
CA GLY D 240 16.09 -4.11 -43.58
C GLY D 240 15.63 -4.81 -42.30
N GLY D 241 15.57 -6.13 -42.36
CA GLY D 241 15.25 -6.93 -41.20
C GLY D 241 13.78 -7.15 -40.94
N CYS D 242 12.90 -6.61 -41.77
CA CYS D 242 11.47 -6.79 -41.61
C CYS D 242 10.85 -7.14 -42.96
N ARG D 243 11.47 -8.11 -43.64
CA ARG D 243 10.97 -8.56 -44.94
C ARG D 243 9.54 -9.07 -44.83
N LYS D 244 9.25 -9.87 -43.81
CA LYS D 244 7.91 -10.41 -43.65
C LYS D 244 6.89 -9.30 -43.43
N GLN D 245 7.20 -8.35 -42.54
CA GLN D 245 6.25 -7.30 -42.21
C GLN D 245 5.95 -6.43 -43.42
N LEU D 246 6.97 -6.12 -44.22
CA LEU D 246 6.74 -5.30 -45.41
C LEU D 246 5.81 -6.02 -46.38
N ALA D 247 5.99 -7.34 -46.54
CA ALA D 247 5.12 -8.10 -47.43
C ALA D 247 3.66 -8.01 -46.99
N GLN D 248 3.42 -8.09 -45.68
CA GLN D 248 2.05 -7.98 -45.18
C GLN D 248 1.45 -6.62 -45.51
N ILE D 249 2.23 -5.55 -45.35
CA ILE D 249 1.72 -4.22 -45.62
C ILE D 249 1.34 -4.07 -47.08
N LYS D 250 2.17 -4.60 -47.98
CA LYS D 250 1.85 -4.53 -49.40
C LYS D 250 0.54 -5.26 -49.70
N GLU D 251 0.30 -6.38 -49.03
CA GLU D 251 -0.95 -7.11 -49.23
C GLU D 251 -2.16 -6.26 -48.86
N MET D 252 -2.01 -5.36 -47.89
CA MET D 252 -3.12 -4.57 -47.38
C MET D 252 -3.20 -3.19 -48.00
N VAL D 253 -2.14 -2.69 -48.60
CA VAL D 253 -2.07 -1.32 -49.11
C VAL D 253 -2.01 -1.29 -50.63
N GLU D 254 -1.11 -2.08 -51.22
CA GLU D 254 -0.86 -2.03 -52.66
C GLU D 254 -1.65 -3.07 -53.43
N LEU D 255 -1.73 -4.30 -52.94
CA LEU D 255 -2.37 -5.36 -53.73
C LEU D 255 -3.82 -5.06 -54.06
N PRO D 256 -4.65 -4.56 -53.14
CA PRO D 256 -6.05 -4.26 -53.53
C PRO D 256 -6.16 -3.31 -54.71
N LEU D 257 -5.27 -2.32 -54.78
CA LEU D 257 -5.34 -1.34 -55.86
C LEU D 257 -4.83 -1.90 -57.18
N ARG D 258 -3.78 -2.72 -57.13
CA ARG D 258 -3.25 -3.30 -58.36
C ARG D 258 -4.24 -4.29 -58.98
N HIS D 259 -4.88 -5.12 -58.15
CA HIS D 259 -5.81 -6.14 -58.62
C HIS D 259 -7.10 -6.05 -57.80
N PRO D 260 -7.92 -5.03 -58.04
CA PRO D 260 -9.20 -4.94 -57.31
C PRO D 260 -10.10 -6.15 -57.56
N GLN D 261 -10.04 -6.75 -58.75
CA GLN D 261 -10.94 -7.84 -59.07
C GLN D 261 -10.66 -9.09 -58.25
N LEU D 262 -9.45 -9.25 -57.71
CA LEU D 262 -9.17 -10.41 -56.87
C LEU D 262 -10.05 -10.39 -55.62
N PHE D 263 -10.20 -9.24 -54.98
CA PHE D 263 -10.96 -9.15 -53.75
C PHE D 263 -12.46 -9.24 -54.02
N LYS D 264 -12.93 -8.63 -55.10
CA LYS D 264 -14.34 -8.75 -55.46
C LYS D 264 -14.69 -10.19 -55.83
N ALA D 265 -13.78 -10.88 -56.51
CA ALA D 265 -14.09 -12.23 -56.98
C ALA D 265 -14.36 -13.17 -55.82
N ILE D 266 -13.58 -13.05 -54.74
CA ILE D 266 -13.69 -13.97 -53.61
C ILE D 266 -14.49 -13.39 -52.45
N GLY D 267 -14.83 -12.10 -52.49
CA GLY D 267 -15.64 -11.50 -51.44
C GLY D 267 -14.88 -11.23 -50.16
N VAL D 268 -13.85 -10.40 -50.25
CA VAL D 268 -13.03 -10.04 -49.09
C VAL D 268 -13.44 -8.65 -48.61
N LYS D 269 -13.26 -8.42 -47.31
CA LYS D 269 -13.43 -7.10 -46.73
C LYS D 269 -12.03 -6.55 -46.46
N PRO D 270 -11.38 -5.95 -47.45
CA PRO D 270 -9.96 -5.60 -47.31
C PRO D 270 -9.73 -4.72 -46.09
N PRO D 271 -8.66 -4.95 -45.34
CA PRO D 271 -8.45 -4.20 -44.11
C PRO D 271 -8.21 -2.72 -44.41
N ARG D 272 -8.68 -1.87 -43.50
CA ARG D 272 -8.50 -0.43 -43.63
C ARG D 272 -8.11 0.19 -42.29
N GLY D 273 -7.47 -0.59 -41.43
CA GLY D 273 -6.85 -0.07 -40.22
C GLY D 273 -5.65 -0.92 -39.84
N ILE D 274 -4.49 -0.30 -39.70
CA ILE D 274 -3.24 -1.00 -39.45
C ILE D 274 -2.48 -0.26 -38.36
N LEU D 275 -1.96 -1.01 -37.38
CA LEU D 275 -1.19 -0.44 -36.29
C LEU D 275 0.18 -1.10 -36.27
N LEU D 276 1.22 -0.33 -36.57
CA LEU D 276 2.59 -0.81 -36.43
C LEU D 276 3.06 -0.54 -35.01
N TYR D 277 3.57 -1.57 -34.34
CA TYR D 277 4.07 -1.41 -32.99
C TYR D 277 5.39 -2.14 -32.85
N GLY D 278 6.22 -1.66 -31.92
CA GLY D 278 7.50 -2.24 -31.67
C GLY D 278 8.33 -1.35 -30.78
N PRO D 279 9.44 -1.85 -30.26
CA PRO D 279 10.29 -1.05 -29.40
C PRO D 279 10.85 0.14 -30.15
N PRO D 280 11.28 1.19 -29.45
CA PRO D 280 11.75 2.40 -30.15
C PRO D 280 12.91 2.11 -31.08
N GLY D 281 12.89 2.75 -32.23
CA GLY D 281 14.00 2.71 -33.16
C GLY D 281 13.99 1.56 -34.15
N THR D 282 12.89 0.83 -34.27
CA THR D 282 12.86 -0.39 -35.09
C THR D 282 12.50 -0.12 -36.55
N GLY D 283 12.13 1.09 -36.90
CA GLY D 283 11.87 1.43 -38.29
C GLY D 283 10.41 1.61 -38.61
N LYS D 284 9.61 1.98 -37.61
CA LYS D 284 8.19 2.18 -37.85
C LYS D 284 7.94 3.42 -38.69
N THR D 285 8.58 4.54 -38.34
CA THR D 285 8.46 5.75 -39.16
C THR D 285 9.11 5.56 -40.51
N LEU D 286 10.18 4.77 -40.57
CA LEU D 286 10.83 4.49 -41.85
C LEU D 286 9.89 3.75 -42.79
N VAL D 287 9.11 2.81 -42.26
CA VAL D 287 8.14 2.08 -43.07
C VAL D 287 7.09 3.04 -43.61
N ALA D 288 6.64 3.98 -42.78
CA ALA D 288 5.64 4.95 -43.23
C ALA D 288 6.19 5.79 -44.38
N ARG D 289 7.44 6.25 -44.26
CA ARG D 289 8.04 7.02 -45.34
C ARG D 289 8.12 6.18 -46.62
N ALA D 290 8.48 4.90 -46.50
CA ALA D 290 8.57 4.03 -47.67
C ALA D 290 7.21 3.87 -48.33
N VAL D 291 6.16 3.64 -47.54
CA VAL D 291 4.83 3.50 -48.09
C VAL D 291 4.37 4.80 -48.72
N ALA D 292 4.76 5.93 -48.13
CA ALA D 292 4.40 7.23 -48.68
C ALA D 292 4.98 7.41 -50.08
N ASN D 293 6.22 7.00 -50.26
CA ASN D 293 6.94 7.21 -51.52
C ASN D 293 6.79 6.05 -52.50
N GLU D 294 6.13 4.95 -52.12
CA GLU D 294 6.06 3.77 -52.95
C GLU D 294 4.65 3.31 -53.25
N SER D 295 3.67 3.63 -52.41
CA SER D 295 2.33 3.10 -52.59
C SER D 295 1.69 3.62 -53.87
N GLY D 296 1.91 4.89 -54.19
CA GLY D 296 1.23 5.52 -55.29
C GLY D 296 -0.13 6.08 -54.96
N SER D 297 -0.53 6.04 -53.69
CA SER D 297 -1.79 6.60 -53.23
C SER D 297 -1.52 7.84 -52.40
N PHE D 298 -2.53 8.70 -52.31
CA PHE D 298 -2.39 9.93 -51.54
C PHE D 298 -2.03 9.59 -50.09
N PHE D 299 -0.97 10.22 -49.59
CA PHE D 299 -0.45 9.96 -48.27
C PHE D 299 -0.58 11.23 -47.42
N PHE D 300 -1.21 11.10 -46.27
CA PHE D 300 -1.33 12.20 -45.31
C PHE D 300 -0.70 11.75 -43.99
N LEU D 301 0.25 12.53 -43.51
CA LEU D 301 1.00 12.21 -42.30
C LEU D 301 0.50 13.07 -41.14
N ILE D 302 0.11 12.42 -40.06
CA ILE D 302 -0.29 13.10 -38.82
C ILE D 302 0.72 12.73 -37.75
N ASN D 303 1.38 13.74 -37.19
CA ASN D 303 2.32 13.54 -36.10
C ASN D 303 1.63 13.89 -34.79
N GLY D 304 1.62 12.94 -33.86
CA GLY D 304 0.92 13.12 -32.61
C GLY D 304 1.40 14.35 -31.86
N PRO D 305 2.70 14.48 -31.67
CA PRO D 305 3.22 15.70 -31.03
C PRO D 305 2.82 16.97 -31.75
N GLU D 306 2.80 16.96 -33.08
CA GLU D 306 2.39 18.15 -33.83
C GLU D 306 0.93 18.50 -33.55
N ILE D 307 0.06 17.49 -33.55
CA ILE D 307 -1.35 17.73 -33.25
C ILE D 307 -1.51 18.25 -31.82
N MET D 308 -0.81 17.61 -30.88
CA MET D 308 -0.98 17.95 -29.47
C MET D 308 -0.23 19.23 -29.09
N SER D 309 0.62 19.75 -29.97
CA SER D 309 1.27 21.02 -29.70
C SER D 309 0.40 22.21 -30.04
N LYS D 310 -0.71 22.00 -30.76
CA LYS D 310 -1.60 23.08 -31.14
C LYS D 310 -2.61 23.33 -30.03
N LEU D 311 -3.29 24.47 -30.12
CA LEU D 311 -4.34 24.79 -29.17
C LEU D 311 -5.49 23.80 -29.29
N ALA D 312 -6.44 23.91 -28.37
CA ALA D 312 -7.53 22.94 -28.31
C ALA D 312 -8.30 22.89 -29.62
N GLY D 313 -8.73 24.05 -30.11
CA GLY D 313 -9.52 24.08 -31.33
C GLY D 313 -8.72 23.65 -32.55
N GLU D 314 -7.45 24.07 -32.63
CA GLU D 314 -6.65 23.77 -33.80
C GLU D 314 -6.24 22.32 -33.88
N SER D 315 -6.17 21.61 -32.74
CA SER D 315 -5.86 20.19 -32.78
C SER D 315 -7.02 19.39 -33.34
N GLU D 316 -8.25 19.76 -32.98
CA GLU D 316 -9.42 19.07 -33.51
C GLU D 316 -9.53 19.26 -35.02
N SER D 317 -9.30 20.49 -35.49
CA SER D 317 -9.45 20.78 -36.91
C SER D 317 -8.47 19.99 -37.75
N ASN D 318 -7.22 19.87 -37.28
CA ASN D 318 -6.20 19.21 -38.09
C ASN D 318 -6.54 17.75 -38.34
N LEU D 319 -7.04 17.04 -37.31
CA LEU D 319 -7.49 15.67 -37.53
C LEU D 319 -8.64 15.62 -38.53
N ARG D 320 -9.60 16.52 -38.38
CA ARG D 320 -10.75 16.52 -39.28
C ARG D 320 -10.32 16.77 -40.72
N LYS D 321 -9.40 17.71 -40.92
CA LYS D 321 -8.94 18.01 -42.27
C LYS D 321 -8.22 16.82 -42.88
N ALA D 322 -7.42 16.10 -42.09
CA ALA D 322 -6.67 14.98 -42.63
C ALA D 322 -7.61 13.92 -43.18
N PHE D 323 -8.65 13.57 -42.42
CA PHE D 323 -9.61 12.60 -42.90
C PHE D 323 -10.42 13.14 -44.07
N GLU D 324 -10.78 14.42 -44.01
CA GLU D 324 -11.55 15.02 -45.09
C GLU D 324 -10.76 15.04 -46.39
N GLU D 325 -9.49 15.43 -46.33
CA GLU D 325 -8.67 15.45 -47.54
C GLU D 325 -8.41 14.03 -48.04
N ALA D 326 -8.24 13.08 -47.13
CA ALA D 326 -8.01 11.71 -47.54
C ALA D 326 -9.19 11.15 -48.31
N GLU D 327 -10.41 11.41 -47.83
CA GLU D 327 -11.59 10.94 -48.54
C GLU D 327 -11.72 11.59 -49.91
N LYS D 328 -11.36 12.87 -50.01
CA LYS D 328 -11.45 13.56 -51.29
C LYS D 328 -10.53 12.93 -52.33
N ASN D 329 -9.34 12.51 -51.91
CA ASN D 329 -8.30 12.03 -52.81
C ASN D 329 -8.11 10.51 -52.71
N ALA D 330 -9.19 9.78 -52.53
CA ALA D 330 -9.08 8.32 -52.44
C ALA D 330 -8.60 7.75 -53.77
N PRO D 331 -7.78 6.69 -53.76
CA PRO D 331 -7.27 5.93 -52.61
C PRO D 331 -6.28 6.74 -51.78
N ALA D 332 -6.31 6.59 -50.46
CA ALA D 332 -5.50 7.42 -49.58
C ALA D 332 -5.04 6.61 -48.39
N ILE D 333 -3.92 7.02 -47.82
CA ILE D 333 -3.40 6.46 -46.58
C ILE D 333 -3.20 7.59 -45.59
N ILE D 334 -3.81 7.46 -44.41
CA ILE D 334 -3.58 8.36 -43.29
C ILE D 334 -2.68 7.65 -42.31
N PHE D 335 -1.51 8.21 -42.05
CA PHE D 335 -0.57 7.67 -41.08
C PHE D 335 -0.54 8.58 -39.86
N ILE D 336 -0.76 7.99 -38.68
CA ILE D 336 -0.72 8.71 -37.43
C ILE D 336 0.49 8.25 -36.63
N ASP D 337 1.61 8.94 -36.80
CA ASP D 337 2.82 8.60 -36.07
C ASP D 337 2.67 9.01 -34.61
N GLU D 338 3.10 8.12 -33.71
CA GLU D 338 2.96 8.32 -32.27
C GLU D 338 1.48 8.47 -31.90
N LEU D 339 0.72 7.43 -32.20
CA LEU D 339 -0.71 7.43 -31.87
C LEU D 339 -0.93 7.51 -30.37
N ASP D 340 0.01 6.98 -29.57
CA ASP D 340 -0.14 7.03 -28.13
C ASP D 340 -0.14 8.46 -27.61
N ALA D 341 0.51 9.37 -28.32
CA ALA D 341 0.46 10.78 -27.93
C ALA D 341 -0.92 11.38 -28.16
N ILE D 342 -1.60 10.96 -29.23
CA ILE D 342 -2.93 11.47 -29.52
C ILE D 342 -3.98 10.75 -28.69
N ALA D 343 -3.85 9.42 -28.55
CA ALA D 343 -4.90 8.57 -28.01
C ALA D 343 -4.40 7.74 -26.84
N PRO D 344 -4.16 8.37 -25.70
CA PRO D 344 -3.92 7.61 -24.47
C PRO D 344 -5.22 7.07 -23.90
N LYS D 345 -5.09 6.21 -22.89
CA LYS D 345 -6.26 5.65 -22.25
C LYS D 345 -7.10 6.75 -21.61
N ARG D 346 -8.36 6.83 -22.01
CA ARG D 346 -9.21 7.91 -21.53
C ARG D 346 -9.41 7.85 -20.03
N GLU D 347 -9.57 6.65 -19.48
CA GLU D 347 -9.70 6.51 -18.03
C GLU D 347 -8.49 7.08 -17.31
N LYS D 348 -7.31 6.98 -17.91
CA LYS D 348 -6.07 7.44 -17.30
C LYS D 348 -5.62 8.80 -17.81
N THR D 349 -6.45 9.46 -18.61
CA THR D 349 -6.14 10.79 -19.12
C THR D 349 -6.77 11.84 -18.21
N HIS D 350 -5.98 12.85 -17.85
CA HIS D 350 -6.42 13.85 -16.87
C HIS D 350 -7.12 15.03 -17.53
N GLY D 351 -6.54 15.57 -18.61
CA GLY D 351 -7.12 16.75 -19.23
C GLY D 351 -8.40 16.42 -19.98
N GLU D 352 -9.26 17.44 -20.08
CA GLU D 352 -10.51 17.27 -20.80
C GLU D 352 -10.31 17.43 -22.31
N VAL D 353 -9.40 18.31 -22.71
CA VAL D 353 -9.13 18.49 -24.13
C VAL D 353 -8.54 17.23 -24.73
N GLU D 354 -7.66 16.55 -23.99
CA GLU D 354 -7.06 15.32 -24.49
C GLU D 354 -8.13 14.27 -24.76
N ARG D 355 -9.05 14.08 -23.81
CA ARG D 355 -10.10 13.08 -24.00
C ARG D 355 -10.98 13.40 -25.19
N ARG D 356 -11.08 14.68 -25.55
CA ARG D 356 -11.90 15.05 -26.71
C ARG D 356 -11.22 14.70 -28.01
N ILE D 357 -9.88 14.74 -28.05
CA ILE D 357 -9.16 14.35 -29.26
C ILE D 357 -9.28 12.86 -29.50
N VAL D 358 -9.22 12.06 -28.42
CA VAL D 358 -9.39 10.62 -28.57
C VAL D 358 -10.79 10.30 -29.09
N SER D 359 -11.80 10.97 -28.54
CA SER D 359 -13.17 10.74 -29.00
C SER D 359 -13.34 11.14 -30.46
N GLN D 360 -12.73 12.26 -30.85
CA GLN D 360 -12.84 12.69 -32.24
C GLN D 360 -12.22 11.66 -33.18
N LEU D 361 -11.07 11.10 -32.79
CA LEU D 361 -10.43 10.08 -33.62
C LEU D 361 -11.33 8.87 -33.78
N LEU D 362 -11.95 8.41 -32.70
CA LEU D 362 -12.85 7.28 -32.78
C LEU D 362 -14.03 7.59 -33.71
N THR D 363 -14.59 8.80 -33.60
CA THR D 363 -15.68 9.19 -34.48
C THR D 363 -15.23 9.20 -35.92
N LEU D 364 -14.05 9.74 -36.19
CA LEU D 364 -13.55 9.79 -37.56
C LEU D 364 -13.26 8.40 -38.11
N MET D 365 -12.69 7.53 -37.27
CA MET D 365 -12.40 6.17 -37.72
C MET D 365 -13.68 5.43 -38.06
N ASP D 366 -14.71 5.57 -37.24
CA ASP D 366 -15.98 4.92 -37.51
C ASP D 366 -16.74 5.59 -38.65
N GLY D 367 -16.37 6.81 -39.02
CA GLY D 367 -16.99 7.50 -40.12
C GLY D 367 -16.46 7.12 -41.48
N LEU D 368 -15.44 6.28 -41.55
CA LEU D 368 -14.88 5.85 -42.81
C LEU D 368 -15.76 4.77 -43.42
N LYS D 369 -16.37 5.08 -44.56
CA LYS D 369 -17.26 4.15 -45.22
C LYS D 369 -16.47 3.07 -45.94
N GLN D 370 -17.11 1.90 -46.11
CA GLN D 370 -16.46 0.81 -46.82
C GLN D 370 -16.12 1.19 -48.25
N ARG D 371 -16.99 1.97 -48.89
CA ARG D 371 -16.74 2.38 -50.27
C ARG D 371 -15.46 3.21 -50.35
N SER D 372 -15.25 4.12 -49.42
CA SER D 372 -14.06 4.95 -49.43
C SER D 372 -12.81 4.08 -49.31
N HIS D 373 -11.84 4.32 -50.18
CA HIS D 373 -10.60 3.55 -50.18
C HIS D 373 -9.54 4.30 -49.37
N VAL D 374 -9.79 4.36 -48.06
CA VAL D 374 -8.92 5.05 -47.12
C VAL D 374 -8.40 4.02 -46.12
N ILE D 375 -7.08 3.89 -46.06
CA ILE D 375 -6.41 3.02 -45.09
C ILE D 375 -5.76 3.90 -44.06
N VAL D 376 -6.11 3.70 -42.79
CA VAL D 376 -5.53 4.48 -41.70
C VAL D 376 -4.44 3.63 -41.06
N MET D 377 -3.21 4.12 -41.12
CA MET D 377 -2.07 3.48 -40.47
C MET D 377 -1.69 4.28 -39.24
N ALA D 378 -1.06 3.60 -38.28
CA ALA D 378 -0.60 4.25 -37.06
C ALA D 378 0.63 3.50 -36.55
N ALA D 379 1.44 4.20 -35.76
CA ALA D 379 2.66 3.64 -35.20
C ALA D 379 2.82 4.08 -33.76
N THR D 380 3.15 3.14 -32.89
CA THR D 380 3.41 3.43 -31.48
C THR D 380 4.48 2.48 -30.95
N ASN D 381 5.29 2.98 -30.02
CA ASN D 381 6.17 2.14 -29.25
C ASN D 381 5.58 1.76 -27.90
N ARG D 382 4.36 2.20 -27.61
CA ARG D 382 3.63 1.82 -26.40
C ARG D 382 2.22 1.41 -26.80
N PRO D 383 2.08 0.24 -27.45
CA PRO D 383 0.74 -0.19 -27.89
C PRO D 383 -0.25 -0.32 -26.75
N ASN D 384 0.21 -0.76 -25.57
CA ASN D 384 -0.69 -0.92 -24.43
C ASN D 384 -1.13 0.40 -23.86
N SER D 385 -0.45 1.50 -24.19
CA SER D 385 -0.86 2.83 -23.75
C SER D 385 -1.96 3.43 -24.62
N VAL D 386 -2.27 2.82 -25.77
CA VAL D 386 -3.31 3.33 -26.63
C VAL D 386 -4.67 2.98 -26.04
N ASP D 387 -5.67 3.82 -26.34
CA ASP D 387 -7.02 3.57 -25.88
C ASP D 387 -7.51 2.24 -26.45
N PRO D 388 -8.01 1.32 -25.62
CA PRO D 388 -8.46 0.03 -26.17
C PRO D 388 -9.55 0.16 -27.21
N ALA D 389 -10.36 1.21 -27.14
CA ALA D 389 -11.42 1.40 -28.12
C ALA D 389 -10.86 1.50 -29.53
N LEU D 390 -9.62 1.99 -29.68
CA LEU D 390 -9.03 2.15 -31.00
C LEU D 390 -8.55 0.85 -31.61
N ARG D 391 -8.32 -0.18 -30.80
CA ARG D 391 -7.83 -1.47 -31.28
C ARG D 391 -8.95 -2.49 -31.47
N ARG D 392 -10.13 -2.03 -31.89
CA ARG D 392 -11.28 -2.89 -32.05
C ARG D 392 -11.39 -3.39 -33.48
N PHE D 393 -12.51 -4.05 -33.78
CA PHE D 393 -12.66 -4.75 -35.05
C PHE D 393 -12.57 -3.83 -36.24
N GLY D 394 -13.19 -2.64 -36.16
CA GLY D 394 -13.28 -1.74 -37.30
C GLY D 394 -12.40 -0.51 -37.25
N ARG D 395 -11.50 -0.38 -36.28
CA ARG D 395 -10.68 0.81 -36.16
C ARG D 395 -9.20 0.49 -36.38
N PHE D 396 -8.60 -0.37 -35.56
CA PHE D 396 -7.24 -0.87 -35.76
C PHE D 396 -7.30 -2.37 -35.46
N ASP D 397 -7.63 -3.16 -36.48
CA ASP D 397 -7.80 -4.59 -36.30
C ASP D 397 -6.58 -5.39 -36.75
N ARG D 398 -5.74 -4.81 -37.59
CA ARG D 398 -4.50 -5.44 -38.00
C ARG D 398 -3.35 -4.78 -37.27
N GLU D 399 -2.58 -5.59 -36.54
CA GLU D 399 -1.40 -5.11 -35.82
C GLU D 399 -0.19 -5.86 -36.36
N ILE D 400 0.82 -5.09 -36.76
CA ILE D 400 2.07 -5.65 -37.29
C ILE D 400 3.19 -5.19 -36.38
N GLU D 401 4.02 -6.13 -35.94
CA GLU D 401 5.12 -5.84 -35.02
C GLU D 401 6.39 -5.61 -35.83
N ILE D 402 6.88 -4.38 -35.82
CA ILE D 402 8.21 -4.06 -36.35
C ILE D 402 9.16 -4.17 -35.17
N GLY D 403 9.66 -5.38 -34.92
CA GLY D 403 10.36 -5.69 -33.70
C GLY D 403 11.87 -5.69 -33.85
N ILE D 404 12.53 -6.26 -32.85
CA ILE D 404 13.98 -6.30 -32.78
C ILE D 404 14.52 -7.17 -33.90
N PRO D 405 15.43 -6.68 -34.74
CA PRO D 405 15.98 -7.54 -35.80
C PRO D 405 16.90 -8.61 -35.24
N ASP D 406 16.97 -9.73 -35.95
CA ASP D 406 17.88 -10.81 -35.60
C ASP D 406 19.23 -10.60 -36.30
N SER D 407 20.10 -11.59 -36.20
CA SER D 407 21.45 -11.44 -36.75
C SER D 407 21.40 -11.20 -38.27
N ILE D 408 20.55 -11.95 -38.97
CA ILE D 408 20.40 -11.74 -40.40
C ILE D 408 19.85 -10.34 -40.67
N GLY D 409 18.82 -9.96 -39.92
CA GLY D 409 18.26 -8.63 -40.08
C GLY D 409 19.26 -7.53 -39.76
N ARG D 410 20.03 -7.71 -38.68
CA ARG D 410 21.03 -6.72 -38.31
C ARG D 410 22.04 -6.52 -39.44
N LEU D 411 22.38 -7.59 -40.15
CA LEU D 411 23.32 -7.47 -41.27
C LEU D 411 22.74 -6.62 -42.38
N GLU D 412 21.45 -6.82 -42.68
CA GLU D 412 20.81 -6.03 -43.73
C GLU D 412 20.84 -4.55 -43.39
N ILE D 413 20.55 -4.21 -42.13
CA ILE D 413 20.54 -2.81 -41.72
C ILE D 413 21.94 -2.21 -41.83
N LEU D 414 22.95 -2.97 -41.41
CA LEU D 414 24.33 -2.48 -41.49
C LEU D 414 24.73 -2.25 -42.93
N ARG D 415 24.35 -3.17 -43.82
CA ARG D 415 24.64 -2.99 -45.24
C ARG D 415 23.98 -1.74 -45.78
N ILE D 416 22.73 -1.49 -45.37
CA ILE D 416 22.01 -0.31 -45.84
C ILE D 416 22.73 0.96 -45.41
N HIS D 417 23.26 0.98 -44.19
CA HIS D 417 23.86 2.18 -43.64
C HIS D 417 25.34 2.32 -43.95
N THR D 418 25.96 1.32 -44.58
CA THR D 418 27.35 1.40 -45.00
C THR D 418 27.48 1.60 -46.51
N ARG D 419 26.37 1.88 -47.20
CA ARG D 419 26.45 2.11 -48.64
C ARG D 419 27.25 3.36 -48.96
N ASN D 420 27.11 4.40 -48.13
CA ASN D 420 27.79 5.66 -48.35
C ASN D 420 28.97 5.88 -47.40
N ILE D 421 29.45 4.82 -46.76
CA ILE D 421 30.61 4.91 -45.86
C ILE D 421 31.70 4.02 -46.44
N ARG D 422 32.90 4.58 -46.59
CA ARG D 422 34.02 3.80 -47.08
C ARG D 422 34.44 2.78 -46.03
N LEU D 423 34.60 1.53 -46.46
CA LEU D 423 34.96 0.43 -45.57
C LEU D 423 36.28 -0.17 -46.02
N ALA D 424 37.15 -0.46 -45.05
CA ALA D 424 38.38 -1.16 -45.35
C ALA D 424 38.08 -2.59 -45.79
N GLU D 425 39.02 -3.18 -46.51
CA GLU D 425 38.81 -4.53 -47.04
C GLU D 425 38.68 -5.56 -45.93
N ASP D 426 39.11 -5.24 -44.71
CA ASP D 426 39.03 -6.17 -43.59
C ASP D 426 37.72 -6.07 -42.83
N VAL D 427 36.80 -5.22 -43.27
CA VAL D 427 35.52 -5.08 -42.58
C VAL D 427 34.62 -6.25 -42.97
N GLU D 428 34.22 -7.03 -41.98
CA GLU D 428 33.31 -8.16 -42.16
C GLU D 428 32.05 -7.85 -41.36
N LEU D 429 31.08 -7.22 -42.03
CA LEU D 429 29.86 -6.79 -41.34
C LEU D 429 29.13 -7.97 -40.72
N GLU D 430 29.33 -9.18 -41.25
CA GLU D 430 28.66 -10.35 -40.70
C GLU D 430 29.02 -10.53 -39.23
N LYS D 431 30.30 -10.37 -38.88
CA LYS D 431 30.72 -10.52 -37.50
C LYS D 431 30.12 -9.44 -36.62
N ILE D 432 30.08 -8.20 -37.13
CA ILE D 432 29.49 -7.11 -36.35
C ILE D 432 28.01 -7.38 -36.10
N ALA D 433 27.30 -7.85 -37.13
CA ALA D 433 25.89 -8.14 -36.97
C ALA D 433 25.66 -9.22 -35.92
N ASN D 434 26.51 -10.25 -35.90
CA ASN D 434 26.36 -11.32 -34.92
C ASN D 434 26.64 -10.81 -33.51
N GLU D 435 27.57 -9.87 -33.37
CA GLU D 435 27.96 -9.37 -32.06
C GLU D 435 27.08 -8.24 -31.54
N ALA D 436 26.22 -7.68 -32.39
CA ALA D 436 25.40 -6.52 -32.00
C ALA D 436 24.06 -6.94 -31.41
N HIS D 437 24.10 -7.72 -30.33
CA HIS D 437 22.88 -8.16 -29.69
C HIS D 437 22.13 -6.97 -29.11
N GLY D 438 20.80 -7.02 -29.20
CA GLY D 438 19.98 -5.96 -28.65
C GLY D 438 20.03 -4.66 -29.41
N HIS D 439 20.48 -4.68 -30.66
CA HIS D 439 20.61 -3.47 -31.47
C HIS D 439 19.43 -3.39 -32.42
N VAL D 440 18.62 -2.34 -32.26
CA VAL D 440 17.58 -2.02 -33.23
C VAL D 440 18.22 -1.24 -34.37
N GLY D 441 17.48 -1.05 -35.45
CA GLY D 441 18.04 -0.36 -36.61
C GLY D 441 18.60 1.01 -36.27
N ALA D 442 17.99 1.70 -35.31
CA ALA D 442 18.49 3.01 -34.91
C ALA D 442 19.87 2.92 -34.28
N ASP D 443 20.09 1.93 -33.42
CA ASP D 443 21.40 1.76 -32.80
C ASP D 443 22.47 1.41 -33.84
N LEU D 444 22.14 0.52 -34.78
CA LEU D 444 23.10 0.17 -35.83
C LEU D 444 23.44 1.39 -36.68
N ALA D 445 22.44 2.23 -36.97
CA ALA D 445 22.73 3.46 -37.68
C ALA D 445 23.69 4.34 -36.90
N SER D 446 23.49 4.43 -35.57
CA SER D 446 24.42 5.18 -34.74
C SER D 446 25.78 4.49 -34.67
N LEU D 447 25.78 3.15 -34.69
CA LEU D 447 27.04 2.42 -34.62
C LEU D 447 27.93 2.73 -35.81
N CYS D 448 27.35 2.79 -37.01
CA CYS D 448 28.12 3.10 -38.20
C CYS D 448 28.67 4.52 -38.14
N SER D 449 27.85 5.46 -37.67
CA SER D 449 28.32 6.84 -37.52
C SER D 449 29.47 6.90 -36.53
N GLU D 450 29.34 6.25 -35.39
CA GLU D 450 30.39 6.28 -34.38
C GLU D 450 31.67 5.66 -34.91
N ALA D 451 31.55 4.55 -35.66
CA ALA D 451 32.74 3.93 -36.24
C ALA D 451 33.45 4.90 -37.19
N ALA D 452 32.68 5.64 -37.98
CA ALA D 452 33.28 6.62 -38.89
C ALA D 452 34.03 7.70 -38.12
N LEU D 453 33.43 8.18 -37.02
CA LEU D 453 34.11 9.19 -36.20
C LEU D 453 35.41 8.65 -35.62
N GLN D 454 35.40 7.40 -35.16
CA GLN D 454 36.61 6.83 -34.59
C GLN D 454 37.73 6.81 -35.62
N GLN D 455 37.39 6.54 -36.88
CA GLN D 455 38.40 6.59 -37.94
C GLN D 455 38.97 7.99 -38.08
N ILE D 456 38.10 9.00 -38.01
CA ILE D 456 38.57 10.39 -38.08
C ILE D 456 39.44 10.71 -36.87
N ARG D 457 39.03 10.26 -35.68
CA ARG D 457 39.80 10.52 -34.48
C ARG D 457 41.22 9.98 -34.61
N ASN D 458 41.34 8.74 -35.09
CA ASN D 458 42.67 8.14 -35.22
C ASN D 458 43.54 8.93 -36.19
N LYS D 459 42.96 9.34 -37.32
CA LYS D 459 43.73 10.07 -38.32
C LYS D 459 44.10 11.46 -37.82
N MET D 460 43.12 12.20 -37.28
CA MET D 460 43.40 13.57 -36.84
C MET D 460 44.39 13.58 -35.69
N ASN D 461 44.27 12.64 -34.76
CA ASN D 461 45.19 12.60 -33.62
C ASN D 461 46.63 12.54 -34.10
N LEU D 462 46.90 11.75 -35.15
CA LEU D 462 48.23 11.74 -35.74
C LEU D 462 48.57 13.09 -36.35
N ILE D 463 47.60 13.69 -37.06
CA ILE D 463 47.79 15.02 -37.65
C ILE D 463 47.37 16.09 -36.65
N ILE D 470 43.36 19.80 -44.61
CA ILE D 470 44.05 18.54 -44.34
C ILE D 470 44.55 17.96 -45.65
N ASP D 471 45.69 17.27 -45.58
CA ASP D 471 46.30 16.71 -46.79
C ASP D 471 45.34 15.76 -47.47
N ALA D 472 45.28 15.85 -48.80
CA ALA D 472 44.35 15.01 -49.57
C ALA D 472 44.68 13.53 -49.40
N GLU D 473 45.93 13.20 -49.11
CA GLU D 473 46.28 11.80 -48.87
C GLU D 473 45.54 11.25 -47.66
N VAL D 474 45.44 12.06 -46.60
CA VAL D 474 44.70 11.63 -45.41
C VAL D 474 43.22 11.46 -45.73
N LEU D 475 42.64 12.40 -46.47
CA LEU D 475 41.22 12.30 -46.81
C LEU D 475 40.93 11.06 -47.64
N ASN D 476 41.88 10.63 -48.47
CA ASN D 476 41.68 9.45 -49.29
C ASN D 476 42.10 8.17 -48.60
N SER D 477 42.69 8.25 -47.41
CA SER D 477 43.02 7.08 -46.60
C SER D 477 41.97 6.82 -45.52
N LEU D 478 40.87 7.57 -45.52
CA LEU D 478 39.83 7.43 -44.52
C LEU D 478 38.91 6.28 -44.92
N ALA D 479 39.14 5.12 -44.32
CA ALA D 479 38.29 3.96 -44.52
C ALA D 479 38.04 3.31 -43.17
N VAL D 480 36.77 3.08 -42.84
CA VAL D 480 36.42 2.51 -41.54
C VAL D 480 36.95 1.08 -41.48
N THR D 481 37.71 0.79 -40.44
CA THR D 481 38.32 -0.53 -40.27
C THR D 481 37.55 -1.34 -39.24
N MET D 482 37.81 -2.64 -39.24
CA MET D 482 37.13 -3.53 -38.30
C MET D 482 37.39 -3.11 -36.86
N ASP D 483 38.55 -2.52 -36.58
CA ASP D 483 38.83 -2.05 -35.23
C ASP D 483 37.87 -0.93 -34.85
N ASP D 484 37.57 -0.02 -35.78
CA ASP D 484 36.64 1.06 -35.49
C ASP D 484 35.26 0.53 -35.16
N PHE D 485 34.79 -0.46 -35.93
CA PHE D 485 33.48 -1.06 -35.66
C PHE D 485 33.48 -1.74 -34.30
N ARG D 486 34.56 -2.45 -33.97
CA ARG D 486 34.62 -3.13 -32.68
C ARG D 486 34.76 -2.13 -31.54
N TRP D 487 35.43 -1.00 -31.77
CA TRP D 487 35.46 0.04 -30.76
C TRP D 487 34.09 0.66 -30.58
N ALA D 488 33.41 1.00 -31.69
CA ALA D 488 32.08 1.56 -31.59
C ALA D 488 31.11 0.58 -30.95
N LEU D 489 31.24 -0.70 -31.31
CA LEU D 489 30.35 -1.71 -30.75
C LEU D 489 30.58 -1.89 -29.25
N GLY D 490 31.83 -1.77 -28.79
CA GLY D 490 32.09 -1.84 -27.37
C GLY D 490 31.50 -0.67 -26.61
N LYS D 491 31.62 0.54 -27.16
CA LYS D 491 31.10 1.72 -26.49
C LYS D 491 29.59 1.85 -26.60
N SER D 492 28.97 1.19 -27.57
CA SER D 492 27.53 1.33 -27.77
C SER D 492 26.77 0.70 -26.61
N ASN D 493 25.68 1.37 -26.20
CA ASN D 493 24.80 0.89 -25.14
C ASN D 493 23.39 0.85 -25.72
N PRO D 494 23.03 -0.21 -26.44
CA PRO D 494 21.75 -0.21 -27.15
C PRO D 494 20.56 -0.22 -26.20
N SER D 495 19.45 0.30 -26.72
CA SER D 495 18.25 0.51 -25.92
C SER D 495 17.41 -0.75 -25.75
N ALA D 496 17.67 -1.80 -26.53
CA ALA D 496 16.84 -2.99 -26.54
C ALA D 496 17.50 -4.18 -25.86
N LEU D 497 18.47 -3.93 -24.99
CA LEU D 497 19.10 -5.04 -24.27
C LEU D 497 18.11 -5.78 -23.39
N ARG D 498 17.25 -5.04 -22.68
CA ARG D 498 16.34 -5.63 -21.72
C ARG D 498 15.04 -6.12 -22.35
N GLU D 499 14.86 -5.92 -23.66
CA GLU D 499 13.69 -6.45 -24.33
C GLU D 499 13.81 -7.96 -24.50
N THR D 500 12.69 -8.65 -24.37
CA THR D 500 12.67 -10.09 -24.58
C THR D 500 12.99 -10.41 -26.04
N THR D 501 13.81 -11.42 -26.26
CA THR D 501 14.20 -11.86 -27.59
C THR D 501 13.35 -13.05 -28.01
N VAL D 502 12.97 -13.08 -29.29
CA VAL D 502 12.08 -14.10 -29.82
C VAL D 502 12.72 -14.75 -31.04
N GLU D 503 14.04 -14.78 -31.09
CA GLU D 503 14.76 -15.29 -32.25
C GLU D 503 15.09 -16.77 -32.09
N VAL D 504 15.44 -17.39 -33.20
CA VAL D 504 15.85 -18.81 -33.19
C VAL D 504 17.26 -18.89 -32.60
N PRO D 505 17.50 -19.77 -31.63
CA PRO D 505 18.82 -19.81 -30.98
C PRO D 505 19.88 -20.39 -31.89
N ASN D 506 21.13 -20.11 -31.53
CA ASN D 506 22.28 -20.62 -32.27
C ASN D 506 22.84 -21.91 -31.68
N VAL D 507 22.24 -22.45 -30.63
CA VAL D 507 22.71 -23.68 -30.03
C VAL D 507 22.17 -24.87 -30.81
N THR D 508 23.07 -25.77 -31.19
CA THR D 508 22.72 -26.99 -31.92
C THR D 508 23.01 -28.20 -31.05
N TRP D 509 22.64 -29.38 -31.56
CA TRP D 509 22.94 -30.62 -30.85
C TRP D 509 24.44 -30.79 -30.65
N ASP D 510 25.23 -30.29 -31.61
CA ASP D 510 26.69 -30.44 -31.51
C ASP D 510 27.24 -29.72 -30.29
N ASP D 511 26.49 -28.76 -29.75
CA ASP D 511 26.90 -28.07 -28.53
C ASP D 511 26.55 -28.86 -27.28
N ILE D 512 25.84 -29.98 -27.41
CA ILE D 512 25.47 -30.81 -26.27
C ILE D 512 26.10 -32.20 -26.37
N GLY D 513 25.75 -32.95 -27.41
CA GLY D 513 26.37 -34.24 -27.66
C GLY D 513 25.93 -35.37 -26.76
N GLY D 514 26.10 -35.21 -25.44
CA GLY D 514 26.00 -36.35 -24.55
C GLY D 514 24.62 -36.99 -24.52
N LEU D 515 23.57 -36.17 -24.40
CA LEU D 515 22.24 -36.67 -24.06
C LEU D 515 21.52 -37.18 -25.30
N GLU D 516 21.87 -38.41 -25.69
CA GLU D 516 21.32 -39.00 -26.91
C GLU D 516 19.82 -39.26 -26.76
N ASN D 517 19.42 -39.92 -25.68
CA ASN D 517 18.03 -40.34 -25.53
C ASN D 517 17.10 -39.13 -25.41
N VAL D 518 17.52 -38.12 -24.64
CA VAL D 518 16.67 -36.95 -24.44
C VAL D 518 16.46 -36.23 -25.75
N LYS D 519 17.48 -36.19 -26.61
CA LYS D 519 17.34 -35.58 -27.93
C LYS D 519 16.18 -36.23 -28.69
N ARG D 520 16.16 -37.56 -28.72
CA ARG D 520 15.11 -38.26 -29.45
C ARG D 520 13.73 -37.96 -28.87
N GLU D 521 13.63 -37.96 -27.54
CA GLU D 521 12.35 -37.65 -26.91
C GLU D 521 11.89 -36.24 -27.26
N LEU D 522 12.79 -35.26 -27.15
CA LEU D 522 12.40 -33.88 -27.43
C LEU D 522 11.98 -33.71 -28.88
N GLN D 523 12.62 -34.43 -29.80
CA GLN D 523 12.22 -34.37 -31.19
C GLN D 523 10.78 -34.85 -31.36
N GLU D 524 10.43 -35.95 -30.70
CA GLU D 524 9.07 -36.46 -30.78
C GLU D 524 8.08 -35.47 -30.17
N LEU D 525 8.44 -34.85 -29.05
CA LEU D 525 7.52 -33.94 -28.37
C LEU D 525 7.35 -32.65 -29.15
N VAL D 526 8.42 -32.12 -29.73
CA VAL D 526 8.41 -30.79 -30.33
C VAL D 526 8.40 -30.85 -31.85
N GLN D 527 9.11 -31.81 -32.44
CA GLN D 527 9.30 -31.78 -33.89
C GLN D 527 8.18 -32.52 -34.63
N TYR D 528 7.76 -33.68 -34.11
CA TYR D 528 6.73 -34.45 -34.79
C TYR D 528 5.42 -33.70 -34.91
N PRO D 529 4.90 -33.05 -33.85
CA PRO D 529 3.63 -32.33 -34.01
C PRO D 529 3.66 -31.26 -35.09
N VAL D 530 4.79 -30.58 -35.27
CA VAL D 530 4.87 -29.53 -36.28
C VAL D 530 5.12 -30.12 -37.65
N GLU D 531 5.96 -31.15 -37.75
CA GLU D 531 6.32 -31.69 -39.05
C GLU D 531 5.28 -32.67 -39.58
N HIS D 532 4.65 -33.44 -38.69
CA HIS D 532 3.68 -34.46 -39.08
C HIS D 532 2.38 -34.29 -38.31
N PRO D 533 1.71 -33.15 -38.49
CA PRO D 533 0.41 -32.98 -37.81
C PRO D 533 -0.64 -33.99 -38.26
N ASP D 534 -0.54 -34.50 -39.48
CA ASP D 534 -1.55 -35.41 -40.00
C ASP D 534 -1.59 -36.70 -39.18
N LYS D 535 -0.42 -37.22 -38.79
CA LYS D 535 -0.39 -38.49 -38.08
C LYS D 535 -1.08 -38.40 -36.74
N PHE D 536 -0.91 -37.29 -36.02
CA PHE D 536 -1.58 -37.13 -34.74
C PHE D 536 -3.10 -37.11 -34.93
N LEU D 537 -3.57 -36.38 -35.95
CA LEU D 537 -4.99 -36.40 -36.25
C LEU D 537 -5.44 -37.77 -36.71
N LYS D 538 -4.52 -38.57 -37.25
CA LYS D 538 -4.87 -39.91 -37.71
C LYS D 538 -5.12 -40.84 -36.53
N PHE D 539 -4.26 -40.79 -35.51
CA PHE D 539 -4.40 -41.67 -34.37
C PHE D 539 -5.31 -41.10 -33.30
N GLY D 540 -5.73 -39.84 -33.44
CA GLY D 540 -6.82 -39.29 -32.65
C GLY D 540 -6.45 -38.75 -31.28
N MET D 541 -5.16 -38.73 -30.93
CA MET D 541 -4.74 -38.23 -29.63
C MET D 541 -3.97 -36.92 -29.80
N THR D 542 -4.29 -35.93 -28.97
CA THR D 542 -3.68 -34.62 -29.04
C THR D 542 -2.34 -34.62 -28.30
N PRO D 543 -1.25 -34.14 -28.92
CA PRO D 543 0.04 -34.16 -28.22
C PRO D 543 0.05 -33.21 -27.03
N SER D 544 0.87 -33.56 -26.04
CA SER D 544 1.06 -32.70 -24.88
C SER D 544 2.15 -31.68 -25.19
N LYS D 545 1.89 -30.42 -24.85
CA LYS D 545 2.78 -29.32 -25.20
C LYS D 545 3.54 -28.78 -23.99
N GLY D 546 3.81 -29.62 -22.99
CA GLY D 546 4.51 -29.17 -21.81
C GLY D 546 5.57 -30.14 -21.33
N VAL D 547 6.76 -29.63 -21.03
CA VAL D 547 7.89 -30.44 -20.59
C VAL D 547 8.49 -29.81 -19.34
N LEU D 548 9.10 -30.64 -18.50
CA LEU D 548 9.81 -30.17 -17.32
C LEU D 548 11.15 -30.88 -17.24
N PHE D 549 12.23 -30.14 -17.45
CA PHE D 549 13.57 -30.64 -17.18
C PHE D 549 13.86 -30.49 -15.69
N TYR D 550 14.42 -31.54 -15.09
CA TYR D 550 14.87 -31.48 -13.71
C TYR D 550 16.04 -32.42 -13.54
N GLY D 551 16.97 -32.02 -12.68
CA GLY D 551 18.17 -32.80 -12.46
C GLY D 551 19.23 -32.00 -11.76
N PRO D 552 20.41 -32.60 -11.57
CA PRO D 552 21.48 -31.90 -10.87
C PRO D 552 21.89 -30.66 -11.62
N PRO D 553 22.37 -29.63 -10.91
CA PRO D 553 22.72 -28.37 -11.58
C PRO D 553 23.87 -28.55 -12.56
N GLY D 554 23.86 -27.73 -13.60
CA GLY D 554 24.93 -27.73 -14.58
C GLY D 554 25.02 -28.98 -15.42
N CYS D 555 23.90 -29.49 -15.91
CA CYS D 555 23.88 -30.69 -16.74
C CYS D 555 23.28 -30.47 -18.12
N GLY D 556 22.90 -29.25 -18.46
CA GLY D 556 22.53 -28.92 -19.82
C GLY D 556 21.05 -28.74 -20.06
N LYS D 557 20.29 -28.37 -19.02
CA LYS D 557 18.87 -28.13 -19.21
C LYS D 557 18.61 -26.89 -20.07
N THR D 558 19.39 -25.83 -19.87
CA THR D 558 19.23 -24.63 -20.69
C THR D 558 19.63 -24.91 -22.14
N LEU D 559 20.68 -25.71 -22.34
CA LEU D 559 21.12 -26.03 -23.70
C LEU D 559 20.06 -26.84 -24.45
N LEU D 560 19.42 -27.79 -23.76
CA LEU D 560 18.45 -28.65 -24.41
C LEU D 560 17.29 -27.83 -24.97
N ALA D 561 16.79 -26.87 -24.19
CA ALA D 561 15.69 -26.05 -24.66
C ALA D 561 16.10 -25.24 -25.88
N LYS D 562 17.32 -24.71 -25.89
CA LYS D 562 17.78 -23.94 -27.03
C LYS D 562 18.02 -24.84 -28.23
N ALA D 563 18.60 -26.02 -28.01
CA ALA D 563 18.94 -26.90 -29.12
C ALA D 563 17.69 -27.38 -29.85
N ILE D 564 16.66 -27.77 -29.11
CA ILE D 564 15.45 -28.30 -29.73
C ILE D 564 14.78 -27.23 -30.58
N ALA D 565 14.70 -26.00 -30.06
CA ALA D 565 14.13 -24.91 -30.84
C ALA D 565 14.95 -24.67 -32.10
N ASN D 566 16.27 -24.85 -32.03
CA ASN D 566 17.11 -24.65 -33.20
C ASN D 566 16.85 -25.72 -34.25
N GLU D 567 16.72 -26.97 -33.84
CA GLU D 567 16.47 -28.04 -34.79
C GLU D 567 15.15 -27.84 -35.52
N CYS D 568 14.11 -27.47 -34.77
CA CYS D 568 12.80 -27.24 -35.36
C CYS D 568 12.69 -25.90 -36.07
N GLN D 569 13.73 -25.07 -36.01
CA GLN D 569 13.69 -23.73 -36.57
C GLN D 569 12.51 -22.95 -35.98
N ALA D 570 12.27 -23.17 -34.70
CA ALA D 570 11.20 -22.52 -33.97
C ALA D 570 11.76 -21.38 -33.14
N ASN D 571 10.95 -20.33 -32.98
CA ASN D 571 11.35 -19.22 -32.14
C ASN D 571 11.53 -19.69 -30.70
N PHE D 572 12.34 -18.95 -29.96
CA PHE D 572 12.70 -19.31 -28.59
C PHE D 572 12.58 -18.09 -27.70
N ILE D 573 11.74 -18.18 -26.68
CA ILE D 573 11.61 -17.15 -25.67
C ILE D 573 12.04 -17.75 -24.34
N SER D 574 13.03 -17.13 -23.71
CA SER D 574 13.55 -17.58 -22.43
C SER D 574 13.18 -16.55 -21.37
N ILE D 575 12.55 -17.02 -20.29
CA ILE D 575 12.21 -16.19 -19.14
C ILE D 575 12.75 -16.91 -17.92
N LYS D 576 13.69 -16.28 -17.23
CA LYS D 576 14.28 -16.87 -16.05
C LYS D 576 13.49 -16.49 -14.80
N GLY D 577 13.57 -17.34 -13.78
CA GLY D 577 12.82 -17.16 -12.57
C GLY D 577 13.04 -15.80 -11.93
N PRO D 578 14.30 -15.37 -11.84
CA PRO D 578 14.56 -14.02 -11.32
C PRO D 578 13.86 -12.92 -12.11
N GLU D 579 13.76 -13.07 -13.44
CA GLU D 579 13.05 -12.07 -14.23
C GLU D 579 11.59 -11.99 -13.85
N LEU D 580 10.95 -13.15 -13.66
CA LEU D 580 9.53 -13.17 -13.34
C LEU D 580 9.26 -12.43 -12.03
N LEU D 581 10.08 -12.69 -11.02
CA LEU D 581 9.85 -12.06 -9.71
C LEU D 581 10.07 -10.56 -9.76
N THR D 582 10.95 -10.09 -10.65
CA THR D 582 11.20 -8.67 -10.79
C THR D 582 10.05 -7.93 -11.45
N MET D 583 9.07 -8.64 -12.01
CA MET D 583 7.94 -8.01 -12.68
C MET D 583 6.76 -7.86 -11.73
N ALA D 590 0.55 -8.43 -15.19
CA ALA D 590 0.12 -8.29 -16.58
C ALA D 590 1.29 -8.48 -17.55
N ASN D 591 2.45 -8.85 -17.00
CA ASN D 591 3.62 -9.08 -17.82
C ASN D 591 3.80 -10.56 -18.17
N VAL D 592 3.35 -11.46 -17.30
CA VAL D 592 3.34 -12.88 -17.65
C VAL D 592 2.39 -13.10 -18.83
N ARG D 593 1.25 -12.41 -18.81
CA ARG D 593 0.32 -12.48 -19.93
C ARG D 593 0.98 -12.02 -21.22
N ASP D 594 1.83 -11.00 -21.15
CA ASP D 594 2.51 -10.50 -22.33
C ASP D 594 3.47 -11.54 -22.90
N ILE D 595 4.16 -12.26 -22.02
CA ILE D 595 5.11 -13.28 -22.48
C ILE D 595 4.39 -14.35 -23.28
N PHE D 596 3.24 -14.80 -22.78
CA PHE D 596 2.48 -15.82 -23.49
C PHE D 596 1.89 -15.26 -24.78
N ASP D 597 1.56 -13.97 -24.78
CA ASP D 597 1.09 -13.33 -26.01
C ASP D 597 2.17 -13.35 -27.08
N LYS D 598 3.42 -13.06 -26.70
CA LYS D 598 4.52 -13.09 -27.65
C LYS D 598 4.71 -14.50 -28.21
N ALA D 599 4.60 -15.51 -27.35
CA ALA D 599 4.78 -16.89 -27.82
C ALA D 599 3.75 -17.26 -28.87
N ARG D 600 2.51 -16.77 -28.71
CA ARG D 600 1.48 -17.07 -29.69
C ARG D 600 1.81 -16.46 -31.05
N GLN D 601 2.32 -15.22 -31.05
CA GLN D 601 2.66 -14.57 -32.31
C GLN D 601 3.73 -15.37 -33.06
N ALA D 602 4.76 -15.81 -32.36
CA ALA D 602 5.73 -16.73 -32.95
C ALA D 602 5.06 -18.11 -33.07
N ALA D 603 4.73 -18.49 -34.30
CA ALA D 603 3.81 -19.59 -34.51
C ALA D 603 4.38 -20.90 -33.96
N PRO D 604 5.48 -21.46 -34.51
CA PRO D 604 6.23 -22.47 -33.74
C PRO D 604 7.21 -21.80 -32.78
N CYS D 605 6.91 -21.87 -31.49
CA CYS D 605 7.72 -21.24 -30.47
C CYS D 605 7.95 -22.20 -29.32
N VAL D 606 9.17 -22.21 -28.80
CA VAL D 606 9.51 -22.94 -27.59
C VAL D 606 9.63 -21.92 -26.48
N LEU D 607 8.63 -21.86 -25.61
CA LEU D 607 8.61 -20.92 -24.49
C LEU D 607 9.26 -21.59 -23.29
N PHE D 608 10.44 -21.10 -22.91
CA PHE D 608 11.26 -21.72 -21.89
C PHE D 608 11.20 -20.90 -20.60
N PHE D 609 10.97 -21.59 -19.48
CA PHE D 609 10.92 -20.97 -18.16
C PHE D 609 12.06 -21.57 -17.34
N ASP D 610 13.21 -20.91 -17.40
CA ASP D 610 14.42 -21.40 -16.78
C ASP D 610 14.51 -20.97 -15.32
N GLU D 611 15.33 -21.70 -14.57
CA GLU D 611 15.59 -21.37 -13.17
C GLU D 611 14.30 -21.25 -12.36
N LEU D 612 13.40 -22.21 -12.56
CA LEU D 612 12.16 -22.23 -11.80
C LEU D 612 12.40 -22.38 -10.31
N ASP D 613 13.59 -22.85 -9.91
CA ASP D 613 13.91 -22.99 -8.50
C ASP D 613 13.80 -21.65 -7.77
N SER D 614 14.06 -20.55 -8.48
CA SER D 614 13.99 -19.24 -7.84
C SER D 614 12.59 -18.96 -7.30
N ILE D 615 11.56 -19.29 -8.09
CA ILE D 615 10.19 -19.09 -7.64
C ILE D 615 9.91 -19.94 -6.41
N ALA D 616 10.32 -21.21 -6.44
CA ALA D 616 10.07 -22.10 -5.32
C ALA D 616 10.78 -21.61 -4.06
N LYS D 617 12.05 -21.19 -4.20
CA LYS D 617 12.78 -20.69 -3.04
C LYS D 617 12.18 -19.39 -2.52
N ALA D 618 11.41 -18.69 -3.35
CA ALA D 618 10.71 -17.49 -2.92
C ALA D 618 9.33 -17.78 -2.35
N ALA D 629 4.74 -12.36 -4.26
CA ALA D 629 5.23 -12.24 -5.63
C ALA D 629 5.40 -13.62 -6.25
N ALA D 630 6.03 -14.53 -5.52
CA ALA D 630 6.22 -15.89 -6.02
C ALA D 630 4.88 -16.59 -6.22
N ASP D 631 3.96 -16.44 -5.26
CA ASP D 631 2.64 -17.04 -5.39
C ASP D 631 1.88 -16.44 -6.57
N ARG D 632 1.97 -15.13 -6.75
CA ARG D 632 1.30 -14.49 -7.87
C ARG D 632 1.90 -14.96 -9.19
N VAL D 633 3.23 -15.08 -9.24
CA VAL D 633 3.90 -15.48 -10.49
C VAL D 633 3.47 -16.89 -10.88
N ILE D 634 3.50 -17.83 -9.93
CA ILE D 634 3.22 -19.22 -10.27
C ILE D 634 1.77 -19.39 -10.68
N ASN D 635 0.85 -18.76 -9.95
CA ASN D 635 -0.57 -18.87 -10.28
C ASN D 635 -0.85 -18.24 -11.65
N GLN D 636 -0.16 -17.15 -11.97
CA GLN D 636 -0.30 -16.55 -13.29
C GLN D 636 0.18 -17.50 -14.38
N LEU D 637 1.29 -18.21 -14.13
CA LEU D 637 1.78 -19.17 -15.10
C LEU D 637 0.76 -20.28 -15.31
N LEU D 638 0.18 -20.80 -14.23
CA LEU D 638 -0.78 -21.88 -14.37
C LEU D 638 -2.00 -21.43 -15.16
N THR D 639 -2.49 -20.22 -14.91
CA THR D 639 -3.63 -19.71 -15.67
C THR D 639 -3.28 -19.56 -17.14
N GLU D 640 -2.10 -19.04 -17.44
CA GLU D 640 -1.70 -18.85 -18.84
C GLU D 640 -1.46 -20.17 -19.54
N MET D 641 -0.92 -21.16 -18.83
CA MET D 641 -0.72 -22.48 -19.42
C MET D 641 -2.06 -23.12 -19.76
N ASP D 642 -3.05 -22.98 -18.90
CA ASP D 642 -4.38 -23.51 -19.18
C ASP D 642 -5.06 -22.78 -20.32
N GLY D 643 -4.66 -21.55 -20.61
CA GLY D 643 -5.19 -20.82 -21.75
C GLY D 643 -4.48 -21.09 -23.06
N MET D 644 -3.40 -21.87 -23.04
CA MET D 644 -2.63 -22.19 -24.23
C MET D 644 -3.07 -23.57 -24.71
N SER D 645 -3.82 -23.59 -25.81
CA SER D 645 -4.33 -24.84 -26.34
C SER D 645 -3.21 -25.69 -26.93
N ALA D 646 -3.39 -27.01 -26.86
CA ALA D 646 -2.41 -27.92 -27.43
C ALA D 646 -2.42 -27.89 -28.95
N LYS D 647 -3.51 -27.43 -29.57
CA LYS D 647 -3.56 -27.37 -31.03
C LYS D 647 -2.66 -26.27 -31.59
N LYS D 648 -2.28 -25.29 -30.78
CA LYS D 648 -1.35 -24.27 -31.20
C LYS D 648 0.07 -24.72 -30.94
N ASN D 649 0.98 -24.35 -31.84
CA ASN D 649 2.35 -24.83 -31.77
C ASN D 649 3.22 -23.97 -30.87
N VAL D 650 2.85 -23.85 -29.60
CA VAL D 650 3.66 -23.19 -28.59
C VAL D 650 3.99 -24.25 -27.55
N PHE D 651 5.27 -24.52 -27.37
CA PHE D 651 5.75 -25.53 -26.43
C PHE D 651 6.33 -24.86 -25.21
N ILE D 652 5.91 -25.30 -24.02
CA ILE D 652 6.34 -24.73 -22.76
C ILE D 652 7.29 -25.71 -22.09
N ILE D 653 8.53 -25.27 -21.87
CA ILE D 653 9.54 -26.07 -21.21
C ILE D 653 9.95 -25.35 -19.92
N GLY D 654 9.97 -26.09 -18.82
CA GLY D 654 10.46 -25.59 -17.55
C GLY D 654 11.68 -26.38 -17.12
N ALA D 655 12.59 -25.70 -16.42
CA ALA D 655 13.79 -26.32 -15.90
C ALA D 655 13.95 -25.94 -14.43
N THR D 656 14.28 -26.94 -13.61
CA THR D 656 14.46 -26.71 -12.18
C THR D 656 15.61 -27.58 -11.68
N ASN D 657 16.49 -26.97 -10.87
CA ASN D 657 17.51 -27.73 -10.15
C ASN D 657 17.01 -28.24 -8.81
N ARG D 658 15.77 -27.92 -8.44
CA ARG D 658 15.21 -28.26 -7.13
C ARG D 658 13.86 -28.94 -7.32
N PRO D 659 13.85 -30.20 -7.74
CA PRO D 659 12.58 -30.93 -7.83
C PRO D 659 11.91 -31.15 -6.48
N ASP D 660 12.63 -30.96 -5.38
CA ASP D 660 12.06 -31.19 -4.05
C ASP D 660 11.07 -30.12 -3.63
N ILE D 661 11.11 -28.93 -4.25
CA ILE D 661 10.24 -27.83 -3.85
C ILE D 661 9.45 -27.30 -5.04
N ILE D 662 9.27 -28.14 -6.05
CA ILE D 662 8.47 -27.76 -7.21
C ILE D 662 7.00 -27.96 -6.87
N ASP D 663 6.20 -26.91 -7.09
CA ASP D 663 4.77 -27.02 -6.86
C ASP D 663 4.18 -28.06 -7.79
N GLY D 664 3.35 -28.94 -7.24
CA GLY D 664 2.78 -30.02 -8.03
C GLY D 664 1.74 -29.56 -9.03
N ALA D 665 1.18 -28.37 -8.84
CA ALA D 665 0.17 -27.87 -9.78
C ALA D 665 0.76 -27.71 -11.18
N ILE D 666 2.07 -27.50 -11.28
CA ILE D 666 2.70 -27.32 -12.58
C ILE D 666 2.85 -28.64 -13.31
N LEU D 667 2.79 -29.77 -12.60
CA LEU D 667 2.92 -31.08 -13.20
C LEU D 667 1.58 -31.68 -13.61
N ARG D 668 0.48 -30.95 -13.43
CA ARG D 668 -0.83 -31.48 -13.75
C ARG D 668 -0.93 -31.78 -15.25
N PRO D 669 -1.65 -32.82 -15.65
CA PRO D 669 -1.87 -33.04 -17.08
C PRO D 669 -2.48 -31.82 -17.74
N GLY D 670 -2.01 -31.51 -18.94
CA GLY D 670 -2.28 -30.24 -19.59
C GLY D 670 -1.27 -29.16 -19.24
N ARG D 671 -0.32 -29.47 -18.37
CA ARG D 671 0.73 -28.55 -17.95
C ARG D 671 2.08 -29.25 -18.17
N LEU D 672 3.16 -28.83 -17.54
CA LEU D 672 4.47 -29.46 -17.76
C LEU D 672 4.45 -30.87 -17.19
N ASP D 673 3.70 -31.73 -17.87
CA ASP D 673 3.49 -33.11 -17.44
C ASP D 673 4.46 -34.09 -18.09
N GLN D 674 5.28 -33.65 -19.05
CA GLN D 674 6.31 -34.51 -19.63
C GLN D 674 7.58 -34.31 -18.84
N LEU D 675 7.75 -35.13 -17.80
CA LEU D 675 8.88 -35.00 -16.88
C LEU D 675 10.09 -35.70 -17.48
N ILE D 676 11.13 -34.94 -17.80
CA ILE D 676 12.37 -35.46 -18.34
C ILE D 676 13.47 -35.18 -17.33
N TYR D 677 14.17 -36.24 -16.91
CA TYR D 677 15.23 -36.13 -15.93
C TYR D 677 16.57 -36.07 -16.64
N ILE D 678 17.37 -35.06 -16.29
CA ILE D 678 18.68 -34.86 -16.90
C ILE D 678 19.74 -35.21 -15.86
N PRO D 679 20.35 -36.39 -15.93
CA PRO D 679 21.28 -36.82 -14.88
C PRO D 679 22.67 -36.26 -15.10
N LEU D 680 23.57 -36.63 -14.19
CA LEU D 680 24.98 -36.33 -14.41
C LEU D 680 25.49 -37.15 -15.57
N PRO D 681 26.39 -36.63 -16.39
CA PRO D 681 26.88 -37.39 -17.55
C PRO D 681 27.68 -38.61 -17.11
N ASP D 682 27.58 -39.67 -17.90
CA ASP D 682 28.43 -40.83 -17.70
C ASP D 682 29.78 -40.58 -18.37
N GLU D 683 30.67 -41.58 -18.30
CA GLU D 683 32.01 -41.40 -18.85
C GLU D 683 31.95 -41.13 -20.35
N ALA D 684 31.10 -41.87 -21.07
CA ALA D 684 30.97 -41.65 -22.50
C ALA D 684 30.44 -40.25 -22.79
N SER D 685 29.47 -39.79 -22.01
CA SER D 685 28.94 -38.44 -22.21
C SER D 685 30.00 -37.39 -21.90
N ARG D 686 30.79 -37.61 -20.85
CA ARG D 686 31.80 -36.62 -20.47
C ARG D 686 32.81 -36.41 -21.59
N VAL D 687 33.14 -37.47 -22.32
CA VAL D 687 34.05 -37.33 -23.45
C VAL D 687 33.44 -36.40 -24.49
N ASN D 688 32.15 -36.57 -24.78
CA ASN D 688 31.49 -35.75 -25.78
C ASN D 688 31.38 -34.30 -25.31
N ILE D 689 31.18 -34.09 -24.02
CA ILE D 689 31.10 -32.72 -23.50
C ILE D 689 32.42 -32.01 -23.70
N LEU D 690 33.53 -32.67 -23.38
CA LEU D 690 34.84 -32.05 -23.55
C LEU D 690 35.12 -31.77 -25.03
N LYS D 691 34.75 -32.71 -25.89
CA LYS D 691 34.92 -32.49 -27.33
C LYS D 691 34.11 -31.29 -27.78
N ALA D 692 32.87 -31.18 -27.31
CA ALA D 692 32.03 -30.05 -27.68
C ALA D 692 32.60 -28.74 -27.19
N ASN D 693 33.12 -28.73 -25.96
CA ASN D 693 33.62 -27.48 -25.38
C ASN D 693 34.94 -27.04 -25.98
N LEU D 694 35.71 -27.96 -26.56
CA LEU D 694 37.04 -27.66 -27.08
C LEU D 694 37.07 -27.52 -28.59
N ARG D 695 35.91 -27.39 -29.24
CA ARG D 695 35.89 -27.25 -30.70
C ARG D 695 36.59 -25.97 -31.13
N LYS D 696 36.31 -24.86 -30.44
CA LYS D 696 36.86 -23.58 -30.86
C LYS D 696 38.29 -23.39 -30.39
N SER D 697 38.75 -24.20 -29.44
CA SER D 697 40.05 -23.99 -28.84
C SER D 697 41.09 -24.91 -29.47
N PRO D 698 42.27 -24.41 -29.87
CA PRO D 698 43.33 -25.30 -30.32
C PRO D 698 43.85 -26.15 -29.16
N ILE D 699 44.05 -27.44 -29.42
CA ILE D 699 44.45 -28.38 -28.39
C ILE D 699 45.63 -29.20 -28.92
N ALA D 700 46.63 -29.40 -28.07
CA ALA D 700 47.78 -30.20 -28.44
C ALA D 700 47.39 -31.66 -28.60
N ARG D 701 48.13 -32.37 -29.45
CA ARG D 701 47.84 -33.78 -29.69
C ARG D 701 48.09 -34.63 -28.46
N ASP D 702 48.87 -34.14 -27.49
CA ASP D 702 49.12 -34.91 -26.27
C ASP D 702 47.91 -34.94 -25.35
N VAL D 703 46.95 -34.04 -25.54
CA VAL D 703 45.76 -34.01 -24.70
C VAL D 703 44.88 -35.21 -25.04
N ASP D 704 44.58 -36.03 -24.05
CA ASP D 704 43.73 -37.21 -24.21
C ASP D 704 42.41 -36.93 -23.51
N ILE D 705 41.36 -36.69 -24.27
CA ILE D 705 40.06 -36.38 -23.69
C ILE D 705 39.50 -37.60 -22.96
N ASN D 706 39.82 -38.80 -23.43
CA ASN D 706 39.39 -40.00 -22.74
C ASN D 706 39.97 -40.06 -21.33
N PHE D 707 41.23 -39.65 -21.17
CA PHE D 707 41.82 -39.61 -19.85
C PHE D 707 41.09 -38.60 -18.95
N LEU D 708 40.78 -37.43 -19.49
CA LEU D 708 40.09 -36.42 -18.71
C LEU D 708 38.73 -36.92 -18.23
N ALA D 709 38.01 -37.61 -19.10
CA ALA D 709 36.69 -38.12 -18.74
C ALA D 709 36.79 -39.10 -17.59
N LYS D 710 37.79 -39.98 -17.61
CA LYS D 710 37.97 -40.94 -16.52
C LYS D 710 38.27 -40.23 -15.21
N ALA D 711 39.10 -39.19 -15.26
CA ALA D 711 39.45 -38.45 -14.05
C ALA D 711 38.33 -37.57 -13.53
N THR D 712 37.44 -37.11 -14.40
CA THR D 712 36.34 -36.23 -14.00
C THR D 712 35.07 -37.02 -13.70
N GLN D 713 35.17 -38.01 -12.82
CA GLN D 713 34.01 -38.81 -12.46
C GLN D 713 33.06 -37.99 -11.59
N GLY D 714 31.78 -38.03 -11.93
CA GLY D 714 30.79 -37.28 -11.20
C GLY D 714 30.75 -35.80 -11.52
N PHE D 715 31.52 -35.34 -12.50
CA PHE D 715 31.56 -33.93 -12.84
C PHE D 715 30.37 -33.56 -13.71
N SER D 716 29.75 -32.43 -13.41
CA SER D 716 28.69 -31.91 -14.24
C SER D 716 29.26 -31.26 -15.49
N GLY D 717 28.39 -31.01 -16.47
CA GLY D 717 28.82 -30.34 -17.68
C GLY D 717 29.41 -28.98 -17.41
N ALA D 718 28.85 -28.25 -16.45
CA ALA D 718 29.42 -26.95 -16.08
C ALA D 718 30.82 -27.10 -15.54
N ASP D 719 31.06 -28.12 -14.71
CA ASP D 719 32.40 -28.34 -14.17
C ASP D 719 33.39 -28.66 -15.28
N LEU D 720 32.98 -29.47 -16.25
CA LEU D 720 33.86 -29.80 -17.36
C LEU D 720 34.23 -28.55 -18.16
N THR D 721 33.25 -27.68 -18.38
CA THR D 721 33.55 -26.41 -19.02
C THR D 721 34.51 -25.59 -18.18
N GLU D 722 34.36 -25.65 -16.85
CA GLU D 722 35.24 -24.89 -15.98
C GLU D 722 36.68 -25.39 -16.07
N ILE D 723 36.87 -26.70 -16.21
CA ILE D 723 38.22 -27.23 -16.39
C ILE D 723 38.84 -26.66 -17.65
N CYS D 724 38.06 -26.61 -18.73
CA CYS D 724 38.57 -26.06 -19.98
C CYS D 724 38.91 -24.59 -19.85
N GLN D 725 38.09 -23.84 -19.12
CA GLN D 725 38.39 -22.43 -18.87
C GLN D 725 39.70 -22.30 -18.10
N ARG D 726 39.91 -23.13 -17.08
CA ARG D 726 41.14 -23.07 -16.31
C ARG D 726 42.35 -23.41 -17.19
N ALA D 727 42.20 -24.40 -18.07
CA ALA D 727 43.29 -24.78 -18.96
C ALA D 727 43.68 -23.62 -19.87
N CYS D 728 42.69 -22.90 -20.39
CA CYS D 728 42.98 -21.74 -21.23
C CYS D 728 43.71 -20.66 -20.44
N LYS D 729 43.30 -20.43 -19.19
CA LYS D 729 44.00 -19.45 -18.36
C LYS D 729 45.46 -19.81 -18.21
N GLN D 730 45.76 -21.10 -18.03
CA GLN D 730 47.15 -21.53 -17.91
C GLN D 730 47.89 -21.25 -19.21
N ALA D 731 47.27 -21.54 -20.35
CA ALA D 731 47.91 -21.29 -21.64
C ALA D 731 48.12 -19.79 -21.85
N ILE D 732 47.11 -18.98 -21.51
CA ILE D 732 47.24 -17.53 -21.64
C ILE D 732 48.35 -17.03 -20.73
N ARG D 733 48.41 -17.55 -19.51
CA ARG D 733 49.45 -17.13 -18.58
C ARG D 733 50.83 -17.42 -19.14
N GLU D 734 51.05 -18.64 -19.65
CA GLU D 734 52.34 -18.98 -20.22
C GLU D 734 52.63 -18.14 -21.45
N SER D 735 51.61 -17.87 -22.27
CA SER D 735 51.81 -17.04 -23.44
C SER D 735 52.30 -15.65 -23.05
N ILE D 736 51.72 -15.08 -21.99
CA ILE D 736 52.12 -13.75 -21.54
C ILE D 736 53.55 -13.78 -21.02
N GLU D 737 53.86 -14.78 -20.20
CA GLU D 737 55.21 -14.88 -19.63
C GLU D 737 56.25 -15.06 -20.73
N ALA D 738 55.96 -15.90 -21.71
CA ALA D 738 56.89 -16.11 -22.82
C ALA D 738 57.08 -14.82 -23.61
N GLU D 739 56.00 -14.07 -23.83
CA GLU D 739 56.10 -12.81 -24.56
C GLU D 739 57.00 -11.83 -23.82
N ILE D 740 56.89 -11.76 -22.50
CA ILE D 740 57.74 -10.88 -21.73
C ILE D 740 59.20 -11.26 -21.88
N ARG D 741 59.50 -12.56 -21.83
CA ARG D 741 60.88 -13.01 -21.97
C ARG D 741 61.45 -12.56 -23.31
N ALA D 742 60.68 -12.73 -24.39
CA ALA D 742 61.17 -12.32 -25.70
C ALA D 742 61.41 -10.81 -25.76
N GLU D 743 60.48 -10.04 -25.21
CA GLU D 743 60.64 -8.58 -25.22
C GLU D 743 61.83 -8.16 -24.38
N SER D 744 62.04 -8.80 -23.24
CA SER D 744 63.14 -8.48 -22.34
C SER D 744 64.44 -9.20 -22.71
N GLU D 745 64.43 -10.03 -23.75
CA GLU D 745 65.63 -10.73 -24.16
C GLU D 745 65.60 -11.00 -25.67
N ASP D 758 54.50 -19.50 -32.24
CA ASP D 758 54.38 -18.96 -30.89
C ASP D 758 54.97 -19.92 -29.87
N PRO D 759 55.48 -19.40 -28.77
CA PRO D 759 56.05 -20.29 -27.74
C PRO D 759 55.04 -21.29 -27.20
N VAL D 760 53.77 -20.88 -27.08
CA VAL D 760 52.70 -21.77 -26.63
C VAL D 760 51.55 -21.67 -27.63
N PRO D 761 51.53 -22.51 -28.67
CA PRO D 761 50.48 -22.38 -29.70
C PRO D 761 49.18 -23.08 -29.34
N GLU D 762 49.20 -24.06 -28.43
CA GLU D 762 48.02 -24.86 -28.13
C GLU D 762 47.94 -25.07 -26.63
N ILE D 763 46.85 -25.70 -26.20
CA ILE D 763 46.62 -26.02 -24.79
C ILE D 763 47.14 -27.42 -24.57
N THR D 764 48.38 -27.52 -24.07
CA THR D 764 49.00 -28.81 -23.83
C THR D 764 48.36 -29.52 -22.65
N ARG D 765 48.62 -30.83 -22.56
CA ARG D 765 48.06 -31.62 -21.48
C ARG D 765 48.58 -31.18 -20.11
N ARG D 766 49.77 -30.57 -20.05
CA ARG D 766 50.25 -30.04 -18.79
C ARG D 766 49.33 -28.96 -18.25
N HIS D 767 48.74 -28.16 -19.13
CA HIS D 767 47.78 -27.16 -18.69
C HIS D 767 46.56 -27.82 -18.06
N PHE D 768 46.08 -28.92 -18.65
CA PHE D 768 44.93 -29.61 -18.10
C PHE D 768 45.25 -30.24 -16.76
N GLU D 769 46.49 -30.69 -16.58
CA GLU D 769 46.89 -31.22 -15.28
C GLU D 769 46.78 -30.15 -14.21
N GLU D 770 47.22 -28.93 -14.51
CA GLU D 770 47.10 -27.84 -13.55
C GLU D 770 45.65 -27.46 -13.32
N ALA D 771 44.84 -27.49 -14.38
CA ALA D 771 43.43 -27.13 -14.25
C ALA D 771 42.70 -28.10 -13.33
N MET D 772 43.02 -29.39 -13.43
CA MET D 772 42.32 -30.40 -12.66
C MET D 772 42.91 -30.64 -11.27
N ARG D 773 43.96 -29.92 -10.90
CA ARG D 773 44.56 -30.12 -9.59
C ARG D 773 43.58 -29.77 -8.47
N PHE D 774 42.87 -28.65 -8.62
CA PHE D 774 41.92 -28.20 -7.61
C PHE D 774 40.47 -28.37 -8.04
N ALA D 775 40.23 -29.05 -9.15
CA ALA D 775 38.85 -29.23 -9.62
C ALA D 775 38.13 -30.25 -8.78
N ARG D 776 36.94 -29.89 -8.30
CA ARG D 776 36.08 -30.79 -7.53
C ARG D 776 34.69 -30.79 -8.12
N ARG D 777 34.01 -31.92 -7.98
CA ARG D 777 32.66 -32.03 -8.51
C ARG D 777 31.71 -31.12 -7.74
N SER D 778 30.73 -30.57 -8.47
CA SER D 778 29.77 -29.66 -7.85
C SER D 778 28.55 -30.36 -7.28
N VAL D 779 28.27 -31.58 -7.71
CA VAL D 779 27.12 -32.34 -7.23
C VAL D 779 27.67 -33.52 -6.44
N THR D 780 27.39 -33.55 -5.15
CA THR D 780 27.88 -34.62 -4.29
C THR D 780 27.10 -35.90 -4.55
N GLU D 781 27.70 -37.02 -4.15
CA GLU D 781 27.04 -38.32 -4.30
C GLU D 781 25.75 -38.37 -3.49
N ASN D 782 25.72 -37.73 -2.32
CA ASN D 782 24.48 -37.64 -1.56
C ASN D 782 23.41 -36.90 -2.35
N ASP D 783 23.79 -35.80 -3.00
CA ASP D 783 22.84 -35.07 -3.84
C ASP D 783 22.38 -35.92 -5.01
N VAL D 784 23.30 -36.69 -5.62
CA VAL D 784 22.92 -37.55 -6.72
C VAL D 784 21.89 -38.57 -6.27
N ARG D 785 22.05 -39.11 -5.07
CA ARG D 785 21.07 -40.03 -4.52
C ARG D 785 19.71 -39.36 -4.38
N LYS D 786 19.69 -38.12 -3.91
CA LYS D 786 18.44 -37.41 -3.74
C LYS D 786 17.78 -37.12 -5.09
N TYR D 787 18.58 -36.70 -6.08
CA TYR D 787 18.03 -36.45 -7.40
C TYR D 787 17.49 -37.73 -8.02
N GLU D 788 18.23 -38.84 -7.88
CA GLU D 788 17.76 -40.11 -8.40
C GLU D 788 16.45 -40.53 -7.74
N MET D 789 16.24 -40.12 -6.49
CA MET D 789 14.97 -40.42 -5.84
C MET D 789 13.82 -39.65 -6.48
N PHE D 790 14.02 -38.35 -6.72
CA PHE D 790 12.96 -37.54 -7.29
C PHE D 790 12.71 -37.87 -8.75
N ALA D 791 13.59 -38.65 -9.38
CA ALA D 791 13.29 -39.19 -10.69
C ALA D 791 12.17 -40.22 -10.63
N GLN D 792 11.80 -40.65 -9.41
CA GLN D 792 10.72 -41.60 -9.22
C GLN D 792 9.51 -41.02 -8.50
N THR D 793 9.64 -39.85 -7.88
CA THR D 793 8.61 -39.33 -6.98
C THR D 793 8.04 -37.97 -7.39
N LEU D 794 8.54 -37.34 -8.45
CA LEU D 794 7.91 -36.11 -8.92
C LEU D 794 6.53 -36.40 -9.50
N GLN D 795 6.41 -37.46 -10.30
CA GLN D 795 5.12 -37.82 -10.85
C GLN D 795 4.10 -38.07 -9.75
N GLN D 796 4.57 -38.43 -8.56
CA GLN D 796 3.71 -38.73 -7.43
C GLN D 796 3.62 -37.59 -6.42
N SER D 797 4.27 -36.46 -6.68
CA SER D 797 4.25 -35.32 -5.78
C SER D 797 3.13 -34.36 -6.10
N ARG D 798 1.89 -34.85 -6.17
CA ARG D 798 0.75 -34.02 -6.52
C ARG D 798 -0.47 -34.26 -5.63
N GLY D 799 -0.47 -35.29 -4.80
CA GLY D 799 -1.55 -35.51 -3.87
C GLY D 799 -1.17 -35.14 -2.46
N ILE D 800 -1.59 -35.94 -1.47
CA ILE D 800 -1.26 -35.66 -0.08
C ILE D 800 0.24 -35.75 0.15
N GLY D 801 0.84 -36.84 -0.34
CA GLY D 801 2.27 -37.03 -0.17
C GLY D 801 2.66 -37.04 1.30
N ASN D 802 3.88 -36.58 1.56
CA ASN D 802 4.37 -36.45 2.93
C ASN D 802 4.01 -35.11 3.55
N ASN D 803 2.74 -34.73 3.50
CA ASN D 803 2.24 -33.53 4.15
C ASN D 803 1.31 -33.83 5.31
N PHE D 804 0.75 -35.03 5.35
CA PHE D 804 -0.07 -35.46 6.48
C PHE D 804 0.65 -36.51 7.29
N ASN E 232 -26.05 -4.59 -48.10
CA ASN E 232 -27.37 -4.01 -47.93
C ASN E 232 -27.65 -3.69 -46.47
N GLU E 233 -28.87 -3.24 -46.18
CA GLU E 233 -29.23 -2.90 -44.81
C GLU E 233 -29.20 -4.14 -43.92
N ILE E 234 -28.83 -3.95 -42.66
CA ILE E 234 -28.68 -5.04 -41.72
C ILE E 234 -30.04 -5.34 -41.08
N GLY E 235 -30.34 -6.62 -40.93
CA GLY E 235 -31.56 -7.05 -40.30
C GLY E 235 -31.33 -8.19 -39.32
N TYR E 236 -32.42 -8.76 -38.79
CA TYR E 236 -32.29 -9.85 -37.84
C TYR E 236 -31.62 -11.07 -38.48
N ASP E 237 -31.79 -11.24 -39.79
CA ASP E 237 -31.17 -12.37 -40.46
C ASP E 237 -29.66 -12.29 -40.49
N ASP E 238 -29.09 -11.10 -40.28
CA ASP E 238 -27.65 -10.89 -40.29
C ASP E 238 -27.02 -11.05 -38.91
N ILE E 239 -27.81 -11.40 -37.89
CA ILE E 239 -27.33 -11.59 -36.54
C ILE E 239 -27.47 -13.07 -36.21
N GLY E 240 -26.42 -13.66 -35.67
CA GLY E 240 -26.42 -15.06 -35.31
C GLY E 240 -25.85 -15.28 -33.91
N GLY E 241 -26.30 -16.35 -33.28
CA GLY E 241 -25.82 -16.74 -31.97
C GLY E 241 -26.55 -16.12 -30.80
N CYS E 242 -27.53 -15.24 -31.04
CA CYS E 242 -28.27 -14.59 -29.97
C CYS E 242 -29.76 -14.64 -30.30
N ARG E 243 -30.22 -15.84 -30.66
CA ARG E 243 -31.65 -16.04 -30.94
C ARG E 243 -32.50 -15.67 -29.73
N LYS E 244 -32.09 -16.11 -28.53
CA LYS E 244 -32.86 -15.82 -27.34
C LYS E 244 -32.92 -14.32 -27.07
N GLN E 245 -31.78 -13.63 -27.20
CA GLN E 245 -31.74 -12.21 -26.87
C GLN E 245 -32.57 -11.40 -27.85
N LEU E 246 -32.53 -11.74 -29.14
CA LEU E 246 -33.31 -11.01 -30.12
C LEU E 246 -34.80 -11.11 -29.83
N ALA E 247 -35.28 -12.34 -29.64
CA ALA E 247 -36.70 -12.52 -29.30
C ALA E 247 -37.05 -11.76 -28.04
N GLN E 248 -36.13 -11.71 -27.09
CA GLN E 248 -36.35 -10.94 -25.87
C GLN E 248 -36.46 -9.45 -26.17
N ILE E 249 -35.68 -8.95 -27.12
CA ILE E 249 -35.77 -7.54 -27.50
C ILE E 249 -37.06 -7.26 -28.24
N LYS E 250 -37.44 -8.15 -29.16
CA LYS E 250 -38.67 -7.95 -29.92
C LYS E 250 -39.88 -7.85 -29.01
N GLU E 251 -39.91 -8.68 -27.96
CA GLU E 251 -41.02 -8.63 -27.02
C GLU E 251 -41.14 -7.29 -26.32
N MET E 252 -40.04 -6.54 -26.25
CA MET E 252 -40.02 -5.26 -25.56
C MET E 252 -40.16 -4.06 -26.49
N VAL E 253 -39.84 -4.20 -27.77
CA VAL E 253 -39.80 -3.09 -28.71
C VAL E 253 -40.92 -3.18 -29.73
N GLU E 254 -41.13 -4.37 -30.29
CA GLU E 254 -42.10 -4.54 -31.38
C GLU E 254 -43.47 -4.99 -30.87
N LEU E 255 -43.49 -5.96 -29.97
CA LEU E 255 -44.77 -6.55 -29.57
C LEU E 255 -45.72 -5.52 -28.97
N PRO E 256 -45.29 -4.61 -28.10
CA PRO E 256 -46.24 -3.61 -27.59
C PRO E 256 -46.94 -2.82 -28.69
N LEU E 257 -46.22 -2.48 -29.76
CA LEU E 257 -46.82 -1.67 -30.81
C LEU E 257 -47.75 -2.50 -31.70
N ARG E 258 -47.38 -3.76 -31.95
CA ARG E 258 -48.24 -4.62 -32.76
C ARG E 258 -49.57 -4.91 -32.07
N HIS E 259 -49.54 -5.16 -30.76
CA HIS E 259 -50.73 -5.50 -30.00
C HIS E 259 -50.78 -4.66 -28.73
N PRO E 260 -51.05 -3.35 -28.87
CA PRO E 260 -51.14 -2.52 -27.65
C PRO E 260 -52.23 -2.96 -26.70
N GLN E 261 -53.36 -3.44 -27.22
CA GLN E 261 -54.46 -3.87 -26.36
C GLN E 261 -54.08 -5.06 -25.50
N LEU E 262 -53.08 -5.85 -25.91
CA LEU E 262 -52.68 -7.00 -25.12
C LEU E 262 -52.11 -6.57 -23.77
N PHE E 263 -51.35 -5.48 -23.76
CA PHE E 263 -50.75 -5.01 -22.51
C PHE E 263 -51.77 -4.30 -21.64
N LYS E 264 -52.69 -3.54 -22.26
CA LYS E 264 -53.72 -2.86 -21.48
C LYS E 264 -54.64 -3.87 -20.81
N ALA E 265 -54.95 -4.98 -21.48
CA ALA E 265 -55.87 -5.95 -20.91
C ALA E 265 -55.34 -6.53 -19.61
N ILE E 266 -54.04 -6.79 -19.52
CA ILE E 266 -53.46 -7.40 -18.34
C ILE E 266 -52.91 -6.38 -17.36
N GLY E 267 -52.70 -5.14 -17.79
CA GLY E 267 -52.23 -4.10 -16.91
C GLY E 267 -50.73 -4.09 -16.68
N VAL E 268 -49.95 -3.95 -17.76
CA VAL E 268 -48.51 -3.84 -17.68
C VAL E 268 -48.05 -2.72 -18.60
N LYS E 269 -47.17 -1.87 -18.10
CA LYS E 269 -46.56 -0.83 -18.91
C LYS E 269 -45.21 -1.35 -19.41
N PRO E 270 -44.98 -1.46 -20.70
CA PRO E 270 -43.73 -2.08 -21.19
C PRO E 270 -42.52 -1.29 -20.74
N PRO E 271 -41.35 -1.91 -20.69
CA PRO E 271 -40.15 -1.21 -20.22
C PRO E 271 -39.70 -0.15 -21.21
N ARG E 272 -39.04 0.88 -20.66
CA ARG E 272 -38.55 1.99 -21.47
C ARG E 272 -37.02 2.09 -21.47
N GLY E 273 -36.34 1.28 -20.67
CA GLY E 273 -34.88 1.29 -20.64
C GLY E 273 -34.30 -0.09 -20.79
N ILE E 274 -33.55 -0.31 -21.87
CA ILE E 274 -32.91 -1.58 -22.15
C ILE E 274 -31.43 -1.33 -22.33
N LEU E 275 -30.60 -2.08 -21.60
CA LEU E 275 -29.16 -1.99 -21.69
C LEU E 275 -28.61 -3.31 -22.21
N LEU E 276 -27.94 -3.27 -23.36
CA LEU E 276 -27.23 -4.42 -23.87
C LEU E 276 -25.78 -4.35 -23.40
N TYR E 277 -25.28 -5.46 -22.89
CA TYR E 277 -23.89 -5.53 -22.44
C TYR E 277 -23.28 -6.84 -22.87
N GLY E 278 -21.95 -6.83 -23.00
CA GLY E 278 -21.21 -8.00 -23.40
C GLY E 278 -19.80 -7.63 -23.83
N PRO E 279 -18.94 -8.62 -23.97
CA PRO E 279 -17.55 -8.35 -24.37
C PRO E 279 -17.50 -7.70 -25.75
N PRO E 280 -16.39 -7.07 -26.10
CA PRO E 280 -16.30 -6.41 -27.41
C PRO E 280 -16.51 -7.38 -28.56
N GLY E 281 -17.19 -6.90 -29.59
CA GLY E 281 -17.34 -7.64 -30.83
C GLY E 281 -18.48 -8.63 -30.87
N THR E 282 -19.34 -8.67 -29.86
CA THR E 282 -20.37 -9.69 -29.77
C THR E 282 -21.59 -9.40 -30.63
N GLY E 283 -21.73 -8.19 -31.16
CA GLY E 283 -22.81 -7.89 -32.08
C GLY E 283 -23.94 -7.10 -31.47
N LYS E 284 -23.61 -6.16 -30.59
CA LYS E 284 -24.65 -5.35 -29.95
C LYS E 284 -24.84 -4.01 -30.64
N THR E 285 -23.84 -3.54 -31.38
CA THR E 285 -24.10 -2.47 -32.35
C THR E 285 -24.85 -3.02 -33.55
N LEU E 286 -24.59 -4.28 -33.90
CA LEU E 286 -25.33 -4.93 -34.98
C LEU E 286 -26.80 -5.06 -34.63
N VAL E 287 -27.10 -5.40 -33.38
CA VAL E 287 -28.48 -5.51 -32.94
C VAL E 287 -29.17 -4.16 -33.03
N ALA E 288 -28.45 -3.09 -32.69
CA ALA E 288 -29.02 -1.75 -32.80
C ALA E 288 -29.40 -1.43 -34.24
N ARG E 289 -28.51 -1.76 -35.18
CA ARG E 289 -28.82 -1.51 -36.58
C ARG E 289 -30.03 -2.31 -37.03
N ALA E 290 -30.13 -3.57 -36.59
CA ALA E 290 -31.27 -4.41 -36.97
C ALA E 290 -32.57 -3.83 -36.45
N VAL E 291 -32.59 -3.40 -35.19
CA VAL E 291 -33.80 -2.80 -34.62
C VAL E 291 -34.12 -1.50 -35.34
N ALA E 292 -33.10 -0.76 -35.74
CA ALA E 292 -33.33 0.49 -36.46
C ALA E 292 -34.04 0.22 -37.79
N ASN E 293 -33.65 -0.84 -38.48
CA ASN E 293 -34.18 -1.15 -39.80
C ASN E 293 -35.35 -2.13 -39.77
N GLU E 294 -35.80 -2.56 -38.60
CA GLU E 294 -36.82 -3.60 -38.51
C GLU E 294 -37.96 -3.21 -37.59
N SER E 295 -37.70 -2.34 -36.62
CA SER E 295 -38.72 -2.01 -35.63
C SER E 295 -39.91 -1.31 -36.28
N GLY E 296 -39.66 -0.44 -37.24
CA GLY E 296 -40.70 0.38 -37.81
C GLY E 296 -41.02 1.63 -37.03
N SER E 297 -40.33 1.86 -35.91
CA SER E 297 -40.49 3.06 -35.12
C SER E 297 -39.31 4.00 -35.36
N PHE E 298 -39.54 5.28 -35.07
CA PHE E 298 -38.49 6.28 -35.24
C PHE E 298 -37.27 5.89 -34.42
N PHE E 299 -36.10 5.90 -35.06
CA PHE E 299 -34.86 5.49 -34.44
C PHE E 299 -33.89 6.66 -34.44
N PHE E 300 -33.43 7.05 -33.25
CA PHE E 300 -32.39 8.05 -33.10
C PHE E 300 -31.18 7.39 -32.47
N LEU E 301 -30.02 7.55 -33.10
CA LEU E 301 -28.78 6.92 -32.66
C LEU E 301 -27.87 7.97 -32.05
N ILE E 302 -27.44 7.73 -30.81
CA ILE E 302 -26.48 8.59 -30.12
C ILE E 302 -25.20 7.78 -29.93
N ASN E 303 -24.10 8.31 -30.43
CA ASN E 303 -22.79 7.69 -30.25
C ASN E 303 -22.07 8.41 -29.12
N GLY E 304 -21.53 7.63 -28.19
CA GLY E 304 -20.87 8.18 -27.03
C GLY E 304 -19.71 9.08 -27.42
N PRO E 305 -18.74 8.54 -28.15
CA PRO E 305 -17.61 9.38 -28.59
C PRO E 305 -18.03 10.59 -29.40
N GLU E 306 -19.09 10.46 -30.21
CA GLU E 306 -19.56 11.60 -30.99
C GLU E 306 -20.03 12.73 -30.08
N ILE E 307 -20.78 12.38 -29.04
CA ILE E 307 -21.24 13.39 -28.09
C ILE E 307 -20.05 13.99 -27.35
N MET E 308 -19.10 13.15 -26.94
CA MET E 308 -17.98 13.63 -26.15
C MET E 308 -16.92 14.31 -26.99
N SER E 309 -16.97 14.17 -28.31
CA SER E 309 -16.06 14.88 -29.18
C SER E 309 -16.45 16.34 -29.37
N LYS E 310 -17.69 16.70 -29.03
CA LYS E 310 -18.16 18.06 -29.18
C LYS E 310 -17.75 18.90 -27.98
N LEU E 311 -17.88 20.23 -28.14
CA LEU E 311 -17.56 21.13 -27.05
C LEU E 311 -18.57 20.94 -25.90
N ALA E 312 -18.33 21.66 -24.81
CA ALA E 312 -19.16 21.48 -23.62
C ALA E 312 -20.63 21.76 -23.92
N GLY E 313 -20.92 22.90 -24.52
CA GLY E 313 -22.30 23.26 -24.79
C GLY E 313 -22.94 22.38 -25.85
N GLU E 314 -22.18 22.02 -26.90
CA GLU E 314 -22.76 21.27 -28.00
C GLU E 314 -23.05 19.82 -27.64
N SER E 315 -22.41 19.28 -26.61
CA SER E 315 -22.73 17.92 -26.18
C SER E 315 -24.03 17.88 -25.40
N GLU E 316 -24.35 18.96 -24.67
CA GLU E 316 -25.62 19.00 -23.96
C GLU E 316 -26.79 19.13 -24.93
N SER E 317 -26.64 19.97 -25.94
CA SER E 317 -27.73 20.18 -26.90
C SER E 317 -28.04 18.91 -27.68
N ASN E 318 -27.01 18.16 -28.07
CA ASN E 318 -27.24 16.96 -28.86
C ASN E 318 -28.03 15.92 -28.08
N LEU E 319 -27.72 15.74 -26.80
CA LEU E 319 -28.52 14.83 -25.98
C LEU E 319 -29.94 15.35 -25.81
N ARG E 320 -30.08 16.63 -25.46
CA ARG E 320 -31.40 17.20 -25.28
C ARG E 320 -32.19 17.14 -26.57
N LYS E 321 -31.54 17.47 -27.69
CA LYS E 321 -32.22 17.40 -28.98
C LYS E 321 -32.59 15.98 -29.34
N ALA E 322 -31.80 15.00 -28.91
CA ALA E 322 -32.10 13.61 -29.23
C ALA E 322 -33.40 13.17 -28.57
N PHE E 323 -33.57 13.49 -27.29
CA PHE E 323 -34.78 13.08 -26.57
C PHE E 323 -35.99 13.89 -27.02
N GLU E 324 -35.80 15.18 -27.28
CA GLU E 324 -36.91 16.02 -27.73
C GLU E 324 -37.47 15.52 -29.06
N GLU E 325 -36.58 15.21 -30.00
CA GLU E 325 -37.03 14.72 -31.30
C GLU E 325 -37.73 13.37 -31.17
N ALA E 326 -37.20 12.49 -30.31
CA ALA E 326 -37.83 11.20 -30.12
C ALA E 326 -39.23 11.34 -29.55
N GLU E 327 -39.41 12.22 -28.56
CA GLU E 327 -40.73 12.45 -28.00
C GLU E 327 -41.69 13.01 -29.03
N LYS E 328 -41.17 13.77 -30.00
CA LYS E 328 -42.00 14.36 -31.03
C LYS E 328 -42.48 13.35 -32.06
N ASN E 329 -41.79 12.22 -32.19
CA ASN E 329 -42.08 11.22 -33.20
C ASN E 329 -42.36 9.86 -32.58
N ALA E 330 -43.09 9.84 -31.48
CA ALA E 330 -43.40 8.59 -30.82
C ALA E 330 -44.30 7.74 -31.71
N PRO E 331 -44.15 6.40 -31.72
CA PRO E 331 -43.20 5.59 -30.95
C PRO E 331 -41.77 5.75 -31.44
N ALA E 332 -40.78 5.73 -30.54
CA ALA E 332 -39.41 5.97 -30.92
C ALA E 332 -38.47 5.13 -30.09
N ILE E 333 -37.28 4.91 -30.62
CA ILE E 333 -36.20 4.23 -29.91
C ILE E 333 -34.98 5.15 -29.94
N ILE E 334 -34.45 5.46 -28.76
CA ILE E 334 -33.20 6.19 -28.63
C ILE E 334 -32.13 5.17 -28.26
N PHE E 335 -31.15 4.98 -29.12
CA PHE E 335 -30.06 4.06 -28.86
C PHE E 335 -28.79 4.85 -28.55
N ILE E 336 -28.24 4.61 -27.36
CA ILE E 336 -27.02 5.28 -26.93
C ILE E 336 -25.88 4.27 -26.98
N ASP E 337 -25.10 4.29 -28.05
CA ASP E 337 -24.00 3.37 -28.20
C ASP E 337 -22.80 3.85 -27.41
N GLU E 338 -22.11 2.91 -26.77
CA GLU E 338 -20.99 3.23 -25.89
C GLU E 338 -21.41 4.20 -24.79
N LEU E 339 -22.39 3.75 -23.99
CA LEU E 339 -22.91 4.59 -22.92
C LEU E 339 -21.87 4.81 -21.83
N ASP E 340 -20.89 3.93 -21.71
CA ASP E 340 -19.83 4.13 -20.72
C ASP E 340 -19.00 5.36 -21.04
N ALA E 341 -18.94 5.76 -22.32
CA ALA E 341 -18.22 6.97 -22.69
C ALA E 341 -18.98 8.20 -22.23
N ILE E 342 -20.31 8.15 -22.23
CA ILE E 342 -21.13 9.29 -21.83
C ILE E 342 -21.28 9.32 -20.31
N ALA E 343 -21.49 8.16 -19.70
CA ALA E 343 -21.92 8.06 -18.31
C ALA E 343 -20.97 7.17 -17.51
N PRO E 344 -19.74 7.62 -17.28
CA PRO E 344 -18.87 6.93 -16.32
C PRO E 344 -19.29 7.25 -14.90
N LYS E 345 -18.71 6.51 -13.96
CA LYS E 345 -19.03 6.72 -12.55
C LYS E 345 -18.67 8.14 -12.14
N ARG E 346 -19.66 8.88 -11.65
CA ARG E 346 -19.45 10.29 -11.32
C ARG E 346 -18.40 10.44 -10.24
N GLU E 347 -18.44 9.56 -9.23
CA GLU E 347 -17.44 9.63 -8.16
C GLU E 347 -16.03 9.54 -8.71
N LYS E 348 -15.83 8.73 -9.75
CA LYS E 348 -14.52 8.52 -10.34
C LYS E 348 -14.25 9.41 -11.55
N THR E 349 -15.24 10.18 -12.00
CA THR E 349 -15.04 11.10 -13.12
C THR E 349 -14.32 12.34 -12.63
N HIS E 350 -13.33 12.80 -13.40
CA HIS E 350 -12.49 13.91 -12.98
C HIS E 350 -13.03 15.26 -13.45
N GLY E 351 -13.28 15.39 -14.75
CA GLY E 351 -13.71 16.66 -15.28
C GLY E 351 -15.10 17.05 -14.82
N GLU E 352 -15.35 18.37 -14.79
CA GLU E 352 -16.66 18.87 -14.39
C GLU E 352 -17.66 18.77 -15.53
N VAL E 353 -17.21 18.98 -16.77
CA VAL E 353 -18.11 18.89 -17.92
C VAL E 353 -18.66 17.46 -18.06
N GLU E 354 -17.79 16.46 -17.85
CA GLU E 354 -18.23 15.08 -17.97
C GLU E 354 -19.34 14.77 -16.97
N ARG E 355 -19.16 15.19 -15.72
CA ARG E 355 -20.19 14.94 -14.71
C ARG E 355 -21.50 15.65 -15.05
N ARG E 356 -21.42 16.79 -15.73
CA ARG E 356 -22.64 17.49 -16.12
C ARG E 356 -23.40 16.73 -17.19
N ILE E 357 -22.69 16.00 -18.06
CA ILE E 357 -23.36 15.21 -19.08
C ILE E 357 -24.09 14.03 -18.45
N VAL E 358 -23.46 13.38 -17.47
CA VAL E 358 -24.12 12.26 -16.79
C VAL E 358 -25.38 12.74 -16.10
N SER E 359 -25.31 13.89 -15.45
CA SER E 359 -26.48 14.44 -14.76
C SER E 359 -27.60 14.73 -15.74
N GLN E 360 -27.26 15.30 -16.90
CA GLN E 360 -28.28 15.62 -17.89
C GLN E 360 -28.98 14.36 -18.39
N LEU E 361 -28.21 13.29 -18.62
CA LEU E 361 -28.81 12.04 -19.08
C LEU E 361 -29.79 11.49 -18.05
N LEU E 362 -29.43 11.56 -16.77
CA LEU E 362 -30.34 11.10 -15.73
C LEU E 362 -31.62 11.92 -15.73
N THR E 363 -31.50 13.24 -15.88
CA THR E 363 -32.68 14.09 -15.93
C THR E 363 -33.56 13.74 -17.12
N LEU E 364 -32.95 13.55 -18.29
CA LEU E 364 -33.72 13.20 -19.48
C LEU E 364 -34.37 11.82 -19.33
N MET E 365 -33.63 10.87 -18.78
CA MET E 365 -34.19 9.54 -18.57
C MET E 365 -35.41 9.61 -17.65
N ASP E 366 -35.31 10.38 -16.57
CA ASP E 366 -36.42 10.54 -15.65
C ASP E 366 -37.54 11.40 -16.23
N GLY E 367 -37.24 12.21 -17.23
CA GLY E 367 -38.23 13.06 -17.85
C GLY E 367 -39.12 12.40 -18.85
N LEU E 368 -38.91 11.11 -19.12
CA LEU E 368 -39.72 10.38 -20.09
C LEU E 368 -41.01 9.94 -19.43
N LYS E 369 -42.13 10.51 -19.86
CA LYS E 369 -43.42 10.18 -19.28
C LYS E 369 -43.88 8.80 -19.73
N GLN E 370 -44.73 8.18 -18.91
CA GLN E 370 -45.26 6.86 -19.24
C GLN E 370 -46.05 6.91 -20.55
N ARG E 371 -46.81 7.98 -20.76
CA ARG E 371 -47.58 8.09 -21.99
C ARG E 371 -46.67 8.09 -23.21
N SER E 372 -45.56 8.82 -23.14
CA SER E 372 -44.64 8.88 -24.26
C SER E 372 -44.08 7.49 -24.55
N HIS E 373 -44.30 7.03 -25.78
CA HIS E 373 -43.84 5.70 -26.20
C HIS E 373 -42.40 5.81 -26.71
N VAL E 374 -41.49 6.04 -25.78
CA VAL E 374 -40.07 6.21 -26.07
C VAL E 374 -39.31 5.14 -25.32
N ILE E 375 -38.73 4.20 -26.05
CA ILE E 375 -37.86 3.18 -25.48
C ILE E 375 -36.43 3.64 -25.65
N VAL E 376 -35.67 3.67 -24.57
CA VAL E 376 -34.27 4.07 -24.60
C VAL E 376 -33.41 2.80 -24.52
N MET E 377 -32.61 2.57 -25.55
CA MET E 377 -31.69 1.45 -25.60
C MET E 377 -30.27 1.96 -25.44
N ALA E 378 -29.41 1.13 -24.85
CA ALA E 378 -28.00 1.48 -24.67
C ALA E 378 -27.17 0.22 -24.79
N ALA E 379 -25.91 0.40 -25.17
CA ALA E 379 -24.97 -0.69 -25.33
C ALA E 379 -23.63 -0.32 -24.73
N THR E 380 -23.05 -1.22 -23.94
CA THR E 380 -21.73 -1.02 -23.36
C THR E 380 -21.02 -2.35 -23.24
N ASN E 381 -19.71 -2.34 -23.45
CA ASN E 381 -18.86 -3.48 -23.14
C ASN E 381 -18.23 -3.38 -21.77
N ARG E 382 -18.53 -2.32 -21.02
CA ARG E 382 -18.09 -2.16 -19.63
C ARG E 382 -19.29 -1.76 -18.78
N PRO E 383 -20.21 -2.70 -18.53
CA PRO E 383 -21.40 -2.34 -17.74
C PRO E 383 -21.07 -1.83 -16.35
N ASN E 384 -20.00 -2.33 -15.73
CA ASN E 384 -19.65 -1.90 -14.38
C ASN E 384 -18.98 -0.53 -14.37
N SER E 385 -18.62 0.01 -15.53
CA SER E 385 -18.10 1.37 -15.61
C SER E 385 -19.18 2.42 -15.77
N VAL E 386 -20.43 2.01 -15.94
CA VAL E 386 -21.54 2.95 -16.08
C VAL E 386 -21.93 3.46 -14.70
N ASP E 387 -22.47 4.67 -14.66
CA ASP E 387 -22.93 5.26 -13.41
C ASP E 387 -24.03 4.39 -12.81
N PRO E 388 -23.89 3.95 -11.56
CA PRO E 388 -24.93 3.08 -10.99
C PRO E 388 -26.31 3.71 -10.98
N ALA E 389 -26.40 5.03 -10.93
CA ALA E 389 -27.71 5.68 -10.91
C ALA E 389 -28.51 5.34 -12.16
N LEU E 390 -27.84 5.13 -13.29
CA LEU E 390 -28.54 4.84 -14.53
C LEU E 390 -29.12 3.43 -14.57
N ARG E 391 -28.48 2.50 -13.87
CA ARG E 391 -28.94 1.11 -13.85
C ARG E 391 -29.94 0.87 -12.74
N ARG E 392 -31.08 1.56 -12.82
CA ARG E 392 -32.08 1.55 -11.76
C ARG E 392 -33.47 1.59 -12.34
N PHE E 393 -34.46 1.39 -11.47
CA PHE E 393 -35.86 1.36 -11.89
C PHE E 393 -36.23 2.67 -12.58
N GLY E 394 -36.99 2.55 -13.68
CA GLY E 394 -37.31 3.69 -14.51
C GLY E 394 -36.22 4.09 -15.48
N ARG E 395 -34.97 4.00 -15.07
CA ARG E 395 -33.81 4.16 -15.95
C ARG E 395 -33.49 2.78 -16.54
N PHE E 396 -32.30 2.55 -17.09
CA PHE E 396 -32.00 1.26 -17.72
C PHE E 396 -32.17 0.19 -16.64
N ASP E 397 -33.28 -0.54 -16.74
CA ASP E 397 -33.65 -1.54 -15.74
C ASP E 397 -33.73 -2.94 -16.31
N ARG E 398 -33.75 -3.09 -17.63
CA ARG E 398 -33.67 -4.38 -18.29
C ARG E 398 -32.29 -4.49 -18.93
N GLU E 399 -31.53 -5.51 -18.54
CA GLU E 399 -30.20 -5.75 -19.06
C GLU E 399 -30.20 -7.06 -19.83
N ILE E 400 -29.77 -7.01 -21.09
CA ILE E 400 -29.68 -8.19 -21.95
C ILE E 400 -28.21 -8.40 -22.30
N GLU E 401 -27.73 -9.62 -22.12
CA GLU E 401 -26.32 -9.94 -22.34
C GLU E 401 -26.17 -10.50 -23.75
N ILE E 402 -25.57 -9.71 -24.65
CA ILE E 402 -25.13 -10.19 -25.95
C ILE E 402 -23.71 -10.71 -25.73
N GLY E 403 -23.60 -11.96 -25.29
CA GLY E 403 -22.36 -12.52 -24.82
C GLY E 403 -21.67 -13.41 -25.85
N ILE E 404 -20.66 -14.12 -25.37
CA ILE E 404 -19.81 -14.97 -26.21
C ILE E 404 -20.67 -16.07 -26.83
N PRO E 405 -20.68 -16.23 -28.15
CA PRO E 405 -21.46 -17.31 -28.75
C PRO E 405 -20.86 -18.68 -28.45
N ASP E 406 -21.72 -19.69 -28.44
CA ASP E 406 -21.30 -21.06 -28.28
C ASP E 406 -21.04 -21.69 -29.65
N SER E 407 -20.80 -23.01 -29.67
CA SER E 407 -20.44 -23.67 -30.91
C SER E 407 -21.54 -23.54 -31.94
N ILE E 408 -22.80 -23.73 -31.53
CA ILE E 408 -23.92 -23.60 -32.46
C ILE E 408 -24.01 -22.16 -32.96
N GLY E 409 -23.87 -21.20 -32.05
CA GLY E 409 -23.93 -19.81 -32.45
C GLY E 409 -22.78 -19.41 -33.36
N ARG E 410 -21.59 -19.97 -33.11
CA ARG E 410 -20.45 -19.66 -33.96
C ARG E 410 -20.71 -20.11 -35.40
N LEU E 411 -21.34 -21.27 -35.57
CA LEU E 411 -21.67 -21.73 -36.91
C LEU E 411 -22.66 -20.79 -37.59
N GLU E 412 -23.63 -20.27 -36.83
CA GLU E 412 -24.59 -19.33 -37.40
C GLU E 412 -23.90 -18.09 -37.92
N ILE E 413 -22.91 -17.58 -37.17
CA ILE E 413 -22.19 -16.39 -37.60
C ILE E 413 -21.35 -16.69 -38.83
N LEU E 414 -20.69 -17.85 -38.86
CA LEU E 414 -19.86 -18.19 -40.00
C LEU E 414 -20.68 -18.31 -41.27
N ARG E 415 -21.86 -18.91 -41.18
CA ARG E 415 -22.74 -19.00 -42.34
C ARG E 415 -23.16 -17.61 -42.82
N ILE E 416 -23.41 -16.70 -41.89
CA ILE E 416 -23.81 -15.35 -42.26
C ILE E 416 -22.69 -14.65 -43.01
N HIS E 417 -21.44 -14.86 -42.59
CA HIS E 417 -20.31 -14.15 -43.17
C HIS E 417 -19.69 -14.87 -44.36
N THR E 418 -20.12 -16.09 -44.66
CA THR E 418 -19.66 -16.82 -45.83
C THR E 418 -20.69 -16.82 -46.95
N ARG E 419 -21.75 -16.01 -46.83
CA ARG E 419 -22.78 -16.00 -47.86
C ARG E 419 -22.25 -15.44 -49.17
N ASN E 420 -21.37 -14.44 -49.09
CA ASN E 420 -20.80 -13.79 -50.27
C ASN E 420 -19.36 -14.23 -50.54
N ILE E 421 -18.89 -15.29 -49.90
CA ILE E 421 -17.55 -15.81 -50.09
C ILE E 421 -17.65 -17.18 -50.74
N ARG E 422 -16.88 -17.38 -51.81
CA ARG E 422 -16.88 -18.67 -52.49
C ARG E 422 -16.14 -19.70 -51.64
N LEU E 423 -16.79 -20.83 -51.39
CA LEU E 423 -16.23 -21.89 -50.56
C LEU E 423 -16.06 -23.15 -51.40
N ALA E 424 -14.94 -23.84 -51.21
CA ALA E 424 -14.73 -25.11 -51.86
C ALA E 424 -15.67 -26.17 -51.28
N GLU E 425 -15.83 -27.27 -52.02
CA GLU E 425 -16.74 -28.32 -51.60
C GLU E 425 -16.26 -29.02 -50.32
N ASP E 426 -15.00 -28.86 -49.95
CA ASP E 426 -14.45 -29.50 -48.76
C ASP E 426 -14.59 -28.64 -47.51
N VAL E 427 -15.21 -27.47 -47.61
CA VAL E 427 -15.36 -26.59 -46.45
C VAL E 427 -16.50 -27.12 -45.59
N GLU E 428 -16.19 -27.41 -44.33
CA GLU E 428 -17.16 -27.89 -43.35
C GLU E 428 -17.14 -26.90 -42.19
N LEU E 429 -18.01 -25.89 -42.27
CA LEU E 429 -17.99 -24.82 -41.28
C LEU E 429 -18.34 -25.33 -39.88
N GLU E 430 -18.95 -26.50 -39.77
CA GLU E 430 -19.22 -27.07 -38.46
C GLU E 430 -17.92 -27.32 -37.70
N LYS E 431 -16.92 -27.87 -38.39
CA LYS E 431 -15.64 -28.14 -37.74
C LYS E 431 -14.94 -26.84 -37.33
N ILE E 432 -14.97 -25.83 -38.20
CA ILE E 432 -14.35 -24.56 -37.87
C ILE E 432 -15.04 -23.93 -36.66
N ALA E 433 -16.37 -23.98 -36.63
CA ALA E 433 -17.10 -23.42 -35.49
C ALA E 433 -16.73 -24.14 -34.20
N ASN E 434 -16.60 -25.47 -34.25
CA ASN E 434 -16.27 -26.22 -33.06
C ASN E 434 -14.87 -25.89 -32.56
N GLU E 435 -13.95 -25.56 -33.46
CA GLU E 435 -12.57 -25.27 -33.09
C GLU E 435 -12.33 -23.82 -32.75
N ALA E 436 -13.28 -22.93 -33.03
CA ALA E 436 -13.08 -21.49 -32.85
C ALA E 436 -13.48 -21.06 -31.43
N HIS E 437 -12.78 -21.63 -30.46
CA HIS E 437 -13.04 -21.27 -29.07
C HIS E 437 -12.59 -19.84 -28.79
N GLY E 438 -13.39 -19.13 -28.01
CA GLY E 438 -13.07 -17.76 -27.67
C GLY E 438 -13.32 -16.75 -28.77
N HIS E 439 -13.94 -17.16 -29.87
CA HIS E 439 -14.17 -16.28 -31.00
C HIS E 439 -15.56 -15.64 -30.88
N VAL E 440 -15.58 -14.31 -30.82
CA VAL E 440 -16.83 -13.57 -30.92
C VAL E 440 -17.12 -13.34 -32.39
N GLY E 441 -18.35 -12.91 -32.70
CA GLY E 441 -18.71 -12.71 -34.09
C GLY E 441 -17.77 -11.79 -34.83
N ALA E 442 -17.19 -10.81 -34.13
CA ALA E 442 -16.21 -9.94 -34.77
C ALA E 442 -14.94 -10.70 -35.14
N ASP E 443 -14.53 -11.67 -34.31
CA ASP E 443 -13.39 -12.50 -34.66
C ASP E 443 -13.72 -13.44 -35.80
N LEU E 444 -14.94 -14.00 -35.80
CA LEU E 444 -15.33 -14.90 -36.88
C LEU E 444 -15.42 -14.16 -38.20
N ALA E 445 -15.79 -12.88 -38.17
CA ALA E 445 -15.78 -12.07 -39.38
C ALA E 445 -14.35 -11.92 -39.91
N SER E 446 -13.39 -11.68 -39.01
CA SER E 446 -12.00 -11.58 -39.42
C SER E 446 -11.49 -12.92 -39.93
N LEU E 447 -11.90 -14.02 -39.29
CA LEU E 447 -11.44 -15.33 -39.71
C LEU E 447 -11.85 -15.62 -41.15
N CYS E 448 -13.08 -15.28 -41.51
CA CYS E 448 -13.53 -15.47 -42.89
C CYS E 448 -12.74 -14.61 -43.86
N SER E 449 -12.45 -13.36 -43.47
CA SER E 449 -11.67 -12.49 -44.34
C SER E 449 -10.25 -13.02 -44.51
N GLU E 450 -9.59 -13.36 -43.41
CA GLU E 450 -8.21 -13.83 -43.50
C GLU E 450 -8.11 -15.10 -44.33
N ALA E 451 -9.05 -16.02 -44.15
CA ALA E 451 -9.05 -17.24 -44.95
C ALA E 451 -9.14 -16.93 -46.43
N ALA E 452 -9.87 -15.87 -46.79
CA ALA E 452 -9.96 -15.48 -48.19
C ALA E 452 -8.66 -14.88 -48.68
N LEU E 453 -7.98 -14.10 -47.85
CA LEU E 453 -6.67 -13.57 -48.23
C LEU E 453 -5.67 -14.69 -48.47
N GLN E 454 -5.67 -15.69 -47.59
CA GLN E 454 -4.75 -16.82 -47.76
C GLN E 454 -5.01 -17.54 -49.08
N GLN E 455 -6.28 -17.62 -49.49
CA GLN E 455 -6.59 -18.19 -50.80
C GLN E 455 -5.97 -17.34 -51.92
N ILE E 456 -6.06 -16.02 -51.81
CA ILE E 456 -5.43 -15.14 -52.79
C ILE E 456 -3.92 -15.29 -52.73
N ARG E 457 -3.36 -15.44 -51.53
CA ARG E 457 -1.92 -15.61 -51.39
C ARG E 457 -1.43 -16.84 -52.16
N ASN E 458 -2.10 -17.97 -51.98
CA ASN E 458 -1.65 -19.19 -52.61
C ASN E 458 -1.67 -19.07 -54.14
N LYS E 459 -2.74 -18.50 -54.68
CA LYS E 459 -2.84 -18.33 -56.13
C LYS E 459 -1.87 -17.27 -56.62
N MET E 460 -1.83 -16.12 -55.95
CA MET E 460 -0.99 -15.02 -56.41
C MET E 460 0.49 -15.39 -56.36
N ASN E 461 0.90 -16.13 -55.33
CA ASN E 461 2.29 -16.53 -55.22
C ASN E 461 2.71 -17.39 -56.42
N LEU E 462 1.86 -18.33 -56.82
CA LEU E 462 2.16 -19.13 -58.00
C LEU E 462 2.23 -18.25 -59.25
N ILE E 463 1.30 -17.31 -59.39
CA ILE E 463 1.32 -16.37 -60.49
C ILE E 463 2.13 -15.14 -60.09
N ILE E 470 -5.01 -10.34 -64.40
CA ILE E 470 -4.80 -11.74 -64.03
C ILE E 470 -5.74 -12.61 -64.85
N ASP E 471 -5.26 -13.81 -65.21
CA ASP E 471 -6.03 -14.70 -66.07
C ASP E 471 -7.38 -15.02 -65.42
N ALA E 472 -8.43 -15.01 -66.25
CA ALA E 472 -9.77 -15.26 -65.73
C ALA E 472 -9.89 -16.66 -65.15
N GLU E 473 -9.06 -17.60 -65.60
CA GLU E 473 -9.11 -18.94 -65.04
C GLU E 473 -8.72 -18.92 -63.57
N VAL E 474 -7.71 -18.12 -63.21
CA VAL E 474 -7.32 -18.00 -61.81
C VAL E 474 -8.44 -17.36 -61.00
N LEU E 475 -9.07 -16.31 -61.54
CA LEU E 475 -10.13 -15.62 -60.82
C LEU E 475 -11.30 -16.56 -60.53
N ASN E 476 -11.66 -17.41 -61.49
CA ASN E 476 -12.77 -18.33 -61.31
C ASN E 476 -12.38 -19.56 -60.50
N SER E 477 -11.10 -19.78 -60.23
CA SER E 477 -10.65 -20.89 -59.42
C SER E 477 -10.45 -20.50 -57.96
N LEU E 478 -10.80 -19.28 -57.59
CA LEU E 478 -10.64 -18.79 -56.23
C LEU E 478 -11.82 -19.28 -55.38
N ALA E 479 -11.54 -20.19 -54.45
CA ALA E 479 -12.57 -20.73 -53.57
C ALA E 479 -11.91 -21.11 -52.26
N VAL E 480 -12.30 -20.44 -51.17
CA VAL E 480 -11.66 -20.66 -49.88
C VAL E 480 -11.79 -22.13 -49.52
N THR E 481 -10.67 -22.77 -49.23
CA THR E 481 -10.63 -24.19 -48.89
C THR E 481 -10.48 -24.35 -47.37
N MET E 482 -10.74 -25.57 -46.92
CA MET E 482 -10.63 -25.85 -45.49
C MET E 482 -9.22 -25.59 -44.98
N ASP E 483 -8.21 -25.76 -45.83
CA ASP E 483 -6.85 -25.46 -45.42
C ASP E 483 -6.70 -23.97 -45.09
N ASP E 484 -7.31 -23.11 -45.90
CA ASP E 484 -7.25 -21.68 -45.64
C ASP E 484 -7.93 -21.34 -44.31
N PHE E 485 -9.09 -21.95 -44.05
CA PHE E 485 -9.78 -21.70 -42.79
C PHE E 485 -8.95 -22.18 -41.60
N ARG E 486 -8.33 -23.35 -41.72
CA ARG E 486 -7.50 -23.86 -40.64
C ARG E 486 -6.25 -23.02 -40.46
N TRP E 487 -5.68 -22.52 -41.57
CA TRP E 487 -4.57 -21.57 -41.45
C TRP E 487 -5.02 -20.30 -40.76
N ALA E 488 -6.17 -19.75 -41.17
CA ALA E 488 -6.67 -18.52 -40.57
C ALA E 488 -6.99 -18.74 -39.10
N LEU E 489 -7.58 -19.88 -38.76
CA LEU E 489 -7.91 -20.18 -37.38
C LEU E 489 -6.66 -20.33 -36.52
N GLY E 490 -5.58 -20.86 -37.10
CA GLY E 490 -4.33 -20.98 -36.35
C GLY E 490 -3.72 -19.63 -36.02
N LYS E 491 -3.69 -18.72 -36.98
CA LYS E 491 -3.09 -17.41 -36.76
C LYS E 491 -3.98 -16.48 -35.95
N SER E 492 -5.27 -16.79 -35.83
CA SER E 492 -6.19 -15.91 -35.14
C SER E 492 -5.85 -15.85 -33.65
N ASN E 493 -6.04 -14.66 -33.06
CA ASN E 493 -5.84 -14.43 -31.63
C ASN E 493 -7.13 -13.84 -31.08
N PRO E 494 -8.14 -14.67 -30.82
CA PRO E 494 -9.43 -14.14 -30.42
C PRO E 494 -9.34 -13.33 -29.14
N SER E 495 -10.21 -12.33 -29.03
CA SER E 495 -10.18 -11.39 -27.92
C SER E 495 -10.88 -11.93 -26.67
N ALA E 496 -11.63 -13.02 -26.78
CA ALA E 496 -12.43 -13.53 -25.67
C ALA E 496 -11.91 -14.86 -25.15
N LEU E 497 -10.62 -15.15 -25.33
CA LEU E 497 -10.05 -16.36 -24.77
C LEU E 497 -10.15 -16.35 -23.25
N ARG E 498 -9.85 -15.21 -22.63
CA ARG E 498 -9.76 -15.13 -21.18
C ARG E 498 -11.10 -14.85 -20.52
N GLU E 499 -12.16 -14.64 -21.31
CA GLU E 499 -13.48 -14.46 -20.74
C GLU E 499 -14.00 -15.80 -20.20
N THR E 500 -14.76 -15.73 -19.12
CA THR E 500 -15.33 -16.93 -18.53
C THR E 500 -16.42 -17.49 -19.44
N THR E 501 -16.36 -18.79 -19.68
CA THR E 501 -17.33 -19.46 -20.55
C THR E 501 -18.49 -20.00 -19.72
N VAL E 502 -19.70 -19.87 -20.27
CA VAL E 502 -20.92 -20.24 -19.55
C VAL E 502 -21.72 -21.22 -20.41
N GLU E 503 -21.05 -21.99 -21.24
CA GLU E 503 -21.72 -22.88 -22.18
C GLU E 503 -21.88 -24.28 -21.60
N VAL E 504 -22.75 -25.06 -22.23
CA VAL E 504 -22.97 -26.45 -21.83
C VAL E 504 -21.80 -27.29 -22.32
N PRO E 505 -21.14 -28.05 -21.44
CA PRO E 505 -19.93 -28.76 -21.85
C PRO E 505 -20.24 -29.92 -22.80
N ASN E 506 -19.21 -30.35 -23.51
CA ASN E 506 -19.31 -31.47 -24.45
C ASN E 506 -18.97 -32.81 -23.83
N VAL E 507 -18.57 -32.84 -22.56
CA VAL E 507 -18.22 -34.10 -21.92
C VAL E 507 -19.49 -34.86 -21.55
N THR E 508 -19.55 -36.13 -21.93
CA THR E 508 -20.68 -36.99 -21.63
C THR E 508 -20.24 -38.10 -20.67
N TRP E 509 -21.22 -38.87 -20.20
CA TRP E 509 -20.91 -40.02 -19.36
C TRP E 509 -19.98 -40.99 -20.08
N ASP E 510 -20.13 -41.12 -21.40
CA ASP E 510 -19.32 -42.06 -22.16
C ASP E 510 -17.84 -41.69 -22.10
N ASP E 511 -17.53 -40.45 -21.72
CA ASP E 511 -16.14 -40.05 -21.53
C ASP E 511 -15.59 -40.45 -20.17
N ILE E 512 -16.42 -40.97 -19.27
CA ILE E 512 -15.97 -41.37 -17.94
C ILE E 512 -16.25 -42.85 -17.73
N GLY E 513 -17.52 -43.23 -17.75
CA GLY E 513 -17.91 -44.62 -17.70
C GLY E 513 -17.75 -45.30 -16.34
N GLY E 514 -16.54 -45.26 -15.79
CA GLY E 514 -16.22 -46.12 -14.66
C GLY E 514 -17.02 -45.86 -13.41
N LEU E 515 -17.23 -44.59 -13.07
CA LEU E 515 -17.74 -44.22 -11.74
C LEU E 515 -19.26 -44.32 -11.67
N GLU E 516 -19.75 -45.55 -11.83
CA GLU E 516 -21.19 -45.76 -11.98
C GLU E 516 -21.98 -45.20 -10.79
N ASN E 517 -21.54 -45.51 -9.57
CA ASN E 517 -22.31 -45.08 -8.40
C ASN E 517 -22.39 -43.56 -8.31
N VAL E 518 -21.29 -42.88 -8.60
CA VAL E 518 -21.29 -41.42 -8.55
C VAL E 518 -22.23 -40.84 -9.61
N LYS E 519 -22.40 -41.55 -10.72
CA LYS E 519 -23.34 -41.09 -11.75
C LYS E 519 -24.73 -40.92 -11.18
N ARG E 520 -25.23 -41.97 -10.51
CA ARG E 520 -26.57 -41.92 -9.94
C ARG E 520 -26.67 -40.85 -8.87
N GLU E 521 -25.65 -40.74 -8.02
CA GLU E 521 -25.68 -39.73 -6.97
C GLU E 521 -25.77 -38.33 -7.57
N LEU E 522 -24.92 -38.03 -8.55
CA LEU E 522 -24.92 -36.70 -9.15
C LEU E 522 -26.25 -36.43 -9.84
N GLN E 523 -26.84 -37.45 -10.46
CA GLN E 523 -28.14 -37.28 -11.09
C GLN E 523 -29.20 -36.89 -10.07
N GLU E 524 -29.21 -37.57 -8.92
CA GLU E 524 -30.17 -37.23 -7.87
C GLU E 524 -29.91 -35.84 -7.32
N LEU E 525 -28.64 -35.48 -7.14
CA LEU E 525 -28.31 -34.20 -6.52
C LEU E 525 -28.60 -33.03 -7.46
N VAL E 526 -28.40 -33.20 -8.75
CA VAL E 526 -28.48 -32.11 -9.72
C VAL E 526 -29.71 -32.26 -10.63
N GLN E 527 -29.93 -33.46 -11.17
CA GLN E 527 -31.00 -33.62 -12.15
C GLN E 527 -32.37 -33.56 -11.50
N TYR E 528 -32.56 -34.25 -10.38
CA TYR E 528 -33.90 -34.36 -9.79
C TYR E 528 -34.45 -33.00 -9.37
N PRO E 529 -33.72 -32.13 -8.69
CA PRO E 529 -34.30 -30.83 -8.31
C PRO E 529 -34.80 -30.04 -9.50
N VAL E 530 -34.20 -30.21 -10.67
CA VAL E 530 -34.63 -29.48 -11.86
C VAL E 530 -35.75 -30.22 -12.57
N GLU E 531 -35.60 -31.53 -12.74
CA GLU E 531 -36.56 -32.29 -13.53
C GLU E 531 -37.86 -32.54 -12.76
N HIS E 532 -37.77 -32.77 -11.46
CA HIS E 532 -38.94 -33.12 -10.64
C HIS E 532 -39.01 -32.21 -9.42
N PRO E 533 -39.20 -30.91 -9.62
CA PRO E 533 -39.31 -30.01 -8.47
C PRO E 533 -40.52 -30.29 -7.60
N ASP E 534 -41.61 -30.81 -8.18
CA ASP E 534 -42.82 -31.03 -7.41
C ASP E 534 -42.61 -32.06 -6.30
N LYS E 535 -41.87 -33.13 -6.59
CA LYS E 535 -41.68 -34.18 -5.60
C LYS E 535 -40.97 -33.65 -4.36
N PHE E 536 -39.99 -32.77 -4.55
CA PHE E 536 -39.30 -32.19 -3.42
C PHE E 536 -40.25 -31.35 -2.58
N LEU E 537 -41.16 -30.61 -3.24
CA LEU E 537 -42.17 -29.86 -2.50
C LEU E 537 -43.15 -30.80 -1.79
N LYS E 538 -43.44 -31.96 -2.37
CA LYS E 538 -44.35 -32.89 -1.73
C LYS E 538 -43.79 -33.41 -0.42
N PHE E 539 -42.51 -33.75 -0.39
CA PHE E 539 -41.91 -34.34 0.79
C PHE E 539 -41.35 -33.30 1.76
N GLY E 540 -41.43 -32.02 1.42
CA GLY E 540 -41.15 -30.96 2.37
C GLY E 540 -39.70 -30.72 2.68
N MET E 541 -38.78 -31.18 1.83
CA MET E 541 -37.35 -30.98 2.04
C MET E 541 -36.78 -30.16 0.88
N THR E 542 -35.94 -29.20 1.20
CA THR E 542 -35.25 -28.44 0.17
C THR E 542 -33.93 -29.14 -0.17
N PRO E 543 -33.67 -29.46 -1.44
CA PRO E 543 -32.44 -30.18 -1.77
C PRO E 543 -31.21 -29.35 -1.46
N SER E 544 -30.14 -30.05 -1.07
CA SER E 544 -28.84 -29.41 -0.89
C SER E 544 -28.16 -29.27 -2.24
N LYS E 545 -27.68 -28.08 -2.54
CA LYS E 545 -27.11 -27.76 -3.85
C LYS E 545 -25.61 -27.44 -3.76
N GLY E 546 -24.88 -28.23 -2.98
CA GLY E 546 -23.44 -28.10 -2.89
C GLY E 546 -22.77 -29.45 -2.77
N VAL E 547 -21.75 -29.69 -3.59
CA VAL E 547 -21.04 -30.95 -3.63
C VAL E 547 -19.54 -30.69 -3.52
N LEU E 548 -18.81 -31.63 -2.95
CA LEU E 548 -17.36 -31.57 -2.88
C LEU E 548 -16.79 -32.91 -3.34
N PHE E 549 -16.09 -32.90 -4.47
CA PHE E 549 -15.31 -34.04 -4.91
C PHE E 549 -13.93 -33.99 -4.27
N TYR E 550 -13.47 -35.13 -3.76
CA TYR E 550 -12.14 -35.21 -3.18
C TYR E 550 -11.62 -36.62 -3.40
N GLY E 551 -10.32 -36.72 -3.60
CA GLY E 551 -9.69 -37.99 -3.87
C GLY E 551 -8.33 -37.83 -4.53
N PRO E 552 -7.72 -38.95 -4.89
CA PRO E 552 -6.38 -38.89 -5.48
C PRO E 552 -6.41 -38.13 -6.79
N PRO E 553 -5.28 -37.51 -7.17
CA PRO E 553 -5.25 -36.77 -8.43
C PRO E 553 -5.49 -37.68 -9.62
N GLY E 554 -6.07 -37.11 -10.68
CA GLY E 554 -6.28 -37.80 -11.92
C GLY E 554 -7.29 -38.91 -11.89
N CYS E 555 -8.46 -38.70 -11.28
CA CYS E 555 -9.49 -39.72 -11.19
C CYS E 555 -10.82 -39.32 -11.79
N GLY E 556 -10.97 -38.10 -12.27
CA GLY E 556 -12.16 -37.72 -13.02
C GLY E 556 -13.07 -36.71 -12.33
N LYS E 557 -12.54 -35.98 -11.35
CA LYS E 557 -13.36 -34.98 -10.67
C LYS E 557 -13.77 -33.86 -11.62
N THR E 558 -12.84 -33.40 -12.46
CA THR E 558 -13.19 -32.40 -13.46
C THR E 558 -14.17 -32.96 -14.48
N LEU E 559 -13.95 -34.20 -14.91
CA LEU E 559 -14.85 -34.80 -15.90
C LEU E 559 -16.26 -34.94 -15.35
N LEU E 560 -16.39 -35.36 -14.09
CA LEU E 560 -17.71 -35.57 -13.51
C LEU E 560 -18.52 -34.28 -13.51
N ALA E 561 -17.89 -33.17 -13.13
CA ALA E 561 -18.59 -31.89 -13.10
C ALA E 561 -19.04 -31.49 -14.49
N LYS E 562 -18.22 -31.76 -15.50
CA LYS E 562 -18.60 -31.42 -16.87
C LYS E 562 -19.68 -32.36 -17.39
N ALA E 563 -19.61 -33.64 -17.02
CA ALA E 563 -20.56 -34.62 -17.55
C ALA E 563 -21.96 -34.42 -16.97
N ILE E 564 -22.04 -34.08 -15.67
CA ILE E 564 -23.34 -33.90 -15.05
C ILE E 564 -24.06 -32.69 -15.62
N ALA E 565 -23.31 -31.60 -15.85
CA ALA E 565 -23.91 -30.43 -16.49
C ALA E 565 -24.39 -30.77 -17.90
N ASN E 566 -23.68 -31.68 -18.58
CA ASN E 566 -24.07 -32.08 -19.92
C ASN E 566 -25.37 -32.88 -19.90
N GLU E 567 -25.51 -33.80 -18.94
CA GLU E 567 -26.72 -34.61 -18.88
C GLU E 567 -27.94 -33.74 -18.60
N CYS E 568 -27.83 -32.81 -17.65
CA CYS E 568 -28.93 -31.91 -17.34
C CYS E 568 -29.11 -30.81 -18.37
N GLN E 569 -28.23 -30.73 -19.37
CA GLN E 569 -28.23 -29.64 -20.33
C GLN E 569 -28.19 -28.30 -19.60
N ALA E 570 -27.37 -28.25 -18.55
CA ALA E 570 -27.22 -27.06 -17.73
C ALA E 570 -25.91 -26.37 -18.05
N ASN E 571 -25.92 -25.05 -17.98
CA ASN E 571 -24.70 -24.29 -18.20
C ASN E 571 -23.63 -24.71 -17.19
N PHE E 572 -22.38 -24.42 -17.54
CA PHE E 572 -21.23 -24.84 -16.75
C PHE E 572 -20.23 -23.70 -16.71
N ILE E 573 -19.90 -23.26 -15.49
CA ILE E 573 -18.87 -22.26 -15.27
C ILE E 573 -17.76 -22.92 -14.45
N SER E 574 -16.54 -22.90 -14.99
CA SER E 574 -15.38 -23.45 -14.32
C SER E 574 -14.47 -22.32 -13.88
N ILE E 575 -14.08 -22.33 -12.61
CA ILE E 575 -13.17 -21.35 -12.04
C ILE E 575 -12.12 -22.14 -11.28
N LYS E 576 -10.96 -22.36 -11.91
CA LYS E 576 -9.87 -23.06 -11.25
C LYS E 576 -9.28 -22.20 -10.14
N GLY E 577 -8.71 -22.86 -9.14
CA GLY E 577 -8.20 -22.20 -7.97
C GLY E 577 -7.17 -21.13 -8.29
N PRO E 578 -6.22 -21.45 -9.16
CA PRO E 578 -5.24 -20.43 -9.57
C PRO E 578 -5.87 -19.17 -10.15
N GLU E 579 -6.97 -19.31 -10.88
CA GLU E 579 -7.65 -18.13 -11.42
C GLU E 579 -8.17 -17.24 -10.29
N LEU E 580 -8.72 -17.86 -9.24
CA LEU E 580 -9.26 -17.07 -8.13
C LEU E 580 -8.19 -16.23 -7.48
N LEU E 581 -7.00 -16.80 -7.27
CA LEU E 581 -5.93 -16.08 -6.62
C LEU E 581 -5.38 -14.98 -7.52
N THR E 582 -5.37 -15.21 -8.83
CA THR E 582 -4.89 -14.19 -9.75
C THR E 582 -5.81 -12.98 -9.80
N MET E 583 -7.04 -13.10 -9.32
CA MET E 583 -7.99 -11.99 -9.32
C MET E 583 -7.82 -11.12 -8.08
N ALA E 590 -14.25 -8.26 -5.63
CA ALA E 590 -15.47 -7.90 -6.34
C ALA E 590 -15.64 -8.73 -7.61
N ASN E 591 -14.61 -9.50 -7.96
CA ASN E 591 -14.66 -10.36 -9.12
C ASN E 591 -15.20 -11.75 -8.80
N VAL E 592 -15.18 -12.16 -7.54
CA VAL E 592 -15.80 -13.43 -7.16
C VAL E 592 -17.32 -13.31 -7.22
N ARG E 593 -17.86 -12.15 -6.86
CA ARG E 593 -19.31 -11.95 -6.95
C ARG E 593 -19.77 -12.00 -8.40
N ASP E 594 -18.93 -11.56 -9.33
CA ASP E 594 -19.30 -11.62 -10.74
C ASP E 594 -19.51 -13.06 -11.19
N ILE E 595 -18.68 -13.97 -10.70
CA ILE E 595 -18.85 -15.38 -11.06
C ILE E 595 -20.21 -15.88 -10.60
N PHE E 596 -20.59 -15.56 -9.37
CA PHE E 596 -21.88 -15.99 -8.86
C PHE E 596 -23.02 -15.27 -9.56
N ASP E 597 -22.80 -14.02 -9.95
CA ASP E 597 -23.79 -13.30 -10.75
C ASP E 597 -23.98 -13.99 -12.11
N LYS E 598 -22.88 -14.41 -12.74
CA LYS E 598 -22.99 -15.14 -13.99
C LYS E 598 -23.76 -16.44 -13.80
N ALA E 599 -23.48 -17.14 -12.70
CA ALA E 599 -24.17 -18.41 -12.46
C ALA E 599 -25.66 -18.20 -12.27
N ARG E 600 -26.05 -17.11 -11.60
CA ARG E 600 -27.47 -16.83 -11.42
C ARG E 600 -28.17 -16.59 -12.75
N GLN E 601 -27.53 -15.86 -13.65
CA GLN E 601 -28.14 -15.57 -14.95
C GLN E 601 -28.40 -16.87 -15.72
N ALA E 602 -27.41 -17.76 -15.74
CA ALA E 602 -27.62 -19.10 -16.29
C ALA E 602 -28.48 -19.89 -15.31
N ALA E 603 -29.75 -20.07 -15.64
CA ALA E 603 -30.71 -20.50 -14.64
C ALA E 603 -30.36 -21.89 -14.11
N PRO E 604 -30.41 -22.98 -14.90
CA PRO E 604 -29.70 -24.20 -14.49
C PRO E 604 -28.23 -24.10 -14.82
N CYS E 605 -27.40 -23.96 -13.79
CA CYS E 605 -25.96 -23.83 -13.95
C CYS E 605 -25.24 -24.71 -12.94
N VAL E 606 -24.12 -25.27 -13.36
CA VAL E 606 -23.23 -26.02 -12.47
C VAL E 606 -21.98 -25.16 -12.29
N LEU E 607 -21.89 -24.49 -11.15
CA LEU E 607 -20.74 -23.66 -10.83
C LEU E 607 -19.66 -24.53 -10.20
N PHE E 608 -18.56 -24.71 -10.92
CA PHE E 608 -17.51 -25.65 -10.53
C PHE E 608 -16.26 -24.88 -10.11
N PHE E 609 -15.79 -25.17 -8.90
CA PHE E 609 -14.54 -24.58 -8.38
C PHE E 609 -13.50 -25.70 -8.33
N ASP E 610 -12.69 -25.77 -9.38
CA ASP E 610 -11.70 -26.83 -9.53
C ASP E 610 -10.37 -26.43 -8.90
N GLU E 611 -9.60 -27.44 -8.53
CA GLU E 611 -8.27 -27.23 -7.96
C GLU E 611 -8.33 -26.35 -6.72
N LEU E 612 -9.26 -26.67 -5.82
CA LEU E 612 -9.35 -25.94 -4.57
C LEU E 612 -8.11 -26.11 -3.71
N ASP E 613 -7.30 -27.13 -3.98
CA ASP E 613 -6.08 -27.34 -3.22
C ASP E 613 -5.12 -26.16 -3.35
N SER E 614 -5.18 -25.44 -4.46
CA SER E 614 -4.30 -24.29 -4.65
C SER E 614 -4.58 -23.22 -3.61
N ILE E 615 -5.85 -22.96 -3.33
CA ILE E 615 -6.20 -21.97 -2.31
C ILE E 615 -5.68 -22.42 -0.95
N ALA E 616 -5.89 -23.69 -0.61
CA ALA E 616 -5.42 -24.21 0.67
C ALA E 616 -3.91 -24.17 0.76
N LYS E 617 -3.22 -24.54 -0.33
CA LYS E 617 -1.76 -24.53 -0.31
C LYS E 617 -1.22 -23.11 -0.20
N ALA E 618 -1.99 -22.12 -0.63
CA ALA E 618 -1.62 -20.72 -0.44
C ALA E 618 -2.05 -20.18 0.90
N ALA E 629 -4.54 -13.12 0.20
CA ALA E 629 -5.31 -13.38 -1.01
C ALA E 629 -6.13 -14.65 -0.86
N ALA E 630 -5.49 -15.70 -0.35
CA ALA E 630 -6.19 -16.97 -0.14
C ALA E 630 -7.31 -16.81 0.89
N ASP E 631 -7.02 -16.13 1.99
CA ASP E 631 -8.04 -15.92 3.02
C ASP E 631 -9.18 -15.05 2.48
N ARG E 632 -8.84 -14.02 1.71
CA ARG E 632 -9.88 -13.19 1.11
C ARG E 632 -10.72 -13.99 0.13
N VAL E 633 -10.07 -14.85 -0.67
CA VAL E 633 -10.79 -15.62 -1.68
C VAL E 633 -11.76 -16.60 -1.01
N ILE E 634 -11.28 -17.35 -0.03
CA ILE E 634 -12.10 -18.38 0.58
C ILE E 634 -13.30 -17.76 1.31
N ASN E 635 -13.05 -16.68 2.05
CA ASN E 635 -14.13 -16.01 2.77
C ASN E 635 -15.15 -15.42 1.79
N GLN E 636 -14.68 -14.94 0.64
CA GLN E 636 -15.61 -14.45 -0.37
C GLN E 636 -16.47 -15.59 -0.93
N LEU E 637 -15.87 -16.76 -1.16
CA LEU E 637 -16.64 -17.91 -1.62
C LEU E 637 -17.69 -18.29 -0.60
N LEU E 638 -17.32 -18.33 0.68
CA LEU E 638 -18.26 -18.70 1.73
C LEU E 638 -19.42 -17.71 1.80
N THR E 639 -19.13 -16.42 1.69
CA THR E 639 -20.19 -15.42 1.71
C THR E 639 -21.13 -15.59 0.52
N GLU E 640 -20.57 -15.84 -0.67
CA GLU E 640 -21.40 -15.98 -1.86
C GLU E 640 -22.24 -17.25 -1.80
N MET E 641 -21.65 -18.35 -1.32
CA MET E 641 -22.41 -19.59 -1.19
C MET E 641 -23.58 -19.40 -0.24
N ASP E 642 -23.42 -18.57 0.79
CA ASP E 642 -24.52 -18.32 1.71
C ASP E 642 -25.59 -17.45 1.08
N GLY E 643 -25.21 -16.56 0.17
CA GLY E 643 -26.18 -15.74 -0.53
C GLY E 643 -26.88 -16.43 -1.68
N MET E 644 -26.49 -17.66 -1.98
CA MET E 644 -27.09 -18.45 -3.05
C MET E 644 -28.14 -19.37 -2.43
N SER E 645 -29.41 -19.06 -2.68
CA SER E 645 -30.50 -19.84 -2.11
C SER E 645 -30.58 -21.21 -2.78
N ALA E 646 -31.03 -22.20 -2.00
CA ALA E 646 -31.21 -23.54 -2.53
C ALA E 646 -32.38 -23.63 -3.50
N LYS E 647 -33.32 -22.67 -3.44
CA LYS E 647 -34.45 -22.70 -4.34
C LYS E 647 -34.08 -22.31 -5.77
N LYS E 648 -32.92 -21.68 -5.96
CA LYS E 648 -32.44 -21.35 -7.29
C LYS E 648 -31.59 -22.49 -7.82
N ASN E 649 -31.73 -22.77 -9.11
CA ASN E 649 -31.08 -23.94 -9.71
C ASN E 649 -29.64 -23.66 -10.09
N VAL E 650 -28.83 -23.24 -9.13
CA VAL E 650 -27.40 -23.07 -9.31
C VAL E 650 -26.72 -24.07 -8.37
N PHE E 651 -26.04 -25.04 -8.94
CA PHE E 651 -25.38 -26.09 -8.18
C PHE E 651 -23.88 -25.81 -8.11
N ILE E 652 -23.32 -25.87 -6.91
CA ILE E 652 -21.93 -25.54 -6.67
C ILE E 652 -21.18 -26.84 -6.39
N ILE E 653 -20.12 -27.07 -7.17
CA ILE E 653 -19.28 -28.26 -7.02
C ILE E 653 -17.87 -27.80 -6.76
N GLY E 654 -17.22 -28.42 -5.77
CA GLY E 654 -15.81 -28.18 -5.53
C GLY E 654 -15.01 -29.46 -5.71
N ALA E 655 -13.74 -29.32 -6.08
CA ALA E 655 -12.85 -30.46 -6.27
C ALA E 655 -11.51 -30.15 -5.62
N THR E 656 -10.99 -31.12 -4.87
CA THR E 656 -9.71 -30.94 -4.18
C THR E 656 -8.95 -32.26 -4.19
N ASN E 657 -7.66 -32.20 -4.50
CA ASN E 657 -6.77 -33.34 -4.34
C ASN E 657 -6.15 -33.39 -2.94
N ARG E 658 -6.44 -32.41 -2.09
CA ARG E 658 -5.83 -32.28 -0.77
C ARG E 658 -6.94 -32.11 0.27
N PRO E 659 -7.67 -33.18 0.59
CA PRO E 659 -8.68 -33.09 1.66
C PRO E 659 -8.07 -32.87 3.03
N ASP E 660 -6.75 -32.97 3.18
CA ASP E 660 -6.11 -32.80 4.47
C ASP E 660 -5.95 -31.35 4.87
N ILE E 661 -6.07 -30.42 3.93
CA ILE E 661 -5.87 -29.00 4.21
C ILE E 661 -7.06 -28.16 3.76
N ILE E 662 -8.23 -28.76 3.61
CA ILE E 662 -9.42 -28.04 3.18
C ILE E 662 -10.10 -27.43 4.40
N ASP E 663 -10.37 -26.13 4.33
CA ASP E 663 -11.05 -25.45 5.42
C ASP E 663 -12.41 -26.10 5.68
N GLY E 664 -12.74 -26.28 6.95
CA GLY E 664 -14.00 -26.92 7.31
C GLY E 664 -15.21 -26.04 7.11
N ALA E 665 -15.02 -24.72 7.00
CA ALA E 665 -16.14 -23.83 6.78
C ALA E 665 -16.82 -24.12 5.45
N ILE E 666 -16.08 -24.67 4.49
CA ILE E 666 -16.66 -24.96 3.18
C ILE E 666 -17.57 -26.18 3.25
N LEU E 667 -17.39 -27.03 4.26
CA LEU E 667 -18.21 -28.22 4.42
C LEU E 667 -19.43 -27.99 5.31
N ARG E 668 -19.62 -26.76 5.78
CA ARG E 668 -20.76 -26.49 6.66
C ARG E 668 -22.06 -26.75 5.91
N PRO E 669 -23.08 -27.26 6.58
CA PRO E 669 -24.39 -27.41 5.92
C PRO E 669 -24.88 -26.09 5.36
N GLY E 670 -25.52 -26.16 4.19
CA GLY E 670 -25.80 -24.98 3.39
C GLY E 670 -24.69 -24.63 2.42
N ARG E 671 -23.57 -25.33 2.50
CA ARG E 671 -22.41 -25.15 1.64
C ARG E 671 -22.07 -26.52 1.04
N LEU E 672 -20.84 -26.69 0.54
CA LEU E 672 -20.46 -27.95 -0.10
C LEU E 672 -20.44 -29.05 0.96
N ASP E 673 -21.65 -29.47 1.35
CA ASP E 673 -21.83 -30.45 2.40
C ASP E 673 -22.09 -31.87 1.87
N GLN E 674 -22.26 -32.03 0.56
CA GLN E 674 -22.40 -33.35 -0.04
C GLN E 674 -21.01 -33.81 -0.45
N LEU E 675 -20.39 -34.63 0.40
CA LEU E 675 -19.01 -35.08 0.20
C LEU E 675 -19.02 -36.37 -0.59
N ILE E 676 -18.46 -36.33 -1.80
CA ILE E 676 -18.35 -37.49 -2.67
C ILE E 676 -16.87 -37.80 -2.85
N TYR E 677 -16.47 -39.02 -2.54
CA TYR E 677 -15.08 -39.45 -2.62
C TYR E 677 -14.87 -40.19 -3.94
N ILE E 678 -13.92 -39.71 -4.73
CA ILE E 678 -13.60 -40.31 -6.03
C ILE E 678 -12.31 -41.12 -5.85
N PRO E 679 -12.38 -42.45 -5.77
CA PRO E 679 -11.18 -43.24 -5.49
C PRO E 679 -10.42 -43.59 -6.77
N LEU E 680 -9.34 -44.33 -6.59
CA LEU E 680 -8.65 -44.88 -7.74
C LEU E 680 -9.54 -45.91 -8.43
N PRO E 681 -9.49 -46.03 -9.75
CA PRO E 681 -10.35 -47.01 -10.43
C PRO E 681 -9.97 -48.43 -10.04
N ASP E 682 -10.97 -49.30 -10.02
CA ASP E 682 -10.72 -50.73 -9.90
C ASP E 682 -10.44 -51.32 -11.28
N GLU E 683 -10.17 -52.63 -11.31
CA GLU E 683 -9.79 -53.26 -12.57
C GLU E 683 -10.90 -53.12 -13.60
N ALA E 684 -12.16 -53.33 -13.19
CA ALA E 684 -13.27 -53.17 -14.11
C ALA E 684 -13.37 -51.72 -14.59
N SER E 685 -13.16 -50.77 -13.68
CA SER E 685 -13.19 -49.36 -14.06
C SER E 685 -12.07 -49.03 -15.03
N ARG E 686 -10.87 -49.58 -14.79
CA ARG E 686 -9.73 -49.27 -15.65
C ARG E 686 -9.98 -49.76 -17.08
N VAL E 687 -10.72 -50.86 -17.24
CA VAL E 687 -11.06 -51.32 -18.57
C VAL E 687 -11.93 -50.29 -19.29
N ASN E 688 -12.89 -49.72 -18.57
CA ASN E 688 -13.77 -48.72 -19.18
C ASN E 688 -13.03 -47.43 -19.47
N ILE E 689 -12.06 -47.06 -18.62
CA ILE E 689 -11.28 -45.86 -18.88
C ILE E 689 -10.48 -46.01 -20.16
N LEU E 690 -9.86 -47.16 -20.36
CA LEU E 690 -9.09 -47.39 -21.58
C LEU E 690 -9.99 -47.38 -22.80
N LYS E 691 -11.16 -48.01 -22.71
CA LYS E 691 -12.10 -47.99 -23.82
C LYS E 691 -12.55 -46.57 -24.12
N ALA E 692 -12.81 -45.79 -23.07
CA ALA E 692 -13.20 -44.40 -23.27
C ALA E 692 -12.11 -43.60 -23.95
N ASN E 693 -10.85 -43.82 -23.55
CA ASN E 693 -9.74 -43.04 -24.09
C ASN E 693 -9.37 -43.47 -25.52
N LEU E 694 -9.66 -44.70 -25.90
CA LEU E 694 -9.26 -45.22 -27.20
C LEU E 694 -10.40 -45.21 -28.22
N ARG E 695 -11.50 -44.51 -27.93
CA ARG E 695 -12.61 -44.48 -28.86
C ARG E 695 -12.20 -43.87 -30.20
N LYS E 696 -11.49 -42.74 -30.16
CA LYS E 696 -11.12 -42.07 -31.39
C LYS E 696 -9.96 -42.77 -32.09
N SER E 697 -9.05 -43.36 -31.33
CA SER E 697 -7.85 -43.93 -31.91
C SER E 697 -8.17 -45.28 -32.58
N PRO E 698 -7.57 -45.56 -33.74
CA PRO E 698 -7.70 -46.89 -34.33
C PRO E 698 -6.77 -47.88 -33.63
N ILE E 699 -7.35 -48.94 -33.08
CA ILE E 699 -6.62 -49.92 -32.27
C ILE E 699 -6.65 -51.25 -32.99
N ALA E 700 -5.50 -51.93 -33.01
CA ALA E 700 -5.42 -53.24 -33.64
C ALA E 700 -6.21 -54.28 -32.85
N ARG E 701 -6.63 -55.33 -33.53
CA ARG E 701 -7.41 -56.38 -32.90
C ARG E 701 -6.60 -57.21 -31.90
N ASP E 702 -5.28 -57.06 -31.89
CA ASP E 702 -4.41 -57.80 -30.98
C ASP E 702 -4.27 -57.11 -29.62
N VAL E 703 -4.87 -55.95 -29.44
CA VAL E 703 -4.77 -55.21 -28.19
C VAL E 703 -5.88 -55.70 -27.25
N ASP E 704 -5.50 -56.21 -26.09
CA ASP E 704 -6.44 -56.68 -25.10
C ASP E 704 -6.49 -55.66 -23.96
N ILE E 705 -7.59 -54.89 -23.91
CA ILE E 705 -7.74 -53.90 -22.86
C ILE E 705 -7.83 -54.57 -21.50
N ASN E 706 -8.36 -55.79 -21.45
CA ASN E 706 -8.39 -56.52 -20.19
C ASN E 706 -6.99 -56.76 -19.65
N PHE E 707 -6.06 -57.11 -20.54
CA PHE E 707 -4.67 -57.29 -20.12
C PHE E 707 -4.07 -55.98 -19.63
N LEU E 708 -4.33 -54.89 -20.34
CA LEU E 708 -3.81 -53.59 -19.93
C LEU E 708 -4.34 -53.20 -18.56
N ALA E 709 -5.64 -53.43 -18.33
CA ALA E 709 -6.23 -53.08 -17.04
C ALA E 709 -5.59 -53.89 -15.92
N LYS E 710 -5.34 -55.18 -16.16
CA LYS E 710 -4.76 -56.03 -15.13
C LYS E 710 -3.35 -55.61 -14.79
N ALA E 711 -2.60 -55.10 -15.76
CA ALA E 711 -1.23 -54.67 -15.52
C ALA E 711 -1.14 -53.29 -14.89
N THR E 712 -2.16 -52.44 -15.07
CA THR E 712 -2.12 -51.07 -14.55
C THR E 712 -2.83 -51.00 -13.19
N GLN E 713 -2.33 -51.78 -12.24
CA GLN E 713 -2.88 -51.77 -10.90
C GLN E 713 -2.52 -50.48 -10.19
N GLY E 714 -3.51 -49.84 -9.57
CA GLY E 714 -3.27 -48.60 -8.87
C GLY E 714 -3.09 -47.39 -9.75
N PHE E 715 -3.32 -47.53 -11.05
CA PHE E 715 -3.13 -46.41 -11.97
C PHE E 715 -4.36 -45.50 -11.95
N SER E 716 -4.12 -44.21 -11.81
CA SER E 716 -5.20 -43.24 -11.91
C SER E 716 -5.66 -43.12 -13.35
N GLY E 717 -6.83 -42.51 -13.53
CA GLY E 717 -7.35 -42.32 -14.87
C GLY E 717 -6.43 -41.52 -15.75
N ALA E 718 -5.76 -40.51 -15.20
CA ALA E 718 -4.82 -39.72 -15.97
C ALA E 718 -3.64 -40.57 -16.42
N ASP E 719 -3.17 -41.47 -15.55
CA ASP E 719 -2.07 -42.35 -15.91
C ASP E 719 -2.44 -43.25 -17.08
N LEU E 720 -3.67 -43.75 -17.10
CA LEU E 720 -4.11 -44.59 -18.20
C LEU E 720 -4.14 -43.80 -19.51
N THR E 721 -4.55 -42.52 -19.43
CA THR E 721 -4.47 -41.67 -20.61
C THR E 721 -3.02 -41.49 -21.05
N GLU E 722 -2.10 -41.37 -20.11
CA GLU E 722 -0.69 -41.23 -20.46
C GLU E 722 -0.18 -42.46 -21.19
N ILE E 723 -0.61 -43.66 -20.77
CA ILE E 723 -0.23 -44.87 -21.48
C ILE E 723 -0.71 -44.81 -22.92
N CYS E 724 -1.94 -44.34 -23.13
CA CYS E 724 -2.47 -44.20 -24.48
C CYS E 724 -1.68 -43.17 -25.27
N GLN E 725 -1.32 -42.05 -24.64
CA GLN E 725 -0.50 -41.06 -25.31
C GLN E 725 0.84 -41.65 -25.73
N ARG E 726 1.48 -42.40 -24.83
CA ARG E 726 2.77 -43.01 -25.15
C ARG E 726 2.61 -44.04 -26.26
N ALA E 727 1.53 -44.82 -26.24
CA ALA E 727 1.30 -45.80 -27.29
C ALA E 727 1.12 -45.12 -28.64
N CYS E 728 0.39 -44.00 -28.68
CA CYS E 728 0.20 -43.29 -29.93
C CYS E 728 1.51 -42.72 -30.44
N LYS E 729 2.35 -42.21 -29.54
CA LYS E 729 3.64 -41.67 -29.97
C LYS E 729 4.51 -42.74 -30.59
N GLN E 730 4.44 -43.97 -30.08
CA GLN E 730 5.18 -45.07 -30.70
C GLN E 730 4.66 -45.35 -32.10
N ALA E 731 3.34 -45.30 -32.29
CA ALA E 731 2.77 -45.50 -33.62
C ALA E 731 3.21 -44.41 -34.57
N ILE E 732 3.20 -43.16 -34.11
CA ILE E 732 3.64 -42.06 -34.95
C ILE E 732 5.12 -42.19 -35.28
N ARG E 733 5.92 -42.63 -34.31
CA ARG E 733 7.34 -42.81 -34.56
C ARG E 733 7.57 -43.85 -35.64
N GLU E 734 6.92 -45.01 -35.52
CA GLU E 734 7.09 -46.05 -36.53
C GLU E 734 6.55 -45.61 -37.89
N SER E 735 5.44 -44.87 -37.89
CA SER E 735 4.88 -44.39 -39.15
C SER E 735 5.85 -43.45 -39.85
N ILE E 736 6.52 -42.57 -39.09
CA ILE E 736 7.49 -41.65 -39.69
C ILE E 736 8.69 -42.43 -40.22
N GLU E 737 9.18 -43.39 -39.44
CA GLU E 737 10.32 -44.19 -39.88
C GLU E 737 9.98 -44.99 -41.14
N ALA E 738 8.78 -45.55 -41.18
CA ALA E 738 8.36 -46.30 -42.37
C ALA E 738 8.28 -45.40 -43.58
N GLU E 739 7.79 -44.17 -43.40
CA GLU E 739 7.70 -43.24 -44.52
C GLU E 739 9.07 -42.90 -45.08
N ILE E 740 10.06 -42.73 -44.21
CA ILE E 740 11.41 -42.43 -44.67
C ILE E 740 11.96 -43.57 -45.52
N ARG E 741 11.74 -44.81 -45.07
CA ARG E 741 12.22 -45.95 -45.84
C ARG E 741 11.58 -46.00 -47.22
N ALA E 742 10.28 -45.74 -47.31
CA ALA E 742 9.61 -45.76 -48.60
C ALA E 742 10.15 -44.68 -49.52
N GLU E 743 10.33 -43.46 -49.00
CA GLU E 743 10.86 -42.37 -49.81
C GLU E 743 12.29 -42.65 -50.26
N SER E 744 13.11 -43.19 -49.37
CA SER E 744 14.51 -43.46 -49.67
C SER E 744 14.72 -44.79 -50.37
N GLU E 745 13.67 -45.59 -50.56
CA GLU E 745 13.79 -46.87 -51.23
C GLU E 745 12.51 -47.22 -51.97
N ASP E 758 -0.04 -47.56 -45.91
CA ASP E 758 -0.05 -47.39 -44.47
C ASP E 758 0.59 -48.59 -43.76
N PRO E 759 1.92 -48.62 -43.71
CA PRO E 759 2.58 -49.74 -43.03
C PRO E 759 2.21 -49.86 -41.56
N VAL E 760 1.84 -48.75 -40.92
CA VAL E 760 1.42 -48.76 -39.52
C VAL E 760 0.03 -48.15 -39.45
N PRO E 761 -1.04 -48.92 -39.67
CA PRO E 761 -2.38 -48.33 -39.72
C PRO E 761 -3.04 -48.16 -38.37
N GLU E 762 -2.64 -48.97 -37.39
CA GLU E 762 -3.31 -49.01 -36.09
C GLU E 762 -2.27 -49.12 -34.99
N ILE E 763 -2.72 -48.86 -33.77
CA ILE E 763 -1.87 -48.94 -32.57
C ILE E 763 -1.88 -50.40 -32.12
N THR E 764 -0.80 -51.12 -32.36
CA THR E 764 -0.73 -52.54 -32.08
C THR E 764 -0.36 -52.78 -30.62
N ARG E 765 -0.37 -54.05 -30.22
CA ARG E 765 -0.01 -54.41 -28.85
C ARG E 765 1.44 -54.03 -28.55
N ARG E 766 2.34 -54.26 -29.49
CA ARG E 766 3.75 -53.95 -29.25
C ARG E 766 3.95 -52.50 -28.86
N HIS E 767 3.13 -51.60 -29.41
CA HIS E 767 3.21 -50.20 -29.02
C HIS E 767 2.84 -50.00 -27.56
N PHE E 768 1.83 -50.74 -27.08
CA PHE E 768 1.44 -50.61 -25.68
C PHE E 768 2.49 -51.22 -24.76
N GLU E 769 3.19 -52.26 -25.22
CA GLU E 769 4.26 -52.83 -24.40
C GLU E 769 5.34 -51.81 -24.15
N GLU E 770 5.74 -51.08 -25.19
CA GLU E 770 6.76 -50.04 -25.02
C GLU E 770 6.23 -48.91 -24.14
N ALA E 771 4.96 -48.55 -24.30
CA ALA E 771 4.39 -47.47 -23.50
C ALA E 771 4.39 -47.80 -22.02
N MET E 772 4.13 -49.06 -21.68
CA MET E 772 4.02 -49.46 -20.28
C MET E 772 5.33 -49.92 -19.67
N ARG E 773 6.44 -49.85 -20.42
CA ARG E 773 7.72 -50.26 -19.87
C ARG E 773 8.13 -49.38 -18.71
N PHE E 774 7.97 -48.06 -18.85
CA PHE E 774 8.36 -47.10 -17.82
C PHE E 774 7.17 -46.47 -17.11
N ALA E 775 5.95 -46.95 -17.35
CA ALA E 775 4.79 -46.38 -16.70
C ALA E 775 4.77 -46.74 -15.22
N ARG E 776 4.49 -45.75 -14.37
CA ARG E 776 4.41 -45.96 -12.94
C ARG E 776 3.19 -45.23 -12.40
N ARG E 777 2.60 -45.76 -11.35
CA ARG E 777 1.41 -45.15 -10.76
C ARG E 777 1.75 -43.80 -10.14
N SER E 778 0.86 -42.83 -10.36
CA SER E 778 1.07 -41.49 -9.82
C SER E 778 0.63 -41.38 -8.36
N VAL E 779 -0.15 -42.33 -7.86
CA VAL E 779 -0.62 -42.33 -6.48
C VAL E 779 -0.06 -43.57 -5.80
N THR E 780 0.70 -43.37 -4.73
CA THR E 780 1.31 -44.48 -4.02
C THR E 780 0.30 -45.14 -3.08
N GLU E 781 0.56 -46.40 -2.75
CA GLU E 781 -0.32 -47.11 -1.83
C GLU E 781 -0.39 -46.41 -0.48
N ASN E 782 0.72 -45.83 -0.02
CA ASN E 782 0.69 -45.05 1.20
C ASN E 782 -0.24 -43.85 1.07
N ASP E 783 -0.20 -43.17 -0.09
CA ASP E 783 -1.12 -42.08 -0.32
C ASP E 783 -2.56 -42.57 -0.37
N VAL E 784 -2.79 -43.74 -1.00
CA VAL E 784 -4.14 -44.28 -1.04
C VAL E 784 -4.66 -44.53 0.36
N ARG E 785 -3.79 -45.00 1.26
CA ARG E 785 -4.20 -45.17 2.65
C ARG E 785 -4.64 -43.85 3.26
N LYS E 786 -3.90 -42.78 2.98
CA LYS E 786 -4.25 -41.47 3.53
C LYS E 786 -5.58 -40.98 2.95
N TYR E 787 -5.79 -41.18 1.65
CA TYR E 787 -7.05 -40.75 1.04
C TYR E 787 -8.23 -41.54 1.59
N GLU E 788 -8.05 -42.85 1.78
CA GLU E 788 -9.13 -43.67 2.31
C GLU E 788 -9.50 -43.25 3.73
N MET E 789 -8.56 -42.70 4.48
CA MET E 789 -8.88 -42.24 5.83
C MET E 789 -9.73 -40.97 5.78
N PHE E 790 -9.36 -40.01 4.94
CA PHE E 790 -10.13 -38.79 4.83
C PHE E 790 -11.50 -39.03 4.21
N ALA E 791 -11.71 -40.19 3.60
CA ALA E 791 -13.06 -40.58 3.21
C ALA E 791 -13.93 -40.84 4.42
N GLN E 792 -13.34 -40.92 5.61
CA GLN E 792 -14.07 -41.17 6.84
C GLN E 792 -14.07 -39.99 7.80
N THR E 793 -13.21 -38.99 7.60
CA THR E 793 -13.00 -37.95 8.60
C THR E 793 -13.24 -36.53 8.12
N LEU E 794 -13.52 -36.29 6.84
CA LEU E 794 -13.80 -34.93 6.40
C LEU E 794 -15.06 -34.38 7.06
N GLN E 795 -16.10 -35.21 7.16
CA GLN E 795 -17.30 -34.78 7.87
C GLN E 795 -16.97 -34.35 9.28
N GLN E 796 -15.92 -34.93 9.87
CA GLN E 796 -15.53 -34.66 11.24
C GLN E 796 -14.44 -33.61 11.36
N SER E 797 -13.96 -33.06 10.25
CA SER E 797 -12.93 -32.02 10.26
C SER E 797 -13.52 -30.62 10.30
N ARG E 798 -14.40 -30.35 11.26
CA ARG E 798 -15.08 -29.06 11.35
C ARG E 798 -15.15 -28.52 12.76
N GLY E 799 -14.64 -29.24 13.76
CA GLY E 799 -14.57 -28.74 15.11
C GLY E 799 -13.14 -28.63 15.60
N ILE E 800 -12.91 -28.98 16.86
CA ILE E 800 -11.55 -28.88 17.42
C ILE E 800 -10.61 -29.82 16.68
N GLY E 801 -11.04 -31.06 16.49
CA GLY E 801 -10.19 -32.03 15.80
C GLY E 801 -8.87 -32.22 16.51
N ASN E 802 -7.80 -32.30 15.74
CA ASN E 802 -6.45 -32.49 16.27
C ASN E 802 -5.73 -31.16 16.48
N ASN E 803 -6.48 -30.06 16.56
CA ASN E 803 -5.90 -28.75 16.83
C ASN E 803 -5.55 -28.55 18.30
N PHE E 804 -6.22 -29.25 19.20
CA PHE E 804 -5.91 -29.19 20.62
C PHE E 804 -5.37 -30.52 21.12
N ASN F 232 -52.99 7.56 -11.53
CA ASN F 232 -53.44 8.77 -10.83
C ASN F 232 -52.36 9.27 -9.88
N GLU F 233 -52.70 10.31 -9.11
CA GLU F 233 -51.72 10.90 -8.21
C GLU F 233 -51.38 9.96 -7.07
N ILE F 234 -50.12 10.00 -6.64
CA ILE F 234 -49.65 9.12 -5.58
C ILE F 234 -50.13 9.64 -4.23
N GLY F 235 -50.56 8.71 -3.37
CA GLY F 235 -50.94 9.04 -2.01
C GLY F 235 -50.35 8.04 -1.04
N TYR F 236 -50.67 8.24 0.24
CA TYR F 236 -50.18 7.35 1.28
C TYR F 236 -50.63 5.92 1.05
N ASP F 237 -51.79 5.73 0.40
CA ASP F 237 -52.28 4.39 0.12
C ASP F 237 -51.44 3.66 -0.92
N ASP F 238 -50.59 4.38 -1.65
CA ASP F 238 -49.73 3.79 -2.66
C ASP F 238 -48.39 3.35 -2.10
N ILE F 239 -48.13 3.57 -0.82
CA ILE F 239 -46.87 3.20 -0.18
C ILE F 239 -47.17 2.11 0.84
N GLY F 240 -46.43 1.01 0.76
CA GLY F 240 -46.61 -0.12 1.66
C GLY F 240 -45.29 -0.54 2.27
N GLY F 241 -45.37 -1.05 3.49
CA GLY F 241 -44.20 -1.58 4.17
C GLY F 241 -43.46 -0.60 5.06
N CYS F 242 -43.89 0.66 5.11
CA CYS F 242 -43.25 1.67 5.95
C CYS F 242 -44.33 2.44 6.71
N ARG F 243 -45.25 1.69 7.31
CA ARG F 243 -46.32 2.30 8.10
C ARG F 243 -45.76 3.15 9.23
N LYS F 244 -44.74 2.64 9.92
CA LYS F 244 -44.16 3.40 11.03
C LYS F 244 -43.55 4.71 10.55
N GLN F 245 -42.81 4.66 9.44
CA GLN F 245 -42.12 5.85 8.97
C GLN F 245 -43.10 6.92 8.50
N LEU F 246 -44.17 6.52 7.82
CA LEU F 246 -45.15 7.49 7.35
C LEU F 246 -45.81 8.21 8.52
N ALA F 247 -46.17 7.47 9.57
CA ALA F 247 -46.70 8.11 10.77
C ALA F 247 -45.67 9.05 11.38
N GLN F 248 -44.40 8.64 11.35
CA GLN F 248 -43.33 9.50 11.85
C GLN F 248 -43.19 10.75 11.00
N ILE F 249 -43.37 10.65 9.68
CA ILE F 249 -43.30 11.82 8.82
C ILE F 249 -44.50 12.72 9.05
N LYS F 250 -45.68 12.13 9.19
CA LYS F 250 -46.89 12.93 9.41
C LYS F 250 -46.77 13.76 10.68
N GLU F 251 -46.23 13.17 11.74
CA GLU F 251 -46.08 13.89 13.00
C GLU F 251 -45.16 15.08 12.89
N MET F 252 -44.32 15.13 11.85
CA MET F 252 -43.35 16.20 11.68
C MET F 252 -43.74 17.20 10.62
N VAL F 253 -44.68 16.86 9.73
CA VAL F 253 -45.06 17.71 8.61
C VAL F 253 -46.50 18.18 8.73
N GLU F 254 -47.43 17.26 8.99
CA GLU F 254 -48.85 17.57 8.99
C GLU F 254 -49.35 17.97 10.38
N LEU F 255 -48.93 17.27 11.42
CA LEU F 255 -49.47 17.52 12.75
C LEU F 255 -49.24 18.95 13.22
N PRO F 256 -48.06 19.55 13.05
CA PRO F 256 -47.90 20.94 13.50
C PRO F 256 -48.92 21.89 12.90
N LEU F 257 -49.30 21.69 11.63
CA LEU F 257 -50.21 22.60 10.98
C LEU F 257 -51.66 22.37 11.40
N ARG F 258 -52.02 21.10 11.65
CA ARG F 258 -53.39 20.81 12.06
C ARG F 258 -53.67 21.31 13.48
N HIS F 259 -52.69 21.17 14.37
CA HIS F 259 -52.84 21.58 15.77
C HIS F 259 -51.61 22.39 16.19
N PRO F 260 -51.46 23.61 15.66
CA PRO F 260 -50.33 24.45 16.10
C PRO F 260 -50.32 24.72 17.59
N GLN F 261 -51.49 24.88 18.19
CA GLN F 261 -51.56 25.20 19.62
C GLN F 261 -51.01 24.07 20.47
N LEU F 262 -51.04 22.83 19.96
CA LEU F 262 -50.53 21.72 20.74
C LEU F 262 -49.03 21.87 20.99
N PHE F 263 -48.28 22.32 19.98
CA PHE F 263 -46.84 22.46 20.14
C PHE F 263 -46.49 23.70 20.96
N LYS F 264 -47.27 24.78 20.80
CA LYS F 264 -47.01 25.98 21.60
C LYS F 264 -47.28 25.71 23.08
N ALA F 265 -48.31 24.94 23.38
CA ALA F 265 -48.68 24.71 24.78
C ALA F 265 -47.54 24.02 25.53
N ILE F 266 -46.89 23.04 24.90
CA ILE F 266 -45.84 22.30 25.56
C ILE F 266 -44.46 22.94 25.39
N GLY F 267 -44.34 23.92 24.50
CA GLY F 267 -43.07 24.62 24.32
C GLY F 267 -42.09 23.88 23.45
N VAL F 268 -42.47 23.61 22.21
CA VAL F 268 -41.62 22.91 21.25
C VAL F 268 -41.70 23.61 19.90
N LYS F 269 -40.56 23.66 19.21
CA LYS F 269 -40.53 24.08 17.82
C LYS F 269 -40.30 22.84 16.96
N PRO F 270 -41.25 22.41 16.14
CA PRO F 270 -41.08 21.14 15.43
C PRO F 270 -39.86 21.15 14.53
N PRO F 271 -39.30 19.99 14.23
CA PRO F 271 -38.08 19.95 13.40
C PRO F 271 -38.36 20.39 11.98
N ARG F 272 -37.32 20.94 11.33
CA ARG F 272 -37.42 21.45 9.97
C ARG F 272 -36.42 20.81 9.03
N GLY F 273 -35.73 19.75 9.45
CA GLY F 273 -34.84 19.03 8.58
C GLY F 273 -35.04 17.54 8.68
N ILE F 274 -35.43 16.89 7.58
CA ILE F 274 -35.70 15.45 7.55
C ILE F 274 -34.93 14.86 6.38
N LEU F 275 -34.18 13.79 6.66
CA LEU F 275 -33.42 13.08 5.64
C LEU F 275 -33.93 11.64 5.58
N LEU F 276 -34.53 11.28 4.45
CA LEU F 276 -34.92 9.90 4.21
C LEU F 276 -33.77 9.15 3.56
N TYR F 277 -33.33 8.06 4.17
CA TYR F 277 -32.24 7.28 3.62
C TYR F 277 -32.64 5.80 3.60
N GLY F 278 -32.08 5.08 2.63
CA GLY F 278 -32.33 3.68 2.48
C GLY F 278 -31.77 3.16 1.18
N PRO F 279 -31.68 1.84 1.03
CA PRO F 279 -31.13 1.28 -0.20
C PRO F 279 -31.97 1.68 -1.39
N PRO F 280 -31.42 1.57 -2.60
CA PRO F 280 -32.18 1.97 -3.79
C PRO F 280 -33.49 1.20 -3.92
N GLY F 281 -34.53 1.90 -4.36
CA GLY F 281 -35.80 1.28 -4.68
C GLY F 281 -36.77 1.11 -3.54
N THR F 282 -36.47 1.65 -2.36
CA THR F 282 -37.29 1.42 -1.18
C THR F 282 -38.50 2.34 -1.09
N GLY F 283 -38.63 3.32 -1.98
CA GLY F 283 -39.84 4.10 -2.07
C GLY F 283 -39.79 5.44 -1.36
N LYS F 284 -38.59 6.02 -1.26
CA LYS F 284 -38.45 7.30 -0.58
C LYS F 284 -38.66 8.49 -1.51
N THR F 285 -38.56 8.27 -2.82
CA THR F 285 -39.11 9.25 -3.76
C THR F 285 -40.62 9.13 -3.83
N LEU F 286 -41.14 7.91 -3.68
CA LEU F 286 -42.59 7.70 -3.64
C LEU F 286 -43.19 8.39 -2.43
N VAL F 287 -42.49 8.39 -1.29
CA VAL F 287 -42.97 9.08 -0.10
C VAL F 287 -43.07 10.57 -0.37
N ALA F 288 -42.07 11.14 -1.04
CA ALA F 288 -42.08 12.58 -1.32
C ALA F 288 -43.29 12.95 -2.16
N ARG F 289 -43.61 12.15 -3.18
CA ARG F 289 -44.78 12.42 -4.00
C ARG F 289 -46.05 12.39 -3.16
N ALA F 290 -46.14 11.41 -2.25
CA ALA F 290 -47.31 11.32 -1.39
C ALA F 290 -47.43 12.54 -0.50
N VAL F 291 -46.32 13.00 0.08
CA VAL F 291 -46.34 14.18 0.93
C VAL F 291 -46.68 15.41 0.11
N ALA F 292 -46.24 15.44 -1.15
CA ALA F 292 -46.57 16.56 -2.04
C ALA F 292 -48.07 16.64 -2.26
N ASN F 293 -48.72 15.49 -2.45
CA ASN F 293 -50.13 15.45 -2.78
C ASN F 293 -51.04 15.26 -1.58
N GLU F 294 -50.49 15.24 -0.36
CA GLU F 294 -51.29 14.97 0.84
C GLU F 294 -51.02 15.93 1.99
N SER F 295 -49.93 16.69 1.97
CA SER F 295 -49.61 17.54 3.11
C SER F 295 -50.49 18.78 3.17
N GLY F 296 -50.97 19.26 2.03
CA GLY F 296 -51.73 20.48 1.98
C GLY F 296 -50.90 21.74 2.03
N SER F 297 -49.58 21.62 2.04
CA SER F 297 -48.67 22.75 2.07
C SER F 297 -47.93 22.85 0.75
N PHE F 298 -47.44 24.05 0.46
CA PHE F 298 -46.69 24.28 -0.77
C PHE F 298 -45.49 23.34 -0.82
N PHE F 299 -45.33 22.66 -1.95
CA PHE F 299 -44.26 21.69 -2.14
C PHE F 299 -43.38 22.13 -3.29
N PHE F 300 -42.08 22.22 -3.05
CA PHE F 300 -41.10 22.50 -4.08
C PHE F 300 -40.13 21.33 -4.15
N LEU F 301 -39.93 20.80 -5.35
CA LEU F 301 -39.08 19.62 -5.56
C LEU F 301 -37.79 20.04 -6.23
N ILE F 302 -36.66 19.62 -5.64
CA ILE F 302 -35.34 19.85 -6.21
C ILE F 302 -34.75 18.47 -6.53
N ASN F 303 -34.53 18.21 -7.82
CA ASN F 303 -33.86 17.00 -8.24
C ASN F 303 -32.36 17.26 -8.29
N GLY F 304 -31.60 16.45 -7.57
CA GLY F 304 -30.17 16.60 -7.50
C GLY F 304 -29.54 16.69 -8.87
N PRO F 305 -29.72 15.66 -9.70
CA PRO F 305 -29.16 15.69 -11.05
C PRO F 305 -29.63 16.89 -11.87
N GLU F 306 -30.88 17.32 -11.71
CA GLU F 306 -31.37 18.46 -12.46
C GLU F 306 -30.57 19.72 -12.14
N ILE F 307 -30.30 19.93 -10.85
CA ILE F 307 -29.49 21.09 -10.45
C ILE F 307 -28.09 20.98 -11.02
N MET F 308 -27.49 19.79 -10.94
CA MET F 308 -26.11 19.62 -11.37
C MET F 308 -25.96 19.56 -12.88
N SER F 309 -27.06 19.35 -13.61
CA SER F 309 -26.97 19.38 -15.07
C SER F 309 -26.81 20.81 -15.59
N LYS F 310 -27.27 21.79 -14.83
CA LYS F 310 -27.20 23.18 -15.26
C LYS F 310 -25.78 23.71 -15.14
N LEU F 311 -25.55 24.86 -15.75
CA LEU F 311 -24.26 25.52 -15.69
C LEU F 311 -23.98 25.97 -14.25
N ALA F 312 -22.77 26.48 -14.03
CA ALA F 312 -22.36 26.85 -12.68
C ALA F 312 -23.26 27.92 -12.10
N GLY F 313 -23.53 28.98 -12.87
CA GLY F 313 -24.37 30.05 -12.36
C GLY F 313 -25.82 29.64 -12.18
N GLU F 314 -26.35 28.85 -13.12
CA GLU F 314 -27.76 28.49 -13.07
C GLU F 314 -28.09 27.47 -12.00
N SER F 315 -27.13 26.65 -11.59
CA SER F 315 -27.38 25.70 -10.49
C SER F 315 -27.49 26.44 -9.17
N GLU F 316 -26.67 27.46 -8.96
CA GLU F 316 -26.77 28.27 -7.74
C GLU F 316 -28.10 29.01 -7.71
N SER F 317 -28.54 29.53 -8.85
CA SER F 317 -29.77 30.31 -8.88
C SER F 317 -30.97 29.45 -8.52
N ASN F 318 -31.01 28.20 -8.99
CA ASN F 318 -32.18 27.35 -8.77
C ASN F 318 -32.34 27.00 -7.29
N LEU F 319 -31.23 26.72 -6.59
CA LEU F 319 -31.33 26.47 -5.15
C LEU F 319 -31.85 27.69 -4.42
N ARG F 320 -31.33 28.87 -4.75
CA ARG F 320 -31.75 30.10 -4.07
C ARG F 320 -33.22 30.38 -4.33
N LYS F 321 -33.65 30.21 -5.59
CA LYS F 321 -35.05 30.42 -5.91
C LYS F 321 -35.94 29.39 -5.20
N ALA F 322 -35.42 28.20 -4.95
CA ALA F 322 -36.21 27.18 -4.27
C ALA F 322 -36.58 27.62 -2.86
N PHE F 323 -35.61 28.13 -2.11
CA PHE F 323 -35.86 28.51 -0.73
C PHE F 323 -36.62 29.83 -0.66
N GLU F 324 -36.43 30.71 -1.64
CA GLU F 324 -37.14 31.98 -1.64
C GLU F 324 -38.64 31.77 -1.87
N GLU F 325 -38.99 30.95 -2.86
CA GLU F 325 -40.40 30.65 -3.09
C GLU F 325 -41.01 29.93 -1.91
N ALA F 326 -40.27 29.00 -1.31
CA ALA F 326 -40.79 28.27 -0.16
C ALA F 326 -41.07 29.22 1.01
N GLU F 327 -40.14 30.14 1.28
CA GLU F 327 -40.36 31.12 2.34
C GLU F 327 -41.52 32.04 1.98
N LYS F 328 -41.67 32.35 0.70
CA LYS F 328 -42.74 33.23 0.25
C LYS F 328 -44.11 32.59 0.36
N ASN F 329 -44.17 31.26 0.40
CA ASN F 329 -45.43 30.52 0.39
C ASN F 329 -45.54 29.59 1.60
N ALA F 330 -45.06 30.05 2.75
CA ALA F 330 -45.12 29.23 3.95
C ALA F 330 -46.57 28.98 4.34
N PRO F 331 -46.91 27.80 4.88
CA PRO F 331 -46.06 26.65 5.18
C PRO F 331 -45.59 25.94 3.91
N ALA F 332 -44.36 25.45 3.87
CA ALA F 332 -43.81 24.88 2.66
C ALA F 332 -42.92 23.69 3.00
N ILE F 333 -42.77 22.80 2.03
CA ILE F 333 -41.84 21.68 2.11
C ILE F 333 -40.93 21.74 0.90
N ILE F 334 -39.63 21.84 1.15
CA ILE F 334 -38.62 21.72 0.10
C ILE F 334 -38.07 20.30 0.16
N PHE F 335 -38.16 19.58 -0.95
CA PHE F 335 -37.64 18.22 -1.04
C PHE F 335 -36.45 18.21 -2.00
N ILE F 336 -35.31 17.76 -1.50
CA ILE F 336 -34.09 17.65 -2.29
C ILE F 336 -33.88 16.16 -2.54
N ASP F 337 -34.29 15.71 -3.72
CA ASP F 337 -34.11 14.31 -4.09
C ASP F 337 -32.70 14.08 -4.58
N GLU F 338 -32.10 12.98 -4.16
CA GLU F 338 -30.71 12.66 -4.47
C GLU F 338 -29.79 13.77 -3.97
N LEU F 339 -29.84 13.99 -2.65
CA LEU F 339 -29.04 15.05 -2.05
C LEU F 339 -27.55 14.76 -2.15
N ASP F 340 -27.16 13.49 -2.18
CA ASP F 340 -25.74 13.16 -2.34
C ASP F 340 -25.21 13.62 -3.69
N ALA F 341 -26.09 13.76 -4.68
CA ALA F 341 -25.68 14.32 -5.96
C ALA F 341 -25.32 15.79 -5.85
N ILE F 342 -26.01 16.51 -4.96
CA ILE F 342 -25.76 17.94 -4.76
C ILE F 342 -24.68 18.18 -3.74
N ALA F 343 -24.67 17.41 -2.65
CA ALA F 343 -23.83 17.69 -1.49
C ALA F 343 -22.97 16.48 -1.15
N PRO F 344 -21.95 16.19 -1.95
CA PRO F 344 -20.96 15.20 -1.55
C PRO F 344 -19.96 15.80 -0.57
N LYS F 345 -19.18 14.93 0.05
CA LYS F 345 -18.17 15.36 1.01
C LYS F 345 -17.20 16.34 0.34
N ARG F 346 -17.10 17.54 0.90
CA ARG F 346 -16.27 18.58 0.29
C ARG F 346 -14.81 18.18 0.27
N GLU F 347 -14.33 17.54 1.34
CA GLU F 347 -12.95 17.08 1.36
C GLU F 347 -12.65 16.15 0.18
N LYS F 348 -13.64 15.36 -0.22
CA LYS F 348 -13.50 14.41 -1.31
C LYS F 348 -14.06 14.92 -2.64
N THR F 349 -14.47 16.19 -2.70
CA THR F 349 -14.98 16.76 -3.94
C THR F 349 -13.85 17.47 -4.67
N HIS F 350 -13.74 17.21 -5.97
CA HIS F 350 -12.63 17.72 -6.77
C HIS F 350 -12.93 19.08 -7.37
N GLY F 351 -14.10 19.25 -7.98
CA GLY F 351 -14.41 20.49 -8.64
C GLY F 351 -14.66 21.63 -7.67
N GLU F 352 -14.35 22.84 -8.13
CA GLU F 352 -14.60 24.02 -7.32
C GLU F 352 -16.07 24.42 -7.34
N VAL F 353 -16.72 24.27 -8.50
CA VAL F 353 -18.14 24.61 -8.60
C VAL F 353 -18.96 23.69 -7.69
N GLU F 354 -18.62 22.41 -7.66
CA GLU F 354 -19.37 21.47 -6.82
C GLU F 354 -19.27 21.87 -5.35
N ARG F 355 -18.07 22.20 -4.90
CA ARG F 355 -17.90 22.62 -3.50
C ARG F 355 -18.64 23.90 -3.21
N ARG F 356 -18.92 24.71 -4.23
CA ARG F 356 -19.66 25.95 -4.02
C ARG F 356 -21.15 25.68 -3.85
N ILE F 357 -21.68 24.64 -4.50
CA ILE F 357 -23.09 24.31 -4.34
C ILE F 357 -23.36 23.79 -2.93
N VAL F 358 -22.44 23.00 -2.39
CA VAL F 358 -22.60 22.49 -1.03
C VAL F 358 -22.61 23.63 -0.04
N SER F 359 -21.70 24.59 -0.20
CA SER F 359 -21.64 25.73 0.70
C SER F 359 -22.92 26.56 0.62
N GLN F 360 -23.45 26.75 -0.58
CA GLN F 360 -24.68 27.51 -0.73
C GLN F 360 -25.83 26.81 -0.03
N LEU F 361 -25.89 25.49 -0.13
CA LEU F 361 -26.95 24.73 0.54
C LEU F 361 -26.87 24.91 2.05
N LEU F 362 -25.66 24.86 2.60
CA LEU F 362 -25.49 25.05 4.04
C LEU F 362 -25.95 26.45 4.46
N THR F 363 -25.60 27.47 3.68
CA THR F 363 -26.04 28.83 3.99
C THR F 363 -27.55 28.92 3.91
N LEU F 364 -28.15 28.32 2.89
CA LEU F 364 -29.61 28.34 2.75
C LEU F 364 -30.28 27.61 3.90
N MET F 365 -29.73 26.46 4.29
CA MET F 365 -30.27 25.72 5.42
C MET F 365 -30.19 26.55 6.70
N ASP F 366 -29.06 27.21 6.93
CA ASP F 366 -28.87 28.00 8.14
C ASP F 366 -29.68 29.29 8.13
N GLY F 367 -30.07 29.77 6.96
CA GLY F 367 -30.82 30.99 6.86
C GLY F 367 -32.30 30.85 7.11
N LEU F 368 -32.78 29.65 7.39
CA LEU F 368 -34.20 29.41 7.63
C LEU F 368 -34.52 29.80 9.07
N LYS F 369 -35.32 30.84 9.23
CA LYS F 369 -35.70 31.30 10.56
C LYS F 369 -36.75 30.37 11.18
N GLN F 370 -36.78 30.33 12.51
CA GLN F 370 -37.73 29.48 13.20
C GLN F 370 -39.17 29.86 12.85
N ARG F 371 -39.43 31.16 12.69
CA ARG F 371 -40.77 31.61 12.33
C ARG F 371 -41.20 31.03 10.99
N SER F 372 -40.28 31.04 10.02
CA SER F 372 -40.58 30.52 8.69
C SER F 372 -40.91 29.04 8.76
N HIS F 373 -42.16 28.69 8.44
CA HIS F 373 -42.62 27.29 8.49
C HIS F 373 -42.22 26.58 7.20
N VAL F 374 -40.93 26.30 7.09
CA VAL F 374 -40.37 25.61 5.92
C VAL F 374 -39.67 24.37 6.41
N ILE F 375 -40.18 23.20 6.01
CA ILE F 375 -39.58 21.91 6.33
C ILE F 375 -38.79 21.46 5.13
N VAL F 376 -37.48 21.31 5.28
CA VAL F 376 -36.62 20.83 4.21
C VAL F 376 -36.47 19.32 4.35
N MET F 377 -36.88 18.60 3.31
CA MET F 377 -36.76 17.15 3.27
C MET F 377 -35.73 16.78 2.21
N ALA F 378 -35.10 15.62 2.38
CA ALA F 378 -34.09 15.15 1.45
C ALA F 378 -34.09 13.63 1.43
N ALA F 379 -33.57 13.08 0.34
CA ALA F 379 -33.49 11.64 0.15
C ALA F 379 -32.15 11.27 -0.46
N THR F 380 -31.55 10.21 0.07
CA THR F 380 -30.28 9.69 -0.46
C THR F 380 -30.21 8.20 -0.21
N ASN F 381 -29.72 7.47 -1.21
CA ASN F 381 -29.37 6.06 -1.00
C ASN F 381 -27.92 5.90 -0.57
N ARG F 382 -27.19 6.99 -0.42
CA ARG F 382 -25.82 6.98 0.06
C ARG F 382 -25.66 8.01 1.17
N PRO F 383 -26.26 7.79 2.34
CA PRO F 383 -26.19 8.81 3.40
C PRO F 383 -24.77 9.13 3.83
N ASN F 384 -23.87 8.15 3.84
CA ASN F 384 -22.50 8.39 4.25
C ASN F 384 -21.72 9.18 3.21
N SER F 385 -22.26 9.36 2.02
CA SER F 385 -21.64 10.19 0.99
C SER F 385 -22.02 11.66 1.10
N VAL F 386 -22.97 11.99 1.96
CA VAL F 386 -23.40 13.38 2.13
C VAL F 386 -22.40 14.10 3.02
N ASP F 387 -22.26 15.40 2.81
CA ASP F 387 -21.37 16.22 3.62
C ASP F 387 -21.77 16.14 5.08
N PRO F 388 -20.86 15.81 5.99
CA PRO F 388 -21.25 15.71 7.41
C PRO F 388 -21.83 16.99 7.97
N ALA F 389 -21.46 18.14 7.41
CA ALA F 389 -21.98 19.41 7.91
C ALA F 389 -23.50 19.51 7.74
N LEU F 390 -24.08 18.76 6.80
CA LEU F 390 -25.51 18.84 6.54
C LEU F 390 -26.33 17.96 7.46
N ARG F 391 -25.68 17.05 8.19
CA ARG F 391 -26.39 16.15 9.09
C ARG F 391 -26.26 16.63 10.53
N ARG F 392 -26.25 17.94 10.72
CA ARG F 392 -26.06 18.55 12.04
C ARG F 392 -27.39 19.05 12.60
N PHE F 393 -27.32 19.55 13.83
CA PHE F 393 -28.47 20.17 14.47
C PHE F 393 -28.88 21.43 13.70
N GLY F 394 -30.19 21.62 13.53
CA GLY F 394 -30.71 22.68 12.70
C GLY F 394 -30.73 22.37 11.22
N ARG F 395 -29.73 21.65 10.73
CA ARG F 395 -29.70 21.11 9.38
C ARG F 395 -30.40 19.74 9.41
N PHE F 396 -30.15 18.84 8.47
CA PHE F 396 -30.90 17.58 8.41
C PHE F 396 -30.55 16.79 9.66
N ASP F 397 -31.24 17.11 10.75
CA ASP F 397 -30.98 16.55 12.06
C ASP F 397 -31.85 15.35 12.38
N ARG F 398 -32.95 15.15 11.66
CA ARG F 398 -33.82 13.99 11.83
C ARG F 398 -33.67 13.09 10.61
N GLU F 399 -33.36 11.82 10.84
CA GLU F 399 -33.15 10.86 9.78
C GLU F 399 -34.15 9.72 9.92
N ILE F 400 -34.85 9.41 8.85
CA ILE F 400 -35.83 8.34 8.79
C ILE F 400 -35.37 7.33 7.76
N GLU F 401 -35.35 6.06 8.13
CA GLU F 401 -34.87 4.99 7.25
C GLU F 401 -36.07 4.34 6.56
N ILE F 402 -36.17 4.55 5.26
CA ILE F 402 -37.14 3.82 4.43
C ILE F 402 -36.36 2.62 3.90
N GLY F 403 -36.34 1.54 4.68
CA GLY F 403 -35.46 0.43 4.44
C GLY F 403 -36.13 -0.75 3.75
N ILE F 404 -35.44 -1.88 3.77
CA ILE F 404 -35.89 -3.10 3.10
C ILE F 404 -37.18 -3.58 3.76
N PRO F 405 -38.26 -3.79 3.02
CA PRO F 405 -39.48 -4.31 3.63
C PRO F 405 -39.32 -5.74 4.09
N ASP F 406 -40.13 -6.11 5.08
CA ASP F 406 -40.17 -7.48 5.57
C ASP F 406 -41.26 -8.25 4.83
N SER F 407 -41.53 -9.48 5.28
CA SER F 407 -42.51 -10.31 4.59
C SER F 407 -43.88 -9.66 4.60
N ILE F 408 -44.29 -9.10 5.74
CA ILE F 408 -45.58 -8.42 5.81
C ILE F 408 -45.58 -7.19 4.92
N GLY F 409 -44.49 -6.42 4.96
CA GLY F 409 -44.39 -5.25 4.11
C GLY F 409 -44.39 -5.61 2.63
N ARG F 410 -43.71 -6.70 2.28
CA ARG F 410 -43.67 -7.12 0.88
C ARG F 410 -45.06 -7.44 0.37
N LEU F 411 -45.90 -8.04 1.21
CA LEU F 411 -47.26 -8.37 0.79
C LEU F 411 -48.05 -7.10 0.51
N GLU F 412 -47.88 -6.07 1.33
CA GLU F 412 -48.57 -4.81 1.10
C GLU F 412 -48.21 -4.22 -0.25
N ILE F 413 -46.92 -4.22 -0.59
CA ILE F 413 -46.47 -3.67 -1.86
C ILE F 413 -47.05 -4.49 -3.01
N LEU F 414 -47.03 -5.81 -2.88
CA LEU F 414 -47.56 -6.66 -3.95
C LEU F 414 -49.05 -6.39 -4.16
N ARG F 415 -49.79 -6.19 -3.07
CA ARG F 415 -51.21 -5.86 -3.21
C ARG F 415 -51.39 -4.52 -3.91
N ILE F 416 -50.50 -3.57 -3.64
CA ILE F 416 -50.62 -2.25 -4.27
C ILE F 416 -50.38 -2.34 -5.76
N HIS F 417 -49.41 -3.16 -6.18
CA HIS F 417 -49.05 -3.24 -7.58
C HIS F 417 -49.87 -4.26 -8.36
N THR F 418 -50.74 -5.00 -7.69
CA THR F 418 -51.65 -5.93 -8.35
C THR F 418 -53.08 -5.43 -8.38
N ARG F 419 -53.31 -4.17 -8.02
CA ARG F 419 -54.66 -3.62 -8.05
C ARG F 419 -55.19 -3.56 -9.48
N ASN F 420 -54.34 -3.20 -10.43
CA ASN F 420 -54.72 -3.06 -11.83
C ASN F 420 -54.30 -4.24 -12.69
N ILE F 421 -53.81 -5.33 -12.10
CA ILE F 421 -53.40 -6.52 -12.83
C ILE F 421 -54.40 -7.62 -12.51
N ARG F 422 -54.87 -8.31 -13.55
CA ARG F 422 -55.81 -9.41 -13.36
C ARG F 422 -55.06 -10.62 -12.79
N LEU F 423 -55.57 -11.16 -11.69
CA LEU F 423 -54.97 -12.30 -11.01
C LEU F 423 -55.89 -13.50 -11.09
N ALA F 424 -55.32 -14.66 -11.36
CA ALA F 424 -56.10 -15.89 -11.34
C ALA F 424 -56.51 -16.23 -9.90
N GLU F 425 -57.55 -17.05 -9.77
CA GLU F 425 -58.08 -17.40 -8.47
C GLU F 425 -57.08 -18.19 -7.63
N ASP F 426 -56.05 -18.76 -8.25
CA ASP F 426 -55.06 -19.55 -7.54
C ASP F 426 -53.88 -18.72 -7.05
N VAL F 427 -53.92 -17.40 -7.22
CA VAL F 427 -52.81 -16.55 -6.81
C VAL F 427 -52.90 -16.30 -5.30
N GLU F 428 -51.82 -16.61 -4.59
CA GLU F 428 -51.69 -16.38 -3.16
C GLU F 428 -50.48 -15.48 -2.98
N LEU F 429 -50.72 -14.16 -2.95
CA LEU F 429 -49.62 -13.22 -2.88
C LEU F 429 -48.81 -13.38 -1.60
N GLU F 430 -49.42 -13.95 -0.56
CA GLU F 430 -48.69 -14.16 0.69
C GLU F 430 -47.51 -15.08 0.48
N LYS F 431 -47.69 -16.14 -0.31
CA LYS F 431 -46.58 -17.06 -0.59
C LYS F 431 -45.48 -16.36 -1.38
N ILE F 432 -45.85 -15.53 -2.36
CA ILE F 432 -44.86 -14.81 -3.14
C ILE F 432 -44.06 -13.87 -2.24
N ALA F 433 -44.76 -13.15 -1.36
CA ALA F 433 -44.08 -12.22 -0.46
C ALA F 433 -43.10 -12.95 0.44
N ASN F 434 -43.50 -14.11 0.96
CA ASN F 434 -42.62 -14.85 1.86
C ASN F 434 -41.37 -15.33 1.13
N GLU F 435 -41.49 -15.67 -0.14
CA GLU F 435 -40.36 -16.18 -0.92
C GLU F 435 -39.53 -15.08 -1.56
N ALA F 436 -39.96 -13.82 -1.49
CA ALA F 436 -39.28 -12.73 -2.17
C ALA F 436 -38.30 -12.02 -1.24
N HIS F 437 -37.31 -12.78 -0.78
CA HIS F 437 -36.27 -12.20 0.05
C HIS F 437 -35.39 -11.26 -0.77
N GLY F 438 -34.97 -10.17 -0.16
CA GLY F 438 -34.12 -9.21 -0.83
C GLY F 438 -34.84 -8.30 -1.80
N HIS F 439 -36.16 -8.40 -1.91
CA HIS F 439 -36.92 -7.62 -2.86
C HIS F 439 -37.37 -6.33 -2.20
N VAL F 440 -36.87 -5.20 -2.70
CA VAL F 440 -37.39 -3.89 -2.31
C VAL F 440 -38.62 -3.60 -3.17
N GLY F 441 -39.37 -2.56 -2.81
CA GLY F 441 -40.59 -2.28 -3.52
C GLY F 441 -40.40 -2.12 -5.02
N ALA F 442 -39.25 -1.61 -5.44
CA ALA F 442 -38.97 -1.51 -6.88
C ALA F 442 -38.88 -2.89 -7.52
N ASP F 443 -38.25 -3.85 -6.84
CA ASP F 443 -38.18 -5.20 -7.38
C ASP F 443 -39.55 -5.83 -7.49
N LEU F 444 -40.40 -5.66 -6.48
CA LEU F 444 -41.72 -6.25 -6.52
C LEU F 444 -42.57 -5.63 -7.61
N ALA F 445 -42.35 -4.35 -7.91
CA ALA F 445 -43.01 -3.74 -9.06
C ALA F 445 -42.58 -4.41 -10.36
N SER F 446 -41.30 -4.71 -10.49
CA SER F 446 -40.81 -5.40 -11.68
C SER F 446 -41.28 -6.86 -11.70
N LEU F 447 -41.36 -7.49 -10.54
CA LEU F 447 -41.82 -8.88 -10.47
C LEU F 447 -43.26 -8.99 -10.96
N CYS F 448 -44.12 -8.05 -10.55
CA CYS F 448 -45.50 -8.06 -11.02
C CYS F 448 -45.57 -7.82 -12.52
N SER F 449 -44.76 -6.90 -13.03
CA SER F 449 -44.75 -6.65 -14.47
C SER F 449 -44.24 -7.87 -15.23
N GLU F 450 -43.14 -8.46 -14.77
CA GLU F 450 -42.57 -9.60 -15.47
C GLU F 450 -43.53 -10.79 -15.45
N ALA F 451 -44.22 -11.01 -14.33
CA ALA F 451 -45.16 -12.12 -14.25
C ALA F 451 -46.25 -11.99 -15.29
N ALA F 452 -46.79 -10.79 -15.47
CA ALA F 452 -47.85 -10.59 -16.44
C ALA F 452 -47.33 -10.71 -17.87
N LEU F 453 -46.10 -10.27 -18.13
CA LEU F 453 -45.49 -10.51 -19.43
C LEU F 453 -45.33 -12.01 -19.69
N GLN F 454 -45.04 -12.79 -18.65
CA GLN F 454 -44.97 -14.24 -18.82
C GLN F 454 -46.31 -14.80 -19.24
N GLN F 455 -47.39 -14.27 -18.67
CA GLN F 455 -48.73 -14.72 -19.07
C GLN F 455 -48.97 -14.44 -20.55
N ILE F 456 -48.52 -13.28 -21.04
CA ILE F 456 -48.69 -12.96 -22.45
C ILE F 456 -47.91 -13.94 -23.31
N ARG F 457 -46.67 -14.26 -22.90
CA ARG F 457 -45.86 -15.19 -23.67
C ARG F 457 -46.56 -16.52 -23.86
N ASN F 458 -47.12 -17.06 -22.78
CA ASN F 458 -47.77 -18.37 -22.86
C ASN F 458 -48.94 -18.33 -23.85
N LYS F 459 -49.75 -17.27 -23.78
CA LYS F 459 -50.88 -17.16 -24.71
C LYS F 459 -50.40 -16.82 -26.12
N MET F 460 -49.47 -15.86 -26.24
CA MET F 460 -49.00 -15.47 -27.56
C MET F 460 -48.29 -16.63 -28.25
N ASN F 461 -47.50 -17.40 -27.51
CA ASN F 461 -46.78 -18.52 -28.11
C ASN F 461 -47.75 -19.52 -28.71
N LEU F 462 -48.84 -19.82 -27.99
CA LEU F 462 -49.86 -20.72 -28.54
C LEU F 462 -50.50 -20.10 -29.77
N ILE F 463 -50.81 -18.80 -29.72
CA ILE F 463 -51.36 -18.10 -30.86
C ILE F 463 -50.23 -17.47 -31.67
N ILE F 470 -56.01 -9.95 -32.15
CA ILE F 470 -56.05 -11.17 -31.36
C ILE F 470 -57.49 -11.42 -30.91
N ASP F 471 -57.87 -12.69 -30.86
CA ASP F 471 -59.24 -13.05 -30.51
C ASP F 471 -59.60 -12.52 -29.13
N ALA F 472 -60.81 -11.99 -29.00
CA ALA F 472 -61.25 -11.43 -27.72
C ALA F 472 -61.29 -12.50 -26.64
N GLU F 473 -61.52 -13.76 -27.01
CA GLU F 473 -61.52 -14.82 -26.01
C GLU F 473 -60.16 -14.95 -25.35
N VAL F 474 -59.08 -14.84 -26.13
CA VAL F 474 -57.74 -14.87 -25.56
C VAL F 474 -57.52 -13.65 -24.68
N LEU F 475 -57.95 -12.48 -25.14
CA LEU F 475 -57.76 -11.26 -24.36
C LEU F 475 -58.51 -11.32 -23.04
N ASN F 476 -59.59 -12.09 -22.99
CA ASN F 476 -60.39 -12.24 -21.77
C ASN F 476 -59.98 -13.44 -20.94
N SER F 477 -59.00 -14.22 -21.40
CA SER F 477 -58.44 -15.32 -20.62
C SER F 477 -57.10 -14.95 -19.98
N LEU F 478 -56.70 -13.68 -20.05
CA LEU F 478 -55.40 -13.25 -19.53
C LEU F 478 -55.54 -12.98 -18.04
N ALA F 479 -55.01 -13.90 -17.23
CA ALA F 479 -54.99 -13.75 -15.78
C ALA F 479 -53.69 -14.30 -15.25
N VAL F 480 -52.95 -13.48 -14.51
CA VAL F 480 -51.64 -13.90 -14.02
C VAL F 480 -51.82 -15.03 -13.03
N THR F 481 -51.19 -16.17 -13.30
CA THR F 481 -51.30 -17.35 -12.47
C THR F 481 -50.10 -17.45 -11.53
N MET F 482 -50.26 -18.31 -10.52
CA MET F 482 -49.16 -18.55 -9.59
C MET F 482 -47.92 -19.04 -10.32
N ASP F 483 -48.09 -19.81 -11.40
CA ASP F 483 -46.94 -20.26 -12.17
C ASP F 483 -46.18 -19.08 -12.75
N ASP F 484 -46.89 -18.06 -13.23
CA ASP F 484 -46.24 -16.87 -13.75
C ASP F 484 -45.47 -16.13 -12.66
N PHE F 485 -46.06 -15.99 -11.48
CA PHE F 485 -45.39 -15.31 -10.38
C PHE F 485 -44.15 -16.08 -9.94
N ARG F 486 -44.26 -17.41 -9.86
CA ARG F 486 -43.12 -18.22 -9.46
C ARG F 486 -42.04 -18.19 -10.53
N TRP F 487 -42.42 -18.13 -11.81
CA TRP F 487 -41.43 -17.97 -12.87
C TRP F 487 -40.71 -16.64 -12.75
N ALA F 488 -41.48 -15.56 -12.56
CA ALA F 488 -40.87 -14.24 -12.44
C ALA F 488 -39.96 -14.16 -11.22
N LEU F 489 -40.40 -14.75 -10.10
CA LEU F 489 -39.59 -14.76 -8.90
C LEU F 489 -38.30 -15.54 -9.10
N GLY F 490 -38.34 -16.58 -9.92
CA GLY F 490 -37.13 -17.35 -10.19
C GLY F 490 -36.11 -16.56 -10.99
N LYS F 491 -36.56 -15.82 -12.00
CA LYS F 491 -35.65 -15.06 -12.85
C LYS F 491 -35.24 -13.73 -12.22
N SER F 492 -35.94 -13.29 -11.17
CA SER F 492 -35.63 -12.01 -10.56
C SER F 492 -34.29 -12.06 -9.84
N ASN F 493 -33.54 -10.96 -9.93
CA ASN F 493 -32.25 -10.80 -9.27
C ASN F 493 -32.34 -9.53 -8.42
N PRO F 494 -32.91 -9.63 -7.22
CA PRO F 494 -33.13 -8.42 -6.42
C PRO F 494 -31.83 -7.71 -6.09
N SER F 495 -31.93 -6.38 -5.98
CA SER F 495 -30.75 -5.55 -5.74
C SER F 495 -30.28 -5.64 -4.30
N ALA F 496 -31.16 -5.97 -3.37
CA ALA F 496 -30.87 -5.90 -1.94
C ALA F 496 -30.61 -7.27 -1.33
N LEU F 497 -30.10 -8.22 -2.11
CA LEU F 497 -29.74 -9.52 -1.55
C LEU F 497 -28.64 -9.38 -0.51
N ARG F 498 -27.63 -8.58 -0.82
CA ARG F 498 -26.44 -8.49 0.03
C ARG F 498 -26.59 -7.48 1.15
N GLU F 499 -27.68 -6.73 1.20
CA GLU F 499 -27.91 -5.81 2.31
C GLU F 499 -28.23 -6.59 3.58
N THR F 500 -27.77 -6.08 4.71
CA THR F 500 -28.05 -6.72 5.99
C THR F 500 -29.53 -6.62 6.32
N THR F 501 -30.08 -7.72 6.84
CA THR F 501 -31.49 -7.78 7.22
C THR F 501 -31.63 -7.54 8.72
N VAL F 502 -32.67 -6.79 9.09
CA VAL F 502 -32.90 -6.42 10.49
C VAL F 502 -34.31 -6.82 10.89
N GLU F 503 -34.83 -7.88 10.30
CA GLU F 503 -36.19 -8.32 10.55
C GLU F 503 -36.24 -9.37 11.65
N VAL F 504 -37.45 -9.62 12.13
CA VAL F 504 -37.67 -10.65 13.15
C VAL F 504 -37.63 -12.02 12.49
N PRO F 505 -36.83 -12.96 12.99
CA PRO F 505 -36.68 -14.24 12.30
C PRO F 505 -37.93 -15.09 12.42
N ASN F 506 -38.05 -16.06 11.51
CA ASN F 506 -39.17 -16.98 11.50
C ASN F 506 -38.91 -18.24 12.32
N VAL F 507 -37.72 -18.40 12.89
CA VAL F 507 -37.42 -19.59 13.67
C VAL F 507 -38.05 -19.46 15.05
N THR F 508 -38.78 -20.49 15.46
CA THR F 508 -39.41 -20.56 16.77
C THR F 508 -38.73 -21.64 17.61
N TRP F 509 -39.23 -21.83 18.83
CA TRP F 509 -38.72 -22.91 19.67
C TRP F 509 -39.08 -24.26 19.09
N ASP F 510 -40.24 -24.36 18.44
CA ASP F 510 -40.65 -25.63 17.86
C ASP F 510 -39.68 -26.12 16.80
N ASP F 511 -38.93 -25.21 16.18
CA ASP F 511 -37.88 -25.59 15.25
C ASP F 511 -36.65 -26.16 15.94
N ILE F 512 -36.55 -25.99 17.26
CA ILE F 512 -35.41 -26.45 18.04
C ILE F 512 -35.90 -27.53 19.00
N GLY F 513 -35.12 -28.59 19.15
CA GLY F 513 -35.49 -29.68 20.04
C GLY F 513 -34.38 -30.03 21.02
N GLY F 514 -34.75 -30.14 22.30
CA GLY F 514 -33.91 -30.73 23.31
C GLY F 514 -33.23 -29.76 24.24
N LEU F 515 -33.04 -28.51 23.82
CA LEU F 515 -32.29 -27.54 24.61
C LEU F 515 -33.17 -26.78 25.59
N GLU F 516 -33.95 -27.48 26.42
CA GLU F 516 -34.93 -26.81 27.27
C GLU F 516 -34.27 -25.86 28.26
N ASN F 517 -33.19 -26.30 28.89
CA ASN F 517 -32.53 -25.45 29.88
C ASN F 517 -31.98 -24.19 29.24
N VAL F 518 -31.38 -24.31 28.06
CA VAL F 518 -30.83 -23.15 27.37
C VAL F 518 -31.95 -22.16 27.03
N LYS F 519 -33.12 -22.69 26.66
CA LYS F 519 -34.25 -21.82 26.34
C LYS F 519 -34.64 -20.97 27.56
N ARG F 520 -34.68 -21.60 28.74
CA ARG F 520 -34.99 -20.86 29.95
C ARG F 520 -33.94 -19.80 30.25
N GLU F 521 -32.67 -20.17 30.09
CA GLU F 521 -31.59 -19.22 30.36
C GLU F 521 -31.66 -18.03 29.41
N LEU F 522 -31.87 -18.29 28.13
CA LEU F 522 -31.93 -17.20 27.15
C LEU F 522 -33.11 -16.27 27.44
N GLN F 523 -34.24 -16.84 27.86
CA GLN F 523 -35.41 -16.01 28.17
C GLN F 523 -35.09 -15.04 29.31
N GLU F 524 -34.42 -15.53 30.35
CA GLU F 524 -34.04 -14.65 31.45
C GLU F 524 -33.06 -13.58 31.00
N LEU F 525 -32.09 -13.97 30.17
CA LEU F 525 -31.08 -13.02 29.72
C LEU F 525 -31.66 -11.97 28.77
N VAL F 526 -32.54 -12.39 27.86
CA VAL F 526 -33.03 -11.53 26.79
C VAL F 526 -34.44 -11.03 27.06
N GLN F 527 -35.35 -11.93 27.42
CA GLN F 527 -36.76 -11.55 27.55
C GLN F 527 -36.99 -10.68 28.79
N TYR F 528 -36.44 -11.10 29.93
CA TYR F 528 -36.76 -10.41 31.18
C TYR F 528 -36.33 -8.95 31.18
N PRO F 529 -35.12 -8.58 30.76
CA PRO F 529 -34.76 -7.16 30.77
C PRO F 529 -35.71 -6.29 29.97
N VAL F 530 -36.30 -6.82 28.90
CA VAL F 530 -37.23 -6.04 28.10
C VAL F 530 -38.62 -6.07 28.71
N GLU F 531 -39.10 -7.27 29.07
CA GLU F 531 -40.47 -7.40 29.56
C GLU F 531 -40.62 -6.84 30.97
N HIS F 532 -39.62 -7.03 31.82
CA HIS F 532 -39.69 -6.66 33.22
C HIS F 532 -38.49 -5.80 33.58
N PRO F 533 -38.43 -4.58 33.06
CA PRO F 533 -37.29 -3.71 33.40
C PRO F 533 -37.38 -3.14 34.80
N ASP F 534 -38.58 -3.04 35.37
CA ASP F 534 -38.72 -2.48 36.71
C ASP F 534 -38.05 -3.36 37.75
N LYS F 535 -38.13 -4.68 37.58
CA LYS F 535 -37.60 -5.58 38.60
C LYS F 535 -36.07 -5.48 38.69
N PHE F 536 -35.40 -5.31 37.55
CA PHE F 536 -33.95 -5.14 37.58
C PHE F 536 -33.58 -3.86 38.31
N LEU F 537 -34.31 -2.78 38.07
CA LEU F 537 -34.09 -1.55 38.81
C LEU F 537 -34.41 -1.72 40.29
N LYS F 538 -35.34 -2.62 40.61
CA LYS F 538 -35.70 -2.86 42.01
C LYS F 538 -34.56 -3.52 42.76
N PHE F 539 -33.92 -4.53 42.17
CA PHE F 539 -32.84 -5.24 42.84
C PHE F 539 -31.48 -4.59 42.61
N GLY F 540 -31.39 -3.57 41.77
CA GLY F 540 -30.20 -2.74 41.71
C GLY F 540 -29.05 -3.29 40.91
N MET F 541 -29.24 -4.36 40.16
CA MET F 541 -28.18 -4.94 39.33
C MET F 541 -28.56 -4.83 37.87
N THR F 542 -27.64 -4.31 37.07
CA THR F 542 -27.87 -4.13 35.64
C THR F 542 -27.59 -5.44 34.90
N PRO F 543 -28.50 -5.90 34.03
CA PRO F 543 -28.27 -7.16 33.35
C PRO F 543 -27.11 -7.11 32.36
N SER F 544 -26.47 -8.25 32.17
CA SER F 544 -25.43 -8.39 31.16
C SER F 544 -26.06 -8.65 29.81
N LYS F 545 -25.57 -7.97 28.78
CA LYS F 545 -26.17 -8.02 27.44
C LYS F 545 -25.29 -8.77 26.45
N GLY F 546 -24.52 -9.76 26.92
CA GLY F 546 -23.63 -10.51 26.06
C GLY F 546 -23.65 -12.00 26.34
N VAL F 547 -23.68 -12.80 25.28
CA VAL F 547 -23.74 -14.25 25.40
C VAL F 547 -22.80 -14.86 24.36
N LEU F 548 -22.20 -16.00 24.72
CA LEU F 548 -21.38 -16.77 23.80
C LEU F 548 -21.87 -18.22 23.80
N PHE F 549 -22.37 -18.65 22.65
CA PHE F 549 -22.63 -20.06 22.42
C PHE F 549 -21.36 -20.74 21.94
N TYR F 550 -21.00 -21.85 22.56
CA TYR F 550 -19.86 -22.63 22.12
C TYR F 550 -20.16 -24.10 22.34
N GLY F 551 -19.76 -24.92 21.37
CA GLY F 551 -20.01 -26.35 21.44
C GLY F 551 -19.72 -27.04 20.13
N PRO F 552 -19.98 -28.33 20.05
CA PRO F 552 -19.68 -29.09 18.85
C PRO F 552 -20.46 -28.57 17.66
N PRO F 553 -19.93 -28.70 16.44
CA PRO F 553 -20.64 -28.18 15.27
C PRO F 553 -21.99 -28.87 15.07
N GLY F 554 -22.92 -28.11 14.49
CA GLY F 554 -24.23 -28.63 14.18
C GLY F 554 -25.08 -28.99 15.37
N CYS F 555 -25.07 -28.17 16.42
CA CYS F 555 -25.83 -28.45 17.62
C CYS F 555 -26.84 -27.36 17.97
N GLY F 556 -27.10 -26.42 17.08
CA GLY F 556 -28.20 -25.51 17.22
C GLY F 556 -27.88 -24.11 17.68
N LYS F 557 -26.61 -23.69 17.62
CA LYS F 557 -26.26 -22.35 18.08
C LYS F 557 -26.90 -21.28 17.20
N THR F 558 -26.90 -21.47 15.89
CA THR F 558 -27.54 -20.51 15.01
C THR F 558 -29.04 -20.45 15.24
N LEU F 559 -29.67 -21.62 15.43
CA LEU F 559 -31.12 -21.65 15.64
C LEU F 559 -31.49 -20.95 16.95
N LEU F 560 -30.70 -21.16 18.00
CA LEU F 560 -31.02 -20.57 19.30
C LEU F 560 -31.07 -19.05 19.22
N ALA F 561 -30.11 -18.45 18.53
CA ALA F 561 -30.08 -16.99 18.42
C ALA F 561 -31.31 -16.48 17.69
N LYS F 562 -31.77 -17.22 16.67
CA LYS F 562 -32.95 -16.79 15.94
C LYS F 562 -34.21 -17.01 16.76
N ALA F 563 -34.29 -18.12 17.49
CA ALA F 563 -35.49 -18.43 18.25
C ALA F 563 -35.73 -17.41 19.36
N ILE F 564 -34.68 -17.03 20.06
CA ILE F 564 -34.85 -16.07 21.16
C ILE F 564 -35.31 -14.72 20.64
N ALA F 565 -34.75 -14.28 19.51
CA ALA F 565 -35.23 -13.05 18.90
C ALA F 565 -36.69 -13.17 18.51
N ASN F 566 -37.10 -14.35 18.04
CA ASN F 566 -38.48 -14.55 17.64
C ASN F 566 -39.42 -14.47 18.85
N GLU F 567 -39.03 -15.11 19.96
CA GLU F 567 -39.89 -15.10 21.15
C GLU F 567 -40.11 -13.67 21.64
N CYS F 568 -39.04 -12.90 21.75
CA CYS F 568 -39.14 -11.53 22.24
C CYS F 568 -39.65 -10.58 21.17
N GLN F 569 -39.94 -11.06 19.97
CA GLN F 569 -40.35 -10.21 18.86
C GLN F 569 -39.33 -9.10 18.64
N ALA F 570 -38.07 -9.42 18.87
CA ALA F 570 -36.97 -8.48 18.71
C ALA F 570 -36.36 -8.65 17.32
N ASN F 571 -35.86 -7.56 16.77
CA ASN F 571 -35.17 -7.61 15.50
C ASN F 571 -33.89 -8.44 15.64
N PHE F 572 -33.45 -9.00 14.53
CA PHE F 572 -32.32 -9.91 14.50
C PHE F 572 -31.39 -9.51 13.38
N ILE F 573 -30.12 -9.29 13.71
CA ILE F 573 -29.07 -9.02 12.73
C ILE F 573 -28.04 -10.12 12.87
N SER F 574 -27.79 -10.83 11.78
CA SER F 574 -26.79 -11.89 11.73
C SER F 574 -25.61 -11.42 10.89
N ILE F 575 -24.41 -11.54 11.45
CA ILE F 575 -23.18 -11.19 10.76
C ILE F 575 -22.23 -12.37 10.95
N LYS F 576 -22.07 -13.18 9.90
CA LYS F 576 -21.18 -14.33 9.98
C LYS F 576 -19.73 -13.86 9.89
N GLY F 577 -18.83 -14.71 10.38
CA GLY F 577 -17.43 -14.39 10.46
C GLY F 577 -16.81 -14.10 9.11
N PRO F 578 -17.08 -14.93 8.11
CA PRO F 578 -16.58 -14.65 6.76
C PRO F 578 -17.00 -13.30 6.23
N GLU F 579 -18.21 -12.85 6.56
CA GLU F 579 -18.65 -11.52 6.13
C GLU F 579 -17.77 -10.44 6.74
N LEU F 580 -17.44 -10.58 8.02
CA LEU F 580 -16.63 -9.57 8.70
C LEU F 580 -15.26 -9.45 8.03
N LEU F 581 -14.65 -10.58 7.71
CA LEU F 581 -13.31 -10.55 7.12
C LEU F 581 -13.34 -10.00 5.70
N THR F 582 -14.48 -10.09 5.02
CA THR F 582 -14.61 -9.54 3.68
C THR F 582 -14.83 -8.04 3.67
N MET F 583 -15.08 -7.43 4.83
CA MET F 583 -15.32 -6.00 4.93
C MET F 583 -14.01 -5.24 5.16
N ALA F 590 -14.67 0.40 9.08
CA ALA F 590 -15.70 1.39 9.34
C ALA F 590 -17.09 0.82 9.13
N ASN F 591 -17.15 -0.39 8.58
CA ASN F 591 -18.43 -1.06 8.35
C ASN F 591 -18.88 -1.90 9.54
N VAL F 592 -17.96 -2.33 10.40
CA VAL F 592 -18.36 -2.99 11.63
C VAL F 592 -19.11 -2.00 12.52
N ARG F 593 -18.66 -0.74 12.53
CA ARG F 593 -19.37 0.29 13.27
C ARG F 593 -20.78 0.49 12.75
N ASP F 594 -21.01 0.20 11.47
CA ASP F 594 -22.34 0.36 10.89
C ASP F 594 -23.29 -0.75 11.36
N ILE F 595 -22.75 -1.95 11.59
CA ILE F 595 -23.58 -3.04 12.09
C ILE F 595 -24.14 -2.67 13.45
N PHE F 596 -23.30 -2.13 14.34
CA PHE F 596 -23.78 -1.74 15.66
C PHE F 596 -24.70 -0.53 15.58
N ASP F 597 -24.53 0.31 14.56
CA ASP F 597 -25.47 1.41 14.36
C ASP F 597 -26.85 0.87 14.01
N LYS F 598 -26.91 -0.15 13.15
CA LYS F 598 -28.19 -0.76 12.81
C LYS F 598 -28.82 -1.39 14.03
N ALA F 599 -28.00 -2.03 14.88
CA ALA F 599 -28.54 -2.67 16.08
C ALA F 599 -29.18 -1.66 17.01
N ARG F 600 -28.56 -0.49 17.15
CA ARG F 600 -29.12 0.55 18.02
C ARG F 600 -30.47 1.04 17.49
N GLN F 601 -30.57 1.22 16.16
CA GLN F 601 -31.83 1.70 15.59
C GLN F 601 -32.96 0.73 15.87
N ALA F 602 -32.72 -0.58 15.72
CA ALA F 602 -33.68 -1.58 16.14
C ALA F 602 -33.67 -1.66 17.65
N ALA F 603 -34.75 -1.21 18.28
CA ALA F 603 -34.70 -0.94 19.71
C ALA F 603 -34.47 -2.22 20.51
N PRO F 604 -35.39 -3.21 20.53
CA PRO F 604 -34.99 -4.56 20.96
C PRO F 604 -34.37 -5.32 19.79
N CYS F 605 -33.07 -5.58 19.88
CA CYS F 605 -32.33 -6.24 18.82
C CYS F 605 -31.46 -7.34 19.39
N VAL F 606 -31.31 -8.42 18.64
CA VAL F 606 -30.39 -9.50 18.95
C VAL F 606 -29.31 -9.48 17.88
N LEU F 607 -28.18 -8.86 18.20
CA LEU F 607 -27.05 -8.78 17.27
C LEU F 607 -26.23 -10.05 17.39
N PHE F 608 -26.23 -10.87 16.35
CA PHE F 608 -25.63 -12.19 16.38
C PHE F 608 -24.38 -12.20 15.51
N PHE F 609 -23.29 -12.72 16.07
CA PHE F 609 -22.02 -12.89 15.36
C PHE F 609 -21.76 -14.39 15.26
N ASP F 610 -22.15 -14.97 14.14
CA ASP F 610 -22.02 -16.40 13.91
C ASP F 610 -20.65 -16.74 13.34
N GLU F 611 -20.28 -18.01 13.47
CA GLU F 611 -19.04 -18.53 12.88
C GLU F 611 -17.84 -17.68 13.30
N LEU F 612 -17.78 -17.36 14.60
CA LEU F 612 -16.64 -16.63 15.12
C LEU F 612 -15.33 -17.41 14.95
N ASP F 613 -15.41 -18.72 14.76
CA ASP F 613 -14.21 -19.52 14.57
C ASP F 613 -13.43 -19.08 13.36
N SER F 614 -14.12 -18.51 12.35
CA SER F 614 -13.42 -18.06 11.15
C SER F 614 -12.41 -16.97 11.47
N ILE F 615 -12.81 -16.01 12.33
CA ILE F 615 -11.89 -14.96 12.74
C ILE F 615 -10.69 -15.57 13.47
N ALA F 616 -10.95 -16.52 14.36
CA ALA F 616 -9.87 -17.16 15.10
C ALA F 616 -8.93 -17.90 14.17
N LYS F 617 -9.48 -18.65 13.21
CA LYS F 617 -8.65 -19.39 12.27
C LYS F 617 -7.86 -18.48 11.36
N ALA F 618 -8.31 -17.24 11.18
CA ALA F 618 -7.55 -16.24 10.43
C ALA F 618 -6.52 -15.52 11.30
N ALA F 629 -6.36 -8.52 9.04
CA ALA F 629 -7.80 -8.30 8.94
C ALA F 629 -8.52 -8.88 10.14
N ALA F 630 -8.10 -10.09 10.55
CA ALA F 630 -8.71 -10.72 11.71
C ALA F 630 -8.45 -9.91 12.97
N ASP F 631 -7.22 -9.41 13.14
CA ASP F 631 -6.90 -8.61 14.31
C ASP F 631 -7.67 -7.30 14.30
N ARG F 632 -7.81 -6.67 13.13
CA ARG F 632 -8.58 -5.44 13.05
C ARG F 632 -10.05 -5.69 13.36
N VAL F 633 -10.60 -6.81 12.89
CA VAL F 633 -12.00 -7.10 13.09
C VAL F 633 -12.29 -7.30 14.58
N ILE F 634 -11.50 -8.15 15.23
CA ILE F 634 -11.77 -8.49 16.62
C ILE F 634 -11.66 -7.25 17.51
N ASN F 635 -10.61 -6.45 17.30
CA ASN F 635 -10.44 -5.25 18.10
C ASN F 635 -11.59 -4.27 17.87
N GLN F 636 -12.06 -4.18 16.63
CA GLN F 636 -13.21 -3.32 16.35
C GLN F 636 -14.46 -3.82 17.07
N LEU F 637 -14.67 -5.14 17.09
CA LEU F 637 -15.80 -5.70 17.81
C LEU F 637 -15.72 -5.39 19.30
N LEU F 638 -14.53 -5.55 19.88
CA LEU F 638 -14.36 -5.27 21.30
C LEU F 638 -14.63 -3.81 21.60
N THR F 639 -14.16 -2.91 20.75
CA THR F 639 -14.39 -1.49 20.96
C THR F 639 -15.87 -1.16 20.85
N GLU F 640 -16.57 -1.79 19.92
CA GLU F 640 -17.99 -1.51 19.74
C GLU F 640 -18.82 -2.12 20.85
N MET F 641 -18.44 -3.30 21.34
CA MET F 641 -19.15 -3.89 22.47
C MET F 641 -19.01 -3.02 23.71
N ASP F 642 -17.83 -2.41 23.90
CA ASP F 642 -17.64 -1.51 25.03
C ASP F 642 -18.48 -0.24 24.88
N GLY F 643 -18.68 0.22 23.65
CA GLY F 643 -19.51 1.39 23.41
C GLY F 643 -20.99 1.14 23.49
N MET F 644 -21.41 -0.13 23.59
CA MET F 644 -22.81 -0.49 23.70
C MET F 644 -23.15 -0.64 25.18
N SER F 645 -23.99 0.27 25.69
CA SER F 645 -24.35 0.25 27.09
C SER F 645 -25.33 -0.88 27.38
N ALA F 646 -25.29 -1.37 28.63
CA ALA F 646 -26.23 -2.40 29.06
C ALA F 646 -27.64 -1.88 29.22
N LYS F 647 -27.83 -0.55 29.27
CA LYS F 647 -29.16 0.02 29.43
C LYS F 647 -29.94 0.09 28.13
N LYS F 648 -29.30 -0.19 27.00
CA LYS F 648 -29.99 -0.23 25.71
C LYS F 648 -30.26 -1.68 25.34
N ASN F 649 -31.49 -1.94 24.87
CA ASN F 649 -31.95 -3.31 24.64
C ASN F 649 -31.38 -3.87 23.33
N VAL F 650 -30.06 -3.95 23.29
CA VAL F 650 -29.34 -4.62 22.23
C VAL F 650 -28.57 -5.77 22.85
N PHE F 651 -28.84 -6.98 22.41
CA PHE F 651 -28.23 -8.19 22.96
C PHE F 651 -27.26 -8.76 21.93
N ILE F 652 -26.01 -8.92 22.35
CA ILE F 652 -24.96 -9.42 21.48
C ILE F 652 -24.73 -10.90 21.81
N ILE F 653 -24.87 -11.75 20.80
CA ILE F 653 -24.64 -13.18 20.93
C ILE F 653 -23.55 -13.57 19.96
N GLY F 654 -22.68 -14.48 20.40
CA GLY F 654 -21.64 -15.03 19.56
C GLY F 654 -21.70 -16.54 19.58
N ALA F 655 -21.28 -17.15 18.46
CA ALA F 655 -21.25 -18.59 18.32
C ALA F 655 -19.91 -19.00 17.77
N THR F 656 -19.33 -20.06 18.35
CA THR F 656 -18.05 -20.59 17.90
C THR F 656 -18.05 -22.11 18.06
N ASN F 657 -17.60 -22.80 17.01
CA ASN F 657 -17.35 -24.23 17.11
C ASN F 657 -15.96 -24.53 17.64
N ARG F 658 -15.14 -23.50 17.89
CA ARG F 658 -13.75 -23.65 18.29
C ARG F 658 -13.49 -22.83 19.55
N PRO F 659 -13.94 -23.29 20.71
CA PRO F 659 -13.62 -22.58 21.95
C PRO F 659 -12.15 -22.62 22.33
N ASP F 660 -11.34 -23.41 21.62
CA ASP F 660 -9.94 -23.53 21.95
C ASP F 660 -9.09 -22.36 21.45
N ILE F 661 -9.58 -21.64 20.44
CA ILE F 661 -8.82 -20.55 19.83
C ILE F 661 -9.56 -19.22 19.91
N ILE F 662 -10.57 -19.12 20.76
CA ILE F 662 -11.31 -17.87 20.93
C ILE F 662 -10.51 -16.93 21.82
N ASP F 663 -10.35 -15.69 21.37
CA ASP F 663 -9.64 -14.70 22.16
C ASP F 663 -10.33 -14.48 23.50
N GLY F 664 -9.53 -14.36 24.56
CA GLY F 664 -10.10 -14.15 25.88
C GLY F 664 -10.66 -12.77 26.09
N ALA F 665 -10.27 -11.80 25.26
CA ALA F 665 -10.80 -10.45 25.40
C ALA F 665 -12.30 -10.41 25.18
N ILE F 666 -12.84 -11.32 24.36
CA ILE F 666 -14.26 -11.29 24.07
C ILE F 666 -15.08 -11.79 25.25
N LEU F 667 -14.46 -12.56 26.15
CA LEU F 667 -15.14 -13.10 27.32
C LEU F 667 -15.03 -12.19 28.54
N ARG F 668 -14.43 -11.01 28.39
CA ARG F 668 -14.27 -10.11 29.52
C ARG F 668 -15.64 -9.67 30.04
N PRO F 669 -15.80 -9.47 31.35
CA PRO F 669 -17.06 -8.93 31.85
C PRO F 669 -17.44 -7.61 31.17
N GLY F 670 -18.73 -7.45 30.89
CA GLY F 670 -19.20 -6.39 30.02
C GLY F 670 -19.25 -6.78 28.56
N ARG F 671 -18.36 -7.66 28.12
CA ARG F 671 -18.40 -8.26 26.79
C ARG F 671 -19.18 -9.58 26.89
N LEU F 672 -19.05 -10.50 25.94
CA LEU F 672 -19.82 -11.74 25.96
C LEU F 672 -19.37 -12.64 27.12
N ASP F 673 -19.80 -12.25 28.32
CA ASP F 673 -19.39 -12.93 29.54
C ASP F 673 -20.37 -14.02 29.98
N GLN F 674 -21.51 -14.17 29.31
CA GLN F 674 -22.42 -15.28 29.57
C GLN F 674 -22.09 -16.41 28.62
N LEU F 675 -21.44 -17.45 29.13
CA LEU F 675 -20.99 -18.58 28.34
C LEU F 675 -21.99 -19.72 28.48
N ILE F 676 -22.61 -20.11 27.38
CA ILE F 676 -23.58 -21.20 27.35
C ILE F 676 -23.01 -22.28 26.45
N TYR F 677 -22.85 -23.48 26.99
CA TYR F 677 -22.31 -24.61 26.25
C TYR F 677 -23.46 -25.42 25.67
N ILE F 678 -23.45 -25.60 24.35
CA ILE F 678 -24.48 -26.34 23.65
C ILE F 678 -23.94 -27.73 23.34
N PRO F 679 -24.28 -28.76 24.11
CA PRO F 679 -23.69 -30.08 23.91
C PRO F 679 -24.36 -30.85 22.78
N LEU F 680 -23.83 -32.03 22.50
CA LEU F 680 -24.50 -32.94 21.59
C LEU F 680 -25.83 -33.38 22.20
N PRO F 681 -26.90 -33.49 21.40
CA PRO F 681 -28.19 -33.87 21.98
C PRO F 681 -28.17 -35.29 22.53
N ASP F 682 -28.93 -35.51 23.60
CA ASP F 682 -29.09 -36.84 24.16
C ASP F 682 -30.21 -37.57 23.41
N GLU F 683 -30.51 -38.80 23.86
CA GLU F 683 -31.50 -39.60 23.16
C GLU F 683 -32.86 -38.91 23.17
N ALA F 684 -33.26 -38.36 24.32
CA ALA F 684 -34.51 -37.62 24.38
C ALA F 684 -34.49 -36.41 23.47
N SER F 685 -33.37 -35.69 23.46
CA SER F 685 -33.24 -34.53 22.58
C SER F 685 -33.27 -34.94 21.12
N ARG F 686 -32.60 -36.05 20.78
CA ARG F 686 -32.55 -36.49 19.39
C ARG F 686 -33.94 -36.82 18.86
N VAL F 687 -34.80 -37.37 19.72
CA VAL F 687 -36.18 -37.64 19.32
C VAL F 687 -36.88 -36.33 18.95
N ASN F 688 -36.69 -35.30 19.76
CA ASN F 688 -37.34 -34.03 19.50
C ASN F 688 -36.77 -33.36 18.25
N ILE F 689 -35.47 -33.53 18.00
CA ILE F 689 -34.87 -32.96 16.80
C ILE F 689 -35.48 -33.61 15.56
N LEU F 690 -35.62 -34.93 15.58
CA LEU F 690 -36.20 -35.63 14.43
C LEU F 690 -37.66 -35.22 14.22
N LYS F 691 -38.42 -35.09 15.31
CA LYS F 691 -39.81 -34.65 15.19
C LYS F 691 -39.87 -33.24 14.59
N ALA F 692 -38.97 -32.36 15.02
CA ALA F 692 -38.95 -31.00 14.48
C ALA F 692 -38.65 -31.02 12.99
N ASN F 693 -37.71 -31.86 12.56
CA ASN F 693 -37.30 -31.88 11.16
C ASN F 693 -38.33 -32.53 10.25
N LEU F 694 -39.20 -33.39 10.79
CA LEU F 694 -40.14 -34.15 9.98
C LEU F 694 -41.57 -33.59 10.03
N ARG F 695 -41.74 -32.38 10.55
CA ARG F 695 -43.08 -31.80 10.61
C ARG F 695 -43.67 -31.63 9.22
N LYS F 696 -42.93 -31.01 8.31
CA LYS F 696 -43.44 -30.76 6.97
C LYS F 696 -43.57 -32.06 6.18
N SER F 697 -42.62 -32.96 6.32
CA SER F 697 -42.60 -34.15 5.49
C SER F 697 -43.69 -35.12 5.91
N PRO F 698 -44.38 -35.78 4.97
CA PRO F 698 -45.29 -36.87 5.34
C PRO F 698 -44.52 -38.14 5.68
N ILE F 699 -44.81 -38.70 6.85
CA ILE F 699 -44.08 -39.85 7.37
C ILE F 699 -45.07 -40.99 7.59
N ALA F 700 -44.70 -42.18 7.14
CA ALA F 700 -45.54 -43.35 7.30
C ALA F 700 -45.61 -43.76 8.77
N ARG F 701 -46.67 -44.47 9.12
CA ARG F 701 -46.89 -44.88 10.51
C ARG F 701 -45.87 -45.90 10.99
N ASP F 702 -45.15 -46.55 10.09
CA ASP F 702 -44.17 -47.56 10.47
C ASP F 702 -42.82 -46.97 10.82
N VAL F 703 -42.65 -45.65 10.74
CA VAL F 703 -41.41 -44.99 11.11
C VAL F 703 -41.45 -44.73 12.62
N ASP F 704 -40.48 -45.30 13.33
CA ASP F 704 -40.38 -45.11 14.78
C ASP F 704 -39.22 -44.15 15.05
N ILE F 705 -39.56 -42.91 15.41
CA ILE F 705 -38.53 -41.91 15.69
C ILE F 705 -37.72 -42.33 16.91
N ASN F 706 -38.35 -42.98 17.89
CA ASN F 706 -37.61 -43.45 19.06
C ASN F 706 -36.51 -44.42 18.64
N PHE F 707 -36.79 -45.28 17.66
CA PHE F 707 -35.77 -46.19 17.17
C PHE F 707 -34.64 -45.43 16.49
N LEU F 708 -34.97 -44.43 15.68
CA LEU F 708 -33.94 -43.66 15.00
C LEU F 708 -33.03 -42.96 15.99
N ALA F 709 -33.62 -42.37 17.04
CA ALA F 709 -32.82 -41.67 18.04
C ALA F 709 -31.86 -42.63 18.73
N LYS F 710 -32.34 -43.83 19.05
CA LYS F 710 -31.48 -44.81 19.71
C LYS F 710 -30.31 -45.22 18.81
N ALA F 711 -30.56 -45.37 17.52
CA ALA F 711 -29.51 -45.76 16.58
C ALA F 711 -28.55 -44.63 16.27
N THR F 712 -28.98 -43.38 16.40
CA THR F 712 -28.14 -42.22 16.08
C THR F 712 -27.48 -41.67 17.34
N GLN F 713 -26.60 -42.47 17.93
CA GLN F 713 -25.89 -42.06 19.13
C GLN F 713 -24.70 -41.19 18.75
N GLY F 714 -24.60 -40.03 19.39
CA GLY F 714 -23.53 -39.10 19.11
C GLY F 714 -23.76 -38.22 17.89
N PHE F 715 -24.89 -38.39 17.21
CA PHE F 715 -25.17 -37.58 16.04
C PHE F 715 -25.59 -36.18 16.44
N SER F 716 -25.10 -35.19 15.70
CA SER F 716 -25.51 -33.81 15.93
C SER F 716 -26.85 -33.54 15.24
N GLY F 717 -27.43 -32.38 15.54
CA GLY F 717 -28.65 -32.00 14.89
C GLY F 717 -28.51 -31.89 13.39
N ALA F 718 -27.35 -31.42 12.92
CA ALA F 718 -27.11 -31.39 11.48
C ALA F 718 -27.08 -32.78 10.88
N ASP F 719 -26.50 -33.74 11.59
CA ASP F 719 -26.47 -35.12 11.11
C ASP F 719 -27.88 -35.68 11.01
N LEU F 720 -28.73 -35.40 12.00
CA LEU F 720 -30.09 -35.93 11.97
C LEU F 720 -30.88 -35.31 10.83
N THR F 721 -30.63 -34.03 10.53
CA THR F 721 -31.24 -33.43 9.35
C THR F 721 -30.77 -34.14 8.08
N GLU F 722 -29.50 -34.51 8.03
CA GLU F 722 -28.98 -35.23 6.86
C GLU F 722 -29.70 -36.56 6.67
N ILE F 723 -29.94 -37.29 7.76
CA ILE F 723 -30.67 -38.55 7.67
C ILE F 723 -32.04 -38.32 7.06
N CYS F 724 -32.72 -37.25 7.50
CA CYS F 724 -34.01 -36.91 6.94
C CYS F 724 -33.90 -36.55 5.45
N GLN F 725 -32.88 -35.78 5.09
CA GLN F 725 -32.67 -35.45 3.69
C GLN F 725 -32.41 -36.69 2.85
N ARG F 726 -31.57 -37.59 3.35
CA ARG F 726 -31.29 -38.83 2.62
C ARG F 726 -32.55 -39.68 2.49
N ALA F 727 -33.34 -39.76 3.56
CA ALA F 727 -34.56 -40.55 3.52
C ALA F 727 -35.52 -40.00 2.48
N CYS F 728 -35.64 -38.68 2.40
CA CYS F 728 -36.51 -38.09 1.39
C CYS F 728 -36.00 -38.40 -0.02
N LYS F 729 -34.68 -38.32 -0.23
CA LYS F 729 -34.14 -38.60 -1.54
C LYS F 729 -34.44 -40.02 -1.99
N GLN F 730 -34.42 -40.98 -1.07
CA GLN F 730 -34.84 -42.34 -1.40
C GLN F 730 -36.31 -42.34 -1.81
N ALA F 731 -37.15 -41.59 -1.10
CA ALA F 731 -38.56 -41.51 -1.45
C ALA F 731 -38.74 -40.87 -2.82
N ILE F 732 -38.01 -39.79 -3.08
CA ILE F 732 -38.11 -39.14 -4.38
C ILE F 732 -37.61 -40.07 -5.49
N ARG F 733 -36.52 -40.79 -5.22
CA ARG F 733 -36.01 -41.73 -6.21
C ARG F 733 -37.04 -42.82 -6.52
N GLU F 734 -37.66 -43.36 -5.49
CA GLU F 734 -38.67 -44.40 -5.69
C GLU F 734 -39.88 -43.84 -6.44
N SER F 735 -40.29 -42.62 -6.10
CA SER F 735 -41.43 -42.01 -6.77
C SER F 735 -41.17 -41.85 -8.26
N ILE F 736 -39.95 -41.41 -8.62
CA ILE F 736 -39.62 -41.24 -10.03
C ILE F 736 -39.61 -42.58 -10.74
N GLU F 737 -39.08 -43.60 -10.09
CA GLU F 737 -39.06 -44.94 -10.70
C GLU F 737 -40.47 -45.45 -10.92
N ALA F 738 -41.37 -45.23 -9.96
CA ALA F 738 -42.74 -45.70 -10.11
C ALA F 738 -43.43 -45.01 -11.28
N GLU F 739 -43.20 -43.71 -11.45
CA GLU F 739 -43.81 -42.99 -12.57
C GLU F 739 -43.31 -43.54 -13.90
N ILE F 740 -42.02 -43.85 -13.99
CA ILE F 740 -41.48 -44.40 -15.23
C ILE F 740 -42.15 -45.73 -15.55
N ARG F 741 -42.33 -46.59 -14.54
CA ARG F 741 -43.01 -47.85 -14.76
C ARG F 741 -44.45 -47.62 -15.22
N ALA F 742 -45.16 -46.68 -14.59
CA ALA F 742 -46.53 -46.42 -14.96
C ALA F 742 -46.62 -45.87 -16.39
N GLU F 743 -45.77 -44.91 -16.72
CA GLU F 743 -45.80 -44.33 -18.06
C GLU F 743 -45.41 -45.36 -19.12
N SER F 744 -44.42 -46.21 -18.82
CA SER F 744 -43.94 -47.20 -19.77
C SER F 744 -44.76 -48.47 -19.76
N GLU F 745 -45.75 -48.59 -18.88
CA GLU F 745 -46.60 -49.79 -18.82
C GLU F 745 -48.01 -49.42 -18.37
N ASP F 758 -50.10 -42.06 -6.62
CA ASP F 758 -49.12 -41.90 -5.55
C ASP F 758 -48.63 -43.26 -5.05
N PRO F 759 -47.83 -43.95 -5.86
CA PRO F 759 -47.31 -45.25 -5.42
C PRO F 759 -46.53 -45.19 -4.12
N VAL F 760 -45.79 -44.11 -3.90
CA VAL F 760 -45.06 -43.90 -2.65
C VAL F 760 -45.51 -42.56 -2.08
N PRO F 761 -46.49 -42.53 -1.18
CA PRO F 761 -47.02 -41.24 -0.71
C PRO F 761 -46.29 -40.68 0.49
N GLU F 762 -45.55 -41.52 1.20
CA GLU F 762 -44.92 -41.13 2.46
C GLU F 762 -43.50 -41.67 2.51
N ILE F 763 -42.77 -41.26 3.54
CA ILE F 763 -41.39 -41.69 3.75
C ILE F 763 -41.45 -42.89 4.69
N THR F 764 -41.40 -44.08 4.12
CA THR F 764 -41.55 -45.30 4.89
C THR F 764 -40.30 -45.60 5.71
N ARG F 765 -40.42 -46.63 6.55
CA ARG F 765 -39.29 -47.04 7.39
C ARG F 765 -38.12 -47.54 6.57
N ARG F 766 -38.40 -48.19 5.43
CA ARG F 766 -37.31 -48.73 4.61
C ARG F 766 -36.40 -47.62 4.10
N HIS F 767 -36.96 -46.44 3.81
CA HIS F 767 -36.13 -45.33 3.35
C HIS F 767 -35.13 -44.91 4.42
N PHE F 768 -35.57 -44.84 5.67
CA PHE F 768 -34.66 -44.43 6.74
C PHE F 768 -33.57 -45.47 6.95
N GLU F 769 -33.86 -46.75 6.67
CA GLU F 769 -32.82 -47.77 6.76
C GLU F 769 -31.71 -47.50 5.76
N GLU F 770 -32.07 -47.14 4.53
CA GLU F 770 -31.06 -46.81 3.53
C GLU F 770 -30.33 -45.52 3.88
N ALA F 771 -31.04 -44.56 4.45
CA ALA F 771 -30.41 -43.28 4.80
C ALA F 771 -29.33 -43.47 5.84
N MET F 772 -29.57 -44.32 6.84
CA MET F 772 -28.64 -44.49 7.94
C MET F 772 -27.61 -45.59 7.70
N ARG F 773 -27.62 -46.22 6.53
CA ARG F 773 -26.65 -47.27 6.26
C ARG F 773 -25.22 -46.73 6.28
N PHE F 774 -25.01 -45.58 5.63
CA PHE F 774 -23.70 -44.94 5.59
C PHE F 774 -23.63 -43.69 6.46
N ALA F 775 -24.64 -43.44 7.29
CA ALA F 775 -24.63 -42.27 8.15
C ALA F 775 -23.62 -42.45 9.27
N ARG F 776 -22.90 -41.38 9.59
CA ARG F 776 -21.88 -41.40 10.62
C ARG F 776 -21.90 -40.08 11.38
N ARG F 777 -21.49 -40.13 12.64
CA ARG F 777 -21.46 -38.94 13.46
C ARG F 777 -20.36 -37.99 12.99
N SER F 778 -20.68 -36.70 12.96
CA SER F 778 -19.71 -35.69 12.54
C SER F 778 -18.83 -35.20 13.68
N VAL F 779 -19.14 -35.58 14.91
CA VAL F 779 -18.33 -35.21 16.07
C VAL F 779 -17.91 -36.51 16.75
N THR F 780 -16.61 -36.76 16.80
CA THR F 780 -16.11 -37.99 17.40
C THR F 780 -16.10 -37.89 18.91
N GLU F 781 -16.07 -39.05 19.57
CA GLU F 781 -16.02 -39.08 21.02
C GLU F 781 -14.76 -38.39 21.55
N ASN F 782 -13.66 -38.49 20.81
CA ASN F 782 -12.44 -37.77 21.21
C ASN F 782 -12.66 -36.27 21.19
N ASP F 783 -13.36 -35.78 20.16
CA ASP F 783 -13.68 -34.35 20.10
C ASP F 783 -14.66 -33.97 21.20
N VAL F 784 -15.63 -34.84 21.48
CA VAL F 784 -16.60 -34.55 22.53
C VAL F 784 -15.90 -34.39 23.87
N ARG F 785 -14.86 -35.19 24.11
CA ARG F 785 -14.08 -35.04 25.33
C ARG F 785 -13.44 -33.66 25.38
N LYS F 786 -12.92 -33.18 24.25
CA LYS F 786 -12.27 -31.88 24.22
C LYS F 786 -13.28 -30.76 24.48
N TYR F 787 -14.47 -30.85 23.90
CA TYR F 787 -15.49 -29.83 24.12
C TYR F 787 -15.92 -29.80 25.59
N GLU F 788 -16.09 -30.97 26.20
CA GLU F 788 -16.45 -31.02 27.61
C GLU F 788 -15.38 -30.40 28.48
N MET F 789 -14.12 -30.44 28.05
CA MET F 789 -13.05 -29.79 28.79
C MET F 789 -13.20 -28.27 28.77
N PHE F 790 -13.44 -27.71 27.58
CA PHE F 790 -13.57 -26.27 27.47
C PHE F 790 -14.86 -25.76 28.07
N ALA F 791 -15.83 -26.65 28.32
CA ALA F 791 -16.99 -26.26 29.11
C ALA F 791 -16.60 -25.89 30.54
N GLN F 792 -15.39 -26.26 30.96
CA GLN F 792 -14.90 -25.96 32.28
C GLN F 792 -13.76 -24.94 32.29
N THR F 793 -13.22 -24.56 31.14
CA THR F 793 -12.00 -23.76 31.10
C THR F 793 -12.06 -22.54 30.21
N LEU F 794 -13.21 -22.19 29.61
CA LEU F 794 -13.28 -20.92 28.90
C LEU F 794 -13.24 -19.74 29.87
N GLN F 795 -13.96 -19.83 30.98
CA GLN F 795 -13.91 -18.77 31.98
C GLN F 795 -12.48 -18.53 32.45
N GLN F 796 -11.65 -19.58 32.42
CA GLN F 796 -10.28 -19.49 32.88
C GLN F 796 -9.29 -19.17 31.77
N SER F 797 -9.74 -19.08 30.52
CA SER F 797 -8.85 -18.78 29.40
C SER F 797 -8.76 -17.29 29.14
N ARG F 798 -8.40 -16.52 30.15
CA ARG F 798 -8.33 -15.07 30.03
C ARG F 798 -7.11 -14.47 30.71
N GLY F 799 -6.31 -15.27 31.41
CA GLY F 799 -5.07 -14.81 32.00
C GLY F 799 -3.87 -15.46 31.34
N ILE F 800 -2.87 -15.81 32.14
CA ILE F 800 -1.65 -16.42 31.59
C ILE F 800 -1.98 -17.77 30.95
N GLY F 801 -2.71 -18.61 31.69
CA GLY F 801 -3.08 -19.91 31.14
C GLY F 801 -1.87 -20.73 30.78
N ASN F 802 -2.02 -21.57 29.75
CA ASN F 802 -0.90 -22.35 29.23
C ASN F 802 -0.12 -21.60 28.16
N ASN F 803 0.29 -20.36 28.46
CA ASN F 803 1.15 -19.59 27.57
C ASN F 803 2.55 -19.41 28.12
N PHE F 804 2.74 -19.58 29.43
CA PHE F 804 4.07 -19.55 30.02
C PHE F 804 4.47 -20.95 30.48
#